data_9V57
#
_entry.id   9V57
#
loop_
_entity.id
_entity.type
_entity.pdbx_description
1 polymer 'Xanthosine/inosine triphosphate pyrophosphatase'
2 polymer 'NAD-dependent protein deacetylase'
3 non-polymer "2'-deoxyinosine 5'-triphosphate"
4 non-polymer 'ZINC ION'
#
loop_
_entity_poly.entity_id
_entity_poly.type
_entity_poly.pdbx_seq_one_letter_code
_entity_poly.pdbx_strand_id
1 'polypeptide(L)'
;MAPTWFYNTTNSEKLRELQHVLGGSAKLGYLTAKVTEILDVDLETVIRAKAIAAYRAVRVPVIVEHGALCIDALNGLPGA
LVKPFWESLDTRLCEVIPAGQRTARARGALCYCDGRERHVLIEETEGEIAPSARGTGGFHWDPIFIPKGQTRTFAEMSLD
EKLSFSPLGRLHTRLRTELGL
;
C,F,I,L,a,d,o,r
2 'polypeptide(L)'
;MTTLTLSEAAPLLKKEFREGRLIPFLGAGFSKPLKLPDGSQLIASLAKTLGFEPELFDMHGRFEQLAEFFAISAPNRLQR
LVYEMSLSFDSAEAEALREKSPMHRALAALDWRTIYTTNYDKHVEGALRDAGKQAAVLASFADFQGPRARDVCEVIKFHG
TLDQPDTIVLTESSYFQRMALDAPPDQRLRADLLANSFLFIGYSFSDTNIRYIWYRMNQLREQSQLGVKHSQARRCFFAT
HGAGLVQPDILQQWNIDVIQLDPTDKSASVARLLESIA
;
g,h,i,j,s,t,u,v
#
loop_
_chem_comp.id
_chem_comp.type
_chem_comp.name
_chem_comp.formula
Y43 non-polymer '2'-deoxyinosine 5'-triphosphate' 'C10 H15 N4 O13 P3'
ZN non-polymer 'ZINC ION' 'Zn 2'
#
# COMPACT_ATOMS: atom_id res chain seq x y z
N ALA A 2 -37.21 45.88 4.31
CA ALA A 2 -37.34 44.51 4.78
C ALA A 2 -37.92 44.49 6.19
N PRO A 3 -38.79 43.51 6.47
CA PRO A 3 -39.39 43.40 7.81
C PRO A 3 -38.36 43.02 8.86
N THR A 4 -38.69 43.32 10.11
CA THR A 4 -37.90 42.88 11.24
C THR A 4 -38.63 41.91 12.16
N TRP A 5 -39.95 41.86 12.10
CA TRP A 5 -40.75 40.90 12.85
C TRP A 5 -41.60 40.10 11.88
N PHE A 6 -41.84 38.84 12.23
CA PHE A 6 -42.53 37.90 11.35
C PHE A 6 -43.63 37.22 12.12
N TYR A 7 -44.86 37.33 11.62
CA TYR A 7 -46.01 36.70 12.24
C TYR A 7 -46.22 35.33 11.60
N ASN A 8 -46.05 34.28 12.39
CA ASN A 8 -46.09 32.91 11.91
C ASN A 8 -47.45 32.31 12.20
N THR A 9 -48.15 31.91 11.15
CA THR A 9 -49.38 31.14 11.30
C THR A 9 -49.60 30.30 10.07
N THR A 10 -50.18 29.11 10.26
CA THR A 10 -50.64 28.30 9.16
C THR A 10 -52.12 28.50 8.87
N ASN A 11 -52.80 29.26 9.71
CA ASN A 11 -54.24 29.49 9.59
C ASN A 11 -54.42 30.76 8.75
N SER A 12 -54.95 30.59 7.53
CA SER A 12 -55.09 31.70 6.60
C SER A 12 -56.23 32.64 6.97
N GLU A 13 -57.06 32.27 7.94
CA GLU A 13 -58.10 33.17 8.42
C GLU A 13 -57.60 34.08 9.52
N LYS A 14 -56.62 33.62 10.31
CA LYS A 14 -55.94 34.51 11.23
C LYS A 14 -55.07 35.52 10.50
N LEU A 15 -54.59 35.14 9.31
CA LEU A 15 -53.70 36.00 8.55
C LEU A 15 -54.42 37.22 8.01
N ARG A 16 -55.65 37.06 7.52
CA ARG A 16 -56.39 38.21 7.01
C ARG A 16 -56.96 39.08 8.12
N GLU A 17 -57.03 38.59 9.35
CA GLU A 17 -57.45 39.43 10.45
C GLU A 17 -56.32 40.35 10.88
N LEU A 18 -55.12 39.80 11.06
CA LEU A 18 -53.99 40.61 11.50
C LEU A 18 -53.47 41.51 10.40
N GLN A 19 -53.71 41.17 9.14
CA GLN A 19 -53.40 42.11 8.06
C GLN A 19 -54.48 43.16 7.88
N HIS A 20 -55.62 43.03 8.55
CA HIS A 20 -56.64 44.07 8.44
C HIS A 20 -56.30 45.29 9.26
N VAL A 21 -55.51 45.13 10.32
CA VAL A 21 -55.16 46.21 11.22
C VAL A 21 -53.67 46.48 11.22
N LEU A 22 -52.85 45.45 11.40
CA LEU A 22 -51.40 45.57 11.33
C LEU A 22 -50.86 45.31 9.93
N GLY A 23 -51.66 45.51 8.89
CA GLY A 23 -51.23 45.21 7.54
C GLY A 23 -50.37 46.29 6.92
N GLY A 24 -50.68 47.55 7.20
CA GLY A 24 -49.91 48.64 6.64
C GLY A 24 -48.56 48.87 7.28
N SER A 25 -48.23 48.15 8.33
CA SER A 25 -46.93 48.24 8.96
C SER A 25 -45.88 47.57 8.09
N ALA A 26 -44.90 48.33 7.63
CA ALA A 26 -43.84 47.80 6.78
C ALA A 26 -42.77 47.04 7.53
N LYS A 27 -42.85 46.99 8.86
CA LYS A 27 -41.87 46.29 9.68
C LYS A 27 -42.31 44.90 10.05
N LEU A 28 -43.42 44.41 9.50
CA LEU A 28 -43.98 43.12 9.87
C LEU A 28 -44.04 42.24 8.63
N GLY A 29 -43.41 41.07 8.70
CA GLY A 29 -43.49 40.07 7.67
C GLY A 29 -44.37 38.91 8.09
N TYR A 30 -44.50 37.94 7.20
CA TYR A 30 -45.44 36.84 7.42
C TYR A 30 -44.80 35.51 7.01
N LEU A 31 -44.89 34.52 7.87
CA LEU A 31 -44.38 33.18 7.62
C LEU A 31 -45.47 32.17 7.93
N THR A 32 -45.28 30.93 7.47
CA THR A 32 -46.32 29.90 7.54
C THR A 32 -45.76 28.59 8.06
N ALA A 33 -44.87 28.62 9.03
CA ALA A 33 -44.30 27.38 9.56
C ALA A 33 -45.28 26.70 10.51
N LYS A 34 -45.29 25.36 10.46
CA LYS A 34 -46.23 24.56 11.22
C LYS A 34 -45.52 24.03 12.47
N VAL A 35 -46.08 24.33 13.64
CA VAL A 35 -45.51 23.88 14.90
C VAL A 35 -46.51 22.97 15.60
N THR A 36 -46.02 22.28 16.63
CA THR A 36 -46.80 21.33 17.40
C THR A 36 -46.91 21.84 18.83
N GLU A 37 -48.13 21.96 19.33
CA GLU A 37 -48.33 22.50 20.67
C GLU A 37 -48.20 21.38 21.71
N ILE A 38 -47.91 21.78 22.93
CA ILE A 38 -47.82 20.85 24.04
C ILE A 38 -49.21 20.64 24.63
N LEU A 39 -49.35 19.60 25.43
CA LEU A 39 -50.65 19.21 25.97
C LEU A 39 -50.82 19.85 27.35
N ASP A 40 -51.50 21.00 27.38
CA ASP A 40 -51.78 21.69 28.64
C ASP A 40 -52.97 22.61 28.41
N VAL A 41 -53.84 22.72 29.41
CA VAL A 41 -55.00 23.60 29.28
C VAL A 41 -54.69 25.05 29.54
N ASP A 42 -53.55 25.35 30.17
CA ASP A 42 -53.20 26.72 30.48
C ASP A 42 -52.72 27.43 29.22
N LEU A 43 -53.32 28.58 28.92
CA LEU A 43 -52.97 29.32 27.71
C LEU A 43 -51.55 29.88 27.79
N GLU A 44 -51.16 30.41 28.95
CA GLU A 44 -49.83 30.96 29.17
C GLU A 44 -48.73 29.93 28.95
N THR A 45 -48.99 28.67 29.30
CA THR A 45 -47.98 27.63 29.14
C THR A 45 -47.84 27.23 27.68
N VAL A 46 -48.94 27.17 26.94
CA VAL A 46 -48.90 26.68 25.57
C VAL A 46 -48.31 27.72 24.63
N ILE A 47 -48.71 28.99 24.77
CA ILE A 47 -48.22 30.04 23.88
C ILE A 47 -46.75 30.32 24.13
N ARG A 48 -46.26 30.05 25.35
CA ARG A 48 -44.86 30.26 25.64
C ARG A 48 -44.00 29.14 25.09
N ALA A 49 -44.52 27.92 25.05
CA ALA A 49 -43.84 26.80 24.42
C ALA A 49 -44.06 26.75 22.92
N LYS A 50 -44.96 27.57 22.38
CA LYS A 50 -45.17 27.64 20.94
C LYS A 50 -44.20 28.60 20.27
N ALA A 51 -43.77 29.63 20.98
CA ALA A 51 -42.82 30.59 20.43
C ALA A 51 -41.40 30.02 20.40
N ILE A 52 -41.03 29.21 21.39
CA ILE A 52 -39.73 28.59 21.38
C ILE A 52 -39.65 27.52 20.30
N ALA A 53 -40.80 26.93 19.93
CA ALA A 53 -40.83 25.93 18.89
C ALA A 53 -40.95 26.54 17.51
N ALA A 54 -41.39 27.79 17.40
CA ALA A 54 -41.45 28.46 16.11
C ALA A 54 -40.21 29.28 15.81
N TYR A 55 -39.52 29.76 16.84
CA TYR A 55 -38.21 30.38 16.61
C TYR A 55 -37.20 29.35 16.14
N ARG A 56 -37.32 28.11 16.63
CA ARG A 56 -36.43 27.04 16.21
C ARG A 56 -36.65 26.68 14.75
N ALA A 57 -37.85 26.94 14.22
CA ALA A 57 -38.13 26.64 12.82
C ALA A 57 -37.63 27.73 11.89
N VAL A 58 -37.96 28.99 12.17
CA VAL A 58 -37.73 30.06 11.20
C VAL A 58 -36.51 30.93 11.49
N ARG A 59 -36.00 30.92 12.73
CA ARG A 59 -34.72 31.52 13.12
C ARG A 59 -34.68 33.03 12.91
N VAL A 60 -35.84 33.68 12.94
CA VAL A 60 -35.95 35.14 12.89
C VAL A 60 -36.84 35.55 14.06
N PRO A 61 -36.82 36.85 14.47
CA PRO A 61 -37.80 37.33 15.46
C PRO A 61 -39.24 37.08 15.08
N VAL A 62 -39.93 36.22 15.84
CA VAL A 62 -41.18 35.63 15.41
C VAL A 62 -42.27 35.99 16.41
N ILE A 63 -43.51 36.08 15.91
CA ILE A 63 -44.69 36.37 16.71
C ILE A 63 -45.69 35.24 16.45
N VAL A 64 -46.09 34.54 17.51
CA VAL A 64 -47.06 33.45 17.39
C VAL A 64 -48.32 33.81 18.15
N GLU A 65 -49.37 33.03 17.91
CA GLU A 65 -50.71 33.33 18.42
C GLU A 65 -51.40 32.03 18.79
N HIS A 66 -52.00 31.99 19.97
CA HIS A 66 -52.77 30.83 20.40
C HIS A 66 -53.90 31.33 21.29
N GLY A 67 -55.03 30.62 21.26
CA GLY A 67 -56.23 31.06 21.93
C GLY A 67 -56.73 30.07 22.96
N ALA A 68 -57.85 30.43 23.59
CA ALA A 68 -58.49 29.59 24.57
C ALA A 68 -59.98 29.89 24.60
N LEU A 69 -60.77 28.88 24.93
CA LEU A 69 -62.22 28.99 25.02
C LEU A 69 -62.70 28.31 26.30
N CYS A 70 -62.15 28.76 27.43
CA CYS A 70 -62.52 28.25 28.75
C CYS A 70 -64.03 28.41 29.00
N ILE A 71 -64.67 27.33 29.45
CA ILE A 71 -66.11 27.28 29.64
C ILE A 71 -66.39 26.93 31.10
N ASP A 72 -67.37 27.64 31.70
CA ASP A 72 -67.70 27.42 33.10
C ASP A 72 -68.36 26.06 33.33
N ALA A 73 -69.15 25.59 32.37
CA ALA A 73 -69.85 24.35 32.55
C ALA A 73 -68.91 23.15 32.45
N LEU A 74 -67.78 23.32 31.79
CA LEU A 74 -66.79 22.26 31.65
C LEU A 74 -65.57 22.52 32.52
N ASN A 75 -65.72 23.37 33.55
CA ASN A 75 -64.68 23.77 34.50
C ASN A 75 -63.42 24.29 33.84
N GLY A 76 -63.56 25.06 32.77
CA GLY A 76 -62.43 25.59 32.06
C GLY A 76 -62.03 24.83 30.82
N LEU A 77 -62.64 23.69 30.57
CA LEU A 77 -62.34 22.96 29.35
C LEU A 77 -63.06 23.61 28.18
N PRO A 78 -62.44 23.63 26.98
CA PRO A 78 -61.13 23.12 26.59
C PRO A 78 -59.91 23.91 27.07
N GLY A 79 -60.04 25.22 27.27
CA GLY A 79 -58.85 26.01 27.54
C GLY A 79 -58.05 26.14 26.26
N ALA A 80 -56.75 25.90 26.33
CA ALA A 80 -55.89 25.92 25.15
C ALA A 80 -56.01 24.65 24.30
N LEU A 81 -56.93 23.75 24.67
CA LEU A 81 -57.27 22.54 23.92
C LEU A 81 -58.43 22.77 22.97
N VAL A 82 -58.60 23.99 22.47
CA VAL A 82 -59.78 24.33 21.69
C VAL A 82 -59.67 23.83 20.24
N LYS A 83 -58.45 23.61 19.75
CA LYS A 83 -58.22 23.12 18.39
C LYS A 83 -58.79 21.72 18.14
N PRO A 84 -58.64 20.72 19.03
CA PRO A 84 -59.31 19.44 18.73
C PRO A 84 -60.76 19.36 19.18
N PHE A 85 -61.32 20.36 19.87
CA PHE A 85 -62.75 20.28 20.16
C PHE A 85 -63.60 20.63 18.95
N TRP A 86 -63.29 21.74 18.29
CA TRP A 86 -64.03 22.15 17.11
C TRP A 86 -63.82 21.19 15.95
N GLU A 87 -62.72 20.43 15.95
CA GLU A 87 -62.58 19.31 15.02
C GLU A 87 -63.55 18.19 15.38
N SER A 88 -63.65 17.84 16.66
CA SER A 88 -64.50 16.72 17.05
C SER A 88 -65.96 17.16 17.17
N LEU A 89 -66.25 18.05 18.11
CA LEU A 89 -67.61 18.55 18.32
C LEU A 89 -67.76 19.83 17.51
N ASP A 90 -68.48 19.75 16.38
CA ASP A 90 -68.57 20.96 15.57
C ASP A 90 -69.64 21.90 16.13
N THR A 91 -70.90 21.53 16.00
CA THR A 91 -71.98 22.32 16.59
C THR A 91 -72.70 21.53 17.67
N ARG A 92 -72.26 20.30 17.95
CA ARG A 92 -72.71 19.56 19.11
C ARG A 92 -72.14 20.14 20.40
N LEU A 93 -71.12 21.00 20.29
CA LEU A 93 -70.58 21.71 21.43
C LEU A 93 -71.60 22.66 22.05
N CYS A 94 -72.56 23.14 21.25
CA CYS A 94 -73.70 23.85 21.81
C CYS A 94 -74.64 22.95 22.57
N GLU A 95 -74.60 21.64 22.32
CA GLU A 95 -75.54 20.70 22.91
C GLU A 95 -75.00 19.97 24.12
N VAL A 96 -73.67 19.82 24.23
CA VAL A 96 -73.09 19.14 25.39
C VAL A 96 -73.06 20.01 26.63
N ILE A 97 -73.36 21.29 26.51
CA ILE A 97 -73.30 22.24 27.61
C ILE A 97 -74.74 22.49 28.08
N PRO A 98 -75.01 22.45 29.38
CA PRO A 98 -76.39 22.61 29.86
C PRO A 98 -76.91 24.02 29.65
N ALA A 99 -78.19 24.12 29.31
CA ALA A 99 -78.82 25.41 29.16
C ALA A 99 -79.09 26.02 30.53
N GLY A 100 -78.61 27.25 30.73
CA GLY A 100 -78.69 27.94 32.00
C GLY A 100 -77.35 28.33 32.60
N GLN A 101 -76.27 27.67 32.19
CA GLN A 101 -74.92 27.99 32.65
C GLN A 101 -73.97 28.07 31.46
N ARG A 102 -74.38 28.79 30.43
CA ARG A 102 -73.65 28.86 29.17
C ARG A 102 -72.44 29.79 29.19
N THR A 103 -72.05 30.35 30.33
CA THR A 103 -71.01 31.38 30.36
C THR A 103 -69.63 30.79 30.11
N ALA A 104 -68.80 31.56 29.42
CA ALA A 104 -67.48 31.12 28.97
C ALA A 104 -66.61 32.35 28.77
N ARG A 105 -65.31 32.12 28.65
CA ARG A 105 -64.34 33.17 28.36
C ARG A 105 -63.59 32.83 27.09
N ALA A 106 -63.50 33.80 26.18
CA ALA A 106 -62.70 33.67 24.97
C ALA A 106 -61.37 34.39 25.22
N ARG A 107 -60.33 33.63 25.48
CA ARG A 107 -59.01 34.17 25.73
C ARG A 107 -58.14 34.04 24.50
N GLY A 108 -57.14 34.89 24.40
CA GLY A 108 -56.25 34.88 23.26
C GLY A 108 -54.92 35.49 23.66
N ALA A 109 -53.85 34.98 23.09
CA ALA A 109 -52.52 35.37 23.52
C ALA A 109 -51.57 35.50 22.34
N LEU A 110 -50.82 36.58 22.33
CA LEU A 110 -49.67 36.76 21.45
C LEU A 110 -48.41 36.56 22.26
N CYS A 111 -47.40 35.94 21.65
CA CYS A 111 -46.08 35.83 22.26
C CYS A 111 -45.04 36.08 21.17
N TYR A 112 -44.23 37.11 21.37
CA TYR A 112 -43.15 37.41 20.44
C TYR A 112 -41.81 37.02 21.04
N CYS A 113 -40.98 36.37 20.23
CA CYS A 113 -39.66 35.90 20.64
C CYS A 113 -38.64 36.47 19.68
N ASP A 114 -37.69 37.24 20.20
CA ASP A 114 -36.63 37.79 19.38
C ASP A 114 -35.39 36.92 19.35
N GLY A 115 -35.41 35.78 20.03
CA GLY A 115 -34.26 34.89 20.11
C GLY A 115 -33.63 34.83 21.47
N ARG A 116 -34.04 35.73 22.38
CA ARG A 116 -33.42 35.81 23.73
C ARG A 116 -34.49 35.89 24.80
N GLU A 117 -35.65 36.45 24.45
CA GLU A 117 -36.73 36.65 25.46
C GLU A 117 -38.10 36.35 24.86
N ARG A 118 -39.02 35.87 25.68
CA ARG A 118 -40.39 35.56 25.26
C ARG A 118 -41.34 36.41 26.09
N HIS A 119 -42.07 37.30 25.43
CA HIS A 119 -43.00 38.20 26.09
C HIS A 119 -44.42 37.88 25.65
N VAL A 120 -45.31 37.61 26.60
CA VAL A 120 -46.66 37.14 26.33
C VAL A 120 -47.64 38.28 26.60
N LEU A 121 -48.50 38.57 25.62
CA LEU A 121 -49.58 39.53 25.77
C LEU A 121 -50.90 38.77 25.73
N ILE A 122 -51.73 38.95 26.75
CA ILE A 122 -52.97 38.19 26.89
C ILE A 122 -54.14 39.16 27.01
N GLU A 123 -55.13 39.01 26.14
CA GLU A 123 -56.43 39.64 26.31
C GLU A 123 -57.50 38.58 26.41
N GLU A 124 -58.73 39.02 26.68
CA GLU A 124 -59.77 38.12 27.20
C GLU A 124 -61.13 38.79 27.03
N THR A 125 -62.12 37.99 26.63
CA THR A 125 -63.47 38.49 26.40
C THR A 125 -64.48 37.59 27.09
N GLU A 126 -65.23 38.13 28.04
CA GLU A 126 -66.34 37.43 28.64
C GLU A 126 -67.45 37.21 27.63
N GLY A 127 -68.16 36.10 27.76
CA GLY A 127 -69.26 35.83 26.87
C GLY A 127 -70.07 34.65 27.34
N GLU A 128 -70.80 34.06 26.39
CA GLU A 128 -71.61 32.89 26.66
C GLU A 128 -71.84 32.14 25.36
N ILE A 129 -71.87 30.81 25.46
CA ILE A 129 -72.06 29.96 24.28
C ILE A 129 -73.50 30.08 23.80
N ALA A 130 -73.68 30.19 22.49
CA ALA A 130 -75.01 30.32 21.91
C ALA A 130 -75.81 29.04 22.09
N PRO A 131 -77.15 29.13 22.11
CA PRO A 131 -77.96 27.91 22.15
C PRO A 131 -77.86 27.08 20.89
N SER A 132 -77.55 27.70 19.76
CA SER A 132 -77.29 26.99 18.52
C SER A 132 -76.41 27.88 17.66
N ALA A 133 -75.69 27.24 16.74
CA ALA A 133 -74.75 28.00 15.89
C ALA A 133 -75.51 28.85 14.89
N ARG A 134 -75.16 30.13 14.84
CA ARG A 134 -75.77 31.06 13.90
C ARG A 134 -74.69 32.00 13.36
N GLY A 135 -74.85 32.37 12.11
CA GLY A 135 -73.90 33.25 11.46
C GLY A 135 -73.02 32.52 10.47
N THR A 136 -72.57 33.24 9.44
CA THR A 136 -71.78 32.67 8.36
C THR A 136 -70.36 33.19 8.28
N GLY A 137 -70.10 34.42 8.70
CA GLY A 137 -68.77 35.00 8.58
C GLY A 137 -67.80 34.42 9.59
N GLY A 138 -66.56 34.89 9.50
CA GLY A 138 -65.56 34.42 10.44
C GLY A 138 -65.11 33.01 10.14
N PHE A 139 -64.66 32.32 11.19
CA PHE A 139 -64.12 30.97 11.06
C PHE A 139 -64.37 30.22 12.36
N HIS A 140 -63.56 29.21 12.68
CA HIS A 140 -63.73 28.23 13.78
C HIS A 140 -64.28 28.83 15.07
N TRP A 141 -65.36 28.24 15.57
CA TRP A 141 -66.13 28.57 16.77
C TRP A 141 -66.70 29.99 16.81
N ASP A 142 -66.59 30.76 15.74
CA ASP A 142 -67.30 32.03 15.72
C ASP A 142 -68.84 31.95 15.67
N PRO A 143 -69.48 30.94 15.07
CA PRO A 143 -70.95 30.87 15.19
C PRO A 143 -71.48 30.48 16.56
N ILE A 144 -70.65 30.15 17.55
CA ILE A 144 -71.17 29.66 18.83
C ILE A 144 -70.93 30.62 19.99
N PHE A 145 -70.13 31.68 19.81
CA PHE A 145 -69.74 32.55 20.90
C PHE A 145 -70.43 33.90 20.79
N ILE A 146 -71.14 34.30 21.84
CA ILE A 146 -71.81 35.59 21.92
C ILE A 146 -71.15 36.40 23.04
N PRO A 147 -70.59 37.57 22.75
CA PRO A 147 -69.94 38.35 23.80
C PRO A 147 -70.95 38.95 24.76
N LYS A 148 -70.43 39.41 25.90
CA LYS A 148 -71.29 39.93 26.95
C LYS A 148 -71.83 41.30 26.54
N GLY A 149 -73.13 41.49 26.70
CA GLY A 149 -73.81 42.70 26.27
C GLY A 149 -74.38 42.60 24.88
N GLN A 150 -73.62 42.02 23.96
CA GLN A 150 -74.06 41.85 22.59
C GLN A 150 -75.05 40.68 22.52
N THR A 151 -75.94 40.72 21.54
CA THR A 151 -76.82 39.60 21.26
C THR A 151 -76.31 38.70 20.14
N ARG A 152 -75.42 39.20 19.29
CA ARG A 152 -74.98 38.49 18.10
C ARG A 152 -73.68 37.74 18.37
N THR A 153 -73.33 36.86 17.44
CA THR A 153 -72.11 36.07 17.53
C THR A 153 -70.96 36.80 16.84
N PHE A 154 -69.77 36.22 16.90
CA PHE A 154 -68.67 36.71 16.09
C PHE A 154 -68.90 36.44 14.61
N ALA A 155 -69.66 35.39 14.28
CA ALA A 155 -69.91 35.07 12.90
C ALA A 155 -70.91 36.02 12.27
N GLU A 156 -71.84 36.55 13.07
CA GLU A 156 -72.84 37.47 12.56
C GLU A 156 -72.31 38.87 12.34
N MET A 157 -71.14 39.19 12.89
CA MET A 157 -70.59 40.53 12.79
C MET A 157 -69.49 40.58 11.74
N SER A 158 -69.28 41.77 11.17
CA SER A 158 -68.23 41.96 10.19
C SER A 158 -66.87 42.00 10.86
N LEU A 159 -65.82 42.13 10.05
CA LEU A 159 -64.46 42.06 10.58
C LEU A 159 -64.11 43.31 11.39
N ASP A 160 -64.67 44.46 11.04
CA ASP A 160 -64.50 45.64 11.88
C ASP A 160 -65.27 45.50 13.18
N GLU A 161 -66.44 44.88 13.13
CA GLU A 161 -67.27 44.76 14.32
C GLU A 161 -66.81 43.60 15.21
N LYS A 162 -66.21 42.56 14.61
CA LYS A 162 -65.72 41.45 15.42
C LYS A 162 -64.49 41.85 16.22
N LEU A 163 -63.60 42.65 15.63
CA LEU A 163 -62.40 43.11 16.30
C LEU A 163 -62.66 44.22 17.31
N SER A 164 -63.88 44.75 17.38
CA SER A 164 -64.23 45.63 18.49
C SER A 164 -64.70 44.86 19.72
N PHE A 165 -64.74 43.53 19.65
CA PHE A 165 -65.11 42.68 20.77
C PHE A 165 -64.08 41.61 21.05
N SER A 166 -63.43 41.11 20.00
CA SER A 166 -62.54 39.97 20.12
C SER A 166 -61.25 40.36 20.84
N PRO A 167 -60.52 39.39 21.40
CA PRO A 167 -59.25 39.71 22.06
C PRO A 167 -58.18 40.27 21.14
N LEU A 168 -58.24 40.02 19.85
CA LEU A 168 -57.22 40.51 18.94
C LEU A 168 -57.31 42.03 18.75
N GLY A 169 -58.49 42.61 18.92
CA GLY A 169 -58.64 44.04 18.73
C GLY A 169 -58.01 44.88 19.81
N ARG A 170 -57.74 44.29 20.97
CA ARG A 170 -56.95 44.95 22.01
C ARG A 170 -55.48 44.55 21.95
N LEU A 171 -55.16 43.45 21.25
CA LEU A 171 -53.81 43.00 21.09
C LEU A 171 -53.09 43.63 19.90
N HIS A 172 -53.81 44.28 18.98
CA HIS A 172 -53.13 45.05 17.93
C HIS A 172 -52.35 46.21 18.53
N THR A 173 -53.00 46.98 19.39
CA THR A 173 -52.40 48.20 19.92
C THR A 173 -51.27 47.88 20.88
N ARG A 174 -51.39 46.79 21.64
CA ARG A 174 -50.32 46.40 22.54
C ARG A 174 -49.12 45.83 21.79
N LEU A 175 -49.36 45.16 20.66
CA LEU A 175 -48.24 44.65 19.88
C LEU A 175 -47.58 45.75 19.08
N ARG A 176 -48.36 46.73 18.60
CA ARG A 176 -47.79 47.84 17.86
C ARG A 176 -46.95 48.74 18.77
N THR A 177 -47.40 48.98 19.99
CA THR A 177 -46.69 49.88 20.88
C THR A 177 -45.40 49.25 21.39
N GLU A 178 -45.45 47.98 21.80
CA GLU A 178 -44.26 47.35 22.36
C GLU A 178 -43.22 47.00 21.31
N LEU A 179 -43.59 46.89 20.04
CA LEU A 179 -42.63 46.58 19.01
C LEU A 179 -42.33 47.75 18.08
N GLY A 180 -43.09 48.83 18.16
CA GLY A 180 -42.85 49.96 17.28
C GLY A 180 -43.25 49.72 15.85
N LEU A 181 -44.28 48.90 15.63
CA LEU A 181 -44.71 48.57 14.27
C LEU A 181 -45.42 49.76 13.63
N ALA B 2 -28.20 -6.89 35.42
CA ALA B 2 -28.63 -5.55 35.06
C ALA B 2 -29.74 -5.60 34.02
N PRO B 3 -30.72 -4.70 34.14
CA PRO B 3 -31.82 -4.66 33.16
C PRO B 3 -31.34 -4.22 31.79
N THR B 4 -32.14 -4.57 30.78
CA THR B 4 -31.92 -4.09 29.43
C THR B 4 -33.04 -3.20 28.91
N TRP B 5 -34.21 -3.25 29.50
CA TRP B 5 -35.32 -2.38 29.17
C TRP B 5 -35.76 -1.63 30.41
N PHE B 6 -36.24 -0.41 30.21
CA PHE B 6 -36.57 0.48 31.31
C PHE B 6 -37.95 1.06 31.08
N TYR B 7 -38.86 0.84 32.03
CA TYR B 7 -40.21 1.38 31.94
C TYR B 7 -40.26 2.73 32.64
N ASN B 8 -40.52 3.77 31.86
CA ASN B 8 -40.46 5.14 32.35
C ASN B 8 -41.87 5.63 32.65
N THR B 9 -42.12 5.99 33.91
CA THR B 9 -43.36 6.64 34.28
C THR B 9 -43.12 7.50 35.51
N THR B 10 -43.83 8.62 35.59
CA THR B 10 -43.86 9.40 36.80
C THR B 10 -45.07 9.08 37.65
N ASN B 11 -45.98 8.26 37.16
CA ASN B 11 -47.21 7.91 37.85
C ASN B 11 -46.92 6.66 38.68
N SER B 12 -46.93 6.80 40.00
CA SER B 12 -46.58 5.69 40.89
C SER B 12 -47.68 4.66 41.00
N GLU B 13 -48.87 4.93 40.47
CA GLU B 13 -49.93 3.95 40.43
C GLU B 13 -49.85 3.06 39.21
N LYS B 14 -49.32 3.58 38.10
CA LYS B 14 -49.01 2.72 36.96
C LYS B 14 -47.84 1.82 37.26
N LEU B 15 -46.94 2.25 38.16
CA LEU B 15 -45.75 1.49 38.47
C LEU B 15 -46.08 0.22 39.23
N ARG B 16 -47.01 0.28 40.18
CA ARG B 16 -47.38 -0.91 40.92
C ARG B 16 -48.27 -1.84 40.14
N GLU B 17 -48.89 -1.38 39.05
CA GLU B 17 -49.64 -2.28 38.19
C GLU B 17 -48.72 -3.11 37.32
N LEU B 18 -47.74 -2.46 36.68
CA LEU B 18 -46.84 -3.18 35.80
C LEU B 18 -45.83 -4.01 36.58
N GLN B 19 -45.56 -3.68 37.83
CA GLN B 19 -44.78 -4.56 38.68
C GLN B 19 -45.59 -5.70 39.27
N HIS B 20 -46.90 -5.68 39.12
CA HIS B 20 -47.70 -6.79 39.62
C HIS B 20 -47.63 -8.00 38.70
N VAL B 21 -47.36 -7.79 37.42
CA VAL B 21 -47.32 -8.86 36.43
C VAL B 21 -45.93 -9.01 35.82
N LEU B 22 -45.35 -7.90 35.34
CA LEU B 22 -43.99 -7.90 34.82
C LEU B 22 -42.95 -7.58 35.87
N GLY B 23 -43.24 -7.81 37.15
CA GLY B 23 -42.33 -7.46 38.21
C GLY B 23 -41.19 -8.45 38.40
N GLY B 24 -41.48 -9.73 38.25
CA GLY B 24 -40.47 -10.76 38.42
C GLY B 24 -39.48 -10.88 37.30
N SER B 25 -39.68 -10.15 36.20
CA SER B 25 -38.72 -10.16 35.10
C SER B 25 -37.49 -9.37 35.48
N ALA B 26 -36.33 -10.04 35.48
CA ALA B 26 -35.08 -9.41 35.84
C ALA B 26 -34.48 -8.58 34.73
N LYS B 27 -35.10 -8.56 33.55
CA LYS B 27 -34.60 -7.79 32.42
C LYS B 27 -35.27 -6.44 32.28
N LEU B 28 -36.08 -6.05 33.24
CA LEU B 28 -36.85 -4.81 33.16
C LEU B 28 -36.49 -3.91 34.33
N GLY B 29 -36.03 -2.70 34.03
CA GLY B 29 -35.77 -1.69 35.02
C GLY B 29 -36.85 -0.61 35.01
N TYR B 30 -36.68 0.36 35.91
CA TYR B 30 -37.71 1.37 36.11
C TYR B 30 -37.07 2.75 36.25
N LEU B 31 -37.59 3.72 35.51
CA LEU B 31 -37.14 5.10 35.56
C LEU B 31 -38.35 6.01 35.74
N THR B 32 -38.08 7.26 36.11
CA THR B 32 -39.14 8.20 36.48
C THR B 32 -38.96 9.55 35.81
N ALA B 33 -38.55 9.58 34.55
CA ALA B 33 -38.35 10.85 33.87
C ALA B 33 -39.67 11.44 33.42
N LYS B 34 -39.78 12.76 33.48
CA LYS B 34 -41.01 13.47 33.18
C LYS B 34 -40.92 14.03 31.76
N VAL B 35 -41.88 13.68 30.92
CA VAL B 35 -41.93 14.14 29.54
C VAL B 35 -43.19 14.95 29.33
N THR B 36 -43.23 15.66 28.20
CA THR B 36 -44.34 16.53 27.84
C THR B 36 -44.97 16.00 26.57
N GLU B 37 -46.27 15.76 26.61
CA GLU B 37 -46.96 15.19 25.46
C GLU B 37 -47.36 16.29 24.49
N ILE B 38 -47.56 15.89 23.24
CA ILE B 38 -48.01 16.81 22.20
C ILE B 38 -49.52 16.88 22.24
N LEU B 39 -50.07 17.89 21.58
CA LEU B 39 -51.51 18.16 21.62
C LEU B 39 -52.16 17.48 20.43
N ASP B 40 -52.71 16.30 20.65
CA ASP B 40 -53.42 15.56 19.61
C ASP B 40 -54.32 14.55 20.29
N VAL B 41 -55.52 14.34 19.72
CA VAL B 41 -56.45 13.37 20.31
C VAL B 41 -56.14 11.94 19.90
N ASP B 42 -55.34 11.73 18.88
CA ASP B 42 -55.03 10.39 18.42
C ASP B 42 -54.02 9.75 19.36
N LEU B 43 -54.35 8.55 19.85
CA LEU B 43 -53.47 7.86 20.80
C LEU B 43 -52.17 7.43 20.14
N GLU B 44 -52.25 6.92 18.91
CA GLU B 44 -51.08 6.47 18.16
C GLU B 44 -50.08 7.60 17.93
N THR B 45 -50.57 8.82 17.73
CA THR B 45 -49.67 9.94 17.50
C THR B 45 -48.98 10.39 18.77
N VAL B 46 -49.68 10.36 19.90
CA VAL B 46 -49.12 10.89 21.14
C VAL B 46 -48.12 9.91 21.74
N ILE B 47 -48.44 8.61 21.76
CA ILE B 47 -47.54 7.62 22.34
C ILE B 47 -46.27 7.45 21.50
N ARG B 48 -46.35 7.75 20.21
CA ARG B 48 -45.18 7.65 19.35
C ARG B 48 -44.26 8.85 19.53
N ALA B 49 -44.83 10.02 19.81
CA ALA B 49 -44.05 11.21 20.13
C ALA B 49 -43.62 11.26 21.59
N LYS B 50 -44.16 10.38 22.43
CA LYS B 50 -43.77 10.32 23.83
C LYS B 50 -42.53 9.46 24.03
N ALA B 51 -42.34 8.44 23.18
CA ALA B 51 -41.16 7.59 23.28
C ALA B 51 -39.92 8.27 22.73
N ILE B 52 -40.06 9.09 21.70
CA ILE B 52 -38.91 9.82 21.18
C ILE B 52 -38.50 10.91 22.17
N ALA B 53 -39.43 11.41 22.97
CA ALA B 53 -39.13 12.42 23.96
C ALA B 53 -38.61 11.83 25.26
N ALA B 54 -38.87 10.55 25.51
CA ALA B 54 -38.34 9.90 26.70
C ALA B 54 -37.03 9.19 26.45
N TYR B 55 -36.77 8.75 25.22
CA TYR B 55 -35.44 8.25 24.89
C TYR B 55 -34.42 9.38 24.93
N ARG B 56 -34.83 10.58 24.54
CA ARG B 56 -33.93 11.74 24.59
C ARG B 56 -33.57 12.10 26.02
N ALA B 57 -34.42 11.75 26.99
CA ALA B 57 -34.13 12.05 28.38
C ALA B 57 -33.20 11.02 29.00
N VAL B 58 -33.52 9.73 28.86
CA VAL B 58 -32.82 8.71 29.63
C VAL B 58 -31.75 7.94 28.85
N ARG B 59 -31.80 7.96 27.52
CA ARG B 59 -30.75 7.46 26.62
C ARG B 59 -30.49 5.97 26.77
N VAL B 60 -31.50 5.22 27.21
CA VAL B 60 -31.47 3.77 27.26
C VAL B 60 -32.72 3.26 26.56
N PRO B 61 -32.76 1.96 26.16
CA PRO B 61 -34.02 1.38 25.64
C PRO B 61 -35.19 1.53 26.59
N VAL B 62 -36.18 2.30 26.18
CA VAL B 62 -37.21 2.80 27.10
C VAL B 62 -38.58 2.32 26.62
N ILE B 63 -39.49 2.14 27.58
CA ILE B 63 -40.87 1.74 27.34
C ILE B 63 -41.76 2.78 28.00
N VAL B 64 -42.63 3.43 27.21
CA VAL B 64 -43.54 4.44 27.73
C VAL B 64 -44.97 3.96 27.54
N GLU B 65 -45.89 4.65 28.22
CA GLU B 65 -47.28 4.22 28.28
C GLU B 65 -48.17 5.46 28.26
N HIS B 66 -49.21 5.43 27.42
CA HIS B 66 -50.19 6.51 27.36
C HIS B 66 -51.53 5.90 27.00
N GLY B 67 -52.60 6.51 27.51
CA GLY B 67 -53.93 5.96 27.38
C GLY B 67 -54.89 6.90 26.66
N ALA B 68 -56.12 6.43 26.54
CA ALA B 68 -57.19 7.19 25.91
C ALA B 68 -58.52 6.76 26.49
N LEU B 69 -59.46 7.70 26.53
CA LEU B 69 -60.81 7.47 27.05
C LEU B 69 -61.83 8.09 26.08
N CYS B 70 -61.75 7.67 24.82
CA CYS B 70 -62.68 8.11 23.79
C CYS B 70 -64.12 7.83 24.15
N ILE B 71 -64.98 8.83 24.03
CA ILE B 71 -66.39 8.76 24.45
C ILE B 71 -67.26 9.05 23.24
N ASP B 72 -68.33 8.26 23.07
CA ASP B 72 -69.22 8.44 21.92
C ASP B 72 -70.02 9.72 22.02
N ALA B 73 -70.40 10.13 23.23
CA ALA B 73 -71.22 11.32 23.37
C ALA B 73 -70.42 12.59 23.10
N LEU B 74 -69.10 12.52 23.23
CA LEU B 74 -68.23 13.66 22.98
C LEU B 74 -67.45 13.50 21.68
N ASN B 75 -67.94 12.62 20.79
CA ASN B 75 -67.37 12.30 19.49
C ASN B 75 -65.90 11.89 19.56
N GLY B 76 -65.53 11.13 20.59
CA GLY B 76 -64.16 10.71 20.77
C GLY B 76 -63.35 11.53 21.74
N LEU B 77 -63.91 12.62 22.25
CA LEU B 77 -63.19 13.39 23.25
C LEU B 77 -63.31 12.70 24.61
N PRO B 78 -62.27 12.75 25.44
CA PRO B 78 -60.95 13.38 25.27
C PRO B 78 -59.97 12.68 24.31
N GLY B 79 -60.06 11.37 24.17
CA GLY B 79 -59.02 10.67 23.42
C GLY B 79 -57.77 10.64 24.26
N ALA B 80 -56.63 10.98 23.67
CA ALA B 80 -55.37 11.06 24.40
C ALA B 80 -55.24 12.32 25.24
N LEU B 81 -56.30 13.14 25.30
CA LEU B 81 -56.41 14.32 26.14
C LEU B 81 -57.06 14.02 27.49
N VAL B 82 -56.91 12.79 27.99
CA VAL B 82 -57.63 12.38 29.18
C VAL B 82 -56.98 12.91 30.45
N LYS B 83 -55.68 13.23 30.41
CA LYS B 83 -54.97 13.76 31.57
C LYS B 83 -55.50 15.12 32.05
N PRO B 84 -55.80 16.11 31.21
CA PRO B 84 -56.40 17.32 31.77
C PRO B 84 -57.91 17.28 31.95
N PHE B 85 -58.62 16.23 31.52
CA PHE B 85 -60.04 16.19 31.85
C PHE B 85 -60.28 15.79 33.31
N TRP B 86 -59.65 14.72 33.75
CA TRP B 86 -59.79 14.27 35.12
C TRP B 86 -59.23 15.27 36.12
N GLU B 87 -58.28 16.11 35.68
CA GLU B 87 -57.87 17.25 36.49
C GLU B 87 -58.98 18.29 36.58
N SER B 88 -59.63 18.60 35.46
CA SER B 88 -60.66 19.63 35.47
C SER B 88 -62.00 19.08 35.95
N LEU B 89 -62.58 18.15 35.20
CA LEU B 89 -63.85 17.53 35.55
C LEU B 89 -63.56 16.26 36.33
N ASP B 90 -63.75 16.29 37.65
CA ASP B 90 -63.40 15.09 38.41
C ASP B 90 -64.51 14.06 38.32
N THR B 91 -65.64 14.33 38.97
CA THR B 91 -66.80 13.45 38.84
C THR B 91 -67.97 14.14 38.17
N ARG B 92 -67.78 15.40 37.75
CA ARG B 92 -68.73 16.08 36.89
C ARG B 92 -68.69 15.53 35.47
N LEU B 93 -67.64 14.76 35.14
CA LEU B 93 -67.56 14.07 33.86
C LEU B 93 -68.65 13.03 33.70
N CYS B 94 -69.16 12.49 34.81
CA CYS B 94 -70.36 11.67 34.75
C CYS B 94 -71.61 12.49 34.46
N GLU B 95 -71.58 13.80 34.70
CA GLU B 95 -72.76 14.64 34.56
C GLU B 95 -72.82 15.38 33.24
N VAL B 96 -71.67 15.64 32.61
CA VAL B 96 -71.67 16.37 31.33
C VAL B 96 -72.07 15.47 30.16
N ILE B 97 -72.19 14.17 30.38
CA ILE B 97 -72.51 13.21 29.34
C ILE B 97 -73.98 12.83 29.48
N PRO B 98 -74.77 12.83 28.40
CA PRO B 98 -76.21 12.54 28.53
C PRO B 98 -76.48 11.10 28.91
N ALA B 99 -77.49 10.90 29.74
CA ALA B 99 -77.90 9.55 30.11
C ALA B 99 -78.64 8.90 28.95
N GLY B 100 -78.18 7.72 28.56
CA GLY B 100 -78.72 7.01 27.42
C GLY B 100 -77.71 6.72 26.32
N GLN B 101 -76.62 7.47 26.26
CA GLN B 101 -75.55 7.25 25.28
C GLN B 101 -74.20 7.29 25.97
N ARG B 102 -74.09 6.54 27.07
CA ARG B 102 -72.91 6.55 27.93
C ARG B 102 -71.74 5.74 27.40
N THR B 103 -71.81 5.19 26.19
CA THR B 103 -70.79 4.26 25.72
C THR B 103 -69.47 4.96 25.39
N ALA B 104 -68.37 4.26 25.67
CA ALA B 104 -67.03 4.82 25.54
C ALA B 104 -66.05 3.68 25.35
N ARG B 105 -64.83 4.02 24.93
CA ARG B 105 -63.75 3.06 24.77
C ARG B 105 -62.58 3.48 25.65
N ALA B 106 -62.05 2.55 26.42
CA ALA B 106 -60.83 2.77 27.20
C ALA B 106 -59.67 2.16 26.41
N ARG B 107 -58.89 3.01 25.76
CA ARG B 107 -57.75 2.55 24.99
C ARG B 107 -56.47 2.79 25.77
N GLY B 108 -55.45 2.02 25.42
CA GLY B 108 -54.16 2.12 26.10
C GLY B 108 -53.08 1.62 25.19
N ALA B 109 -51.91 2.25 25.28
CA ALA B 109 -50.85 1.95 24.34
C ALA B 109 -49.50 1.93 25.03
N LEU B 110 -48.71 0.91 24.70
CA LEU B 110 -47.30 0.84 25.03
C LEU B 110 -46.49 1.13 23.78
N CYS B 111 -45.38 1.84 23.93
CA CYS B 111 -44.44 2.06 22.85
C CYS B 111 -43.03 1.91 23.40
N TYR B 112 -42.28 0.96 22.88
CA TYR B 112 -40.90 0.76 23.28
C TYR B 112 -39.96 1.26 22.20
N CYS B 113 -38.93 1.98 22.61
CA CYS B 113 -37.95 2.55 21.70
C CYS B 113 -36.58 2.09 22.14
N ASP B 114 -35.86 1.40 21.27
CA ASP B 114 -34.50 0.95 21.57
C ASP B 114 -33.44 1.93 21.11
N GLY B 115 -33.83 3.06 20.52
CA GLY B 115 -32.90 4.03 20.00
C GLY B 115 -32.88 4.12 18.50
N ARG B 116 -33.55 3.17 17.83
CA ARG B 116 -33.53 3.11 16.34
C ARG B 116 -34.94 2.92 15.79
N GLU B 117 -35.81 2.27 16.58
CA GLU B 117 -37.18 1.96 16.09
C GLU B 117 -38.20 2.16 17.20
N ARG B 118 -39.42 2.55 16.84
CA ARG B 118 -40.52 2.75 17.78
C ARG B 118 -41.65 1.82 17.40
N HIS B 119 -41.97 0.87 18.29
CA HIS B 119 -43.01 -0.11 18.04
C HIS B 119 -44.14 0.09 19.04
N VAL B 120 -45.35 0.27 18.53
CA VAL B 120 -46.52 0.63 19.35
C VAL B 120 -47.42 -0.59 19.47
N LEU B 121 -47.78 -0.92 20.71
CA LEU B 121 -48.74 -1.99 21.01
C LEU B 121 -49.99 -1.34 21.60
N ILE B 122 -51.15 -1.60 21.00
CA ILE B 122 -52.40 -0.96 21.40
C ILE B 122 -53.42 -2.02 21.74
N GLU B 123 -53.98 -1.94 22.94
CA GLU B 123 -55.18 -2.69 23.31
C GLU B 123 -56.29 -1.72 23.67
N GLU B 124 -57.48 -2.25 23.92
CA GLU B 124 -58.70 -1.47 23.88
C GLU B 124 -59.82 -2.23 24.57
N THR B 125 -60.63 -1.52 25.36
CA THR B 125 -61.72 -2.13 26.12
C THR B 125 -62.99 -1.32 25.92
N GLU B 126 -64.01 -1.96 25.35
CA GLU B 126 -65.33 -1.35 25.26
C GLU B 126 -65.94 -1.22 26.65
N GLY B 127 -66.73 -0.17 26.83
CA GLY B 127 -67.39 0.03 28.10
C GLY B 127 -68.42 1.12 28.03
N GLU B 128 -68.74 1.67 29.20
CA GLU B 128 -69.70 2.76 29.31
C GLU B 128 -69.44 3.52 30.60
N ILE B 129 -69.62 4.84 30.56
CA ILE B 129 -69.37 5.68 31.71
C ILE B 129 -70.48 5.45 32.75
N ALA B 130 -70.09 5.36 34.01
CA ALA B 130 -71.04 5.12 35.07
C ALA B 130 -71.97 6.33 35.26
N PRO B 131 -73.18 6.12 35.78
CA PRO B 131 -74.03 7.28 36.11
C PRO B 131 -73.50 8.12 37.23
N SER B 132 -72.70 7.55 38.13
CA SER B 132 -72.02 8.30 39.17
C SER B 132 -70.79 7.51 39.58
N ALA B 133 -69.82 8.21 40.13
CA ALA B 133 -68.56 7.56 40.51
C ALA B 133 -68.76 6.67 41.71
N ARG B 134 -68.32 5.43 41.60
CA ARG B 134 -68.41 4.46 42.68
C ARG B 134 -67.14 3.63 42.72
N GLY B 135 -66.73 3.25 43.93
CA GLY B 135 -65.54 2.47 44.11
C GLY B 135 -64.39 3.30 44.67
N THR B 136 -63.50 2.63 45.41
CA THR B 136 -62.39 3.29 46.07
C THR B 136 -61.02 2.90 45.56
N GLY B 137 -60.85 1.68 45.05
CA GLY B 137 -59.55 1.22 44.61
C GLY B 137 -59.12 1.86 43.30
N GLY B 138 -57.92 1.50 42.86
CA GLY B 138 -57.44 2.02 41.60
C GLY B 138 -57.02 3.48 41.72
N PHE B 139 -57.10 4.18 40.60
CA PHE B 139 -56.67 5.57 40.52
C PHE B 139 -57.49 6.28 39.45
N HIS B 140 -56.96 7.36 38.84
CA HIS B 140 -57.66 8.29 37.95
C HIS B 140 -58.63 7.62 36.97
N TRP B 141 -59.87 8.13 36.96
CA TRP B 141 -61.04 7.70 36.18
C TRP B 141 -61.44 6.24 36.36
N ASP B 142 -60.85 5.49 37.26
CA ASP B 142 -61.38 4.17 37.54
C ASP B 142 -62.76 4.13 38.23
N PRO B 143 -63.18 5.09 39.05
CA PRO B 143 -64.57 5.03 39.54
C PRO B 143 -65.64 5.36 38.51
N ILE B 144 -65.32 5.74 37.28
CA ILE B 144 -66.37 6.15 36.33
C ILE B 144 -66.54 5.20 35.16
N PHE B 145 -65.65 4.21 34.98
CA PHE B 145 -65.67 3.36 33.80
C PHE B 145 -66.14 1.96 34.17
N ILE B 146 -67.17 1.48 33.48
CA ILE B 146 -67.71 0.14 33.67
C ILE B 146 -67.50 -0.63 32.37
N PRO B 147 -66.77 -1.74 32.38
CA PRO B 147 -66.54 -2.49 31.13
C PRO B 147 -67.80 -3.19 30.65
N LYS B 148 -67.76 -3.61 29.40
CA LYS B 148 -68.92 -4.24 28.79
C LYS B 148 -69.13 -5.64 29.35
N GLY B 149 -70.37 -5.94 29.73
CA GLY B 149 -70.72 -7.19 30.38
C GLY B 149 -70.67 -7.12 31.89
N GLN B 150 -69.64 -6.46 32.43
CA GLN B 150 -69.50 -6.29 33.86
C GLN B 150 -70.46 -5.21 34.34
N THR B 151 -70.88 -5.31 35.61
CA THR B 151 -71.66 -4.27 36.24
C THR B 151 -70.81 -3.31 37.06
N ARG B 152 -69.62 -3.72 37.48
CA ARG B 152 -68.79 -2.95 38.40
C ARG B 152 -67.77 -2.10 37.63
N THR B 153 -67.16 -1.17 38.35
CA THR B 153 -66.15 -0.29 37.79
C THR B 153 -64.77 -0.91 37.94
N PHE B 154 -63.75 -0.23 37.39
CA PHE B 154 -62.37 -0.61 37.68
C PHE B 154 -62.00 -0.33 39.13
N ALA B 155 -62.65 0.66 39.76
CA ALA B 155 -62.34 0.98 41.14
C ALA B 155 -62.91 -0.05 42.10
N GLU B 156 -64.04 -0.66 41.74
CA GLU B 156 -64.67 -1.65 42.60
C GLU B 156 -63.97 -3.00 42.56
N MET B 157 -63.11 -3.23 41.57
CA MET B 157 -62.46 -4.53 41.42
C MET B 157 -61.02 -4.46 41.92
N SER B 158 -60.50 -5.61 42.33
CA SER B 158 -59.13 -5.70 42.80
C SER B 158 -58.16 -5.63 41.62
N LEU B 159 -56.86 -5.66 41.93
CA LEU B 159 -55.86 -5.49 40.89
C LEU B 159 -55.76 -6.71 39.99
N ASP B 160 -56.04 -7.90 40.52
CA ASP B 160 -56.11 -9.08 39.66
C ASP B 160 -57.36 -9.03 38.79
N GLU B 161 -58.47 -8.51 39.33
CA GLU B 161 -59.71 -8.48 38.58
C GLU B 161 -59.74 -7.31 37.61
N LYS B 162 -59.05 -6.21 37.91
CA LYS B 162 -59.01 -5.07 37.00
C LYS B 162 -58.20 -5.39 35.77
N LEU B 163 -57.08 -6.10 35.93
CA LEU B 163 -56.22 -6.47 34.81
C LEU B 163 -56.79 -7.61 33.99
N SER B 164 -57.88 -8.24 34.39
CA SER B 164 -58.57 -9.16 33.51
C SER B 164 -59.57 -8.46 32.60
N PHE B 165 -59.68 -7.13 32.70
CA PHE B 165 -60.56 -6.34 31.85
C PHE B 165 -59.82 -5.19 31.20
N SER B 166 -58.84 -4.63 31.89
CA SER B 166 -58.18 -3.41 31.44
C SER B 166 -57.26 -3.71 30.26
N PRO B 167 -56.92 -2.68 29.45
CA PRO B 167 -56.01 -2.91 28.33
C PRO B 167 -54.62 -3.37 28.73
N LEU B 168 -54.16 -3.09 29.94
CA LEU B 168 -52.81 -3.49 30.33
C LEU B 168 -52.69 -5.00 30.52
N GLY B 169 -53.78 -5.69 30.83
CA GLY B 169 -53.73 -7.12 31.04
C GLY B 169 -53.53 -7.92 29.79
N ARG B 170 -53.80 -7.34 28.63
CA ARG B 170 -53.45 -7.94 27.34
C ARG B 170 -52.13 -7.41 26.81
N LEU B 171 -51.65 -6.29 27.34
CA LEU B 171 -50.38 -5.70 26.94
C LEU B 171 -49.19 -6.25 27.72
N HIS B 172 -49.42 -6.95 28.84
CA HIS B 172 -48.31 -7.64 29.50
C HIS B 172 -47.75 -8.74 28.62
N THR B 173 -48.63 -9.58 28.08
CA THR B 173 -48.19 -10.75 27.33
C THR B 173 -47.58 -10.36 26.00
N ARG B 174 -48.09 -9.29 25.38
CA ARG B 174 -47.52 -8.84 24.12
C ARG B 174 -46.18 -8.15 24.32
N LEU B 175 -45.98 -7.49 25.47
CA LEU B 175 -44.69 -6.87 25.74
C LEU B 175 -43.67 -7.90 26.17
N ARG B 176 -44.10 -8.92 26.90
CA ARG B 176 -43.19 -9.98 27.33
C ARG B 176 -42.72 -10.81 26.15
N THR B 177 -43.61 -11.11 25.21
CA THR B 177 -43.26 -11.97 24.09
C THR B 177 -42.34 -11.24 23.11
N GLU B 178 -42.65 -9.99 22.79
CA GLU B 178 -41.86 -9.27 21.80
C GLU B 178 -40.51 -8.80 22.33
N LEU B 179 -40.34 -8.72 23.65
CA LEU B 179 -39.07 -8.31 24.21
C LEU B 179 -38.32 -9.42 24.91
N GLY B 180 -38.95 -10.57 25.13
CA GLY B 180 -38.28 -11.66 25.81
C GLY B 180 -38.09 -11.43 27.28
N LEU B 181 -39.00 -10.70 27.93
CA LEU B 181 -38.86 -10.39 29.34
C LEU B 181 -39.15 -11.61 30.19
N ALA C 2 42.76 20.93 35.26
CA ALA C 2 42.75 20.68 33.82
C ALA C 2 43.42 21.84 33.08
N PRO C 3 44.19 21.51 32.03
CA PRO C 3 44.85 22.55 31.25
C PRO C 3 43.87 23.40 30.48
N THR C 4 44.33 24.60 30.11
CA THR C 4 43.56 25.48 29.24
C THR C 4 44.24 25.74 27.90
N TRP C 5 45.54 25.49 27.79
CA TRP C 5 46.27 25.60 26.53
C TRP C 5 46.93 24.26 26.24
N PHE C 6 47.05 23.95 24.95
CA PHE C 6 47.54 22.65 24.52
C PHE C 6 48.62 22.86 23.46
N TYR C 7 49.80 22.33 23.72
CA TYR C 7 50.92 22.44 22.78
C TYR C 7 50.91 21.21 21.89
N ASN C 8 50.67 21.42 20.60
CA ASN C 8 50.50 20.35 19.64
C ASN C 8 51.80 20.15 18.87
N THR C 9 52.37 18.95 18.97
CA THR C 9 53.51 18.58 18.14
C THR C 9 53.52 17.07 17.99
N THR C 10 53.96 16.62 16.82
CA THR C 10 54.25 15.20 16.61
C THR C 10 55.71 14.87 16.82
N ASN C 11 56.55 15.89 17.02
CA ASN C 11 57.98 15.70 17.19
C ASN C 11 58.26 15.55 18.67
N SER C 12 58.68 14.34 19.08
CA SER C 12 58.88 14.05 20.49
C SER C 12 60.15 14.67 21.04
N GLU C 13 61.00 15.23 20.20
CA GLU C 13 62.17 15.95 20.67
C GLU C 13 61.87 17.41 20.97
N LYS C 14 60.90 18.00 20.27
CA LYS C 14 60.40 19.32 20.64
C LYS C 14 59.61 19.24 21.94
N LEU C 15 59.00 18.09 22.22
CA LEU C 15 58.17 17.94 23.40
C LEU C 15 58.99 17.97 24.68
N ARG C 16 60.16 17.32 24.69
CA ARG C 16 60.99 17.32 25.88
C ARG C 16 61.74 18.62 26.06
N GLU C 17 61.85 19.46 25.02
CA GLU C 17 62.44 20.77 25.20
C GLU C 17 61.46 21.72 25.88
N LEU C 18 60.22 21.76 25.41
CA LEU C 18 59.24 22.67 25.97
C LEU C 18 58.76 22.21 27.33
N GLN C 19 58.86 20.92 27.63
CA GLN C 19 58.59 20.45 28.98
C GLN C 19 59.77 20.65 29.91
N HIS C 20 60.93 21.04 29.39
CA HIS C 20 62.06 21.31 30.28
C HIS C 20 61.93 22.64 30.97
N VAL C 21 61.20 23.59 30.37
CA VAL C 21 61.06 24.93 30.90
C VAL C 21 59.61 25.24 31.25
N LEU C 22 58.69 25.01 30.32
CA LEU C 22 57.26 25.18 30.57
C LEU C 22 56.60 23.91 31.07
N GLY C 23 57.34 22.99 31.67
CA GLY C 23 56.78 21.73 32.09
C GLY C 23 56.01 21.80 33.39
N GLY C 24 56.49 22.60 34.34
CA GLY C 24 55.83 22.73 35.62
C GLY C 24 54.55 23.55 35.62
N SER C 25 54.23 24.18 34.49
CA SER C 25 52.98 24.93 34.38
C SER C 25 51.80 23.97 34.27
N ALA C 26 50.89 24.06 35.24
CA ALA C 26 49.73 23.19 35.28
C ALA C 26 48.63 23.62 34.32
N LYS C 27 48.80 24.74 33.63
CA LYS C 27 47.80 25.25 32.69
C LYS C 27 48.09 24.85 31.25
N LEU C 28 49.09 24.01 31.02
CA LEU C 28 49.51 23.66 29.67
C LEU C 28 49.38 22.14 29.50
N GLY C 29 48.61 21.73 28.49
CA GLY C 29 48.49 20.34 28.12
C GLY C 29 49.26 20.07 26.83
N TYR C 30 49.21 18.80 26.40
CA TYR C 30 50.02 18.37 25.27
C TYR C 30 49.19 17.46 24.37
N LEU C 31 49.23 17.73 23.07
CA LEU C 31 48.54 16.94 22.06
C LEU C 31 49.51 16.60 20.95
N THR C 32 49.14 15.62 20.11
CA THR C 32 50.05 15.08 19.11
C THR C 32 49.38 14.97 17.74
N ALA C 33 48.57 15.95 17.36
CA ALA C 33 47.89 15.90 16.07
C ALA C 33 48.84 16.27 14.95
N LYS C 34 48.69 15.61 13.80
CA LYS C 34 49.57 15.77 12.66
C LYS C 34 48.89 16.70 11.66
N VAL C 35 49.58 17.79 11.30
CA VAL C 35 49.05 18.76 10.35
C VAL C 35 49.97 18.80 9.14
N THR C 36 49.49 19.45 8.08
CA THR C 36 50.20 19.56 6.82
C THR C 36 50.46 21.04 6.56
N GLU C 37 51.72 21.38 6.34
CA GLU C 37 52.08 22.78 6.14
C GLU C 37 51.90 23.18 4.68
N ILE C 38 51.74 24.47 4.46
CA ILE C 38 51.61 25.01 3.11
C ILE C 38 53.01 25.25 2.56
N LEU C 39 53.08 25.44 1.25
CA LEU C 39 54.36 25.58 0.55
C LEU C 39 54.70 27.06 0.44
N ASP C 40 55.53 27.54 1.36
CA ASP C 40 55.98 28.93 1.33
C ASP C 40 57.25 29.02 2.16
N VAL C 41 58.21 29.84 1.72
CA VAL C 41 59.45 30.00 2.46
C VAL C 41 59.33 30.96 3.63
N ASP C 42 58.29 31.78 3.67
CA ASP C 42 58.13 32.74 4.75
C ASP C 42 57.65 32.04 6.00
N LEU C 43 58.36 32.25 7.10
CA LEU C 43 58.01 31.60 8.37
C LEU C 43 56.68 32.09 8.92
N GLU C 44 56.45 33.41 8.83
CA GLU C 44 55.21 34.01 9.32
C GLU C 44 53.99 33.47 8.59
N THR C 45 54.12 33.16 7.31
CA THR C 45 52.98 32.65 6.56
C THR C 45 52.67 31.20 6.92
N VAL C 46 53.71 30.39 7.15
CA VAL C 46 53.51 28.96 7.38
C VAL C 46 52.99 28.71 8.79
N ILE C 47 53.55 29.38 9.80
CA ILE C 47 53.13 29.17 11.18
C ILE C 47 51.72 29.70 11.42
N ARG C 48 51.29 30.68 10.63
CA ARG C 48 49.96 31.23 10.77
C ARG C 48 48.93 30.31 10.12
N ALA C 49 49.29 29.63 9.03
CA ALA C 49 48.44 28.63 8.41
C ALA C 49 48.53 27.27 9.09
N LYS C 50 49.49 27.08 9.99
CA LYS C 50 49.61 25.84 10.73
C LYS C 50 48.71 25.82 11.96
N ALA C 51 48.47 26.99 12.55
CA ALA C 51 47.59 27.07 13.72
C ALA C 51 46.13 26.96 13.34
N ILE C 52 45.74 27.48 12.18
CA ILE C 52 44.36 27.33 11.75
C ILE C 52 44.08 25.89 11.34
N ALA C 53 45.12 25.15 10.91
CA ALA C 53 44.95 23.76 10.55
C ALA C 53 45.04 22.83 11.74
N ALA C 54 45.63 23.28 12.85
CA ALA C 54 45.67 22.47 14.05
C ALA C 54 44.53 22.75 15.00
N TYR C 55 43.97 23.96 14.98
CA TYR C 55 42.74 24.21 15.72
C TYR C 55 41.58 23.42 15.11
N ARG C 56 41.58 23.26 13.79
CA ARG C 56 40.54 22.48 13.13
C ARG C 56 40.61 21.02 13.51
N ALA C 57 41.79 20.53 13.91
CA ALA C 57 41.93 19.14 14.30
C ALA C 57 41.48 18.91 15.73
N VAL C 58 42.00 19.70 16.68
CA VAL C 58 41.83 19.39 18.09
C VAL C 58 40.75 20.21 18.80
N ARG C 59 40.33 21.35 18.22
CA ARG C 59 39.16 22.13 18.66
C ARG C 59 39.30 22.66 20.08
N VAL C 60 40.52 22.86 20.55
CA VAL C 60 40.81 23.50 21.83
C VAL C 60 41.83 24.60 21.56
N PRO C 61 41.99 25.56 22.50
CA PRO C 61 43.09 26.55 22.36
C PRO C 61 44.47 25.91 22.22
N VAL C 62 45.09 26.09 21.06
CA VAL C 62 46.23 25.28 20.66
C VAL C 62 47.42 26.19 20.43
N ILE C 63 48.62 25.65 20.65
CA ILE C 63 49.89 26.33 20.42
C ILE C 63 50.72 25.46 19.50
N VAL C 64 51.11 26.00 18.34
CA VAL C 64 51.92 25.26 17.38
C VAL C 64 53.27 25.95 17.23
N GLU C 65 54.20 25.23 16.60
CA GLU C 65 55.59 25.66 16.51
C GLU C 65 56.14 25.28 15.15
N HIS C 66 56.83 26.21 14.49
CA HIS C 66 57.48 25.95 13.22
C HIS C 66 58.72 26.82 13.15
N GLY C 67 59.75 26.32 12.46
CA GLY C 67 61.03 26.97 12.44
C GLY C 67 61.49 27.34 11.03
N ALA C 68 62.68 27.92 10.97
CA ALA C 68 63.29 28.31 9.71
C ALA C 68 64.80 28.30 9.86
N LEU C 69 65.48 28.00 8.75
CA LEU C 69 66.94 27.95 8.71
C LEU C 69 67.42 28.70 7.45
N CYS C 70 67.01 29.96 7.34
CA CYS C 70 67.42 30.82 6.24
C CYS C 70 68.93 30.94 6.15
N ILE C 71 69.47 30.73 4.94
CA ILE C 71 70.92 30.70 4.69
C ILE C 71 71.26 31.78 3.68
N ASP C 72 72.34 32.52 3.92
CA ASP C 72 72.75 33.60 3.03
C ASP C 72 73.25 33.07 1.70
N ALA C 73 73.92 31.92 1.69
CA ALA C 73 74.48 31.39 0.45
C ALA C 73 73.39 30.86 -0.47
N LEU C 74 72.23 30.50 0.09
CA LEU C 74 71.12 30.00 -0.70
C LEU C 74 70.00 31.03 -0.81
N ASN C 75 70.33 32.31 -0.58
CA ASN C 75 69.43 33.45 -0.61
C ASN C 75 68.19 33.28 0.26
N GLY C 76 68.35 32.69 1.43
CA GLY C 76 67.24 32.46 2.33
C GLY C 76 66.66 31.07 2.29
N LEU C 77 67.10 30.24 1.37
CA LEU C 77 66.64 28.87 1.34
C LEU C 77 67.34 28.06 2.43
N PRO C 78 66.65 27.10 3.06
CA PRO C 78 65.25 26.68 2.90
C PRO C 78 64.17 27.63 3.44
N GLY C 79 64.48 28.40 4.48
CA GLY C 79 63.42 29.15 5.13
C GLY C 79 62.55 28.19 5.92
N ALA C 80 61.24 28.30 5.76
CA ALA C 80 60.31 27.39 6.42
C ALA C 80 60.22 26.03 5.71
N LEU C 81 61.04 25.82 4.68
CA LEU C 81 61.17 24.55 3.97
C LEU C 81 62.28 23.69 4.54
N VAL C 82 62.57 23.81 5.83
CA VAL C 82 63.72 23.14 6.43
C VAL C 82 63.44 21.65 6.69
N LYS C 83 62.17 21.27 6.84
CA LYS C 83 61.79 19.89 7.09
C LYS C 83 62.16 18.93 5.94
N PRO C 84 61.95 19.25 4.65
CA PRO C 84 62.45 18.31 3.63
C PRO C 84 63.91 18.48 3.23
N PHE C 85 64.63 19.49 3.73
CA PHE C 85 66.06 19.53 3.41
C PHE C 85 66.84 18.53 4.25
N TRP C 86 66.62 18.52 5.56
CA TRP C 86 67.32 17.60 6.43
C TRP C 86 66.92 16.15 6.16
N GLU C 87 65.73 15.93 5.59
CA GLU C 87 65.40 14.61 5.07
C GLU C 87 66.23 14.27 3.84
N SER C 88 66.38 15.21 2.91
CA SER C 88 67.12 14.92 1.69
C SER C 88 68.63 15.05 1.90
N LEU C 89 69.10 16.25 2.21
CA LEU C 89 70.52 16.51 2.44
C LEU C 89 70.77 16.39 3.93
N ASP C 90 71.38 15.29 4.37
CA ASP C 90 71.57 15.14 5.81
C ASP C 90 72.77 15.93 6.28
N THR C 91 73.98 15.49 5.94
CA THR C 91 75.17 16.26 6.24
C THR C 91 75.88 16.74 4.99
N ARG C 92 75.31 16.45 3.82
CA ARG C 92 75.74 17.06 2.58
C ARG C 92 75.35 18.54 2.50
N LEU C 93 74.43 18.96 3.37
CA LEU C 93 74.06 20.37 3.48
C LEU C 93 75.23 21.22 3.94
N CYS C 94 76.18 20.64 4.68
CA CYS C 94 77.44 21.33 4.95
C CYS C 94 78.32 21.44 3.71
N GLU C 95 78.10 20.60 2.70
CA GLU C 95 78.96 20.56 1.53
C GLU C 95 78.41 21.35 0.35
N VAL C 96 77.10 21.54 0.26
CA VAL C 96 76.53 22.29 -0.85
C VAL C 96 76.69 23.79 -0.70
N ILE C 97 77.13 24.24 0.47
CA ILE C 97 77.28 25.66 0.76
C ILE C 97 78.75 26.02 0.66
N PRO C 98 79.12 27.11 -0.03
CA PRO C 98 80.54 27.42 -0.22
C PRO C 98 81.21 27.85 1.06
N ALA C 99 82.47 27.45 1.22
CA ALA C 99 83.24 27.86 2.39
C ALA C 99 83.66 29.31 2.24
N GLY C 100 83.35 30.12 3.24
CA GLY C 100 83.62 31.54 3.22
C GLY C 100 82.38 32.40 3.37
N GLN C 101 81.20 31.88 3.08
CA GLN C 101 79.94 32.59 3.23
C GLN C 101 78.92 31.71 3.92
N ARG C 102 79.33 31.10 5.04
CA ARG C 102 78.54 30.13 5.76
C ARG C 102 77.45 30.72 6.64
N THR C 103 77.22 32.04 6.61
CA THR C 103 76.32 32.67 7.56
C THR C 103 74.86 32.34 7.28
N ALA C 104 74.08 32.21 8.35
CA ALA C 104 72.69 31.78 8.27
C ALA C 104 71.96 32.29 9.51
N ARG C 105 70.63 32.22 9.46
CA ARG C 105 69.79 32.60 10.58
C ARG C 105 68.92 31.41 10.95
N ALA C 106 68.88 31.09 12.24
CA ALA C 106 67.98 30.07 12.78
C ALA C 106 66.78 30.80 13.38
N ARG C 107 65.67 30.79 12.66
CA ARG C 107 64.44 31.42 13.11
C ARG C 107 63.48 30.38 13.66
N GLY C 108 62.58 30.83 14.52
CA GLY C 108 61.62 29.94 15.13
C GLY C 108 60.41 30.74 15.57
N ALA C 109 59.24 30.12 15.46
CA ALA C 109 58.01 30.86 15.70
C ALA C 109 57.00 30.00 16.45
N LEU C 110 56.38 30.59 17.46
CA LEU C 110 55.21 30.05 18.11
C LEU C 110 53.99 30.82 17.65
N CYS C 111 52.87 30.13 17.47
CA CYS C 111 51.60 30.75 17.17
C CYS C 111 50.53 30.06 17.99
N TYR C 112 49.85 30.81 18.85
CA TYR C 112 48.77 30.27 19.65
C TYR C 112 47.43 30.77 19.10
N CYS C 113 46.47 29.86 19.00
CA CYS C 113 45.15 30.16 18.49
C CYS C 113 44.12 29.71 19.51
N ASP C 114 43.32 30.65 20.00
CA ASP C 114 42.27 30.32 20.96
C ASP C 114 40.93 30.04 20.31
N GLY C 115 40.86 30.08 18.98
CA GLY C 115 39.64 29.87 18.25
C GLY C 115 39.09 31.11 17.59
N ARG C 116 39.68 32.27 17.89
CA ARG C 116 39.17 33.56 17.35
C ARG C 116 40.32 34.41 16.82
N GLU C 117 41.51 34.24 17.41
CA GLU C 117 42.67 35.08 17.02
C GLU C 117 43.95 34.25 16.95
N ARG C 118 44.87 34.62 16.06
CA ARG C 118 46.15 33.94 15.90
C ARG C 118 47.25 34.94 16.16
N HIS C 119 48.04 34.71 17.21
CA HIS C 119 49.12 35.60 17.60
C HIS C 119 50.44 34.88 17.45
N VAL C 120 51.36 35.48 16.68
CA VAL C 120 52.63 34.85 16.31
C VAL C 120 53.75 35.51 17.11
N LEU C 121 54.57 34.69 17.75
CA LEU C 121 55.76 35.14 18.45
C LEU C 121 56.97 34.58 17.71
N ILE C 122 57.89 35.46 17.31
CA ILE C 122 59.05 35.06 16.50
C ILE C 122 60.33 35.50 17.20
N GLU C 123 61.23 34.54 17.41
CA GLU C 123 62.60 34.83 17.81
C GLU C 123 63.54 34.28 16.74
N GLU C 124 64.83 34.58 16.90
CA GLU C 124 65.78 34.48 15.81
C GLU C 124 67.20 34.48 16.35
N THR C 125 68.05 33.64 15.78
CA THR C 125 69.44 33.51 16.23
C THR C 125 70.37 33.55 15.03
N GLU C 126 71.25 34.55 15.00
CA GLU C 126 72.31 34.61 14.01
C GLU C 126 73.30 33.48 14.24
N GLY C 127 73.89 33.00 13.15
CA GLY C 127 74.88 31.95 13.27
C GLY C 127 75.57 31.70 11.96
N GLU C 128 76.15 30.51 11.84
CA GLU C 128 76.83 30.09 10.63
C GLU C 128 76.88 28.57 10.59
N ILE C 129 76.75 28.02 9.38
CA ILE C 129 76.75 26.57 9.20
C ILE C 129 78.15 26.03 9.43
N ALA C 130 78.24 24.91 10.14
CA ALA C 130 79.52 24.31 10.45
C ALA C 130 80.18 23.78 9.17
N PRO C 131 81.52 23.67 9.15
CA PRO C 131 82.18 23.02 8.00
C PRO C 131 81.89 21.53 7.90
N SER C 132 81.58 20.88 9.02
CA SER C 132 81.14 19.50 9.02
C SER C 132 80.32 19.27 10.27
N ALA C 133 79.46 18.26 10.22
CA ALA C 133 78.57 17.99 11.34
C ALA C 133 79.34 17.43 12.52
N ARG C 134 79.15 18.03 13.69
CA ARG C 134 79.80 17.59 14.91
C ARG C 134 78.82 17.69 16.06
N GLY C 135 78.92 16.76 16.99
CA GLY C 135 78.05 16.72 18.14
C GLY C 135 77.01 15.61 18.03
N THR C 136 76.58 15.12 19.20
CA THR C 136 75.65 14.00 19.27
C THR C 136 74.29 14.35 19.87
N GLY C 137 74.21 15.33 20.76
CA GLY C 137 72.97 15.66 21.41
C GLY C 137 72.01 16.39 20.50
N GLY C 138 70.84 16.68 21.04
CA GLY C 138 69.86 17.41 20.25
C GLY C 138 69.21 16.52 19.19
N PHE C 139 68.75 17.17 18.12
CA PHE C 139 68.06 16.48 17.04
C PHE C 139 68.31 17.23 15.74
N HIS C 140 67.40 17.13 14.76
CA HIS C 140 67.53 17.59 13.37
C HIS C 140 68.25 18.95 13.23
N TRP C 141 69.27 18.97 12.38
CA TRP C 141 70.17 20.08 12.04
C TRP C 141 70.90 20.71 13.22
N ASP C 142 70.80 20.17 14.42
CA ASP C 142 71.68 20.67 15.49
C ASP C 142 73.17 20.39 15.32
N PRO C 143 73.64 19.30 14.69
CA PRO C 143 75.09 19.21 14.46
C PRO C 143 75.67 20.16 13.42
N ILE C 144 74.88 20.97 12.71
CA ILE C 144 75.44 21.79 11.64
C ILE C 144 75.40 23.28 11.93
N PHE C 145 74.73 23.72 13.00
CA PHE C 145 74.52 25.14 13.26
C PHE C 145 75.36 25.59 14.44
N ILE C 146 76.19 26.61 14.23
CA ILE C 146 77.02 27.21 15.26
C ILE C 146 76.54 28.64 15.48
N PRO C 147 76.10 29.01 16.68
CA PRO C 147 75.63 30.39 16.90
C PRO C 147 76.77 31.39 16.89
N LYS C 148 76.40 32.65 16.77
CA LYS C 148 77.39 33.71 16.67
C LYS C 148 78.06 33.94 18.02
N GLY C 149 79.38 34.00 18.00
CA GLY C 149 80.18 34.12 19.22
C GLY C 149 80.63 32.79 19.76
N GLN C 150 79.74 31.81 19.76
CA GLN C 150 80.05 30.47 20.24
C GLN C 150 80.88 29.75 19.18
N THR C 151 81.70 28.80 19.63
CA THR C 151 82.42 27.91 18.72
C THR C 151 81.72 26.58 18.51
N ARG C 152 80.84 26.18 19.43
CA ARG C 152 80.23 24.87 19.41
C ARG C 152 78.87 24.90 18.73
N THR C 153 78.35 23.71 18.43
CA THR C 153 77.06 23.56 17.80
C THR C 153 75.96 23.45 18.84
N PHE C 154 74.70 23.38 18.39
CA PHE C 154 73.61 23.04 19.29
C PHE C 154 73.71 21.59 19.75
N ALA C 155 74.31 20.72 18.94
CA ALA C 155 74.42 19.32 19.31
C ALA C 155 75.48 19.10 20.38
N GLU C 156 76.53 19.94 20.38
CA GLU C 156 77.59 19.80 21.35
C GLU C 156 77.22 20.34 22.73
N MET C 157 76.14 21.11 22.83
CA MET C 157 75.76 21.73 24.09
C MET C 157 74.59 20.97 24.71
N SER C 158 74.49 21.07 26.04
CA SER C 158 73.41 20.42 26.75
C SER C 158 72.11 21.19 26.55
N LEU C 159 71.02 20.68 27.15
CA LEU C 159 69.71 21.28 26.92
C LEU C 159 69.57 22.62 27.64
N ASP C 160 70.24 22.79 28.78
CA ASP C 160 70.28 24.10 29.41
C ASP C 160 71.12 25.07 28.61
N GLU C 161 72.20 24.60 28.01
CA GLU C 161 73.09 25.47 27.26
C GLU C 161 72.56 25.76 25.86
N LYS C 162 71.79 24.82 25.29
CA LYS C 162 71.23 25.06 23.96
C LYS C 162 70.12 26.10 24.02
N LEU C 163 69.30 26.06 25.06
CA LEU C 163 68.22 27.02 25.22
C LEU C 163 68.68 28.39 25.68
N SER C 164 69.95 28.55 26.03
CA SER C 164 70.49 29.89 26.23
C SER C 164 70.95 30.54 24.93
N PHE C 165 70.81 29.84 23.81
CA PHE C 165 71.17 30.38 22.50
C PHE C 165 70.03 30.24 21.50
N SER C 166 69.25 29.17 21.62
CA SER C 166 68.24 28.84 20.62
C SER C 166 67.06 29.81 20.71
N PRO C 167 66.27 29.93 19.64
CA PRO C 167 65.09 30.81 19.70
C PRO C 167 64.04 30.41 20.72
N LEU C 168 63.97 29.15 21.12
CA LEU C 168 62.95 28.73 22.07
C LEU C 168 63.21 29.25 23.46
N GLY C 169 64.47 29.54 23.81
CA GLY C 169 64.78 30.03 25.14
C GLY C 169 64.33 31.45 25.39
N ARG C 170 64.08 32.22 24.34
CA ARG C 170 63.45 33.53 24.46
C ARG C 170 61.95 33.46 24.25
N LEU C 171 61.46 32.38 23.66
CA LEU C 171 60.03 32.18 23.44
C LEU C 171 59.32 31.53 24.61
N HIS C 172 60.05 30.95 25.57
CA HIS C 172 59.39 30.48 26.80
C HIS C 172 58.80 31.65 27.57
N THR C 173 59.60 32.69 27.79
CA THR C 173 59.19 33.79 28.63
C THR C 173 58.11 34.62 27.97
N ARG C 174 58.14 34.75 26.65
CA ARG C 174 57.11 35.49 25.95
C ARG C 174 55.79 34.71 25.89
N LEU C 175 55.86 33.38 25.85
CA LEU C 175 54.65 32.59 25.86
C LEU C 175 54.07 32.50 27.26
N ARG C 176 54.91 32.45 28.28
CA ARG C 176 54.44 32.39 29.66
C ARG C 176 53.78 33.71 30.06
N THR C 177 54.34 34.83 29.64
CA THR C 177 53.82 36.13 30.05
C THR C 177 52.50 36.44 29.35
N GLU C 178 52.41 36.17 28.04
CA GLU C 178 51.21 36.51 27.30
C GLU C 178 50.05 35.56 27.57
N LEU C 179 50.32 34.37 28.08
CA LEU C 179 49.25 33.42 28.38
C LEU C 179 49.03 33.21 29.86
N GLY C 180 49.93 33.69 30.71
CA GLY C 180 49.76 33.49 32.13
C GLY C 180 50.04 32.08 32.59
N LEU C 181 50.92 31.38 31.92
CA LEU C 181 51.22 29.99 32.25
C LEU C 181 52.02 29.91 33.54
N ALA D 2 29.64 24.19 -25.17
CA ALA D 2 30.20 24.46 -23.86
C ALA D 2 31.22 23.39 -23.47
N PRO D 3 32.31 23.79 -22.82
CA PRO D 3 33.32 22.84 -22.39
C PRO D 3 32.82 21.91 -21.31
N THR D 4 33.49 20.77 -21.18
CA THR D 4 33.22 19.84 -20.08
C THR D 4 34.40 19.67 -19.15
N TRP D 5 35.60 20.02 -19.56
CA TRP D 5 36.79 20.00 -18.73
C TRP D 5 37.40 21.39 -18.70
N PHE D 6 38.00 21.74 -17.57
CA PHE D 6 38.53 23.08 -17.35
C PHE D 6 39.95 22.97 -16.83
N TYR D 7 40.89 23.60 -17.55
CA TYR D 7 42.29 23.60 -17.14
C TYR D 7 42.54 24.85 -16.31
N ASN D 8 42.87 24.64 -15.04
CA ASN D 8 43.02 25.71 -14.07
C ASN D 8 44.50 26.03 -13.90
N THR D 9 44.87 27.27 -14.21
CA THR D 9 46.21 27.76 -13.90
C THR D 9 46.16 29.26 -13.74
N THR D 10 47.00 29.77 -12.85
CA THR D 10 47.23 31.21 -12.76
C THR D 10 48.45 31.65 -13.53
N ASN D 11 49.21 30.71 -14.07
CA ASN D 11 50.43 31.01 -14.81
C ASN D 11 50.06 31.16 -16.27
N SER D 12 50.17 32.38 -16.79
CA SER D 12 49.76 32.68 -18.16
C SER D 12 50.74 32.15 -19.20
N GLU D 13 51.91 31.67 -18.78
CA GLU D 13 52.84 31.04 -19.71
C GLU D 13 52.56 29.56 -19.88
N LYS D 14 52.01 28.91 -18.85
CA LYS D 14 51.51 27.55 -19.02
C LYS D 14 50.26 27.52 -19.88
N LEU D 15 49.51 28.62 -19.86
CA LEU D 15 48.24 28.69 -20.60
C LEU D 15 48.48 28.69 -22.10
N ARG D 16 49.48 29.45 -22.56
CA ARG D 16 49.75 29.49 -24.00
C ARG D 16 50.47 28.25 -24.49
N GLU D 17 51.05 27.45 -23.60
CA GLU D 17 51.63 26.18 -24.04
C GLU D 17 50.55 25.15 -24.27
N LEU D 18 49.61 25.01 -23.32
CA LEU D 18 48.57 24.01 -23.46
C LEU D 18 47.53 24.41 -24.50
N GLN D 19 47.39 25.70 -24.78
CA GLN D 19 46.56 26.12 -25.91
C GLN D 19 47.27 26.00 -27.24
N HIS D 20 48.56 25.71 -27.25
CA HIS D 20 49.26 25.52 -28.52
C HIS D 20 48.97 24.17 -29.12
N VAL D 21 48.63 23.17 -28.30
CA VAL D 21 48.39 21.81 -28.74
C VAL D 21 46.95 21.38 -28.48
N LEU D 22 46.49 21.56 -27.25
CA LEU D 22 45.10 21.26 -26.90
C LEU D 22 44.18 22.46 -27.05
N GLY D 23 44.54 23.42 -27.89
CA GLY D 23 43.75 24.63 -28.03
C GLY D 23 42.52 24.47 -28.90
N GLY D 24 42.64 23.69 -29.98
CA GLY D 24 41.52 23.49 -30.88
C GLY D 24 40.44 22.56 -30.37
N SER D 25 40.66 21.94 -29.21
CA SER D 25 39.64 21.08 -28.61
C SER D 25 38.53 21.94 -28.02
N ALA D 26 37.31 21.76 -28.53
CA ALA D 26 36.17 22.53 -28.07
C ALA D 26 35.59 22.02 -26.75
N LYS D 27 36.12 20.93 -26.21
CA LYS D 27 35.64 20.36 -24.96
C LYS D 27 36.46 20.80 -23.76
N LEU D 28 37.39 21.73 -23.94
CA LEU D 28 38.29 22.16 -22.88
C LEU D 28 38.12 23.65 -22.64
N GLY D 29 37.80 24.01 -21.40
CA GLY D 29 37.73 25.39 -20.98
C GLY D 29 38.93 25.76 -20.12
N TYR D 30 38.95 27.01 -19.69
CA TYR D 30 40.10 27.55 -18.98
C TYR D 30 39.65 28.40 -17.81
N LEU D 31 40.24 28.14 -16.63
CA LEU D 31 39.95 28.89 -15.42
C LEU D 31 41.27 29.34 -14.80
N THR D 32 41.19 30.29 -13.87
CA THR D 32 42.39 30.93 -13.30
C THR D 32 42.32 31.01 -11.79
N ALA D 33 41.82 29.97 -11.12
CA ALA D 33 41.74 29.99 -9.67
C ALA D 33 43.09 29.71 -9.04
N LYS D 34 43.36 30.40 -7.93
CA LYS D 34 44.64 30.31 -7.24
C LYS D 34 44.52 29.36 -6.07
N VAL D 35 45.37 28.33 -6.04
CA VAL D 35 45.36 27.34 -4.98
C VAL D 35 46.70 27.39 -4.25
N THR D 36 46.74 26.74 -3.10
CA THR D 36 47.91 26.70 -2.24
C THR D 36 48.38 25.26 -2.13
N GLU D 37 49.65 25.02 -2.46
CA GLU D 37 50.18 23.67 -2.44
C GLU D 37 50.64 23.28 -1.05
N ILE D 38 50.69 21.98 -0.80
CA ILE D 38 51.17 21.46 0.47
C ILE D 38 52.69 21.35 0.41
N LEU D 39 53.31 21.19 1.57
CA LEU D 39 54.76 21.18 1.68
C LEU D 39 55.24 19.73 1.62
N ASP D 40 55.66 19.30 0.42
CA ASP D 40 56.20 17.95 0.24
C ASP D 40 57.03 17.95 -1.04
N VAL D 41 58.14 17.21 -1.03
CA VAL D 41 58.98 17.16 -2.23
C VAL D 41 58.47 16.17 -3.26
N ASP D 42 57.58 15.26 -2.88
CA ASP D 42 57.07 14.27 -3.82
C ASP D 42 56.06 14.91 -4.75
N LEU D 43 56.27 14.74 -6.05
CA LEU D 43 55.40 15.35 -7.05
C LEU D 43 54.01 14.72 -7.03
N GLU D 44 53.94 13.39 -6.88
CA GLU D 44 52.67 12.67 -6.82
C GLU D 44 51.80 13.12 -5.65
N THR D 45 52.41 13.47 -4.52
CA THR D 45 51.65 13.90 -3.37
C THR D 45 51.10 15.31 -3.54
N VAL D 46 51.88 16.20 -4.16
CA VAL D 46 51.48 17.60 -4.28
C VAL D 46 50.41 17.80 -5.34
N ILE D 47 50.57 17.14 -6.50
CA ILE D 47 49.60 17.30 -7.59
C ILE D 47 48.27 16.64 -7.22
N ARG D 48 48.29 15.64 -6.36
CA ARG D 48 47.06 14.99 -5.94
C ARG D 48 46.32 15.82 -4.92
N ALA D 49 47.04 16.55 -4.06
CA ALA D 49 46.43 17.49 -3.13
C ALA D 49 46.12 18.83 -3.76
N LYS D 50 46.61 19.09 -4.98
CA LYS D 50 46.31 20.32 -5.67
C LYS D 50 44.99 20.24 -6.43
N ALA D 51 44.62 19.05 -6.89
CA ALA D 51 43.36 18.87 -7.59
C ALA D 51 42.17 18.87 -6.66
N ILE D 52 42.33 18.34 -5.45
CA ILE D 52 41.25 18.38 -4.48
C ILE D 52 41.05 19.80 -3.97
N ALA D 53 42.09 20.63 -4.00
CA ALA D 53 41.98 22.01 -3.56
C ALA D 53 41.50 22.93 -4.68
N ALA D 54 41.61 22.50 -5.94
CA ALA D 54 41.09 23.30 -7.04
C ALA D 54 39.68 22.91 -7.44
N TYR D 55 39.28 21.65 -7.21
CA TYR D 55 37.88 21.29 -7.39
C TYR D 55 37.02 21.98 -6.35
N ARG D 56 37.54 22.17 -5.14
CA ARG D 56 36.80 22.86 -4.09
C ARG D 56 36.59 24.33 -4.45
N ALA D 57 37.46 24.90 -5.28
CA ALA D 57 37.31 26.29 -5.66
C ALA D 57 36.31 26.46 -6.79
N VAL D 58 36.45 25.70 -7.88
CA VAL D 58 35.69 25.97 -9.10
C VAL D 58 34.50 25.05 -9.31
N ARG D 59 34.44 23.89 -8.64
CA ARG D 59 33.27 23.00 -8.57
C ARG D 59 32.84 22.46 -9.93
N VAL D 60 33.79 22.36 -10.86
CA VAL D 60 33.58 21.72 -12.16
C VAL D 60 34.70 20.72 -12.36
N PRO D 61 34.56 19.75 -13.30
CA PRO D 61 35.69 18.87 -13.64
C PRO D 61 36.94 19.61 -14.06
N VAL D 62 38.00 19.51 -13.25
CA VAL D 62 39.13 20.41 -13.34
C VAL D 62 40.39 19.61 -13.63
N ILE D 63 41.34 20.25 -14.31
CA ILE D 63 42.65 19.68 -14.65
C ILE D 63 43.71 20.63 -14.12
N VAL D 64 44.58 20.16 -13.24
CA VAL D 64 45.64 20.97 -12.68
C VAL D 64 46.99 20.41 -13.10
N GLU D 65 48.03 21.21 -12.90
CA GLU D 65 49.36 20.90 -13.39
C GLU D 65 50.39 21.36 -12.37
N HIS D 66 51.36 20.49 -12.06
CA HIS D 66 52.45 20.83 -11.17
C HIS D 66 53.68 20.07 -11.62
N GLY D 67 54.86 20.66 -11.41
CA GLY D 67 56.09 20.12 -11.93
C GLY D 67 57.10 19.82 -10.84
N ALA D 68 58.26 19.35 -11.28
CA ALA D 68 59.36 19.03 -10.38
C ALA D 68 60.67 19.17 -11.14
N LEU D 69 61.72 19.53 -10.40
CA LEU D 69 63.07 19.71 -10.95
C LEU D 69 64.07 19.04 -10.01
N CYS D 70 63.86 17.75 -9.77
CA CYS D 70 64.75 16.94 -8.95
C CYS D 70 66.18 16.95 -9.48
N ILE D 71 67.14 17.22 -8.60
CA ILE D 71 68.55 17.37 -8.97
C ILE D 71 69.36 16.35 -8.20
N ASP D 72 70.32 15.70 -8.88
CA ASP D 72 71.14 14.67 -8.25
C ASP D 72 72.10 15.26 -7.22
N ALA D 73 72.60 16.47 -7.47
CA ALA D 73 73.57 17.06 -6.56
C ALA D 73 72.92 17.51 -5.27
N LEU D 74 71.61 17.77 -5.29
CA LEU D 74 70.88 18.19 -4.12
C LEU D 74 70.00 17.07 -3.58
N ASN D 75 70.31 15.83 -3.94
CA ASN D 75 69.60 14.61 -3.55
C ASN D 75 68.10 14.66 -3.85
N GLY D 76 67.72 15.23 -4.98
CA GLY D 76 66.32 15.35 -5.32
C GLY D 76 65.70 16.70 -5.03
N LEU D 77 66.41 17.58 -4.36
CA LEU D 77 65.88 18.91 -4.12
C LEU D 77 66.01 19.75 -5.38
N PRO D 78 65.03 20.63 -5.67
CA PRO D 78 63.79 20.94 -4.94
C PRO D 78 62.68 19.89 -5.01
N GLY D 79 62.59 19.13 -6.09
CA GLY D 79 61.43 18.28 -6.27
C GLY D 79 60.23 19.15 -6.62
N ALA D 80 59.11 18.93 -5.94
CA ALA D 80 57.92 19.76 -6.14
C ALA D 80 58.01 21.11 -5.44
N LEU D 81 59.16 21.42 -4.83
CA LEU D 81 59.48 22.69 -4.21
C LEU D 81 60.18 23.65 -5.17
N VAL D 82 59.92 23.52 -6.47
CA VAL D 82 60.67 24.28 -7.48
C VAL D 82 60.18 25.72 -7.58
N LYS D 83 58.93 26.00 -7.18
CA LYS D 83 58.37 27.34 -7.22
C LYS D 83 59.09 28.34 -6.31
N PRO D 84 59.46 28.04 -5.05
CA PRO D 84 60.25 29.03 -4.31
C PRO D 84 61.75 28.99 -4.56
N PHE D 85 62.29 28.03 -5.32
CA PHE D 85 63.72 28.12 -5.61
C PHE D 85 64.01 29.17 -6.67
N TRP D 86 63.27 29.13 -7.78
CA TRP D 86 63.48 30.10 -8.85
C TRP D 86 63.10 31.51 -8.41
N GLU D 87 62.24 31.64 -7.40
CA GLU D 87 62.02 32.93 -6.77
C GLU D 87 63.26 33.37 -5.99
N SER D 88 63.86 32.46 -5.22
CA SER D 88 65.01 32.83 -4.40
C SER D 88 66.30 32.83 -5.20
N LEU D 89 66.70 31.66 -5.70
CA LEU D 89 67.91 31.52 -6.50
C LEU D 89 67.52 31.64 -7.96
N ASP D 90 67.81 32.78 -8.59
CA ASP D 90 67.37 32.91 -9.98
C ASP D 90 68.35 32.21 -10.91
N THR D 91 69.54 32.77 -11.08
CA THR D 91 70.58 32.10 -11.87
C THR D 91 71.77 31.70 -11.02
N ARG D 92 71.71 31.95 -9.71
CA ARG D 92 72.67 31.41 -8.77
C ARG D 92 72.45 29.91 -8.57
N LEU D 93 71.29 29.39 -8.99
CA LEU D 93 71.03 27.95 -8.96
C LEU D 93 71.99 27.19 -9.88
N CYS D 94 72.50 27.84 -10.92
CA CYS D 94 73.59 27.26 -11.70
C CYS D 94 74.90 27.24 -10.93
N GLU D 95 75.05 28.07 -9.90
CA GLU D 95 76.30 28.21 -9.18
C GLU D 95 76.35 27.40 -7.90
N VAL D 96 75.21 27.10 -7.28
CA VAL D 96 75.21 26.33 -6.05
C VAL D 96 75.41 24.84 -6.28
N ILE D 97 75.39 24.40 -7.53
CA ILE D 97 75.51 23.00 -7.89
C ILE D 97 76.93 22.77 -8.40
N PRO D 98 77.63 21.73 -7.94
CA PRO D 98 79.03 21.54 -8.35
C PRO D 98 79.15 21.14 -9.81
N ALA D 99 80.18 21.65 -10.46
CA ALA D 99 80.45 21.28 -11.84
C ALA D 99 81.02 19.88 -11.90
N GLY D 100 80.40 19.02 -12.71
CA GLY D 100 80.76 17.63 -12.83
C GLY D 100 79.65 16.66 -12.48
N GLN D 101 78.66 17.09 -11.72
CA GLN D 101 77.51 16.27 -11.35
C GLN D 101 76.22 17.06 -11.55
N ARG D 102 76.10 17.67 -12.73
CA ARG D 102 74.99 18.57 -13.05
C ARG D 102 73.69 17.87 -13.41
N THR D 103 73.61 16.53 -13.31
CA THR D 103 72.45 15.82 -13.83
C THR D 103 71.21 16.02 -12.96
N ALA D 104 70.06 16.07 -13.62
CA ALA D 104 68.79 16.38 -12.98
C ALA D 104 67.66 15.79 -13.81
N ARG D 105 66.48 15.74 -13.23
CA ARG D 105 65.27 15.28 -13.91
C ARG D 105 64.23 16.38 -13.88
N ALA D 106 63.64 16.68 -15.03
CA ALA D 106 62.52 17.61 -15.12
C ALA D 106 61.24 16.78 -15.19
N ARG D 107 60.53 16.71 -14.08
CA ARG D 107 59.28 15.96 -14.01
C ARG D 107 58.10 16.91 -14.10
N GLY D 108 56.97 16.37 -14.53
CA GLY D 108 55.76 17.17 -14.67
C GLY D 108 54.56 16.26 -14.60
N ALA D 109 53.49 16.78 -14.00
CA ALA D 109 52.34 15.95 -13.73
C ALA D 109 51.04 16.70 -13.99
N LEU D 110 50.12 16.03 -14.66
CA LEU D 110 48.73 16.46 -14.78
C LEU D 110 47.88 15.60 -13.86
N CYS D 111 46.88 16.21 -13.23
CA CYS D 111 45.89 15.48 -12.45
C CYS D 111 44.52 16.07 -12.74
N TYR D 112 43.62 15.25 -13.28
CA TYR D 112 42.27 15.68 -13.54
C TYR D 112 41.32 15.07 -12.52
N CYS D 113 40.41 15.91 -12.01
CA CYS D 113 39.45 15.50 -11.00
C CYS D 113 38.06 15.84 -11.52
N ASP D 114 37.21 14.84 -11.65
CA ASP D 114 35.84 15.06 -12.08
C ASP D 114 34.86 15.24 -10.94
N GLY D 115 35.35 15.22 -9.70
CA GLY D 115 34.51 15.33 -8.53
C GLY D 115 34.39 14.06 -7.72
N ARG D 116 34.89 12.95 -8.27
CA ARG D 116 34.75 11.63 -7.59
C ARG D 116 36.09 10.89 -7.61
N GLU D 117 36.92 11.17 -8.60
CA GLU D 117 38.20 10.43 -8.74
C GLU D 117 39.33 11.37 -9.19
N ARG D 118 40.55 11.08 -8.76
CA ARG D 118 41.73 11.87 -9.12
C ARG D 118 42.72 10.96 -9.83
N HIS D 119 42.98 11.24 -11.10
CA HIS D 119 43.87 10.44 -11.91
C HIS D 119 45.08 11.27 -12.30
N VAL D 120 46.27 10.76 -11.99
CA VAL D 120 47.52 11.49 -12.15
C VAL D 120 48.28 10.92 -13.35
N LEU D 121 48.69 11.79 -14.27
CA LEU D 121 49.52 11.44 -15.40
C LEU D 121 50.88 12.10 -15.21
N ILE D 122 51.96 11.32 -15.24
CA ILE D 122 53.30 11.82 -14.96
C ILE D 122 54.21 11.49 -16.13
N GLU D 123 54.86 12.51 -16.69
CA GLU D 123 55.98 12.32 -17.59
C GLU D 123 57.22 12.98 -17.00
N GLU D 124 58.35 12.78 -17.68
CA GLU D 124 59.66 12.98 -17.07
C GLU D 124 60.71 13.08 -18.14
N THR D 125 61.66 14.01 -17.96
CA THR D 125 62.73 14.24 -18.94
C THR D 125 64.06 14.30 -18.23
N GLU D 126 64.96 13.37 -18.58
CA GLU D 126 66.33 13.42 -18.10
C GLU D 126 67.05 14.63 -18.70
N GLY D 127 67.98 15.18 -17.93
CA GLY D 127 68.74 16.30 -18.42
C GLY D 127 69.89 16.64 -17.51
N GLU D 128 70.37 17.88 -17.63
CA GLU D 128 71.45 18.37 -16.79
C GLU D 128 71.38 19.89 -16.74
N ILE D 129 71.71 20.44 -15.58
CA ILE D 129 71.66 21.89 -15.38
C ILE D 129 72.79 22.55 -16.16
N ALA D 130 72.50 23.66 -16.83
CA ALA D 130 73.49 24.36 -17.62
C ALA D 130 74.56 24.97 -16.72
N PRO D 131 75.78 25.18 -17.24
CA PRO D 131 76.79 25.90 -16.46
C PRO D 131 76.44 27.37 -16.22
N SER D 132 75.65 27.97 -17.10
CA SER D 132 75.14 29.31 -16.89
C SER D 132 73.86 29.44 -17.69
N ALA D 133 73.01 30.37 -17.28
CA ALA D 133 71.72 30.55 -17.94
C ALA D 133 71.90 31.16 -19.32
N ARG D 134 71.29 30.52 -20.31
CA ARG D 134 71.35 31.00 -21.69
C ARG D 134 69.99 30.79 -22.34
N GLY D 135 69.62 31.72 -23.21
CA GLY D 135 68.36 31.65 -23.90
C GLY D 135 67.37 32.67 -23.37
N THR D 136 66.46 33.10 -24.24
CA THR D 136 65.49 34.14 -23.91
C THR D 136 64.05 33.67 -23.90
N GLY D 137 63.69 32.67 -24.70
CA GLY D 137 62.32 32.22 -24.80
C GLY D 137 61.88 31.44 -23.58
N GLY D 138 60.62 31.03 -23.59
CA GLY D 138 60.12 30.25 -22.49
C GLY D 138 59.88 31.09 -21.25
N PHE D 139 59.96 30.43 -20.10
CA PHE D 139 59.71 31.06 -18.81
C PHE D 139 60.53 30.37 -17.74
N HIS D 140 60.10 30.42 -16.48
CA HIS D 140 60.83 29.99 -15.27
C HIS D 140 61.65 28.70 -15.45
N TRP D 141 62.93 28.79 -15.10
CA TRP D 141 63.97 27.76 -15.18
C TRP D 141 64.21 27.17 -16.56
N ASP D 142 63.59 27.68 -17.61
CA ASP D 142 63.98 27.23 -18.94
C ASP D 142 65.39 27.64 -19.41
N PRO D 143 65.98 28.77 -19.00
CA PRO D 143 67.39 29.00 -19.38
C PRO D 143 68.42 28.12 -18.68
N ILE D 144 68.07 27.26 -17.73
CA ILE D 144 69.07 26.51 -17.00
C ILE D 144 69.04 25.01 -17.27
N PHE D 145 68.03 24.50 -17.97
CA PHE D 145 67.86 23.06 -18.15
C PHE D 145 68.18 22.66 -19.58
N ILE D 146 69.10 21.72 -19.75
CA ILE D 146 69.48 21.17 -21.04
C ILE D 146 69.08 19.69 -21.07
N PRO D 147 68.22 19.27 -21.99
CA PRO D 147 67.81 17.86 -22.03
C PRO D 147 68.94 16.96 -22.49
N LYS D 148 68.76 15.66 -22.26
CA LYS D 148 69.79 14.70 -22.59
C LYS D 148 69.87 14.50 -24.10
N GLY D 149 71.08 14.54 -24.63
CA GLY D 149 71.32 14.47 -26.06
C GLY D 149 71.38 15.83 -26.73
N GLN D 150 70.50 16.73 -26.34
CA GLN D 150 70.48 18.08 -26.88
C GLN D 150 71.60 18.90 -26.23
N THR D 151 72.09 19.90 -26.97
CA THR D 151 73.03 20.85 -26.41
C THR D 151 72.37 22.13 -25.92
N ARG D 152 71.17 22.44 -26.39
CA ARG D 152 70.51 23.71 -26.10
C ARG D 152 69.55 23.56 -24.91
N THR D 153 69.10 24.70 -24.41
CA THR D 153 68.17 24.76 -23.29
C THR D 153 66.74 24.76 -23.81
N PHE D 154 65.78 24.73 -22.88
CA PHE D 154 64.39 24.97 -23.25
C PHE D 154 64.16 26.41 -23.68
N ALA D 155 64.98 27.35 -23.17
CA ALA D 155 64.81 28.74 -23.53
C ALA D 155 65.31 29.02 -24.94
N GLU D 156 66.32 28.29 -25.38
CA GLU D 156 66.89 28.49 -26.70
C GLU D 156 66.03 27.90 -27.81
N MET D 157 65.09 27.04 -27.48
CA MET D 157 64.27 26.37 -28.48
C MET D 157 62.89 27.02 -28.56
N SER D 158 62.26 26.88 -29.72
CA SER D 158 60.92 27.42 -29.94
C SER D 158 59.89 26.54 -29.23
N LEU D 159 58.62 26.95 -29.31
CA LEU D 159 57.58 26.25 -28.59
C LEU D 159 57.27 24.90 -29.21
N ASP D 160 57.44 24.76 -30.53
CA ASP D 160 57.31 23.45 -31.15
C ASP D 160 58.48 22.56 -30.77
N GLU D 161 59.67 23.14 -30.66
CA GLU D 161 60.86 22.35 -30.35
C GLU D 161 60.97 22.06 -28.86
N LYS D 162 60.44 22.93 -28.00
CA LYS D 162 60.47 22.67 -26.57
C LYS D 162 59.55 21.54 -26.19
N LEU D 163 58.36 21.49 -26.81
CA LEU D 163 57.38 20.44 -26.53
C LEU D 163 57.74 19.11 -27.16
N SER D 164 58.77 19.04 -28.00
CA SER D 164 59.29 17.75 -28.42
C SER D 164 60.29 17.17 -27.44
N PHE D 165 60.58 17.88 -26.34
CA PHE D 165 61.47 17.39 -25.30
C PHE D 165 60.84 17.45 -23.93
N SER D 166 59.99 18.46 -23.69
CA SER D 166 59.44 18.72 -22.37
C SER D 166 58.42 17.65 -21.99
N PRO D 167 58.15 17.48 -20.69
CA PRO D 167 57.13 16.50 -20.28
C PRO D 167 55.72 16.79 -20.76
N LEU D 168 55.40 18.05 -21.08
CA LEU D 168 54.04 18.36 -21.52
C LEU D 168 53.75 17.83 -22.92
N GLY D 169 54.78 17.65 -23.74
CA GLY D 169 54.57 17.15 -25.10
C GLY D 169 54.16 15.70 -25.17
N ARG D 170 54.43 14.93 -24.12
CA ARG D 170 53.91 13.58 -24.00
C ARG D 170 52.63 13.52 -23.19
N LEU D 171 52.34 14.57 -22.43
CA LEU D 171 51.12 14.65 -21.63
C LEU D 171 49.94 15.22 -22.41
N HIS D 172 50.16 15.84 -23.57
CA HIS D 172 49.03 16.22 -24.41
C HIS D 172 48.27 15.00 -24.90
N THR D 173 48.99 14.03 -25.44
CA THR D 173 48.37 12.88 -26.07
C THR D 173 47.71 11.96 -25.04
N ARG D 174 48.30 11.87 -23.84
CA ARG D 174 47.71 11.07 -22.80
C ARG D 174 46.48 11.73 -22.19
N LEU D 175 46.45 13.06 -22.17
CA LEU D 175 45.27 13.75 -21.65
C LEU D 175 44.16 13.77 -22.69
N ARG D 176 44.51 13.86 -23.98
CA ARG D 176 43.51 13.84 -25.03
C ARG D 176 42.86 12.48 -25.16
N THR D 177 43.64 11.41 -25.02
CA THR D 177 43.10 10.07 -25.19
C THR D 177 42.21 9.67 -24.04
N GLU D 178 42.65 9.95 -22.80
CA GLU D 178 41.89 9.52 -21.64
C GLU D 178 40.64 10.36 -21.39
N LEU D 179 40.58 11.57 -21.95
CA LEU D 179 39.41 12.42 -21.76
C LEU D 179 38.58 12.59 -23.03
N GLY D 180 39.09 12.16 -24.18
CA GLY D 180 38.34 12.32 -25.40
C GLY D 180 38.29 13.74 -25.91
N LEU D 181 39.31 14.53 -25.64
CA LEU D 181 39.32 15.93 -26.04
C LEU D 181 39.52 16.06 -27.54
N ALA E 2 -15.87 -29.10 31.54
CA ALA E 2 -14.84 -29.95 30.98
C ALA E 2 -13.50 -29.72 31.68
N PRO E 3 -12.74 -30.78 31.90
CA PRO E 3 -11.44 -30.65 32.56
C PRO E 3 -10.44 -29.91 31.70
N THR E 4 -9.41 -29.36 32.36
CA THR E 4 -8.29 -28.75 31.67
C THR E 4 -6.97 -29.47 31.89
N TRP E 5 -6.87 -30.30 32.92
CA TRP E 5 -5.70 -31.12 33.18
C TRP E 5 -6.13 -32.58 33.24
N PHE E 6 -5.24 -33.46 32.81
CA PHE E 6 -5.55 -34.88 32.69
C PHE E 6 -4.44 -35.69 33.36
N TYR E 7 -4.81 -36.51 34.33
CA TYR E 7 -3.86 -37.36 35.02
C TYR E 7 -3.81 -38.71 34.33
N ASN E 8 -2.66 -39.04 33.74
CA ASN E 8 -2.49 -40.23 32.92
C ASN E 8 -1.82 -41.32 33.75
N THR E 9 -2.52 -42.43 33.92
CA THR E 9 -1.92 -43.61 34.51
C THR E 9 -2.63 -44.86 33.99
N THR E 10 -1.88 -45.93 33.85
CA THR E 10 -2.47 -47.24 33.58
C THR E 10 -2.65 -48.06 34.83
N ASN E 11 -2.16 -47.57 35.97
CA ASN E 11 -2.24 -48.28 37.23
C ASN E 11 -3.51 -47.84 37.94
N SER E 12 -4.47 -48.75 38.05
CA SER E 12 -5.76 -48.44 38.62
C SER E 12 -5.74 -48.27 40.13
N GLU E 13 -4.62 -48.61 40.79
CA GLU E 13 -4.47 -48.37 42.21
C GLU E 13 -3.94 -46.98 42.50
N LYS E 14 -3.15 -46.42 41.60
CA LYS E 14 -2.78 -45.01 41.70
C LYS E 14 -3.97 -44.11 41.42
N LEU E 15 -4.92 -44.59 40.61
CA LEU E 15 -6.06 -43.79 40.22
C LEU E 15 -7.00 -43.56 41.39
N ARG E 16 -7.24 -44.58 42.22
CA ARG E 16 -8.12 -44.39 43.36
C ARG E 16 -7.46 -43.66 44.51
N GLU E 17 -6.13 -43.55 44.50
CA GLU E 17 -5.48 -42.72 45.51
C GLU E 17 -5.61 -41.24 45.18
N LEU E 18 -5.33 -40.87 43.93
CA LEU E 18 -5.40 -39.48 43.55
C LEU E 18 -6.84 -38.99 43.42
N GLN E 19 -7.79 -39.88 43.21
CA GLN E 19 -9.19 -39.50 43.29
C GLN E 19 -9.71 -39.45 44.71
N HIS E 20 -8.94 -39.91 45.69
CA HIS E 20 -9.38 -39.81 47.07
C HIS E 20 -9.22 -38.40 47.62
N VAL E 21 -8.28 -37.63 47.07
CA VAL E 21 -7.98 -36.29 47.56
C VAL E 21 -8.26 -35.24 46.48
N LEU E 22 -7.73 -35.44 45.28
CA LEU E 22 -8.00 -34.55 44.15
C LEU E 22 -9.20 -34.99 43.33
N GLY E 23 -10.11 -35.75 43.90
CA GLY E 23 -11.23 -36.27 43.14
C GLY E 23 -12.35 -35.27 42.93
N GLY E 24 -12.63 -34.44 43.92
CA GLY E 24 -13.68 -33.45 43.81
C GLY E 24 -13.37 -32.25 42.95
N SER E 25 -12.13 -32.14 42.47
CA SER E 25 -11.75 -31.06 41.58
C SER E 25 -12.34 -31.31 40.19
N ALA E 26 -13.18 -30.39 39.74
CA ALA E 26 -13.83 -30.51 38.44
C ALA E 26 -12.92 -30.12 37.28
N LYS E 27 -11.71 -29.66 37.55
CA LYS E 27 -10.78 -29.26 36.52
C LYS E 27 -9.78 -30.35 36.16
N LEU E 28 -9.95 -31.55 36.69
CA LEU E 28 -9.00 -32.64 36.49
C LEU E 28 -9.71 -33.82 35.85
N GLY E 29 -9.21 -34.24 34.69
CA GLY E 29 -9.68 -35.43 34.02
C GLY E 29 -8.70 -36.56 34.17
N TYR E 30 -9.05 -37.71 33.58
CA TYR E 30 -8.29 -38.93 33.77
C TYR E 30 -8.15 -39.67 32.45
N LEU E 31 -6.92 -40.06 32.12
CA LEU E 31 -6.61 -40.82 30.92
C LEU E 31 -5.79 -42.05 31.30
N THR E 32 -5.68 -43.00 30.38
CA THR E 32 -5.05 -44.30 30.66
C THR E 32 -4.07 -44.70 29.58
N ALA E 33 -3.30 -43.76 29.04
CA ALA E 33 -2.36 -44.09 27.99
C ALA E 33 -1.11 -44.75 28.57
N LYS E 34 -0.56 -45.71 27.83
CA LYS E 34 0.57 -46.50 28.27
C LYS E 34 1.83 -45.96 27.63
N VAL E 35 2.81 -45.60 28.46
CA VAL E 35 4.08 -45.06 27.98
C VAL E 35 5.20 -45.99 28.41
N THR E 36 6.37 -45.76 27.81
CA THR E 36 7.56 -46.57 28.07
C THR E 36 8.62 -45.68 28.68
N GLU E 37 9.13 -46.09 29.83
CA GLU E 37 10.13 -45.28 30.52
C GLU E 37 11.52 -45.56 29.99
N ILE E 38 12.41 -44.59 30.19
CA ILE E 38 13.80 -44.74 29.79
C ILE E 38 14.56 -45.45 30.91
N LEU E 39 15.75 -45.94 30.59
CA LEU E 39 16.54 -46.73 31.53
C LEU E 39 17.50 -45.80 32.26
N ASP E 40 17.11 -45.38 33.47
CA ASP E 40 17.96 -44.54 34.30
C ASP E 40 17.47 -44.65 35.74
N VAL E 41 18.41 -44.66 36.69
CA VAL E 41 18.02 -44.76 38.09
C VAL E 41 17.59 -43.43 38.68
N ASP E 42 17.90 -42.32 38.04
CA ASP E 42 17.53 -41.01 38.57
C ASP E 42 16.06 -40.76 38.35
N LEU E 43 15.34 -40.41 39.42
CA LEU E 43 13.90 -40.18 39.33
C LEU E 43 13.58 -38.95 38.51
N GLU E 44 14.36 -37.87 38.69
CA GLU E 44 14.17 -36.62 37.95
C GLU E 44 14.31 -36.82 36.44
N THR E 45 15.21 -37.71 36.02
CA THR E 45 15.41 -37.93 34.60
C THR E 45 14.27 -38.74 33.99
N VAL E 46 13.74 -39.72 34.73
CA VAL E 46 12.73 -40.61 34.17
C VAL E 46 11.37 -39.93 34.11
N ILE E 47 10.98 -39.21 35.16
CA ILE E 47 9.68 -38.54 35.20
C ILE E 47 9.63 -37.39 34.19
N ARG E 48 10.78 -36.80 33.87
CA ARG E 48 10.82 -35.73 32.89
C ARG E 48 10.72 -36.26 31.47
N ALA E 49 11.27 -37.44 31.21
CA ALA E 49 11.12 -38.10 29.92
C ALA E 49 9.82 -38.88 29.81
N LYS E 50 9.08 -39.03 30.90
CA LYS E 50 7.79 -39.71 30.86
C LYS E 50 6.68 -38.75 30.48
N ALA E 51 6.81 -37.48 30.84
CA ALA E 51 5.80 -36.49 30.48
C ALA E 51 5.87 -36.08 29.02
N ILE E 52 7.08 -36.04 28.44
CA ILE E 52 7.20 -35.72 27.03
C ILE E 52 6.70 -36.90 26.19
N ALA E 53 6.75 -38.12 26.73
CA ALA E 53 6.25 -39.28 26.01
C ALA E 53 4.76 -39.48 26.21
N ALA E 54 4.17 -38.89 27.24
CA ALA E 54 2.73 -38.99 27.43
C ALA E 54 1.98 -37.82 26.83
N TYR E 55 2.61 -36.65 26.71
CA TYR E 55 2.00 -35.57 25.94
C TYR E 55 1.93 -35.92 24.47
N ARG E 56 2.92 -36.65 23.96
CA ARG E 56 2.92 -37.08 22.58
C ARG E 56 1.79 -38.07 22.30
N ALA E 57 1.33 -38.79 23.32
CA ALA E 57 0.24 -39.74 23.13
C ALA E 57 -1.11 -39.05 23.17
N VAL E 58 -1.38 -38.24 24.19
CA VAL E 58 -2.74 -37.76 24.41
C VAL E 58 -2.98 -36.32 23.96
N ARG E 59 -1.93 -35.52 23.76
CA ARG E 59 -1.98 -34.20 23.13
C ARG E 59 -2.83 -33.19 23.89
N VAL E 60 -2.97 -33.39 25.19
CA VAL E 60 -3.63 -32.43 26.09
C VAL E 60 -2.68 -32.17 27.24
N PRO E 61 -2.89 -31.08 28.03
CA PRO E 61 -2.10 -30.89 29.25
C PRO E 61 -2.19 -32.05 30.23
N VAL E 62 -1.06 -32.73 30.43
CA VAL E 62 -1.05 -34.05 31.06
C VAL E 62 -0.21 -34.00 32.33
N ILE E 63 -0.57 -34.86 33.29
CA ILE E 63 0.14 -35.00 34.55
C ILE E 63 0.51 -36.47 34.69
N VAL E 64 1.80 -36.77 34.83
CA VAL E 64 2.26 -38.14 34.98
C VAL E 64 2.93 -38.30 36.34
N GLU E 65 3.15 -39.55 36.73
CA GLU E 65 3.62 -39.89 38.06
C GLU E 65 4.59 -41.05 37.97
N HIS E 66 5.73 -40.94 38.65
CA HIS E 66 6.69 -42.03 38.71
C HIS E 66 7.39 -41.95 40.06
N GLY E 67 7.79 -43.11 40.58
CA GLY E 67 8.31 -43.21 41.92
C GLY E 67 9.73 -43.78 41.96
N ALA E 68 10.23 -43.90 43.18
CA ALA E 68 11.56 -44.45 43.41
C ALA E 68 11.60 -45.08 44.79
N LEU E 69 12.42 -46.12 44.93
CA LEU E 69 12.59 -46.83 46.19
C LEU E 69 14.10 -47.06 46.42
N CYS E 70 14.85 -45.97 46.43
CA CYS E 70 16.28 -46.00 46.69
C CYS E 70 16.60 -46.63 48.04
N ILE E 71 17.53 -47.58 48.05
CA ILE E 71 17.88 -48.36 49.23
C ILE E 71 19.36 -48.16 49.53
N ASP E 72 19.68 -47.98 50.81
CA ASP E 72 21.08 -47.74 51.21
C ASP E 72 21.94 -48.98 51.03
N ALA E 73 21.36 -50.16 51.25
CA ALA E 73 22.15 -51.39 51.16
C ALA E 73 22.49 -51.73 49.72
N LEU E 74 21.70 -51.23 48.78
CA LEU E 74 21.94 -51.47 47.36
C LEU E 74 22.48 -50.23 46.66
N ASN E 75 23.03 -49.30 47.44
CA ASN E 75 23.61 -48.03 46.98
C ASN E 75 22.66 -47.20 46.13
N GLY E 76 21.38 -47.18 46.48
CA GLY E 76 20.40 -46.45 45.73
C GLY E 76 19.58 -47.28 44.75
N LEU E 77 19.92 -48.53 44.58
CA LEU E 77 19.12 -49.38 43.72
C LEU E 77 17.86 -49.82 44.46
N PRO E 78 16.73 -49.94 43.75
CA PRO E 78 16.47 -49.71 42.33
C PRO E 78 16.42 -48.25 41.86
N GLY E 79 16.04 -47.33 42.72
CA GLY E 79 15.81 -45.97 42.25
C GLY E 79 14.52 -45.96 41.44
N ALA E 80 14.56 -45.34 40.26
CA ALA E 80 13.41 -45.34 39.37
C ALA E 80 13.22 -46.64 38.61
N LEU E 81 14.03 -47.65 38.93
CA LEU E 81 13.93 -49.01 38.40
C LEU E 81 13.10 -49.92 39.30
N VAL E 82 12.14 -49.35 40.03
CA VAL E 82 11.40 -50.12 41.04
C VAL E 82 10.33 -51.00 40.40
N LYS E 83 9.85 -50.66 39.21
CA LYS E 83 8.83 -51.43 38.51
C LYS E 83 9.28 -52.85 38.15
N PRO E 84 10.49 -53.12 37.62
CA PRO E 84 10.86 -54.52 37.42
C PRO E 84 11.45 -55.23 38.64
N PHE E 85 11.69 -54.55 39.77
CA PHE E 85 12.13 -55.32 40.94
C PHE E 85 10.98 -56.05 41.59
N TRP E 86 9.87 -55.35 41.85
CA TRP E 86 8.72 -55.98 42.47
C TRP E 86 8.08 -57.03 41.56
N GLU E 87 8.29 -56.92 40.24
CA GLU E 87 7.94 -58.01 39.35
C GLU E 87 8.85 -59.22 39.56
N SER E 88 10.16 -58.99 39.68
CA SER E 88 11.09 -60.11 39.83
C SER E 88 11.15 -60.59 41.27
N LEU E 89 11.63 -59.74 42.18
CA LEU E 89 11.74 -60.08 43.60
C LEU E 89 10.48 -59.60 44.29
N ASP E 90 9.57 -60.52 44.63
CA ASP E 90 8.33 -60.05 45.23
C ASP E 90 8.52 -59.78 46.71
N THR E 91 8.69 -60.81 47.51
CA THR E 91 9.01 -60.63 48.93
C THR E 91 10.38 -61.15 49.28
N ARG E 92 11.12 -61.66 48.28
CA ARG E 92 12.53 -61.96 48.45
C ARG E 92 13.37 -60.69 48.54
N LEU E 93 12.79 -59.54 48.15
CA LEU E 93 13.44 -58.25 48.32
C LEU E 93 13.69 -57.91 49.78
N CYS E 94 12.86 -58.46 50.68
CA CYS E 94 13.17 -58.36 52.11
C CYS E 94 14.34 -59.24 52.51
N GLU E 95 14.68 -60.25 51.70
CA GLU E 95 15.72 -61.21 52.06
C GLU E 95 17.06 -60.90 51.43
N VAL E 96 17.10 -60.20 50.28
CA VAL E 96 18.36 -59.89 49.64
C VAL E 96 19.09 -58.73 50.31
N ILE E 97 18.44 -58.05 51.24
CA ILE E 97 19.00 -56.89 51.93
C ILE E 97 19.47 -57.33 53.31
N PRO E 98 20.67 -56.99 53.74
CA PRO E 98 21.17 -57.47 55.03
C PRO E 98 20.43 -56.85 56.21
N ALA E 99 20.22 -57.66 57.24
CA ALA E 99 19.58 -57.17 58.45
C ALA E 99 20.56 -56.31 59.24
N GLY E 100 20.15 -55.09 59.56
CA GLY E 100 20.99 -54.13 60.24
C GLY E 100 21.22 -52.84 59.48
N GLN E 101 21.03 -52.85 58.16
CA GLN E 101 21.16 -51.65 57.32
C GLN E 101 19.97 -51.56 56.37
N ARG E 102 18.78 -51.69 56.93
CA ARG E 102 17.54 -51.75 56.16
C ARG E 102 17.03 -50.40 55.68
N THR E 103 17.76 -49.31 55.88
CA THR E 103 17.23 -47.98 55.62
C THR E 103 17.12 -47.70 54.12
N ALA E 104 16.08 -46.97 53.75
CA ALA E 104 15.74 -46.70 52.36
C ALA E 104 14.93 -45.41 52.29
N ARG E 105 14.79 -44.88 51.08
CA ARG E 105 13.98 -43.70 50.82
C ARG E 105 12.91 -44.04 49.81
N ALA E 106 11.67 -43.68 50.10
CA ALA E 106 10.56 -43.80 49.16
C ALA E 106 10.33 -42.45 48.53
N ARG E 107 10.79 -42.28 47.30
CA ARG E 107 10.64 -41.03 46.59
C ARG E 107 9.49 -41.14 45.58
N GLY E 108 8.94 -40.00 45.22
CA GLY E 108 7.83 -39.96 44.29
C GLY E 108 7.78 -38.61 43.63
N ALA E 109 7.40 -38.59 42.36
CA ALA E 109 7.47 -37.38 41.58
C ALA E 109 6.26 -37.23 40.67
N LEU E 110 5.70 -36.03 40.65
CA LEU E 110 4.72 -35.61 39.67
C LEU E 110 5.40 -34.69 38.67
N CYS E 111 5.02 -34.81 37.40
CA CYS E 111 5.47 -33.89 36.37
C CYS E 111 4.30 -33.56 35.47
N TYR E 112 3.93 -32.28 35.41
CA TYR E 112 2.86 -31.84 34.54
C TYR E 112 3.43 -31.10 33.34
N CYS E 113 2.90 -31.42 32.16
CA CYS E 113 3.34 -30.83 30.91
C CYS E 113 2.13 -30.24 30.22
N ASP E 114 2.17 -28.93 29.96
CA ASP E 114 1.07 -28.26 29.25
C ASP E 114 1.30 -28.19 27.75
N GLY E 115 2.40 -28.73 27.26
CA GLY E 115 2.74 -28.67 25.86
C GLY E 115 3.93 -27.78 25.55
N ARG E 116 4.38 -27.01 26.54
CA ARG E 116 5.48 -26.04 26.32
C ARG E 116 6.52 -26.14 27.44
N GLU E 117 6.09 -26.57 28.63
CA GLU E 117 7.01 -26.62 29.79
C GLU E 117 6.74 -27.87 30.63
N ARG E 118 7.80 -28.40 31.26
CA ARG E 118 7.69 -29.58 32.13
C ARG E 118 8.16 -29.18 33.52
N HIS E 119 7.25 -29.24 34.49
CA HIS E 119 7.56 -28.86 35.86
C HIS E 119 7.44 -30.08 36.76
N VAL E 120 8.50 -30.39 37.49
CA VAL E 120 8.60 -31.60 38.29
C VAL E 120 8.44 -31.25 39.76
N LEU E 121 7.54 -31.94 40.45
CA LEU E 121 7.35 -31.82 41.89
C LEU E 121 7.78 -33.12 42.53
N ILE E 122 8.71 -33.06 43.48
CA ILE E 122 9.28 -34.25 44.10
C ILE E 122 9.10 -34.18 45.61
N GLU E 123 8.48 -35.21 46.18
CA GLU E 123 8.49 -35.44 47.62
C GLU E 123 9.16 -36.76 47.92
N GLU E 124 9.34 -37.05 49.20
CA GLU E 124 10.29 -38.06 49.65
C GLU E 124 10.00 -38.44 51.08
N THR E 125 10.10 -39.74 51.39
CA THR E 125 9.81 -40.25 52.72
C THR E 125 10.92 -41.19 53.16
N GLU E 126 11.61 -40.84 54.24
CA GLU E 126 12.57 -41.73 54.86
C GLU E 126 11.87 -42.94 55.47
N GLY E 127 12.55 -44.07 55.45
CA GLY E 127 11.99 -45.26 56.04
C GLY E 127 13.00 -46.37 56.13
N GLU E 128 12.49 -47.59 56.23
CA GLU E 128 13.33 -48.78 56.29
C GLU E 128 12.52 -49.97 55.82
N ILE E 129 13.19 -50.90 55.13
CA ILE E 129 12.54 -52.09 54.60
C ILE E 129 12.20 -53.02 55.75
N ALA E 130 11.00 -53.60 55.72
CA ALA E 130 10.56 -54.49 56.77
C ALA E 130 11.37 -55.79 56.75
N PRO E 131 11.49 -56.48 57.89
CA PRO E 131 12.14 -57.80 57.88
C PRO E 131 11.36 -58.86 57.12
N SER E 132 10.04 -58.71 57.01
CA SER E 132 9.22 -59.57 56.18
C SER E 132 7.98 -58.79 55.80
N ALA E 133 7.35 -59.20 54.71
CA ALA E 133 6.18 -58.49 54.21
C ALA E 133 4.98 -58.73 55.12
N ARG E 134 4.33 -57.64 55.53
CA ARG E 134 3.16 -57.72 56.38
C ARG E 134 2.16 -56.66 55.93
N GLY E 135 0.89 -57.00 56.05
CA GLY E 135 -0.18 -56.10 55.65
C GLY E 135 -0.83 -56.53 54.34
N THR E 136 -2.10 -56.18 54.20
CA THR E 136 -2.90 -56.58 53.04
C THR E 136 -3.35 -55.43 52.16
N GLY E 137 -3.54 -54.23 52.71
CA GLY E 137 -4.03 -53.12 51.92
C GLY E 137 -2.98 -52.55 51.00
N GLY E 138 -3.40 -51.54 50.23
CA GLY E 138 -2.46 -50.92 49.33
C GLY E 138 -2.15 -51.79 48.12
N PHE E 139 -0.96 -51.57 47.56
CA PHE E 139 -0.54 -52.28 46.35
C PHE E 139 0.98 -52.42 46.38
N HIS E 140 1.62 -52.54 45.21
CA HIS E 140 3.04 -52.89 45.01
C HIS E 140 3.99 -52.23 46.01
N TRP E 141 4.82 -53.07 46.65
CA TRP E 141 5.81 -52.78 47.68
C TRP E 141 5.29 -52.08 48.93
N ASP E 142 3.99 -51.90 49.08
CA ASP E 142 3.49 -51.42 50.36
C ASP E 142 3.63 -52.39 51.54
N PRO E 143 3.61 -53.73 51.40
CA PRO E 143 3.91 -54.55 52.58
C PRO E 143 5.36 -54.57 53.04
N ILE E 144 6.29 -53.92 52.36
CA ILE E 144 7.70 -54.03 52.75
C ILE E 144 8.29 -52.75 53.29
N PHE E 145 7.59 -51.62 53.19
CA PHE E 145 8.15 -50.32 53.55
C PHE E 145 7.51 -49.81 54.84
N ILE E 146 8.36 -49.49 55.82
CA ILE E 146 7.93 -48.93 57.10
C ILE E 146 8.51 -47.53 57.21
N PRO E 147 7.68 -46.49 57.35
CA PRO E 147 8.21 -45.12 57.44
C PRO E 147 8.92 -44.88 58.76
N LYS E 148 9.68 -43.79 58.79
CA LYS E 148 10.47 -43.49 59.98
C LYS E 148 9.57 -42.99 61.10
N GLY E 149 9.76 -43.54 62.28
CA GLY E 149 8.92 -43.26 63.44
C GLY E 149 7.77 -44.22 63.59
N GLN E 150 7.13 -44.57 62.49
CA GLN E 150 6.03 -45.52 62.51
C GLN E 150 6.58 -46.93 62.65
N THR E 151 5.78 -47.83 63.24
CA THR E 151 6.10 -49.24 63.28
C THR E 151 5.45 -50.04 62.17
N ARG E 152 4.38 -49.54 61.58
CA ARG E 152 3.58 -50.27 60.60
C ARG E 152 4.01 -49.94 59.18
N THR E 153 3.53 -50.76 58.24
CA THR E 153 3.83 -50.58 56.83
C THR E 153 2.78 -49.69 56.18
N PHE E 154 2.97 -49.39 54.89
CA PHE E 154 1.91 -48.75 54.13
C PHE E 154 0.73 -49.68 53.90
N ALA E 155 0.99 -50.99 53.88
CA ALA E 155 -0.09 -51.95 53.66
C ALA E 155 -0.97 -52.09 54.89
N GLU E 156 -0.39 -51.93 56.07
CA GLU E 156 -1.15 -52.07 57.31
C GLU E 156 -2.01 -50.85 57.62
N MET E 157 -1.78 -49.73 56.95
CA MET E 157 -2.51 -48.50 57.23
C MET E 157 -3.58 -48.28 56.17
N SER E 158 -4.63 -47.55 56.56
CA SER E 158 -5.71 -47.23 55.64
C SER E 158 -5.26 -46.14 54.66
N LEU E 159 -6.16 -45.77 53.74
CA LEU E 159 -5.78 -44.82 52.69
C LEU E 159 -5.63 -43.40 53.24
N ASP E 160 -6.40 -43.06 54.28
CA ASP E 160 -6.18 -41.78 54.94
C ASP E 160 -4.88 -41.78 55.72
N GLU E 161 -4.53 -42.91 56.32
CA GLU E 161 -3.33 -42.98 57.13
C GLU E 161 -2.08 -43.16 56.28
N LYS E 162 -2.22 -43.80 55.11
CA LYS E 162 -1.06 -43.98 54.23
C LYS E 162 -0.65 -42.66 53.61
N LEU E 163 -1.63 -41.84 53.23
CA LEU E 163 -1.35 -40.53 52.62
C LEU E 163 -0.90 -39.49 53.63
N SER E 164 -0.94 -39.78 54.92
CA SER E 164 -0.30 -38.90 55.89
C SER E 164 1.18 -39.20 56.06
N PHE E 165 1.70 -40.20 55.34
CA PHE E 165 3.11 -40.55 55.39
C PHE E 165 3.72 -40.60 53.99
N SER E 166 2.94 -41.02 52.99
CA SER E 166 3.46 -41.26 51.66
C SER E 166 3.78 -39.95 50.96
N PRO E 167 4.65 -40.00 49.93
CA PRO E 167 4.97 -38.76 49.20
C PRO E 167 3.79 -38.13 48.47
N LEU E 168 2.73 -38.89 48.15
CA LEU E 168 1.62 -38.31 47.43
C LEU E 168 0.79 -37.38 48.31
N GLY E 169 0.81 -37.57 49.63
CA GLY E 169 0.03 -36.72 50.52
C GLY E 169 0.56 -35.32 50.65
N ARG E 170 1.83 -35.10 50.32
CA ARG E 170 2.38 -33.76 50.22
C ARG E 170 2.36 -33.22 48.79
N LEU E 171 2.18 -34.11 47.80
CA LEU E 171 2.09 -33.71 46.41
C LEU E 171 0.68 -33.36 45.97
N HIS E 172 -0.35 -33.68 46.75
CA HIS E 172 -1.69 -33.18 46.45
C HIS E 172 -1.75 -31.67 46.56
N THR E 173 -1.24 -31.14 47.67
CA THR E 173 -1.37 -29.72 47.95
C THR E 173 -0.49 -28.89 47.02
N ARG E 174 0.68 -29.42 46.65
CA ARG E 174 1.54 -28.71 45.73
C ARG E 174 1.01 -28.74 44.30
N LEU E 175 0.30 -29.81 43.92
CA LEU E 175 -0.28 -29.86 42.59
C LEU E 175 -1.55 -29.03 42.52
N ARG E 176 -2.32 -28.98 43.61
CA ARG E 176 -3.53 -28.17 43.63
C ARG E 176 -3.21 -26.68 43.61
N THR E 177 -2.16 -26.27 44.33
CA THR E 177 -1.83 -24.85 44.41
C THR E 177 -1.23 -24.34 43.11
N GLU E 178 -0.32 -25.11 42.50
CA GLU E 178 0.34 -24.64 41.29
C GLU E 178 -0.55 -24.73 40.06
N LEU E 179 -1.60 -25.54 40.08
CA LEU E 179 -2.49 -25.64 38.94
C LEU E 179 -3.85 -25.02 39.18
N GLY E 180 -4.18 -24.66 40.41
CA GLY E 180 -5.48 -24.09 40.69
C GLY E 180 -6.61 -25.08 40.63
N LEU E 181 -6.35 -26.33 40.97
CA LEU E 181 -7.37 -27.37 40.91
C LEU E 181 -8.39 -27.20 42.02
N ALA F 2 34.08 -48.46 0.49
CA ALA F 2 33.21 -47.90 1.52
C ALA F 2 32.41 -49.00 2.21
N PRO F 3 32.24 -48.89 3.52
CA PRO F 3 31.46 -49.89 4.26
C PRO F 3 29.99 -49.86 3.88
N THR F 4 29.33 -50.98 4.15
CA THR F 4 27.88 -51.07 3.99
C THR F 4 27.14 -51.30 5.30
N TRP F 5 27.82 -51.77 6.34
CA TRP F 5 27.25 -51.93 7.67
C TRP F 5 28.09 -51.14 8.67
N PHE F 6 27.42 -50.62 9.69
CA PHE F 6 28.05 -49.74 10.66
C PHE F 6 27.73 -50.21 12.05
N TYR F 7 28.76 -50.48 12.84
CA TYR F 7 28.59 -50.93 14.22
C TYR F 7 28.63 -49.71 15.13
N ASN F 8 27.51 -49.42 15.77
CA ASN F 8 27.33 -48.22 16.58
C ASN F 8 27.54 -48.57 18.05
N THR F 9 28.52 -47.94 18.67
CA THR F 9 28.70 -48.03 20.12
C THR F 9 29.41 -46.78 20.61
N THR F 10 29.06 -46.36 21.81
CA THR F 10 29.80 -45.31 22.50
C THR F 10 30.83 -45.88 23.46
N ASN F 11 30.84 -47.20 23.65
CA ASN F 11 31.75 -47.86 24.58
C ASN F 11 32.99 -48.25 23.80
N SER F 12 34.12 -47.60 24.11
CA SER F 12 35.36 -47.82 23.38
C SER F 12 36.02 -49.14 23.73
N GLU F 13 35.54 -49.84 24.74
CA GLU F 13 36.06 -51.17 25.06
C GLU F 13 35.34 -52.25 24.27
N LYS F 14 34.07 -52.04 23.93
CA LYS F 14 33.39 -52.93 23.01
C LYS F 14 33.94 -52.78 21.61
N LEU F 15 34.45 -51.58 21.29
CA LEU F 15 34.95 -51.31 19.94
C LEU F 15 36.22 -52.09 19.64
N ARG F 16 37.13 -52.18 20.61
CA ARG F 16 38.36 -52.93 20.36
C ARG F 16 38.15 -54.43 20.45
N GLU F 17 37.04 -54.90 21.01
CA GLU F 17 36.75 -56.33 20.97
C GLU F 17 36.24 -56.74 19.60
N LEU F 18 35.29 -55.98 19.06
CA LEU F 18 34.72 -56.35 17.77
C LEU F 18 35.68 -56.04 16.62
N GLN F 19 36.62 -55.13 16.82
CA GLN F 19 37.68 -54.95 15.84
C GLN F 19 38.79 -55.98 15.97
N HIS F 20 38.79 -56.78 17.02
CA HIS F 20 39.80 -57.82 17.14
C HIS F 20 39.51 -59.01 16.26
N VAL F 21 38.23 -59.24 15.92
CA VAL F 21 37.81 -60.38 15.12
C VAL F 21 37.18 -59.94 13.80
N LEU F 22 36.23 -59.02 13.86
CA LEU F 22 35.61 -58.47 12.67
C LEU F 22 36.30 -57.20 12.18
N GLY F 23 37.58 -57.02 12.52
CA GLY F 23 38.27 -55.80 12.15
C GLY F 23 38.76 -55.76 10.72
N GLY F 24 39.22 -56.91 10.21
CA GLY F 24 39.72 -56.97 8.85
C GLY F 24 38.66 -56.97 7.77
N SER F 25 37.39 -57.02 8.15
CA SER F 25 36.31 -56.92 7.18
C SER F 25 36.17 -55.51 6.67
N ALA F 26 36.35 -55.32 5.37
CA ALA F 26 36.27 -54.00 4.76
C ALA F 26 34.84 -53.53 4.53
N LYS F 27 33.85 -54.36 4.84
CA LYS F 27 32.45 -54.00 4.65
C LYS F 27 31.81 -53.48 5.93
N LEU F 28 32.58 -53.27 6.98
CA LEU F 28 32.04 -52.87 8.27
C LEU F 28 32.66 -51.55 8.68
N GLY F 29 31.81 -50.54 8.93
CA GLY F 29 32.24 -49.27 9.46
C GLY F 29 31.86 -49.14 10.92
N TYR F 30 32.22 -47.97 11.49
CA TYR F 30 32.06 -47.77 12.91
C TYR F 30 31.52 -46.38 13.19
N LEU F 31 30.48 -46.29 14.02
CA LEU F 31 29.87 -45.03 14.42
C LEU F 31 29.77 -45.00 15.94
N THR F 32 29.53 -43.80 16.49
CA THR F 32 29.55 -43.60 17.94
C THR F 32 28.35 -42.81 18.42
N ALA F 33 27.16 -43.08 17.87
CA ALA F 33 25.97 -42.35 18.29
C ALA F 33 25.45 -42.89 19.62
N LYS F 34 24.95 -41.98 20.46
CA LYS F 34 24.50 -42.30 21.79
C LYS F 34 22.97 -42.44 21.78
N VAL F 35 22.47 -43.59 22.22
CA VAL F 35 21.05 -43.85 22.26
C VAL F 35 20.63 -44.09 23.70
N THR F 36 19.32 -44.08 23.92
CA THR F 36 18.73 -44.24 25.25
C THR F 36 17.89 -45.51 25.23
N GLU F 37 18.17 -46.41 26.17
CA GLU F 37 17.46 -47.68 26.21
C GLU F 37 16.15 -47.54 26.97
N ILE F 38 15.22 -48.45 26.69
CA ILE F 38 13.94 -48.48 27.38
C ILE F 38 14.10 -49.28 28.66
N LEU F 39 13.13 -49.15 29.55
CA LEU F 39 13.19 -49.76 30.88
C LEU F 39 12.50 -51.12 30.82
N ASP F 40 13.27 -52.18 30.64
CA ASP F 40 12.74 -53.53 30.63
C ASP F 40 13.88 -54.50 30.93
N VAL F 41 13.59 -55.55 31.68
CA VAL F 41 14.63 -56.52 32.00
C VAL F 41 14.87 -57.53 30.89
N ASP F 42 13.96 -57.65 29.94
CA ASP F 42 14.10 -58.61 28.86
C ASP F 42 15.11 -58.10 27.85
N LEU F 43 16.12 -58.92 27.54
CA LEU F 43 17.17 -58.52 26.62
C LEU F 43 16.64 -58.36 25.20
N GLU F 44 15.77 -59.27 24.77
CA GLU F 44 15.18 -59.23 23.43
C GLU F 44 14.37 -57.95 23.20
N THR F 45 13.71 -57.45 24.24
CA THR F 45 12.92 -56.23 24.09
C THR F 45 13.79 -54.99 24.00
N VAL F 46 14.89 -54.95 24.76
CA VAL F 46 15.70 -53.75 24.81
C VAL F 46 16.57 -53.61 23.56
N ILE F 47 17.18 -54.71 23.11
CA ILE F 47 18.05 -54.66 21.93
C ILE F 47 17.24 -54.39 20.66
N ARG F 48 15.96 -54.77 20.66
CA ARG F 48 15.12 -54.52 19.50
C ARG F 48 14.66 -53.07 19.45
N ALA F 49 14.45 -52.45 20.61
CA ALA F 49 14.14 -51.03 20.69
C ALA F 49 15.38 -50.15 20.64
N LYS F 50 16.57 -50.74 20.72
CA LYS F 50 17.80 -49.98 20.63
C LYS F 50 18.23 -49.78 19.17
N ALA F 51 17.90 -50.75 18.32
CA ALA F 51 18.24 -50.64 16.90
C ALA F 51 17.33 -49.67 16.17
N ILE F 52 16.05 -49.60 16.55
CA ILE F 52 15.15 -48.63 15.92
C ILE F 52 15.52 -47.22 16.38
N ALA F 53 16.11 -47.08 17.56
CA ALA F 53 16.52 -45.77 18.04
C ALA F 53 17.89 -45.36 17.53
N ALA F 54 18.70 -46.31 17.08
CA ALA F 54 20.00 -45.98 16.49
C ALA F 54 19.95 -45.83 14.98
N TYR F 55 19.01 -46.50 14.31
CA TYR F 55 18.79 -46.23 12.89
C TYR F 55 18.23 -44.83 12.69
N ARG F 56 17.40 -44.37 13.63
CA ARG F 56 16.86 -43.02 13.55
C ARG F 56 17.93 -41.96 13.72
N ALA F 57 19.03 -42.31 14.38
CA ALA F 57 20.12 -41.35 14.56
C ALA F 57 21.03 -41.28 13.34
N VAL F 58 21.50 -42.44 12.86
CA VAL F 58 22.57 -42.45 11.86
C VAL F 58 22.09 -42.70 10.43
N ARG F 59 20.89 -43.26 10.24
CA ARG F 59 20.21 -43.38 8.95
C ARG F 59 20.97 -44.23 7.94
N VAL F 60 21.79 -45.16 8.42
CA VAL F 60 22.46 -46.15 7.60
C VAL F 60 22.19 -47.51 8.21
N PRO F 61 22.40 -48.62 7.45
CA PRO F 61 22.32 -49.96 8.06
C PRO F 61 23.23 -50.15 9.27
N VAL F 62 22.63 -50.34 10.44
CA VAL F 62 23.34 -50.20 11.70
C VAL F 62 23.27 -51.51 12.47
N ILE F 63 24.29 -51.76 13.27
CA ILE F 63 24.39 -52.94 14.13
C ILE F 63 24.61 -52.43 15.55
N VAL F 64 23.72 -52.80 16.47
CA VAL F 64 23.84 -52.40 17.86
C VAL F 64 24.02 -53.63 18.73
N GLU F 65 24.42 -53.40 19.98
CA GLU F 65 24.80 -54.46 20.90
C GLU F 65 24.34 -54.11 22.30
N HIS F 66 23.72 -55.07 22.98
CA HIS F 66 23.29 -54.88 24.36
C HIS F 66 23.37 -56.23 25.06
N GLY F 67 23.66 -56.21 26.35
CA GLY F 67 23.93 -57.41 27.10
C GLY F 67 22.97 -57.60 28.27
N ALA F 68 23.20 -58.69 29.00
CA ALA F 68 22.41 -59.02 30.17
C ALA F 68 23.26 -59.85 31.13
N LEU F 69 22.98 -59.70 32.42
CA LEU F 69 23.69 -60.43 33.47
C LEU F 69 22.65 -60.97 34.47
N CYS F 70 21.70 -61.75 33.95
CA CYS F 70 20.67 -62.39 34.76
C CYS F 70 21.29 -63.27 35.85
N ILE F 71 20.82 -63.09 37.09
CA ILE F 71 21.37 -63.77 38.26
C ILE F 71 20.25 -64.57 38.92
N ASP F 72 20.56 -65.81 39.33
CA ASP F 72 19.55 -66.68 39.94
C ASP F 72 19.15 -66.19 41.32
N ALA F 73 20.09 -65.61 42.06
CA ALA F 73 19.79 -65.18 43.42
C ALA F 73 18.91 -63.93 43.43
N LEU F 74 18.92 -63.16 42.34
CA LEU F 74 18.11 -61.97 42.23
C LEU F 74 16.94 -62.18 41.27
N ASN F 75 16.58 -63.45 41.02
CA ASN F 75 15.50 -63.88 40.14
C ASN F 75 15.60 -63.30 38.74
N GLY F 76 16.80 -63.20 38.20
CA GLY F 76 17.00 -62.65 36.88
C GLY F 76 17.44 -61.20 36.85
N LEU F 77 17.46 -60.54 37.99
CA LEU F 77 17.95 -59.18 38.02
C LEU F 77 19.47 -59.17 37.98
N PRO F 78 20.08 -58.18 37.30
CA PRO F 78 19.52 -57.06 36.55
C PRO F 78 18.87 -57.38 35.20
N GLY F 79 19.32 -58.43 34.52
CA GLY F 79 18.86 -58.63 33.16
C GLY F 79 19.50 -57.59 32.26
N ALA F 80 18.70 -56.94 31.42
CA ALA F 80 19.18 -55.86 30.57
C ALA F 80 19.37 -54.54 31.32
N LEU F 81 19.17 -54.55 32.64
CA LEU F 81 19.42 -53.42 33.53
C LEU F 81 20.82 -53.46 34.13
N VAL F 82 21.79 -54.03 33.42
CA VAL F 82 23.11 -54.25 33.98
C VAL F 82 23.95 -52.98 33.98
N LYS F 83 23.64 -52.02 33.10
CA LYS F 83 24.36 -50.76 33.01
C LYS F 83 24.26 -49.90 34.28
N PRO F 84 23.10 -49.72 34.94
CA PRO F 84 23.14 -48.97 36.20
C PRO F 84 23.47 -49.79 37.43
N PHE F 85 23.63 -51.11 37.35
CA PHE F 85 24.09 -51.83 38.54
C PHE F 85 25.57 -51.65 38.78
N TRP F 86 26.38 -51.86 37.73
CA TRP F 86 27.82 -51.69 37.86
C TRP F 86 28.21 -50.24 38.12
N GLU F 87 27.35 -49.30 37.74
CA GLU F 87 27.54 -47.92 38.18
C GLU F 87 27.28 -47.78 39.68
N SER F 88 26.21 -48.39 40.18
CA SER F 88 25.87 -48.25 41.59
C SER F 88 26.68 -49.20 42.45
N LEU F 89 26.47 -50.51 42.29
CA LEU F 89 27.18 -51.53 43.04
C LEU F 89 28.41 -51.94 42.23
N ASP F 90 29.60 -51.49 42.64
CA ASP F 90 30.77 -51.82 41.82
C ASP F 90 31.26 -53.22 42.15
N THR F 91 31.83 -53.42 43.32
CA THR F 91 32.22 -54.75 43.75
C THR F 91 31.43 -55.21 44.97
N ARG F 92 30.50 -54.39 45.44
CA ARG F 92 29.53 -54.79 46.44
C ARG F 92 28.50 -55.75 45.85
N LEU F 93 28.43 -55.83 44.51
CA LEU F 93 27.57 -56.80 43.83
C LEU F 93 28.00 -58.23 44.12
N CYS F 94 29.28 -58.45 44.42
CA CYS F 94 29.71 -59.75 44.94
C CYS F 94 29.22 -60.00 46.36
N GLU F 95 28.86 -58.95 47.10
CA GLU F 95 28.49 -59.09 48.50
C GLU F 95 26.98 -59.14 48.72
N VAL F 96 26.19 -58.57 47.83
CA VAL F 96 24.74 -58.58 48.00
C VAL F 96 24.12 -59.92 47.62
N ILE F 97 24.89 -60.82 47.04
CA ILE F 97 24.41 -62.12 46.58
C ILE F 97 24.87 -63.17 47.59
N PRO F 98 23.99 -64.07 48.04
CA PRO F 98 24.38 -65.04 49.07
C PRO F 98 25.37 -66.06 48.56
N ALA F 99 26.30 -66.44 49.42
CA ALA F 99 27.26 -67.47 49.07
C ALA F 99 26.60 -68.84 49.11
N GLY F 100 26.71 -69.57 48.01
CA GLY F 100 26.07 -70.86 47.85
C GLY F 100 25.11 -70.94 46.68
N GLN F 101 24.61 -69.80 46.19
CA GLN F 101 23.72 -69.76 45.03
C GLN F 101 24.18 -68.66 44.07
N ARG F 102 25.47 -68.68 43.76
CA ARG F 102 26.11 -67.64 42.96
C ARG F 102 25.89 -67.76 41.46
N THR F 103 25.04 -68.69 41.00
CA THR F 103 24.93 -68.96 39.57
C THR F 103 24.19 -67.85 38.84
N ALA F 104 24.63 -67.59 37.61
CA ALA F 104 24.13 -66.49 36.80
C ALA F 104 24.37 -66.80 35.33
N ARG F 105 23.72 -66.04 34.46
CA ARG F 105 23.88 -66.16 33.02
C ARG F 105 24.36 -64.84 32.46
N ALA F 106 25.40 -64.88 31.65
CA ALA F 106 25.87 -63.70 30.91
C ALA F 106 25.32 -63.80 29.50
N ARG F 107 24.29 -63.02 29.21
CA ARG F 107 23.67 -63.00 27.90
C ARG F 107 24.13 -61.78 27.12
N GLY F 108 24.06 -61.87 25.81
CA GLY F 108 24.49 -60.79 24.94
C GLY F 108 23.79 -60.90 23.61
N ALA F 109 23.47 -59.76 23.03
CA ALA F 109 22.64 -59.75 21.84
C ALA F 109 23.14 -58.71 20.85
N LEU F 110 23.21 -59.11 19.58
CA LEU F 110 23.38 -58.21 18.46
C LEU F 110 22.05 -58.06 17.74
N CYS F 111 21.77 -56.86 17.26
CA CYS F 111 20.61 -56.61 16.41
C CYS F 111 21.02 -55.68 15.30
N TYR F 112 20.89 -56.15 14.06
CA TYR F 112 21.20 -55.32 12.91
C TYR F 112 19.91 -54.89 12.22
N CYS F 113 19.86 -53.61 11.86
CA CYS F 113 18.70 -53.02 11.21
C CYS F 113 19.15 -52.36 9.92
N ASP F 114 18.60 -52.81 8.79
CA ASP F 114 18.93 -52.23 7.50
C ASP F 114 17.98 -51.13 7.09
N GLY F 115 17.01 -50.79 7.94
CA GLY F 115 16.01 -49.78 7.63
C GLY F 115 14.63 -50.33 7.39
N ARG F 116 14.51 -51.66 7.30
CA ARG F 116 13.21 -52.31 6.97
C ARG F 116 12.95 -53.47 7.92
N GLU F 117 14.02 -54.11 8.41
CA GLU F 117 13.86 -55.31 9.26
C GLU F 117 14.87 -55.30 10.40
N ARG F 118 14.51 -55.87 11.55
CA ARG F 118 15.37 -55.96 12.71
C ARG F 118 15.56 -57.44 13.05
N HIS F 119 16.79 -57.92 12.94
CA HIS F 119 17.12 -59.31 13.21
C HIS F 119 18.03 -59.41 14.42
N VAL F 120 17.63 -60.18 15.41
CA VAL F 120 18.32 -60.27 16.69
C VAL F 120 19.06 -61.58 16.77
N LEU F 121 20.35 -61.53 17.11
CA LEU F 121 21.18 -62.69 17.35
C LEU F 121 21.55 -62.71 18.82
N ILE F 122 21.24 -63.80 19.52
CA ILE F 122 21.46 -63.90 20.96
C ILE F 122 22.33 -65.10 21.27
N GLU F 123 23.43 -64.87 21.98
CA GLU F 123 24.20 -65.94 22.60
C GLU F 123 24.22 -65.73 24.11
N GLU F 124 24.80 -66.69 24.82
CA GLU F 124 24.54 -66.84 26.24
C GLU F 124 25.62 -67.75 26.85
N THR F 125 26.09 -67.38 28.04
CA THR F 125 27.14 -68.13 28.72
C THR F 125 26.75 -68.36 30.18
N GLU F 126 26.62 -69.63 30.56
CA GLU F 126 26.41 -69.99 31.95
C GLU F 126 27.66 -69.67 32.77
N GLY F 127 27.44 -69.32 34.01
CA GLY F 127 28.56 -69.03 34.89
C GLY F 127 28.12 -68.87 36.32
N GLU F 128 28.97 -68.19 37.09
CA GLU F 128 28.68 -67.91 38.49
C GLU F 128 29.48 -66.70 38.92
N ILE F 129 28.88 -65.88 39.80
CA ILE F 129 29.51 -64.67 40.28
C ILE F 129 30.65 -65.04 41.23
N ALA F 130 31.79 -64.36 41.08
CA ALA F 130 32.94 -64.63 41.92
C ALA F 130 32.67 -64.24 43.37
N PRO F 131 33.35 -64.86 44.33
CA PRO F 131 33.22 -64.40 45.74
C PRO F 131 33.81 -63.02 45.96
N SER F 132 34.78 -62.60 45.17
CA SER F 132 35.30 -61.25 45.21
C SER F 132 35.89 -60.94 43.85
N ALA F 133 35.97 -59.65 43.53
CA ALA F 133 36.46 -59.23 42.23
C ALA F 133 37.96 -59.49 42.10
N ARG F 134 38.36 -60.17 41.02
CA ARG F 134 39.75 -60.45 40.76
C ARG F 134 40.02 -60.30 39.28
N GLY F 135 41.21 -59.83 38.96
CA GLY F 135 41.60 -59.62 37.58
C GLY F 135 41.62 -58.15 37.20
N THR F 136 42.47 -57.81 36.23
CA THR F 136 42.67 -56.43 35.82
C THR F 136 42.24 -56.14 34.40
N GLY F 137 42.30 -57.11 33.50
CA GLY F 137 41.97 -56.88 32.11
C GLY F 137 40.48 -56.73 31.89
N GLY F 138 40.12 -56.47 30.63
CA GLY F 138 38.72 -56.33 30.30
C GLY F 138 38.15 -55.01 30.79
N PHE F 139 36.84 -55.03 31.04
CA PHE F 139 36.11 -53.82 31.45
C PHE F 139 34.94 -54.25 32.33
N HIS F 140 33.87 -53.43 32.38
CA HIS F 140 32.73 -53.53 33.30
C HIS F 140 32.26 -54.97 33.55
N TRP F 141 32.15 -55.33 34.83
CA TRP F 141 31.76 -56.63 35.41
C TRP F 141 32.59 -57.81 34.96
N ASP F 142 33.67 -57.63 34.22
CA ASP F 142 34.56 -58.76 33.98
C ASP F 142 35.32 -59.28 35.19
N PRO F 143 35.69 -58.50 36.22
CA PRO F 143 36.29 -59.14 37.40
C PRO F 143 35.35 -59.96 38.27
N ILE F 144 34.05 -60.02 38.00
CA ILE F 144 33.13 -60.71 38.91
C ILE F 144 32.52 -61.97 38.31
N PHE F 145 32.69 -62.23 37.02
CA PHE F 145 32.01 -63.33 36.35
C PHE F 145 33.00 -64.44 36.01
N ILE F 146 32.71 -65.65 36.47
CA ILE F 146 33.51 -66.83 36.20
C ILE F 146 32.67 -67.79 35.37
N PRO F 147 33.09 -68.16 34.16
CA PRO F 147 32.28 -69.07 33.33
C PRO F 147 32.28 -70.48 33.89
N LYS F 148 31.35 -71.28 33.40
CA LYS F 148 31.20 -72.65 33.90
C LYS F 148 32.33 -73.52 33.39
N GLY F 149 32.93 -74.28 34.29
CA GLY F 149 34.09 -75.10 34.00
C GLY F 149 35.40 -74.39 34.27
N GLN F 150 35.49 -73.12 33.90
CA GLN F 150 36.68 -72.33 34.13
C GLN F 150 36.75 -71.92 35.59
N THR F 151 37.96 -71.71 36.09
CA THR F 151 38.15 -71.15 37.42
C THR F 151 38.38 -69.65 37.41
N ARG F 152 38.80 -69.08 36.29
CA ARG F 152 39.20 -67.68 36.20
C ARG F 152 38.04 -66.82 35.71
N THR F 153 38.22 -65.51 35.85
CA THR F 153 37.22 -64.54 35.42
C THR F 153 37.49 -64.12 33.98
N PHE F 154 36.60 -63.29 33.44
CA PHE F 154 36.88 -62.65 32.16
C PHE F 154 38.01 -61.64 32.27
N ALA F 155 38.21 -61.05 33.45
CA ALA F 155 39.26 -60.08 33.62
C ALA F 155 40.63 -60.74 33.69
N GLU F 156 40.70 -61.96 34.20
CA GLU F 156 41.96 -62.67 34.31
C GLU F 156 42.45 -63.25 33.00
N MET F 157 41.58 -63.32 31.99
CA MET F 157 41.94 -63.93 30.72
C MET F 157 42.20 -62.85 29.69
N SER F 158 43.02 -63.20 28.69
CA SER F 158 43.35 -62.28 27.60
C SER F 158 42.16 -62.16 26.64
N LEU F 159 42.32 -61.31 25.62
CA LEU F 159 41.21 -61.05 24.72
C LEU F 159 40.93 -62.23 23.80
N ASP F 160 41.95 -63.01 23.46
CA ASP F 160 41.71 -64.24 22.73
C ASP F 160 41.04 -65.28 23.61
N GLU F 161 41.40 -65.33 24.89
CA GLU F 161 40.84 -66.32 25.79
C GLU F 161 39.47 -65.91 26.29
N LYS F 162 39.20 -64.61 26.39
CA LYS F 162 37.87 -64.17 26.83
C LYS F 162 36.82 -64.43 25.77
N LEU F 163 37.16 -64.22 24.51
CA LEU F 163 36.25 -64.46 23.40
C LEU F 163 36.06 -65.93 23.08
N SER F 164 36.81 -66.83 23.69
CA SER F 164 36.50 -68.25 23.58
C SER F 164 35.48 -68.69 24.62
N PHE F 165 35.01 -67.78 25.47
CA PHE F 165 33.99 -68.08 26.47
C PHE F 165 32.82 -67.11 26.39
N SER F 166 33.09 -65.85 26.03
CA SER F 166 32.10 -64.80 26.08
C SER F 166 31.07 -64.98 24.97
N PRO F 167 29.88 -64.39 25.11
CA PRO F 167 28.87 -64.50 24.04
C PRO F 167 29.28 -63.86 22.73
N LEU F 168 30.20 -62.90 22.72
CA LEU F 168 30.58 -62.25 21.48
C LEU F 168 31.40 -63.16 20.57
N GLY F 169 32.09 -64.15 21.15
CA GLY F 169 32.90 -65.05 20.34
C GLY F 169 32.11 -66.02 19.50
N ARG F 170 30.85 -66.24 19.85
CA ARG F 170 29.93 -66.99 19.01
C ARG F 170 29.08 -66.08 18.12
N LEU F 171 29.01 -64.80 18.45
CA LEU F 171 28.27 -63.82 17.67
C LEU F 171 29.09 -63.21 16.54
N HIS F 172 30.42 -63.37 16.54
CA HIS F 172 31.20 -62.95 15.38
C HIS F 172 30.83 -63.76 14.15
N THR F 173 30.81 -65.09 14.29
CA THR F 173 30.61 -65.98 13.17
C THR F 173 29.18 -65.90 12.65
N ARG F 174 28.21 -65.70 13.54
CA ARG F 174 26.83 -65.56 13.12
C ARG F 174 26.57 -64.22 12.45
N LEU F 175 27.29 -63.18 12.84
CA LEU F 175 27.12 -61.88 12.19
C LEU F 175 27.86 -61.84 10.87
N ARG F 176 29.00 -62.52 10.77
CA ARG F 176 29.75 -62.57 9.52
C ARG F 176 29.02 -63.38 8.47
N THR F 177 28.40 -64.48 8.87
CA THR F 177 27.73 -65.35 7.90
C THR F 177 26.44 -64.72 7.39
N GLU F 178 25.64 -64.14 8.28
CA GLU F 178 24.36 -63.58 7.86
C GLU F 178 24.49 -62.27 7.12
N LEU F 179 25.61 -61.57 7.25
CA LEU F 179 25.80 -60.31 6.55
C LEU F 179 26.84 -60.39 5.44
N GLY F 180 27.61 -61.47 5.37
CA GLY F 180 28.62 -61.57 4.34
C GLY F 180 29.81 -60.69 4.57
N LEU F 181 30.17 -60.42 5.82
CA LEU F 181 31.27 -59.55 6.14
C LEU F 181 32.60 -60.23 5.85
N THR G 2 -25.62 46.74 13.53
CA THR G 2 -24.74 45.62 13.84
C THR G 2 -24.69 44.63 12.69
N THR G 3 -25.47 44.89 11.65
CA THR G 3 -25.59 43.97 10.52
C THR G 3 -25.89 44.77 9.27
N LEU G 4 -25.12 44.54 8.21
CA LEU G 4 -25.31 45.25 6.96
C LEU G 4 -26.58 44.81 6.27
N THR G 5 -27.22 45.75 5.58
CA THR G 5 -28.35 45.43 4.73
C THR G 5 -27.84 45.20 3.31
N LEU G 6 -28.76 45.03 2.37
CA LEU G 6 -28.34 44.78 0.99
C LEU G 6 -27.83 46.04 0.31
N SER G 7 -28.48 47.17 0.56
CA SER G 7 -28.05 48.42 -0.07
C SER G 7 -26.79 48.98 0.57
N GLU G 8 -26.53 48.66 1.85
CA GLU G 8 -25.32 49.13 2.50
C GLU G 8 -24.10 48.34 2.03
N ALA G 9 -24.26 47.04 1.83
CA ALA G 9 -23.15 46.18 1.46
C ALA G 9 -22.84 46.19 -0.03
N ALA G 10 -23.75 46.71 -0.85
CA ALA G 10 -23.55 46.75 -2.29
C ALA G 10 -22.38 47.64 -2.77
N PRO G 11 -22.14 48.85 -2.24
CA PRO G 11 -20.92 49.56 -2.66
C PRO G 11 -19.65 48.97 -2.09
N LEU G 12 -19.73 48.22 -1.00
CA LEU G 12 -18.54 47.57 -0.46
C LEU G 12 -18.14 46.38 -1.31
N LEU G 13 -19.12 45.72 -1.93
CA LEU G 13 -18.82 44.58 -2.78
C LEU G 13 -18.40 45.00 -4.19
N LYS G 14 -18.85 46.17 -4.65
CA LYS G 14 -18.41 46.65 -5.95
C LYS G 14 -16.93 47.03 -5.93
N LYS G 15 -16.46 47.59 -4.81
CA LYS G 15 -15.08 48.03 -4.73
C LYS G 15 -14.11 46.85 -4.72
N GLU G 16 -14.45 45.79 -4.00
CA GLU G 16 -13.60 44.62 -3.98
C GLU G 16 -13.69 43.82 -5.26
N PHE G 17 -14.79 43.92 -5.98
CA PHE G 17 -14.91 43.16 -7.23
C PHE G 17 -14.16 43.83 -8.37
N ARG G 18 -14.21 45.16 -8.46
CA ARG G 18 -13.51 45.83 -9.55
C ARG G 18 -12.00 45.83 -9.34
N GLU G 19 -11.54 45.58 -8.12
CA GLU G 19 -10.13 45.36 -7.88
C GLU G 19 -9.72 43.91 -8.05
N GLY G 20 -10.67 43.01 -8.30
CA GLY G 20 -10.35 41.62 -8.48
C GLY G 20 -10.00 40.88 -7.21
N ARG G 21 -10.53 41.30 -6.07
CA ARG G 21 -10.15 40.76 -4.78
C ARG G 21 -11.35 40.25 -4.00
N LEU G 22 -12.39 39.83 -4.71
CA LEU G 22 -13.59 39.27 -4.12
C LEU G 22 -13.77 37.86 -4.67
N ILE G 23 -13.96 36.88 -3.76
CA ILE G 23 -14.06 35.49 -4.12
C ILE G 23 -15.31 34.90 -3.49
N PRO G 24 -16.23 34.31 -4.25
CA PRO G 24 -17.43 33.71 -3.66
C PRO G 24 -17.11 32.39 -2.98
N PHE G 25 -17.83 32.13 -1.90
CA PHE G 25 -17.73 30.85 -1.18
C PHE G 25 -19.14 30.31 -1.07
N LEU G 26 -19.44 29.22 -1.77
CA LEU G 26 -20.82 28.76 -1.94
C LEU G 26 -21.05 27.50 -1.13
N GLY G 27 -22.20 27.44 -0.46
CA GLY G 27 -22.53 26.35 0.42
C GLY G 27 -23.65 25.48 -0.09
N ALA G 28 -24.21 24.69 0.81
CA ALA G 28 -25.27 23.75 0.43
C ALA G 28 -26.59 24.46 0.19
N GLY G 29 -26.79 25.64 0.76
CA GLY G 29 -28.00 26.39 0.49
C GLY G 29 -28.05 27.02 -0.87
N PHE G 30 -26.94 27.04 -1.59
CA PHE G 30 -26.92 27.58 -2.94
C PHE G 30 -27.50 26.60 -3.94
N SER G 31 -27.57 25.32 -3.61
CA SER G 31 -28.16 24.31 -4.47
C SER G 31 -29.53 23.87 -3.98
N LYS G 32 -30.10 24.57 -3.02
CA LYS G 32 -31.45 24.32 -2.52
C LYS G 32 -32.55 24.59 -3.54
N PRO G 33 -32.51 25.61 -4.41
CA PRO G 33 -33.55 25.71 -5.46
C PRO G 33 -33.47 24.65 -6.53
N LEU G 34 -32.42 23.84 -6.56
CA LEU G 34 -32.33 22.73 -7.50
C LEU G 34 -32.97 21.47 -6.94
N LYS G 35 -33.70 21.59 -5.83
CA LYS G 35 -34.38 20.49 -5.13
C LYS G 35 -33.39 19.41 -4.70
N LEU G 36 -32.28 19.83 -4.18
CA LEU G 36 -31.31 18.88 -3.69
C LEU G 36 -31.35 18.80 -2.18
N PRO G 37 -30.94 17.68 -1.60
CA PRO G 37 -30.82 17.59 -0.14
C PRO G 37 -29.78 18.55 0.42
N ASP G 38 -30.07 19.10 1.59
CA ASP G 38 -29.06 19.77 2.39
C ASP G 38 -28.46 18.74 3.35
N GLY G 39 -27.74 19.21 4.38
CA GLY G 39 -27.13 18.33 5.35
C GLY G 39 -28.11 17.56 6.22
N SER G 40 -29.39 17.92 6.22
CA SER G 40 -30.38 17.20 7.00
C SER G 40 -31.12 16.13 6.20
N GLN G 41 -31.37 16.35 4.91
CA GLN G 41 -32.03 15.32 4.12
C GLN G 41 -31.09 14.20 3.70
N LEU G 42 -29.77 14.39 3.77
CA LEU G 42 -28.87 13.25 3.61
C LEU G 42 -28.99 12.29 4.77
N ILE G 43 -29.02 12.81 6.00
CA ILE G 43 -29.11 11.99 7.20
C ILE G 43 -30.45 11.28 7.27
N ALA G 44 -31.51 11.89 6.72
CA ALA G 44 -32.78 11.20 6.60
C ALA G 44 -32.71 10.05 5.60
N SER G 45 -31.82 10.15 4.61
CA SER G 45 -31.64 9.07 3.66
C SER G 45 -30.68 8.02 4.15
N LEU G 46 -29.70 8.38 4.99
CA LEU G 46 -28.81 7.40 5.57
C LEU G 46 -29.53 6.58 6.63
N ALA G 47 -30.48 7.20 7.34
CA ALA G 47 -31.23 6.50 8.37
C ALA G 47 -32.18 5.47 7.78
N LYS G 48 -32.67 5.72 6.56
CA LYS G 48 -33.57 4.76 5.92
C LYS G 48 -32.82 3.51 5.50
N THR G 49 -31.57 3.66 5.08
CA THR G 49 -30.77 2.52 4.67
C THR G 49 -30.37 1.67 5.87
N LEU G 50 -30.02 2.31 6.98
CA LEU G 50 -29.57 1.61 8.18
C LEU G 50 -30.71 1.02 8.99
N GLY G 51 -31.96 1.37 8.69
CA GLY G 51 -33.09 0.86 9.44
C GLY G 51 -33.48 1.71 10.63
N PHE G 52 -33.06 2.96 10.68
CA PHE G 52 -33.41 3.90 11.72
C PHE G 52 -34.62 4.72 11.34
N GLU G 53 -35.35 5.16 12.33
CA GLU G 53 -36.26 6.25 12.05
C GLU G 53 -35.46 7.54 11.98
N PRO G 54 -35.80 8.45 11.06
CA PRO G 54 -34.94 9.63 10.83
C PRO G 54 -34.89 10.59 11.99
N GLU G 55 -35.86 10.58 12.89
CA GLU G 55 -35.81 11.43 14.07
C GLU G 55 -35.03 10.79 15.20
N LEU G 56 -35.00 9.46 15.26
CA LEU G 56 -34.20 8.78 16.27
C LEU G 56 -32.73 8.73 15.89
N PHE G 57 -32.43 8.68 14.59
CA PHE G 57 -31.04 8.62 14.16
C PHE G 57 -30.34 9.94 14.35
N ASP G 58 -31.08 11.04 14.33
CA ASP G 58 -30.50 12.36 14.43
C ASP G 58 -29.96 12.66 15.82
N MET G 59 -30.50 12.01 16.86
CA MET G 59 -30.12 12.38 18.25
C MET G 59 -29.01 11.49 18.81
N HIS G 60 -28.27 10.78 17.95
CA HIS G 60 -27.15 9.99 18.43
C HIS G 60 -25.79 10.60 18.10
N GLY G 61 -25.75 11.76 17.46
CA GLY G 61 -24.48 12.38 17.16
C GLY G 61 -24.66 13.51 16.17
N ARG G 62 -23.53 14.14 15.86
CA ARG G 62 -23.54 15.24 14.92
C ARG G 62 -23.51 14.72 13.49
N PHE G 63 -23.53 15.65 12.53
CA PHE G 63 -23.59 15.31 11.11
C PHE G 63 -22.37 14.52 10.66
N GLU G 64 -21.19 14.89 11.17
CA GLU G 64 -19.97 14.19 10.81
C GLU G 64 -19.95 12.78 11.38
N GLN G 65 -20.56 12.59 12.54
CA GLN G 65 -20.48 11.34 13.27
C GLN G 65 -21.51 10.34 12.78
N LEU G 66 -22.66 10.81 12.28
CA LEU G 66 -23.65 9.90 11.74
C LEU G 66 -23.23 9.36 10.39
N ALA G 67 -22.48 10.15 9.62
CA ALA G 67 -21.95 9.65 8.35
C ALA G 67 -20.75 8.74 8.56
N GLU G 68 -20.00 8.93 9.63
CA GLU G 68 -18.95 7.98 9.99
C GLU G 68 -19.54 6.65 10.39
N PHE G 69 -20.67 6.67 11.09
CA PHE G 69 -21.36 5.42 11.47
C PHE G 69 -21.93 4.72 10.25
N PHE G 70 -22.37 5.48 9.24
CA PHE G 70 -22.91 4.89 8.03
C PHE G 70 -21.82 4.18 7.24
N ALA G 71 -20.65 4.81 7.11
CA ALA G 71 -19.61 4.30 6.23
C ALA G 71 -18.96 3.03 6.74
N ILE G 72 -19.08 2.72 8.03
CA ILE G 72 -18.47 1.55 8.61
C ILE G 72 -19.50 0.50 8.98
N SER G 73 -20.74 0.65 8.51
CA SER G 73 -21.77 -0.33 8.80
C SER G 73 -21.57 -1.60 8.00
N ALA G 74 -21.03 -1.47 6.79
CA ALA G 74 -20.83 -2.59 5.89
C ALA G 74 -19.70 -2.19 4.95
N PRO G 75 -19.04 -3.17 4.33
CA PRO G 75 -18.05 -2.81 3.30
C PRO G 75 -18.73 -2.20 2.09
N ASN G 76 -18.00 -1.28 1.45
CA ASN G 76 -18.40 -0.58 0.23
C ASN G 76 -19.69 0.22 0.43
N ARG G 77 -19.95 0.66 1.66
CA ARG G 77 -21.16 1.40 1.94
C ARG G 77 -21.03 2.87 1.59
N LEU G 78 -19.81 3.40 1.65
CA LEU G 78 -19.59 4.78 1.24
C LEU G 78 -19.55 4.93 -0.27
N GLN G 79 -18.98 3.94 -0.96
CA GLN G 79 -18.91 3.98 -2.45
C GLN G 79 -20.33 4.04 -3.02
N ARG G 80 -21.24 3.26 -2.44
CA ARG G 80 -22.65 3.26 -2.92
C ARG G 80 -23.26 4.64 -2.74
N LEU G 81 -22.98 5.29 -1.60
CA LEU G 81 -23.57 6.62 -1.31
C LEU G 81 -23.13 7.60 -2.41
N VAL G 82 -21.84 7.60 -2.76
CA VAL G 82 -21.32 8.53 -3.81
C VAL G 82 -22.06 8.23 -5.11
N TYR G 83 -22.23 6.95 -5.45
CA TYR G 83 -22.94 6.56 -6.69
C TYR G 83 -24.37 7.10 -6.65
N GLU G 84 -25.07 6.90 -5.53
CA GLU G 84 -26.47 7.36 -5.40
C GLU G 84 -26.53 8.88 -5.49
N MET G 85 -25.62 9.57 -4.79
CA MET G 85 -25.61 11.06 -4.80
C MET G 85 -25.35 11.54 -6.23
N SER G 86 -24.42 10.90 -6.94
CA SER G 86 -24.10 11.31 -8.33
C SER G 86 -25.36 11.27 -9.19
N LEU G 87 -26.21 10.27 -9.01
CA LEU G 87 -27.40 10.12 -9.87
C LEU G 87 -28.51 11.06 -9.42
N SER G 88 -28.47 11.53 -8.18
CA SER G 88 -29.56 12.39 -7.64
C SER G 88 -29.18 13.87 -7.74
N PHE G 89 -27.92 14.20 -7.45
CA PHE G 89 -27.48 15.59 -7.43
C PHE G 89 -27.26 16.11 -8.84
N ASP G 90 -26.65 15.32 -9.71
CA ASP G 90 -26.29 15.74 -11.05
C ASP G 90 -27.23 15.16 -12.10
N SER G 91 -28.50 14.97 -11.75
CA SER G 91 -29.46 14.40 -12.68
C SER G 91 -29.85 15.42 -13.74
N ALA G 92 -30.55 14.94 -14.77
CA ALA G 92 -30.91 15.81 -15.88
C ALA G 92 -32.00 16.80 -15.50
N GLU G 93 -32.87 16.45 -14.55
CA GLU G 93 -33.86 17.41 -14.11
C GLU G 93 -33.30 18.44 -13.15
N ALA G 94 -32.15 18.17 -12.53
CA ALA G 94 -31.46 19.21 -11.79
C ALA G 94 -30.66 20.12 -12.72
N GLU G 95 -30.27 19.60 -13.88
CA GLU G 95 -29.68 20.44 -14.91
C GLU G 95 -30.70 21.44 -15.46
N ALA G 96 -31.94 20.97 -15.67
CA ALA G 96 -32.97 21.81 -16.28
C ALA G 96 -33.46 22.89 -15.35
N LEU G 97 -33.43 22.64 -14.04
CA LEU G 97 -33.74 23.68 -13.07
C LEU G 97 -32.61 24.68 -12.90
N ARG G 98 -31.44 24.40 -13.48
CA ARG G 98 -30.25 25.19 -13.23
C ARG G 98 -30.07 26.29 -14.26
N GLU G 99 -30.60 26.12 -15.48
CA GLU G 99 -30.54 27.23 -16.43
C GLU G 99 -31.54 28.31 -16.10
N LYS G 100 -32.69 27.95 -15.58
CA LYS G 100 -33.72 28.91 -15.25
C LYS G 100 -33.64 29.39 -13.81
N SER G 101 -32.57 29.07 -13.11
CA SER G 101 -32.39 29.56 -11.75
C SER G 101 -31.80 30.97 -11.79
N PRO G 102 -32.42 31.94 -11.12
CA PRO G 102 -31.89 33.30 -11.16
C PRO G 102 -30.60 33.49 -10.39
N MET G 103 -30.30 32.65 -9.40
CA MET G 103 -29.04 32.79 -8.68
C MET G 103 -27.88 32.33 -9.55
N HIS G 104 -28.04 31.22 -10.23
CA HIS G 104 -26.96 30.68 -11.05
C HIS G 104 -26.73 31.51 -12.30
N ARG G 105 -27.76 32.20 -12.78
CA ARG G 105 -27.55 33.13 -13.88
C ARG G 105 -26.83 34.39 -13.40
N ALA G 106 -27.17 34.87 -12.21
CA ALA G 106 -26.53 36.07 -11.70
C ALA G 106 -25.11 35.81 -11.24
N LEU G 107 -24.81 34.57 -10.84
CA LEU G 107 -23.45 34.22 -10.48
C LEU G 107 -22.55 34.17 -11.70
N ALA G 108 -23.03 33.57 -12.79
CA ALA G 108 -22.22 33.42 -13.98
C ALA G 108 -22.14 34.69 -14.82
N ALA G 109 -22.98 35.68 -14.55
CA ALA G 109 -22.90 36.93 -15.29
C ALA G 109 -21.68 37.75 -14.92
N LEU G 110 -21.14 37.54 -13.72
CA LEU G 110 -19.95 38.23 -13.27
C LEU G 110 -18.71 37.49 -13.73
N ASP G 111 -17.62 38.23 -13.89
CA ASP G 111 -16.38 37.66 -14.43
C ASP G 111 -15.46 37.35 -13.25
N TRP G 112 -15.74 36.22 -12.59
CA TRP G 112 -14.95 35.81 -11.46
C TRP G 112 -13.63 35.19 -11.94
N ARG G 113 -12.71 35.03 -11.00
CA ARG G 113 -11.48 34.29 -11.26
C ARG G 113 -11.32 33.05 -10.40
N THR G 114 -11.91 33.03 -9.21
CA THR G 114 -11.83 31.88 -8.33
C THR G 114 -13.16 31.75 -7.61
N ILE G 115 -13.71 30.54 -7.57
CA ILE G 115 -14.92 30.25 -6.82
C ILE G 115 -14.67 29.02 -5.97
N TYR G 116 -14.97 29.11 -4.68
CA TYR G 116 -14.89 27.99 -3.76
C TYR G 116 -16.28 27.48 -3.45
N THR G 117 -16.44 26.15 -3.44
CA THR G 117 -17.69 25.51 -3.05
C THR G 117 -17.40 24.35 -2.12
N THR G 118 -18.37 24.07 -1.24
CA THR G 118 -18.29 22.90 -0.36
C THR G 118 -19.39 21.89 -0.65
N ASN G 119 -19.96 21.89 -1.85
CA ASN G 119 -21.01 20.95 -2.17
C ASN G 119 -20.59 20.07 -3.34
N TYR G 120 -21.14 18.87 -3.38
CA TYR G 120 -20.72 17.83 -4.32
C TYR G 120 -21.69 17.80 -5.50
N ASP G 121 -21.57 18.77 -6.40
CA ASP G 121 -22.44 18.82 -7.56
C ASP G 121 -21.80 19.72 -8.61
N LYS G 122 -22.10 19.44 -9.87
CA LYS G 122 -21.53 20.23 -10.94
C LYS G 122 -22.44 21.39 -11.36
N HIS G 123 -22.97 22.10 -10.39
CA HIS G 123 -23.93 23.15 -10.68
C HIS G 123 -23.38 24.54 -10.47
N VAL G 124 -22.14 24.66 -10.05
CA VAL G 124 -21.46 25.94 -9.98
C VAL G 124 -20.57 26.16 -11.19
N GLU G 125 -19.79 25.14 -11.56
CA GLU G 125 -19.13 25.21 -12.85
C GLU G 125 -20.11 24.98 -13.99
N GLY G 126 -21.19 24.24 -13.74
CA GLY G 126 -22.20 24.06 -14.77
C GLY G 126 -22.97 25.33 -15.06
N ALA G 127 -23.09 26.22 -14.07
CA ALA G 127 -23.70 27.51 -14.32
C ALA G 127 -22.81 28.39 -15.19
N LEU G 128 -21.49 28.21 -15.10
CA LEU G 128 -20.58 28.98 -15.95
C LEU G 128 -20.58 28.47 -17.38
N ARG G 129 -20.76 27.15 -17.57
CA ARG G 129 -20.89 26.62 -18.91
C ARG G 129 -22.20 27.03 -19.57
N ASP G 130 -23.23 27.29 -18.76
CA ASP G 130 -24.51 27.72 -19.33
C ASP G 130 -24.45 29.14 -19.88
N ALA G 131 -23.60 29.98 -19.31
CA ALA G 131 -23.45 31.36 -19.75
C ALA G 131 -22.42 31.52 -20.84
N GLY G 132 -21.97 30.43 -21.45
CA GLY G 132 -20.95 30.49 -22.47
C GLY G 132 -19.54 30.55 -21.96
N LYS G 133 -19.33 30.78 -20.67
CA LYS G 133 -18.01 30.82 -20.10
C LYS G 133 -17.50 29.41 -19.88
N GLN G 134 -16.22 29.30 -19.57
CA GLN G 134 -15.60 28.01 -19.31
C GLN G 134 -14.93 28.04 -17.95
N ALA G 135 -14.99 26.91 -17.25
CA ALA G 135 -14.51 26.78 -15.89
C ALA G 135 -13.49 25.66 -15.80
N ALA G 136 -12.82 25.61 -14.67
CA ALA G 136 -11.78 24.61 -14.42
C ALA G 136 -11.95 24.08 -13.01
N VAL G 137 -12.40 22.84 -12.91
CA VAL G 137 -12.65 22.24 -11.60
C VAL G 137 -11.34 21.75 -11.02
N LEU G 138 -11.03 22.18 -9.81
CA LEU G 138 -9.81 21.79 -9.11
C LEU G 138 -10.20 21.15 -7.80
N ALA G 139 -9.99 19.86 -7.67
CA ALA G 139 -10.37 19.16 -6.45
C ALA G 139 -9.24 18.37 -5.82
N SER G 140 -8.38 17.76 -6.62
CA SER G 140 -7.33 16.89 -6.12
C SER G 140 -5.98 17.44 -6.53
N PHE G 141 -4.92 16.72 -6.14
CA PHE G 141 -3.57 17.14 -6.48
C PHE G 141 -3.30 17.06 -7.98
N ALA G 142 -3.91 16.09 -8.66
CA ALA G 142 -3.70 15.96 -10.10
C ALA G 142 -4.40 17.05 -10.88
N ASP G 143 -5.43 17.67 -10.32
CA ASP G 143 -6.10 18.76 -11.01
C ASP G 143 -5.28 20.03 -10.95
N PHE G 144 -4.63 20.30 -9.82
CA PHE G 144 -3.81 21.50 -9.69
C PHE G 144 -2.60 21.46 -10.60
N GLN G 145 -2.02 20.28 -10.81
CA GLN G 145 -0.89 20.17 -11.71
C GLN G 145 -1.28 19.85 -13.14
N GLY G 146 -2.55 19.67 -13.41
CA GLY G 146 -2.99 19.43 -14.75
C GLY G 146 -2.98 20.69 -15.59
N PRO G 147 -3.20 20.52 -16.89
CA PRO G 147 -3.23 21.69 -17.78
C PRO G 147 -4.57 22.40 -17.73
N ARG G 148 -4.52 23.72 -17.65
CA ARG G 148 -5.68 24.59 -17.82
C ARG G 148 -5.44 25.53 -18.98
N ALA G 149 -6.42 26.39 -19.22
CA ALA G 149 -6.25 27.48 -20.16
C ALA G 149 -5.71 28.69 -19.41
N ARG G 150 -5.60 29.82 -20.09
CA ARG G 150 -4.83 30.94 -19.56
C ARG G 150 -5.64 31.72 -18.52
N ASP G 151 -6.77 32.28 -18.91
CA ASP G 151 -7.61 33.08 -18.02
C ASP G 151 -8.98 32.43 -17.96
N VAL G 152 -9.13 31.47 -17.05
CA VAL G 152 -10.34 30.70 -16.87
C VAL G 152 -10.65 30.66 -15.38
N CYS G 153 -11.92 30.87 -15.02
CA CYS G 153 -12.35 30.81 -13.64
C CYS G 153 -12.11 29.42 -13.06
N GLU G 154 -11.32 29.37 -12.00
CA GLU G 154 -10.98 28.13 -11.33
C GLU G 154 -11.98 27.86 -10.24
N VAL G 155 -12.76 26.79 -10.37
CA VAL G 155 -13.73 26.41 -9.35
C VAL G 155 -13.06 25.40 -8.43
N ILE G 156 -12.85 25.79 -7.19
CA ILE G 156 -12.17 24.95 -6.21
C ILE G 156 -13.23 24.17 -5.46
N LYS G 157 -13.36 22.89 -5.77
CA LYS G 157 -14.24 22.02 -4.98
C LYS G 157 -13.56 21.71 -3.66
N PHE G 158 -13.95 22.46 -2.62
CA PHE G 158 -13.20 22.41 -1.37
C PHE G 158 -13.43 21.12 -0.62
N HIS G 159 -14.62 20.53 -0.72
CA HIS G 159 -14.89 19.27 -0.04
C HIS G 159 -14.90 18.07 -0.96
N GLY G 160 -14.67 18.24 -2.25
CA GLY G 160 -14.56 17.12 -3.17
C GLY G 160 -15.62 17.16 -4.24
N THR G 161 -15.47 16.25 -5.19
CA THR G 161 -16.35 16.18 -6.34
C THR G 161 -16.85 14.75 -6.46
N LEU G 162 -18.02 14.58 -7.08
CA LEU G 162 -18.57 13.25 -7.20
C LEU G 162 -17.88 12.39 -8.25
N ASP G 163 -17.18 12.99 -9.21
CA ASP G 163 -16.47 12.20 -10.19
C ASP G 163 -15.09 11.77 -9.72
N GLN G 164 -14.66 12.22 -8.53
CA GLN G 164 -13.44 11.77 -7.90
C GLN G 164 -13.84 11.41 -6.47
N PRO G 165 -14.29 10.19 -6.23
CA PRO G 165 -14.87 9.85 -4.92
C PRO G 165 -13.87 9.78 -3.78
N ASP G 166 -12.57 9.79 -4.06
CA ASP G 166 -11.59 9.82 -2.98
C ASP G 166 -11.46 11.20 -2.36
N THR G 167 -11.97 12.23 -3.00
CA THR G 167 -11.81 13.60 -2.51
C THR G 167 -12.96 14.06 -1.64
N ILE G 168 -14.02 13.27 -1.53
CA ILE G 168 -15.20 13.68 -0.79
C ILE G 168 -14.94 13.55 0.69
N VAL G 169 -15.10 14.66 1.43
CA VAL G 169 -15.02 14.63 2.88
C VAL G 169 -16.44 14.72 3.43
N LEU G 170 -16.91 13.63 3.96
CA LEU G 170 -18.24 13.55 4.53
C LEU G 170 -18.25 12.97 5.93
N THR G 171 -17.42 11.97 6.19
CA THR G 171 -17.39 11.30 7.46
C THR G 171 -16.51 12.06 8.44
N GLU G 172 -16.55 11.64 9.71
CA GLU G 172 -15.80 12.36 10.74
C GLU G 172 -14.31 12.17 10.58
N SER G 173 -13.89 10.97 10.14
CA SER G 173 -12.47 10.71 9.91
C SER G 173 -11.91 11.52 8.76
N SER G 174 -12.75 11.91 7.81
CA SER G 174 -12.27 12.75 6.72
C SER G 174 -12.19 14.21 7.13
N TYR G 175 -13.01 14.64 8.08
CA TYR G 175 -12.85 15.99 8.61
C TYR G 175 -11.62 16.10 9.50
N PHE G 176 -11.30 15.04 10.24
CA PHE G 176 -10.10 15.05 11.06
C PHE G 176 -8.84 14.99 10.21
N GLN G 177 -8.92 14.37 9.03
CA GLN G 177 -7.79 14.34 8.13
C GLN G 177 -7.53 15.71 7.51
N ARG G 178 -8.53 16.56 7.45
CA ARG G 178 -8.39 17.91 6.93
C ARG G 178 -8.03 18.92 8.01
N MET G 179 -7.90 18.51 9.27
CA MET G 179 -7.48 19.42 10.32
C MET G 179 -6.00 19.75 10.24
N ALA G 180 -5.22 18.97 9.51
CA ALA G 180 -3.81 19.29 9.33
C ALA G 180 -3.59 20.42 8.37
N LEU G 181 -4.63 20.79 7.61
CA LEU G 181 -4.62 21.88 6.61
C LEU G 181 -3.54 21.65 5.56
N ASP G 182 -3.42 20.39 5.14
CA ASP G 182 -2.35 19.97 4.25
C ASP G 182 -2.86 19.55 2.89
N ALA G 183 -4.18 19.40 2.72
CA ALA G 183 -4.75 19.04 1.44
C ALA G 183 -4.58 20.20 0.44
N PRO G 184 -4.56 19.91 -0.86
CA PRO G 184 -4.42 20.98 -1.85
C PRO G 184 -5.56 22.00 -1.86
N PRO G 185 -6.82 21.65 -1.55
CA PRO G 185 -7.78 22.76 -1.35
C PRO G 185 -7.55 23.55 -0.08
N ASP G 186 -6.92 22.95 0.94
CA ASP G 186 -6.64 23.69 2.16
C ASP G 186 -5.52 24.69 1.95
N GLN G 187 -4.47 24.29 1.22
CA GLN G 187 -3.34 25.17 1.00
C GLN G 187 -3.68 26.31 0.06
N ARG G 188 -4.58 26.07 -0.89
CA ARG G 188 -4.99 27.13 -1.80
C ARG G 188 -5.93 28.12 -1.12
N LEU G 189 -6.73 27.65 -0.18
CA LEU G 189 -7.65 28.54 0.54
C LEU G 189 -6.90 29.48 1.45
N ARG G 190 -5.88 28.97 2.15
CA ARG G 190 -5.19 29.79 3.14
C ARG G 190 -4.33 30.85 2.47
N ALA G 191 -3.92 30.62 1.22
CA ALA G 191 -3.15 31.63 0.51
C ALA G 191 -4.07 32.66 -0.13
N ASP G 192 -5.27 32.27 -0.53
CA ASP G 192 -6.22 33.24 -1.06
C ASP G 192 -6.82 34.09 0.05
N LEU G 193 -6.89 33.55 1.27
CA LEU G 193 -7.41 34.32 2.39
C LEU G 193 -6.43 35.38 2.86
N LEU G 194 -5.14 35.23 2.52
CA LEU G 194 -4.16 36.26 2.85
C LEU G 194 -4.37 37.55 2.10
N ALA G 195 -5.07 37.52 0.96
CA ALA G 195 -5.09 38.69 0.09
C ALA G 195 -6.45 39.08 -0.43
N ASN G 196 -7.53 38.38 -0.08
CA ASN G 196 -8.80 38.57 -0.76
C ASN G 196 -9.95 38.60 0.24
N SER G 197 -11.01 39.32 -0.12
CA SER G 197 -12.27 39.28 0.60
C SER G 197 -13.10 38.12 0.10
N PHE G 198 -13.83 37.46 0.98
CA PHE G 198 -14.71 36.38 0.57
C PHE G 198 -16.16 36.77 0.77
N LEU G 199 -17.03 36.15 -0.03
CA LEU G 199 -18.47 36.35 0.04
C LEU G 199 -19.13 34.99 0.25
N PHE G 200 -19.61 34.74 1.46
CA PHE G 200 -20.24 33.48 1.80
C PHE G 200 -21.72 33.54 1.45
N ILE G 201 -22.14 32.70 0.50
CA ILE G 201 -23.51 32.68 0.03
C ILE G 201 -24.06 31.28 0.22
N GLY G 202 -25.16 31.16 0.95
CA GLY G 202 -25.78 29.87 1.14
C GLY G 202 -25.01 28.93 2.03
N TYR G 203 -24.05 29.43 2.79
CA TYR G 203 -23.21 28.62 3.65
C TYR G 203 -23.38 29.07 5.09
N SER G 204 -23.45 28.11 6.00
CA SER G 204 -23.51 28.38 7.43
C SER G 204 -22.28 27.77 8.07
N PHE G 205 -21.60 28.52 8.93
CA PHE G 205 -20.33 28.06 9.49
C PHE G 205 -20.61 26.96 10.52
N SER G 206 -20.74 25.74 10.02
CA SER G 206 -20.89 24.58 10.87
C SER G 206 -19.72 23.62 10.74
N ASP G 207 -18.84 23.82 9.77
CA ASP G 207 -17.70 22.96 9.59
C ASP G 207 -16.56 23.47 10.46
N THR G 208 -16.04 22.61 11.33
CA THR G 208 -15.00 23.03 12.24
C THR G 208 -13.63 23.15 11.59
N ASN G 209 -13.49 22.77 10.33
CA ASN G 209 -12.26 23.05 9.62
C ASN G 209 -12.29 24.36 8.86
N ILE G 210 -13.47 24.85 8.49
CA ILE G 210 -13.57 26.19 7.94
C ILE G 210 -13.35 27.22 9.03
N ARG G 211 -13.96 27.00 10.21
CA ARG G 211 -13.83 27.93 11.32
C ARG G 211 -12.41 27.96 11.86
N TYR G 212 -11.69 26.85 11.74
CA TYR G 212 -10.31 26.79 12.19
C TYR G 212 -9.35 27.50 11.24
N ILE G 213 -9.71 27.66 9.97
CA ILE G 213 -8.87 28.42 9.06
C ILE G 213 -8.98 29.91 9.33
N TRP G 214 -10.20 30.40 9.51
CA TRP G 214 -10.40 31.80 9.90
C TRP G 214 -9.91 32.09 11.31
N TYR G 215 -9.83 31.08 12.18
CA TYR G 215 -9.18 31.27 13.47
C TYR G 215 -7.70 31.58 13.30
N ARG G 216 -7.01 30.77 12.51
CA ARG G 216 -5.57 30.91 12.39
C ARG G 216 -5.12 32.03 11.47
N MET G 217 -6.05 32.69 10.78
CA MET G 217 -5.70 33.90 10.07
C MET G 217 -5.63 35.08 11.02
N ASN G 218 -6.38 35.04 12.12
CA ASN G 218 -6.29 36.07 13.15
C ASN G 218 -5.07 35.90 14.03
N GLN G 219 -4.57 34.68 14.15
CA GLN G 219 -3.31 34.51 14.85
C GLN G 219 -2.17 35.11 14.06
N LEU G 220 -2.28 35.18 12.74
CA LEU G 220 -1.35 35.98 11.99
C LEU G 220 -1.68 37.46 12.09
N ARG G 221 -2.97 37.79 12.20
CA ARG G 221 -3.36 39.20 12.24
C ARG G 221 -3.02 39.83 13.57
N GLU G 222 -3.20 39.10 14.68
CA GLU G 222 -2.91 39.67 15.97
C GLU G 222 -1.44 39.71 16.30
N GLN G 223 -0.67 38.73 15.82
CA GLN G 223 0.77 38.73 16.06
C GLN G 223 1.50 39.77 15.23
N SER G 224 0.90 40.25 14.16
CA SER G 224 1.53 41.27 13.34
C SER G 224 1.41 42.66 13.95
N GLN G 225 0.61 42.82 15.01
CA GLN G 225 0.56 44.03 15.85
C GLN G 225 0.15 45.26 15.06
N LEU G 226 -0.80 45.08 14.14
CA LEU G 226 -1.37 46.22 13.45
C LEU G 226 -2.28 47.01 14.40
N GLY G 227 -2.64 48.21 13.98
CA GLY G 227 -3.45 49.07 14.79
C GLY G 227 -4.90 48.62 14.87
N VAL G 228 -5.71 49.44 15.54
CA VAL G 228 -7.14 49.19 15.54
C VAL G 228 -7.72 49.49 14.17
N LYS G 229 -7.18 50.51 13.49
CA LYS G 229 -7.72 50.89 12.20
C LYS G 229 -7.31 49.93 11.10
N HIS G 230 -6.07 49.48 11.09
CA HIS G 230 -5.54 48.73 9.96
C HIS G 230 -5.81 47.23 10.05
N SER G 231 -6.01 46.69 11.24
CA SER G 231 -6.37 45.29 11.36
C SER G 231 -7.82 45.03 11.01
N GLN G 232 -8.65 46.07 10.92
CA GLN G 232 -10.06 45.93 10.62
C GLN G 232 -10.41 46.36 9.21
N ALA G 233 -9.41 46.47 8.33
CA ALA G 233 -9.64 47.06 7.02
C ALA G 233 -10.16 46.05 6.00
N ARG G 234 -9.58 44.85 5.98
CA ARG G 234 -9.95 43.82 5.01
C ARG G 234 -10.99 42.91 5.62
N ARG G 235 -12.23 43.01 5.14
CA ARG G 235 -13.37 42.32 5.72
C ARG G 235 -13.78 41.17 4.82
N CYS G 236 -14.53 40.23 5.39
CA CYS G 236 -15.22 39.20 4.63
C CYS G 236 -16.71 39.33 4.88
N PHE G 237 -17.51 38.79 3.98
CA PHE G 237 -18.94 39.05 3.97
C PHE G 237 -19.72 37.75 4.01
N PHE G 238 -20.79 37.74 4.78
CA PHE G 238 -21.52 36.53 5.13
C PHE G 238 -23.01 36.77 4.93
N ALA G 239 -23.48 36.47 3.71
CA ALA G 239 -24.88 36.70 3.37
C ALA G 239 -25.73 35.55 3.89
N THR G 240 -26.69 35.86 4.76
CA THR G 240 -27.47 34.83 5.43
C THR G 240 -28.85 35.38 5.75
N HIS G 241 -29.89 34.60 5.45
CA HIS G 241 -31.25 35.00 5.79
C HIS G 241 -31.50 34.89 7.28
N GLY G 242 -30.97 33.85 7.92
CA GLY G 242 -31.40 33.49 9.24
C GLY G 242 -30.32 33.27 10.27
N ALA G 243 -29.30 34.12 10.29
CA ALA G 243 -28.28 34.02 11.32
C ALA G 243 -28.87 34.35 12.68
N GLY G 244 -28.39 33.67 13.71
CA GLY G 244 -28.98 33.80 15.03
C GLY G 244 -28.54 35.04 15.78
N LEU G 245 -28.37 34.91 17.09
CA LEU G 245 -27.91 36.01 17.91
C LEU G 245 -26.48 35.85 18.41
N VAL G 246 -25.96 34.63 18.39
CA VAL G 246 -24.62 34.35 18.88
C VAL G 246 -23.60 34.37 17.75
N GLN G 247 -23.92 33.70 16.64
CA GLN G 247 -22.95 33.53 15.56
C GLN G 247 -22.48 34.81 14.86
N PRO G 248 -23.28 35.87 14.65
CA PRO G 248 -22.69 37.09 14.08
C PRO G 248 -21.66 37.77 14.96
N ASP G 249 -21.72 37.62 16.29
CA ASP G 249 -20.72 38.23 17.14
C ASP G 249 -19.46 37.39 17.26
N ILE G 250 -19.55 36.08 17.02
CA ILE G 250 -18.35 35.26 17.00
C ILE G 250 -17.50 35.61 15.78
N LEU G 251 -18.16 35.86 14.66
CA LEU G 251 -17.46 36.09 13.40
C LEU G 251 -16.94 37.51 13.24
N GLN G 252 -17.38 38.45 14.10
CA GLN G 252 -16.77 39.78 14.11
C GLN G 252 -15.33 39.74 14.54
N GLN G 253 -14.96 38.74 15.35
CA GLN G 253 -13.57 38.51 15.71
C GLN G 253 -12.71 38.22 14.49
N TRP G 254 -13.30 37.59 13.48
CA TRP G 254 -12.55 37.06 12.36
C TRP G 254 -12.69 37.93 11.12
N ASN G 255 -13.10 39.20 11.31
CA ASN G 255 -13.35 40.18 10.25
C ASN G 255 -14.37 39.66 9.22
N ILE G 256 -15.48 39.15 9.72
CA ILE G 256 -16.57 38.65 8.88
C ILE G 256 -17.81 39.45 9.20
N ASP G 257 -18.31 40.19 8.22
CA ASP G 257 -19.52 40.99 8.38
C ASP G 257 -20.71 40.22 7.83
N VAL G 258 -21.86 40.41 8.46
CA VAL G 258 -23.07 39.69 8.11
C VAL G 258 -23.95 40.60 7.25
N ILE G 259 -24.39 40.07 6.12
CA ILE G 259 -25.33 40.76 5.24
C ILE G 259 -26.70 40.11 5.43
N GLN G 260 -27.63 40.85 6.01
CA GLN G 260 -28.96 40.30 6.26
C GLN G 260 -29.79 40.35 4.98
N LEU G 261 -30.19 39.20 4.49
CA LEU G 261 -31.03 39.09 3.32
C LEU G 261 -32.49 38.89 3.74
N ASP G 262 -33.39 39.17 2.81
CA ASP G 262 -34.82 39.10 3.11
C ASP G 262 -35.27 37.64 3.16
N PRO G 263 -35.76 37.16 4.29
CA PRO G 263 -36.05 35.72 4.42
C PRO G 263 -37.38 35.29 3.81
N THR G 264 -38.16 36.19 3.23
CA THR G 264 -39.44 35.80 2.66
C THR G 264 -39.26 35.01 1.38
N ASP G 265 -38.35 35.44 0.52
CA ASP G 265 -38.00 34.72 -0.70
C ASP G 265 -36.48 34.59 -0.70
N LYS G 266 -35.99 33.37 -0.44
CA LYS G 266 -34.56 33.17 -0.30
C LYS G 266 -33.83 33.28 -1.63
N SER G 267 -34.44 32.83 -2.72
CA SER G 267 -33.76 32.80 -4.00
C SER G 267 -33.65 34.18 -4.62
N ALA G 268 -34.67 35.02 -4.45
CA ALA G 268 -34.64 36.34 -5.04
C ALA G 268 -33.77 37.30 -4.26
N SER G 269 -33.58 37.05 -2.97
CA SER G 269 -32.73 37.92 -2.17
C SER G 269 -31.26 37.72 -2.52
N VAL G 270 -30.88 36.48 -2.81
CA VAL G 270 -29.51 36.20 -3.21
C VAL G 270 -29.24 36.76 -4.60
N ALA G 271 -30.21 36.63 -5.50
CA ALA G 271 -30.04 37.08 -6.88
C ALA G 271 -29.91 38.60 -6.96
N ARG G 272 -30.62 39.34 -6.10
CA ARG G 272 -30.44 40.78 -6.06
C ARG G 272 -29.09 41.18 -5.49
N LEU G 273 -28.48 40.34 -4.66
CA LEU G 273 -27.15 40.64 -4.16
C LEU G 273 -26.10 40.46 -5.24
N LEU G 274 -26.22 39.39 -6.03
CA LEU G 274 -25.25 39.15 -7.09
C LEU G 274 -25.41 40.10 -8.26
N GLU G 275 -26.61 40.65 -8.46
CA GLU G 275 -26.80 41.65 -9.49
C GLU G 275 -26.35 43.03 -9.05
N SER G 276 -26.27 43.28 -7.75
CA SER G 276 -25.78 44.55 -7.26
C SER G 276 -24.27 44.66 -7.32
N ILE G 277 -23.56 43.55 -7.48
CA ILE G 277 -22.11 43.60 -7.62
C ILE G 277 -21.74 44.10 -9.00
N ALA G 278 -22.51 43.73 -10.01
CA ALA G 278 -22.29 44.18 -11.38
C ALA G 278 -22.51 45.67 -11.53
N THR H 2 -21.36 -6.94 22.24
CA THR H 2 -20.78 -5.75 21.61
C THR H 2 -20.35 -4.73 22.65
N THR H 3 -20.60 -5.03 23.92
CA THR H 3 -20.33 -4.11 25.01
C THR H 3 -20.02 -4.92 26.26
N LEU H 4 -18.90 -4.59 26.91
CA LEU H 4 -18.50 -5.30 28.11
C LEU H 4 -19.41 -4.95 29.28
N THR H 5 -19.62 -5.93 30.15
CA THR H 5 -20.33 -5.68 31.40
C THR H 5 -19.30 -5.39 32.49
N LEU H 6 -19.75 -5.27 33.73
CA LEU H 6 -18.83 -4.97 34.82
C LEU H 6 -17.98 -6.17 35.19
N SER H 7 -18.58 -7.36 35.23
CA SER H 7 -17.82 -8.55 35.59
C SER H 7 -16.90 -9.02 34.49
N GLU H 8 -17.23 -8.70 33.23
CA GLU H 8 -16.34 -9.08 32.12
C GLU H 8 -15.12 -8.18 32.07
N ALA H 9 -15.29 -6.89 32.34
CA ALA H 9 -14.20 -5.93 32.22
C ALA H 9 -13.31 -5.90 33.46
N ALA H 10 -13.74 -6.48 34.57
CA ALA H 10 -12.97 -6.47 35.79
C ALA H 10 -11.64 -7.25 35.74
N PRO H 11 -11.54 -8.45 35.13
CA PRO H 11 -10.20 -9.05 35.01
C PRO H 11 -9.32 -8.37 33.98
N LEU H 12 -9.91 -7.65 33.02
CA LEU H 12 -9.10 -6.91 32.06
C LEU H 12 -8.50 -5.67 32.69
N LEU H 13 -9.18 -5.08 33.67
CA LEU H 13 -8.65 -3.90 34.33
C LEU H 13 -7.67 -4.26 35.43
N LYS H 14 -7.78 -5.45 36.02
CA LYS H 14 -6.80 -5.88 37.02
C LYS H 14 -5.44 -6.13 36.38
N LYS H 15 -5.42 -6.66 35.16
CA LYS H 15 -4.17 -7.00 34.51
C LYS H 15 -3.39 -5.74 34.13
N GLU H 16 -4.09 -4.72 33.62
CA GLU H 16 -3.42 -3.48 33.27
C GLU H 16 -3.04 -2.68 34.49
N PHE H 17 -3.74 -2.85 35.61
CA PHE H 17 -3.39 -2.08 36.80
C PHE H 17 -2.20 -2.67 37.52
N ARG H 18 -2.09 -3.99 37.60
CA ARG H 18 -0.95 -4.58 38.29
C ARG H 18 0.33 -4.46 37.48
N GLU H 19 0.24 -4.20 36.18
CA GLU H 19 1.40 -3.87 35.39
C GLU H 19 1.71 -2.38 35.41
N GLY H 20 0.88 -1.56 36.04
CA GLY H 20 1.13 -0.13 36.09
C GLY H 20 0.86 0.60 34.80
N ARG H 21 -0.05 0.11 33.97
CA ARG H 21 -0.29 0.67 32.65
C ARG H 21 -1.74 1.06 32.45
N LEU H 22 -2.42 1.40 33.53
CA LEU H 22 -3.81 1.86 33.49
C LEU H 22 -3.87 3.25 34.08
N ILE H 23 -4.48 4.18 33.36
CA ILE H 23 -4.55 5.58 33.76
C ILE H 23 -6.00 6.05 33.70
N PRO H 24 -6.56 6.57 34.79
CA PRO H 24 -7.94 7.06 34.74
C PRO H 24 -8.04 8.39 34.02
N PHE H 25 -9.16 8.58 33.33
CA PHE H 25 -9.48 9.83 32.66
C PHE H 25 -10.85 10.25 33.16
N LEU H 26 -10.93 11.33 33.94
CA LEU H 26 -12.14 11.67 34.66
C LEU H 26 -12.79 12.89 34.05
N GLY H 27 -14.11 12.85 33.90
CA GLY H 27 -14.86 13.89 33.25
C GLY H 27 -15.75 14.67 34.20
N ALA H 28 -16.69 15.40 33.63
CA ALA H 28 -17.57 16.24 34.42
C ALA H 28 -18.62 15.45 35.18
N GLY H 29 -18.93 14.24 34.72
CA GLY H 29 -19.87 13.39 35.44
C GLY H 29 -19.30 12.78 36.69
N PHE H 30 -17.98 12.87 36.89
CA PHE H 30 -17.37 12.36 38.10
C PHE H 30 -17.56 13.31 39.28
N SER H 31 -17.87 14.58 39.02
CA SER H 31 -18.13 15.55 40.06
C SER H 31 -19.61 15.86 40.20
N LYS H 32 -20.46 15.10 39.54
CA LYS H 32 -21.92 15.22 39.64
C LYS H 32 -22.48 14.89 41.03
N PRO H 33 -22.01 13.88 41.78
CA PRO H 33 -22.51 13.72 43.15
C PRO H 33 -22.07 14.81 44.12
N LEU H 34 -21.18 15.70 43.74
CA LEU H 34 -20.81 16.83 44.56
C LEU H 34 -21.72 18.03 44.34
N LYS H 35 -22.83 17.82 43.63
CA LYS H 35 -23.83 18.85 43.29
C LYS H 35 -23.20 20.00 42.51
N LEU H 36 -22.37 19.67 41.58
CA LEU H 36 -21.76 20.69 40.75
C LEU H 36 -22.43 20.72 39.39
N PRO H 37 -22.39 21.87 38.71
CA PRO H 37 -22.88 21.94 37.33
C PRO H 37 -22.10 21.05 36.39
N ASP H 38 -22.80 20.47 35.43
CA ASP H 38 -22.16 19.87 34.26
C ASP H 38 -22.09 20.92 33.15
N GLY H 39 -21.83 20.49 31.92
CA GLY H 39 -21.74 21.41 30.80
C GLY H 39 -23.06 22.07 30.41
N SER H 40 -24.18 21.61 30.94
CA SER H 40 -25.47 22.23 30.66
C SER H 40 -25.89 23.24 31.70
N GLN H 41 -25.58 23.02 32.97
CA GLN H 41 -25.94 24.02 33.98
C GLN H 41 -25.00 25.22 34.01
N LEU H 42 -23.82 25.14 33.39
CA LEU H 42 -23.03 26.35 33.18
C LEU H 42 -23.71 27.28 32.20
N ILE H 43 -24.18 26.73 31.08
CA ILE H 43 -24.83 27.52 30.04
C ILE H 43 -26.14 28.12 30.54
N ALA H 44 -26.81 27.43 31.46
CA ALA H 44 -27.98 28.02 32.10
C ALA H 44 -27.60 29.18 33.01
N SER H 45 -26.39 29.17 33.54
CA SER H 45 -25.92 30.28 34.36
C SER H 45 -25.34 31.41 33.53
N LEU H 46 -24.77 31.10 32.36
CA LEU H 46 -24.28 32.16 31.48
C LEU H 46 -25.44 32.89 30.81
N ALA H 47 -26.54 32.18 30.55
CA ALA H 47 -27.69 32.80 29.94
C ALA H 47 -28.41 33.75 30.88
N LYS H 48 -28.33 33.49 32.19
CA LYS H 48 -28.96 34.38 33.16
C LYS H 48 -28.21 35.69 33.26
N THR H 49 -26.88 35.65 33.12
CA THR H 49 -26.09 36.86 33.18
C THR H 49 -26.29 37.72 31.94
N LEU H 50 -26.38 37.08 30.77
CA LEU H 50 -26.52 37.80 29.51
C LEU H 50 -27.94 38.28 29.26
N GLY H 51 -28.92 37.84 30.04
CA GLY H 51 -30.29 38.23 29.81
C GLY H 51 -31.07 37.33 28.88
N PHE H 52 -30.60 36.12 28.65
CA PHE H 52 -31.28 35.14 27.82
C PHE H 52 -32.15 34.23 28.66
N GLU H 53 -33.19 33.71 28.05
CA GLU H 53 -33.81 32.55 28.65
C GLU H 53 -32.94 31.33 28.37
N PRO H 54 -32.79 30.41 29.33
CA PRO H 54 -31.82 29.32 29.16
C PRO H 54 -32.16 28.34 28.07
N GLU H 55 -33.42 28.25 27.66
CA GLU H 55 -33.78 27.39 26.55
C GLU H 55 -33.61 28.07 25.21
N LEU H 56 -33.71 29.40 25.17
CA LEU H 56 -33.46 30.12 23.93
C LEU H 56 -31.98 30.29 23.67
N PHE H 57 -31.17 30.40 24.72
CA PHE H 57 -29.73 30.59 24.55
C PHE H 57 -29.06 29.32 24.06
N ASP H 58 -29.64 28.16 24.37
CA ASP H 58 -29.04 26.89 24.01
C ASP H 58 -29.10 26.62 22.51
N MET H 59 -30.07 27.19 21.81
CA MET H 59 -30.27 26.84 20.38
C MET H 59 -29.56 27.81 19.42
N HIS H 60 -28.60 28.58 19.91
CA HIS H 60 -27.84 29.46 19.03
C HIS H 60 -26.43 28.97 18.76
N GLY H 61 -26.03 27.84 19.30
CA GLY H 61 -24.70 27.33 19.05
C GLY H 61 -24.36 26.21 20.00
N ARG H 62 -23.16 25.68 19.82
CA ARG H 62 -22.69 24.59 20.65
C ARG H 62 -22.11 25.15 21.96
N PHE H 63 -21.66 24.24 22.82
CA PHE H 63 -21.16 24.60 24.14
C PHE H 63 -19.93 25.49 24.06
N GLU H 64 -19.04 25.22 23.11
CA GLU H 64 -17.84 26.03 22.94
C GLU H 64 -18.18 27.41 22.45
N GLN H 65 -19.21 27.52 21.63
CA GLN H 65 -19.56 28.77 20.97
C GLN H 65 -20.38 29.69 21.85
N LEU H 66 -21.17 29.13 22.77
CA LEU H 66 -21.92 29.97 23.68
C LEU H 66 -21.03 30.57 24.75
N ALA H 67 -19.96 29.87 25.13
CA ALA H 67 -19.00 30.42 26.07
C ALA H 67 -18.09 31.43 25.42
N GLU H 68 -17.83 31.28 24.12
CA GLU H 68 -17.10 32.31 23.37
C GLU H 68 -17.91 33.58 23.28
N PHE H 69 -19.23 33.46 23.10
CA PHE H 69 -20.11 34.62 23.07
C PHE H 69 -20.19 35.30 24.43
N PHE H 70 -20.11 34.53 25.50
CA PHE H 70 -20.14 35.10 26.84
C PHE H 70 -18.89 35.90 27.13
N ALA H 71 -17.72 35.38 26.75
CA ALA H 71 -16.46 35.99 27.14
C ALA H 71 -16.19 37.30 26.42
N ILE H 72 -16.86 37.57 25.31
CA ILE H 72 -16.64 38.79 24.54
C ILE H 72 -17.81 39.74 24.65
N SER H 73 -18.73 39.48 25.59
CA SER H 73 -19.87 40.38 25.77
C SER H 73 -19.45 41.68 26.43
N ALA H 74 -18.47 41.62 27.32
CA ALA H 74 -18.00 42.76 28.07
C ALA H 74 -16.56 42.49 28.45
N PRO H 75 -15.78 43.52 28.77
CA PRO H 75 -14.44 43.27 29.29
C PRO H 75 -14.50 42.62 30.66
N ASN H 76 -13.50 41.78 30.92
CA ASN H 76 -13.30 41.07 32.19
C ASN H 76 -14.48 40.15 32.52
N ARG H 77 -15.18 39.67 31.51
CA ARG H 77 -16.35 38.84 31.74
C ARG H 77 -15.95 37.39 31.98
N LEU H 78 -14.84 36.96 31.42
CA LEU H 78 -14.34 35.60 31.67
C LEU H 78 -13.67 35.49 33.02
N GLN H 79 -12.97 36.55 33.46
CA GLN H 79 -12.31 36.54 34.78
C GLN H 79 -13.37 36.35 35.87
N ARG H 80 -14.50 37.05 35.74
CA ARG H 80 -15.59 36.95 36.75
C ARG H 80 -16.11 35.51 36.81
N LEU H 81 -16.27 34.86 35.65
CA LEU H 81 -16.80 33.48 35.62
C LEU H 81 -15.88 32.56 36.44
N VAL H 82 -14.57 32.67 36.23
CA VAL H 82 -13.59 31.80 36.97
C VAL H 82 -13.76 32.06 38.48
N TYR H 83 -13.89 33.33 38.87
CA TYR H 83 -14.06 33.67 40.30
C TYR H 83 -15.35 33.01 40.83
N GLU H 84 -16.44 33.13 40.09
CA GLU H 84 -17.74 32.56 40.53
C GLU H 84 -17.62 31.03 40.60
N MET H 85 -17.00 30.42 39.59
CA MET H 85 -16.87 28.94 39.55
C MET H 85 -16.03 28.49 40.75
N SER H 86 -14.95 29.22 41.06
CA SER H 86 -14.09 28.86 42.21
C SER H 86 -14.90 28.82 43.49
N LEU H 87 -15.76 29.82 43.71
CA LEU H 87 -16.56 29.90 44.97
C LEU H 87 -17.60 28.78 44.99
N SER H 88 -18.06 28.33 43.82
CA SER H 88 -19.15 27.31 43.78
C SER H 88 -18.58 25.90 43.67
N PHE H 89 -17.54 25.70 42.85
CA PHE H 89 -17.03 24.36 42.64
C PHE H 89 -16.20 23.87 43.81
N ASP H 90 -15.36 24.73 44.37
CA ASP H 90 -14.45 24.36 45.44
C ASP H 90 -14.91 24.88 46.79
N SER H 91 -16.23 24.96 47.01
CA SER H 91 -16.77 25.47 48.26
C SER H 91 -16.59 24.44 49.36
N ALA H 92 -16.85 24.87 50.59
CA ALA H 92 -16.65 24.00 51.74
C ALA H 92 -17.71 22.91 51.82
N GLU H 93 -18.92 23.18 51.32
CA GLU H 93 -19.92 22.13 51.31
C GLU H 93 -19.71 21.13 50.19
N ALA H 94 -18.95 21.49 49.16
CA ALA H 94 -18.53 20.49 48.17
C ALA H 94 -17.36 19.67 48.68
N GLU H 95 -16.57 20.23 49.59
CA GLU H 95 -15.54 19.46 50.28
C GLU H 95 -16.16 18.41 51.18
N ALA H 96 -17.24 18.77 51.88
CA ALA H 96 -17.84 17.86 52.85
C ALA H 96 -18.59 16.73 52.17
N LEU H 97 -19.13 16.95 50.98
CA LEU H 97 -19.72 15.87 50.21
C LEU H 97 -18.67 14.96 49.58
N ARG H 98 -17.40 15.35 49.63
CA ARG H 98 -16.35 14.65 48.89
C ARG H 98 -15.67 13.60 49.74
N GLU H 99 -15.67 13.74 51.07
CA GLU H 99 -15.13 12.67 51.90
C GLU H 99 -16.07 11.50 51.98
N LYS H 100 -17.37 11.75 52.00
CA LYS H 100 -18.36 10.70 52.10
C LYS H 100 -18.84 10.19 50.75
N SER H 101 -18.19 10.60 49.68
CA SER H 101 -18.54 10.10 48.35
C SER H 101 -17.88 8.75 48.12
N PRO H 102 -18.63 7.72 47.76
CA PRO H 102 -18.02 6.40 47.55
C PRO H 102 -17.15 6.30 46.31
N MET H 103 -17.36 7.15 45.30
CA MET H 103 -16.49 7.10 44.12
C MET H 103 -15.11 7.67 44.43
N HIS H 104 -15.07 8.78 45.15
CA HIS H 104 -13.81 9.43 45.46
C HIS H 104 -13.01 8.64 46.48
N ARG H 105 -13.69 7.88 47.33
CA ARG H 105 -12.98 6.98 48.24
C ARG H 105 -12.41 5.79 47.47
N ALA H 106 -13.16 5.26 46.53
CA ALA H 106 -12.69 4.10 45.78
C ALA H 106 -11.62 4.47 44.77
N LEU H 107 -11.62 5.72 44.32
CA LEU H 107 -10.56 6.18 43.43
C LEU H 107 -9.24 6.33 44.17
N ALA H 108 -9.28 6.90 45.37
CA ALA H 108 -8.08 7.14 46.14
C ALA H 108 -7.55 5.91 46.84
N ALA H 109 -8.33 4.84 46.91
CA ALA H 109 -7.85 3.61 47.54
C ALA H 109 -6.83 2.89 46.68
N LEU H 110 -6.85 3.12 45.38
CA LEU H 110 -5.90 2.52 44.47
C LEU H 110 -4.64 3.39 44.38
N ASP H 111 -3.53 2.74 44.06
CA ASP H 111 -2.23 3.41 44.06
C ASP H 111 -1.91 3.78 42.61
N TRP H 112 -2.53 4.86 42.15
CA TRP H 112 -2.30 5.32 40.79
C TRP H 112 -0.97 6.06 40.70
N ARG H 113 -0.53 6.28 39.47
CA ARG H 113 0.64 7.12 39.22
C ARG H 113 0.32 8.35 38.39
N THR H 114 -0.70 8.30 37.55
CA THR H 114 -1.09 9.45 36.73
C THR H 114 -2.60 9.45 36.62
N ILE H 115 -3.22 10.60 36.82
CA ILE H 115 -4.66 10.77 36.66
C ILE H 115 -4.89 12.01 35.80
N TYR H 116 -5.67 11.86 34.74
CA TYR H 116 -6.07 12.98 33.90
C TYR H 116 -7.51 13.37 34.19
N THR H 117 -7.77 14.67 34.27
CA THR H 117 -9.12 15.19 34.44
C THR H 117 -9.34 16.36 33.49
N THR H 118 -10.60 16.54 33.09
CA THR H 118 -10.99 17.69 32.28
C THR H 118 -11.95 18.61 33.01
N ASN H 119 -11.98 18.58 34.34
CA ASN H 119 -12.88 19.45 35.09
C ASN H 119 -12.08 20.37 36.00
N TYR H 120 -12.67 21.54 36.28
CA TYR H 120 -11.99 22.61 36.98
C TYR H 120 -12.39 22.59 38.45
N ASP H 121 -11.83 21.65 39.20
CA ASP H 121 -12.13 21.55 40.62
C ASP H 121 -11.06 20.73 41.30
N LYS H 122 -10.83 21.01 42.57
CA LYS H 122 -9.80 20.28 43.31
C LYS H 122 -10.35 19.07 44.04
N HIS H 123 -11.17 18.29 43.35
CA HIS H 123 -11.84 17.18 44.00
C HIS H 123 -11.31 15.83 43.56
N VAL H 124 -10.34 15.81 42.66
CA VAL H 124 -9.66 14.58 42.30
C VAL H 124 -8.33 14.46 43.04
N GLU H 125 -7.56 15.55 43.07
CA GLU H 125 -6.41 15.56 43.97
C GLU H 125 -6.86 15.73 45.41
N GLY H 126 -8.00 16.38 45.64
CA GLY H 126 -8.51 16.48 47.00
C GLY H 126 -8.98 15.16 47.56
N ALA H 127 -9.43 14.25 46.69
CA ALA H 127 -9.76 12.91 47.16
C ALA H 127 -8.52 12.14 47.57
N LEU H 128 -7.38 12.41 46.94
CA LEU H 128 -6.14 11.75 47.32
C LEU H 128 -5.61 12.29 48.64
N ARG H 129 -5.79 13.58 48.90
CA ARG H 129 -5.40 14.13 50.20
C ARG H 129 -6.29 13.62 51.32
N ASP H 130 -7.53 13.25 51.02
CA ASP H 130 -8.42 12.73 52.04
C ASP H 130 -8.01 11.34 52.50
N ALA H 131 -7.41 10.56 51.61
CA ALA H 131 -6.98 9.21 51.94
C ALA H 131 -5.58 9.15 52.49
N GLY H 132 -5.01 10.29 52.88
CA GLY H 132 -3.66 10.33 53.40
C GLY H 132 -2.59 10.38 52.34
N LYS H 133 -2.91 10.14 51.08
CA LYS H 133 -1.95 10.20 50.01
C LYS H 133 -1.69 11.65 49.63
N GLN H 134 -0.67 11.85 48.82
CA GLN H 134 -0.32 13.18 48.36
C GLN H 134 -0.27 13.19 46.84
N ALA H 135 -0.69 14.30 46.26
CA ALA H 135 -0.84 14.43 44.82
C ALA H 135 -0.05 15.63 44.33
N ALA H 136 0.09 15.73 43.01
CA ALA H 136 0.86 16.80 42.39
C ALA H 136 0.07 17.29 41.19
N VAL H 137 -0.49 18.48 41.28
CA VAL H 137 -1.30 19.03 40.21
C VAL H 137 -0.39 19.62 39.15
N LEU H 138 -0.57 19.19 37.91
CA LEU H 138 0.22 19.67 36.79
C LEU H 138 -0.74 20.26 35.75
N ALA H 139 -0.70 21.55 35.57
CA ALA H 139 -1.60 22.19 34.64
C ALA H 139 -0.90 23.05 33.61
N SER H 140 0.15 23.77 34.00
CA SER H 140 0.83 24.71 33.12
C SER H 140 2.27 24.28 32.92
N PHE H 141 3.01 25.08 32.15
CA PHE H 141 4.41 24.77 31.89
C PHE H 141 5.26 24.91 33.15
N ALA H 142 4.91 25.83 34.04
CA ALA H 142 5.68 26.01 35.25
C ALA H 142 5.47 24.88 36.25
N ASP H 143 4.35 24.17 36.15
CA ASP H 143 4.10 23.04 37.03
C ASP H 143 4.94 21.84 36.62
N PHE H 144 5.09 21.60 35.32
CA PHE H 144 5.86 20.47 34.85
C PHE H 144 7.35 20.64 35.18
N GLN H 145 7.86 21.86 35.14
CA GLN H 145 9.25 22.08 35.50
C GLN H 145 9.45 22.39 36.97
N GLY H 146 8.40 22.47 37.74
CA GLY H 146 8.54 22.71 39.16
C GLY H 146 8.99 21.47 39.89
N PRO H 147 9.31 21.63 41.17
CA PRO H 147 9.75 20.49 41.97
C PRO H 147 8.57 19.66 42.47
N ARG H 148 8.69 18.35 42.35
CA ARG H 148 7.79 17.40 42.97
C ARG H 148 8.56 16.49 43.91
N ALA H 149 7.84 15.57 44.52
CA ALA H 149 8.47 14.51 45.29
C ALA H 149 8.75 13.33 44.36
N ARG H 150 9.23 12.22 44.92
CA ARG H 150 9.79 11.16 44.10
C ARG H 150 8.71 10.31 43.47
N ASP H 151 7.88 9.66 44.28
CA ASP H 151 6.83 8.78 43.80
C ASP H 151 5.50 9.31 44.32
N VAL H 152 4.91 10.23 43.58
CA VAL H 152 3.67 10.90 43.91
C VAL H 152 2.78 10.88 42.69
N CYS H 153 1.50 10.56 42.89
CA CYS H 153 0.52 10.57 41.81
C CYS H 153 0.39 11.95 41.20
N GLU H 154 0.67 12.05 39.91
CA GLU H 154 0.61 13.31 39.18
C GLU H 154 -0.78 13.46 38.60
N VAL H 155 -1.52 14.47 39.05
CA VAL H 155 -2.85 14.75 38.55
C VAL H 155 -2.71 15.79 37.44
N ILE H 156 -3.00 15.40 36.21
CA ILE H 156 -2.85 16.28 35.06
C ILE H 156 -4.19 16.95 34.82
N LYS H 157 -4.30 18.23 35.18
CA LYS H 157 -5.48 19.01 34.84
C LYS H 157 -5.44 19.33 33.37
N PHE H 158 -6.15 18.54 32.56
CA PHE H 158 -6.00 18.63 31.12
C PHE H 158 -6.63 19.88 30.54
N HIS H 159 -7.70 20.37 31.14
CA HIS H 159 -8.33 21.58 30.66
C HIS H 159 -8.08 22.80 31.52
N GLY H 160 -7.32 22.67 32.59
CA GLY H 160 -6.94 23.82 33.40
C GLY H 160 -7.45 23.71 34.82
N THR H 161 -7.00 24.64 35.63
CA THR H 161 -7.33 24.66 37.05
C THR H 161 -7.85 26.05 37.39
N LEU H 162 -8.67 26.14 38.43
CA LEU H 162 -9.25 27.42 38.80
C LEU H 162 -8.25 28.35 39.47
N ASP H 163 -7.17 27.82 40.06
CA ASP H 163 -6.18 28.70 40.67
C ASP H 163 -5.16 29.23 39.67
N GLN H 164 -5.23 28.79 38.42
CA GLN H 164 -4.42 29.33 37.34
C GLN H 164 -5.39 29.62 36.21
N PRO H 165 -6.00 30.81 36.20
CA PRO H 165 -7.11 31.08 35.25
C PRO H 165 -6.67 31.20 33.81
N ASP H 166 -5.38 31.31 33.52
CA ASP H 166 -4.93 31.33 32.14
C ASP H 166 -4.95 29.96 31.49
N THR H 167 -5.05 28.90 32.27
CA THR H 167 -5.00 27.55 31.73
C THR H 167 -6.36 26.98 31.41
N ILE H 168 -7.44 27.67 31.76
CA ILE H 168 -8.78 27.15 31.56
C ILE H 168 -9.17 27.26 30.10
N VAL H 169 -9.52 26.14 29.48
CA VAL H 169 -10.05 26.15 28.12
C VAL H 169 -11.56 25.92 28.21
N LEU H 170 -12.29 26.96 27.93
CA LEU H 170 -13.74 26.92 27.96
C LEU H 170 -14.37 27.48 26.70
N THR H 171 -13.81 28.53 26.15
CA THR H 171 -14.37 29.18 24.98
C THR H 171 -13.90 28.49 23.71
N GLU H 172 -14.50 28.86 22.59
CA GLU H 172 -14.19 28.20 21.32
C GLU H 172 -12.77 28.52 20.86
N SER H 173 -12.31 29.74 21.11
CA SER H 173 -10.96 30.12 20.74
C SER H 173 -9.91 29.39 21.54
N SER H 174 -10.24 28.95 22.75
CA SER H 174 -9.29 28.18 23.53
C SER H 174 -9.27 26.72 23.10
N TYR H 175 -10.37 26.20 22.56
CA TYR H 175 -10.33 24.86 21.98
C TYR H 175 -9.57 24.84 20.66
N PHE H 176 -9.67 25.91 19.88
CA PHE H 176 -8.91 25.99 18.64
C PHE H 176 -7.43 26.17 18.90
N GLN H 177 -7.07 26.79 20.02
CA GLN H 177 -5.67 26.94 20.36
C GLN H 177 -5.06 25.61 20.80
N ARG H 178 -5.88 24.68 21.26
CA ARG H 178 -5.42 23.35 21.65
C ARG H 178 -5.45 22.35 20.50
N MET H 179 -5.90 22.76 19.30
CA MET H 179 -5.86 21.86 18.16
C MET H 179 -4.47 21.65 17.62
N ALA H 180 -3.52 22.51 17.97
CA ALA H 180 -2.14 22.32 17.55
C ALA H 180 -1.45 21.22 18.33
N LEU H 181 -2.05 20.78 19.43
CA LEU H 181 -1.54 19.71 20.31
C LEU H 181 -0.15 20.06 20.84
N ASP H 182 0.03 21.33 21.19
CA ASP H 182 1.32 21.86 21.57
C ASP H 182 1.38 22.26 23.03
N ALA H 183 0.26 22.30 23.73
CA ALA H 183 0.24 22.63 25.14
C ALA H 183 0.90 21.51 25.95
N PRO H 184 1.42 21.83 27.13
CA PRO H 184 2.05 20.79 27.97
C PRO H 184 1.11 19.68 28.42
N PRO H 185 -0.19 19.91 28.67
CA PRO H 185 -1.05 18.74 28.86
C PRO H 185 -1.30 17.95 27.59
N ASP H 186 -1.20 18.57 26.41
CA ASP H 186 -1.39 17.84 25.18
C ASP H 186 -0.20 16.93 24.89
N GLN H 187 1.02 17.42 25.12
CA GLN H 187 2.21 16.65 24.85
C GLN H 187 2.38 15.50 25.83
N ARG H 188 1.93 15.69 27.07
CA ARG H 188 2.02 14.62 28.05
C ARG H 188 0.98 13.54 27.79
N LEU H 189 -0.19 13.93 27.28
CA LEU H 189 -1.22 12.95 26.99
C LEU H 189 -0.85 12.05 25.82
N ARG H 190 -0.26 12.63 24.78
CA ARG H 190 0.04 11.86 23.58
C ARG H 190 1.19 10.88 23.81
N ALA H 191 2.05 11.18 24.79
CA ALA H 191 3.11 10.24 25.10
C ALA H 191 2.64 9.15 26.05
N ASP H 192 1.68 9.45 26.93
CA ASP H 192 1.12 8.41 27.77
C ASP H 192 0.19 7.50 26.99
N LEU H 193 -0.42 8.00 25.93
CA LEU H 193 -1.29 7.18 25.09
C LEU H 193 -0.50 6.19 24.26
N LEU H 194 0.78 6.44 24.04
CA LEU H 194 1.63 5.50 23.31
C LEU H 194 1.86 4.21 24.06
N ALA H 195 1.69 4.20 25.38
CA ALA H 195 2.13 3.06 26.16
C ALA H 195 1.13 2.57 27.20
N ASN H 196 -0.05 3.17 27.33
CA ASN H 196 -0.90 2.89 28.47
C ASN H 196 -2.35 2.74 28.03
N SER H 197 -3.10 1.94 28.78
CA SER H 197 -4.55 1.86 28.65
C SER H 197 -5.19 2.95 29.47
N PHE H 198 -6.28 3.53 28.97
CA PHE H 198 -6.99 4.54 29.74
C PHE H 198 -8.36 4.03 30.14
N LEU H 199 -8.87 4.59 31.23
CA LEU H 199 -10.20 4.27 31.76
C LEU H 199 -10.98 5.56 31.86
N PHE H 200 -11.95 5.75 30.97
CA PHE H 200 -12.77 6.95 30.93
C PHE H 200 -13.95 6.78 31.87
N ILE H 201 -14.02 7.59 32.91
CA ILE H 201 -15.06 7.50 33.91
C ILE H 201 -15.76 8.85 33.99
N GLY H 202 -17.07 8.87 33.78
CA GLY H 202 -17.82 10.10 33.87
C GLY H 202 -17.57 11.08 32.76
N TYR H 203 -16.97 10.64 31.67
CA TYR H 203 -16.62 11.51 30.56
C TYR H 203 -17.33 11.02 29.31
N SER H 204 -17.86 11.95 28.52
CA SER H 204 -18.47 11.65 27.24
C SER H 204 -17.67 12.35 26.17
N PHE H 205 -17.35 11.65 25.08
CA PHE H 205 -16.46 12.21 24.06
C PHE H 205 -17.23 13.24 23.26
N SER H 206 -17.25 14.46 23.78
CA SER H 206 -17.82 15.59 23.09
C SER H 206 -16.80 16.64 22.75
N ASP H 207 -15.59 16.54 23.27
CA ASP H 207 -14.54 17.50 22.98
C ASP H 207 -13.83 17.07 21.70
N THR H 208 -13.79 17.95 20.71
CA THR H 208 -13.18 17.60 19.45
C THR H 208 -11.67 17.62 19.47
N ASN H 209 -11.04 18.02 20.57
CA ASN H 209 -9.60 17.86 20.70
C ASN H 209 -9.22 16.56 21.38
N ILE H 210 -10.09 15.99 22.21
CA ILE H 210 -9.85 14.66 22.72
C ILE H 210 -10.02 13.62 21.61
N ARG H 211 -11.07 13.77 20.81
CA ARG H 211 -11.32 12.83 19.72
C ARG H 211 -10.26 12.91 18.63
N TYR H 212 -9.64 14.08 18.47
CA TYR H 212 -8.58 14.25 17.50
C TYR H 212 -7.28 13.63 17.95
N ILE H 213 -7.06 13.48 19.26
CA ILE H 213 -5.85 12.81 19.73
C ILE H 213 -5.95 11.31 19.50
N TRP H 214 -7.09 10.71 19.83
CA TRP H 214 -7.30 9.30 19.53
C TRP H 214 -7.42 9.02 18.04
N TYR H 215 -7.79 10.02 17.24
CA TYR H 215 -7.72 9.85 15.79
C TYR H 215 -6.29 9.67 15.33
N ARG H 216 -5.38 10.54 15.78
CA ARG H 216 -4.02 10.53 15.28
C ARG H 216 -3.15 9.47 15.93
N MET H 217 -3.66 8.75 16.93
CA MET H 217 -2.93 7.58 17.40
C MET H 217 -3.17 6.39 16.49
N ASN H 218 -4.30 6.35 15.80
CA ASN H 218 -4.56 5.32 14.80
C ASN H 218 -3.83 5.57 13.51
N GLN H 219 -3.53 6.82 13.20
CA GLN H 219 -2.69 7.09 12.05
C GLN H 219 -1.27 6.60 12.29
N LEU H 220 -0.84 6.55 13.54
CA LEU H 220 0.40 5.84 13.84
C LEU H 220 0.18 4.34 13.85
N ARG H 221 -1.00 3.89 14.27
CA ARG H 221 -1.26 2.46 14.38
C ARG H 221 -1.45 1.83 13.01
N GLU H 222 -2.12 2.53 12.09
CA GLU H 222 -2.36 1.95 10.78
C GLU H 222 -1.14 2.03 9.88
N GLN H 223 -0.33 3.09 10.01
CA GLN H 223 0.87 3.20 9.21
C GLN H 223 1.96 2.23 9.64
N SER H 224 1.89 1.74 10.86
CA SER H 224 2.89 0.78 11.32
C SER H 224 2.65 -0.63 10.80
N GLN H 225 1.51 -0.86 10.15
CA GLN H 225 1.21 -2.09 9.39
C GLN H 225 1.27 -3.34 10.26
N LEU H 226 0.77 -3.23 11.49
CA LEU H 226 0.62 -4.39 12.33
C LEU H 226 -0.51 -5.27 11.83
N GLY H 227 -0.57 -6.50 12.34
CA GLY H 227 -1.58 -7.44 11.92
C GLY H 227 -2.95 -7.10 12.46
N VAL H 228 -3.90 -7.99 12.16
CA VAL H 228 -5.22 -7.87 12.75
C VAL H 228 -5.15 -8.20 14.24
N LYS H 229 -4.30 -9.14 14.61
CA LYS H 229 -4.22 -9.55 16.01
C LYS H 229 -3.48 -8.54 16.86
N HIS H 230 -2.38 -7.98 16.36
CA HIS H 230 -1.51 -7.17 17.19
C HIS H 230 -1.91 -5.71 17.24
N SER H 231 -2.63 -5.22 16.25
CA SER H 231 -3.11 -3.84 16.32
C SER H 231 -4.32 -3.69 17.24
N GLN H 232 -4.94 -4.80 17.64
CA GLN H 232 -6.12 -4.77 18.50
C GLN H 232 -5.81 -5.20 19.92
N ALA H 233 -4.54 -5.21 20.30
CA ALA H 233 -4.16 -5.79 21.58
C ALA H 233 -4.30 -4.81 22.74
N ARG H 234 -3.87 -3.57 22.54
CA ARG H 234 -3.87 -2.56 23.60
C ARG H 234 -5.16 -1.75 23.48
N ARG H 235 -6.08 -1.94 24.43
CA ARG H 235 -7.40 -1.36 24.39
C ARG H 235 -7.50 -0.23 25.39
N CYS H 236 -8.48 0.63 25.20
CA CYS H 236 -8.89 1.62 26.19
C CYS H 236 -10.34 1.35 26.58
N PHE H 237 -10.74 1.84 27.74
CA PHE H 237 -12.00 1.47 28.33
C PHE H 237 -12.84 2.69 28.64
N PHE H 238 -14.13 2.61 28.38
CA PHE H 238 -15.04 3.74 28.37
C PHE H 238 -16.28 3.38 29.18
N ALA H 239 -16.24 3.66 30.47
CA ALA H 239 -17.35 3.34 31.37
C ALA H 239 -18.43 4.39 31.25
N THR H 240 -19.64 3.98 30.85
CA THR H 240 -20.71 4.93 30.59
C THR H 240 -22.04 4.26 30.84
N HIS H 241 -22.92 4.96 31.56
CA HIS H 241 -24.26 4.45 31.81
C HIS H 241 -25.12 4.50 30.56
N GLY H 242 -24.99 5.57 29.78
CA GLY H 242 -25.96 5.87 28.75
C GLY H 242 -25.41 6.16 27.37
N ALA H 243 -24.42 5.40 26.92
CA ALA H 243 -23.93 5.56 25.56
C ALA H 243 -25.00 5.15 24.56
N GLY H 244 -25.05 5.86 23.44
CA GLY H 244 -26.11 5.65 22.47
C GLY H 244 -25.92 4.44 21.59
N LEU H 245 -26.31 4.57 20.33
CA LEU H 245 -26.14 3.49 19.37
C LEU H 245 -25.07 3.76 18.33
N VAL H 246 -24.69 5.01 18.15
CA VAL H 246 -23.69 5.39 17.17
C VAL H 246 -22.30 5.48 17.77
N GLN H 247 -22.19 6.14 18.92
CA GLN H 247 -20.89 6.41 19.51
C GLN H 247 -20.06 5.19 19.94
N PRO H 248 -20.61 4.07 20.44
CA PRO H 248 -19.74 2.91 20.69
C PRO H 248 -19.10 2.30 19.44
N ASP H 249 -19.73 2.42 18.28
CA ASP H 249 -19.12 1.88 17.07
C ASP H 249 -18.09 2.82 16.46
N ILE H 250 -18.19 4.12 16.73
CA ILE H 250 -17.15 5.04 16.28
C ILE H 250 -15.86 4.79 17.03
N LEU H 251 -15.97 4.50 18.32
CA LEU H 251 -14.80 4.36 19.19
C LEU H 251 -14.15 3.00 19.08
N GLN H 252 -14.81 2.00 18.47
CA GLN H 252 -14.16 0.73 18.19
C GLN H 252 -13.03 0.88 17.20
N GLN H 253 -13.11 1.88 16.33
CA GLN H 253 -12.01 2.23 15.43
C GLN H 253 -10.76 2.62 16.20
N TRP H 254 -10.93 3.21 17.37
CA TRP H 254 -9.83 3.81 18.08
C TRP H 254 -9.38 2.97 19.26
N ASN H 255 -9.71 1.67 19.23
CA ASN H 255 -9.43 0.69 20.29
C ASN H 255 -9.97 1.14 21.65
N ILE H 256 -11.24 1.54 21.66
CA ILE H 256 -11.91 1.97 22.88
C ILE H 256 -13.10 1.06 23.09
N ASP H 257 -13.10 0.30 24.17
CA ASP H 257 -14.18 -0.59 24.52
C ASP H 257 -15.10 0.08 25.52
N VAL H 258 -16.39 -0.22 25.42
CA VAL H 258 -17.42 0.40 26.24
C VAL H 258 -17.78 -0.55 27.37
N ILE H 259 -17.76 -0.05 28.60
CA ILE H 259 -18.18 -0.80 29.77
C ILE H 259 -19.55 -0.27 30.17
N GLN H 260 -20.59 -1.09 30.03
CA GLN H 260 -21.94 -0.66 30.35
C GLN H 260 -22.16 -0.76 31.85
N LEU H 261 -22.42 0.38 32.49
CA LEU H 261 -22.72 0.43 33.90
C LEU H 261 -24.22 0.50 34.12
N ASP H 262 -24.64 0.16 35.32
CA ASP H 262 -26.06 0.11 35.65
C ASP H 262 -26.61 1.53 35.82
N PRO H 263 -27.57 1.96 34.99
CA PRO H 263 -28.00 3.34 35.03
C PRO H 263 -28.99 3.68 36.12
N THR H 264 -29.38 2.73 36.97
CA THR H 264 -30.35 3.03 38.01
C THR H 264 -29.72 3.86 39.12
N ASP H 265 -28.51 3.51 39.52
CA ASP H 265 -27.73 4.27 40.50
C ASP H 265 -26.38 4.54 39.88
N LYS H 266 -26.14 5.79 39.47
CA LYS H 266 -24.92 6.12 38.75
C LYS H 266 -23.69 6.09 39.65
N SER H 267 -23.85 6.49 40.91
CA SER H 267 -22.70 6.61 41.79
C SER H 267 -22.23 5.26 42.29
N ALA H 268 -23.16 4.34 42.55
CA ALA H 268 -22.78 3.03 43.05
C ALA H 268 -22.22 2.13 41.96
N SER H 269 -22.60 2.37 40.71
CA SER H 269 -22.08 1.56 39.62
C SER H 269 -20.63 1.89 39.33
N VAL H 270 -20.26 3.17 39.46
CA VAL H 270 -18.88 3.56 39.27
C VAL H 270 -18.02 3.05 40.41
N ALA H 271 -18.54 3.12 41.64
CA ALA H 271 -17.78 2.70 42.81
C ALA H 271 -17.51 1.21 42.81
N ARG H 272 -18.43 0.40 42.31
CA ARG H 272 -18.16 -1.02 42.17
C ARG H 272 -17.15 -1.33 41.09
N LEU H 273 -17.01 -0.45 40.09
CA LEU H 273 -15.98 -0.65 39.09
C LEU H 273 -14.60 -0.36 39.65
N LEU H 274 -14.47 0.71 40.44
CA LEU H 274 -13.18 1.06 41.00
C LEU H 274 -12.76 0.12 42.12
N GLU H 275 -13.71 -0.54 42.78
CA GLU H 275 -13.38 -1.53 43.79
C GLU H 275 -13.04 -2.87 43.18
N SER H 276 -13.48 -3.13 41.95
CA SER H 276 -13.13 -4.37 41.28
C SER H 276 -11.72 -4.36 40.71
N ILE H 277 -11.11 -3.18 40.58
CA ILE H 277 -9.74 -3.11 40.11
C ILE H 277 -8.78 -3.55 41.21
N ALA H 278 -9.10 -3.23 42.46
CA ALA H 278 -8.30 -3.62 43.61
C ALA H 278 -8.31 -5.13 43.82
N THR I 2 31.98 30.82 32.37
CA THR I 2 31.00 30.68 31.30
C THR I 2 30.74 29.20 30.99
N THR I 3 31.47 28.32 31.67
CA THR I 3 31.40 26.89 31.40
C THR I 3 31.70 26.15 32.69
N LEU I 4 30.83 25.20 33.05
CA LEU I 4 31.02 24.43 34.27
C LEU I 4 32.19 23.47 34.12
N THR I 5 32.88 23.22 35.22
CA THR I 5 33.91 22.19 35.26
C THR I 5 33.26 20.92 35.80
N LEU I 6 34.08 19.89 36.04
CA LEU I 6 33.55 18.63 36.51
C LEU I 6 33.15 18.70 37.98
N SER I 7 33.95 19.36 38.81
CA SER I 7 33.63 19.47 40.22
C SER I 7 32.50 20.45 40.49
N GLU I 8 32.30 21.44 39.62
CA GLU I 8 31.20 22.37 39.81
C GLU I 8 29.86 21.73 39.44
N ALA I 9 29.85 20.93 38.39
CA ALA I 9 28.62 20.33 37.89
C ALA I 9 28.21 19.08 38.65
N ALA I 10 29.11 18.50 39.43
CA ALA I 10 28.81 17.28 40.18
C ALA I 10 27.74 17.43 41.27
N PRO I 11 27.69 18.50 42.10
CA PRO I 11 26.54 18.60 43.01
C PRO I 11 25.24 18.97 42.31
N LEU I 12 25.31 19.57 41.13
CA LEU I 12 24.09 19.87 40.38
C LEU I 12 23.49 18.61 39.78
N LEU I 13 24.32 17.64 39.43
CA LEU I 13 23.83 16.40 38.87
C LEU I 13 23.37 15.42 39.95
N LYS I 14 23.93 15.52 41.16
CA LYS I 14 23.45 14.67 42.25
C LYS I 14 22.04 15.05 42.67
N LYS I 15 21.73 16.34 42.66
CA LYS I 15 20.41 16.79 43.10
C LYS I 15 19.32 16.35 42.14
N GLU I 16 19.58 16.44 40.85
CA GLU I 16 18.58 16.01 39.88
C GLU I 16 18.48 14.51 39.79
N PHE I 17 19.54 13.78 40.15
CA PHE I 17 19.47 12.32 40.08
C PHE I 17 18.73 11.73 41.27
N ARG I 18 18.95 12.28 42.47
CA ARG I 18 18.25 11.74 43.64
C ARG I 18 16.78 12.10 43.65
N GLU I 19 16.38 13.09 42.87
CA GLU I 19 14.96 13.38 42.67
C GLU I 19 14.36 12.58 41.52
N GLY I 20 15.19 11.84 40.79
CA GLY I 20 14.68 11.05 39.67
C GLY I 20 14.33 11.85 38.45
N ARG I 21 14.99 12.99 38.23
CA ARG I 21 14.63 13.90 37.16
C ARG I 21 15.82 14.19 36.25
N LEU I 22 16.75 13.24 36.15
CA LEU I 22 17.91 13.35 35.27
C LEU I 22 17.87 12.19 34.29
N ILE I 23 17.99 12.49 33.00
CA ILE I 23 17.90 11.50 31.95
C ILE I 23 19.12 11.63 31.03
N PRO I 24 19.90 10.57 30.83
CA PRO I 24 21.04 10.65 29.93
C PRO I 24 20.62 10.65 28.47
N PHE I 25 21.37 11.39 27.66
CA PHE I 25 21.17 11.42 26.21
C PHE I 25 22.52 11.09 25.58
N LEU I 26 22.62 9.93 24.95
CA LEU I 26 23.91 9.41 24.53
C LEU I 26 24.05 9.48 23.02
N GLY I 27 25.22 9.90 22.55
CA GLY I 27 25.47 10.11 21.15
C GLY I 27 26.45 9.11 20.56
N ALA I 28 26.97 9.46 19.39
CA ALA I 28 27.87 8.56 18.68
C ALA I 28 29.25 8.51 19.31
N GLY I 29 29.63 9.55 20.05
CA GLY I 29 30.90 9.53 20.75
C GLY I 29 30.94 8.64 21.96
N PHE I 30 29.79 8.14 22.40
CA PHE I 30 29.74 7.23 23.52
C PHE I 30 30.13 5.82 23.12
N SER I 31 30.04 5.49 21.83
CA SER I 31 30.46 4.19 21.32
C SER I 31 31.79 4.24 20.60
N LYS I 32 32.51 5.34 20.71
CA LYS I 32 33.84 5.51 20.14
C LYS I 32 34.90 4.60 20.78
N PRO I 33 34.93 4.34 22.11
CA PRO I 33 35.89 3.35 22.61
C PRO I 33 35.60 1.91 22.22
N LEU I 34 34.46 1.63 21.61
CA LEU I 34 34.17 0.31 21.09
C LEU I 34 34.69 0.11 19.67
N LYS I 35 35.50 1.06 19.19
CA LYS I 35 36.09 1.06 17.84
C LYS I 35 35.01 1.04 16.76
N LEU I 36 34.00 1.82 16.96
CA LEU I 36 32.95 1.91 15.97
C LEU I 36 33.09 3.20 15.17
N PRO I 37 32.58 3.22 13.93
CA PRO I 37 32.55 4.47 13.17
C PRO I 37 31.69 5.54 13.82
N ASP I 38 32.13 6.78 13.70
CA ASP I 38 31.26 7.92 13.98
C ASP I 38 30.61 8.36 12.66
N GLY I 39 30.03 9.55 12.63
CA GLY I 39 29.39 10.05 11.42
C GLY I 39 30.32 10.34 10.26
N SER I 40 31.63 10.35 10.48
CA SER I 40 32.58 10.56 9.40
C SER I 40 33.12 9.28 8.81
N GLN I 41 33.31 8.23 9.60
CA GLN I 41 33.78 6.97 9.03
C GLN I 41 32.68 6.18 8.34
N LEU I 42 31.40 6.50 8.56
CA LEU I 42 30.36 5.92 7.71
C LEU I 42 30.45 6.46 6.29
N ILE I 43 30.62 7.78 6.17
CA ILE I 43 30.69 8.42 4.86
C ILE I 43 31.94 7.98 4.11
N ALA I 44 33.01 7.67 4.83
CA ALA I 44 34.19 7.08 4.19
C ALA I 44 33.90 5.67 3.68
N SER I 45 32.97 4.97 4.31
CA SER I 45 32.59 3.65 3.84
C SER I 45 31.54 3.69 2.75
N LEU I 46 30.67 4.71 2.74
CA LEU I 46 29.72 4.86 1.66
C LEU I 46 30.40 5.33 0.38
N ALA I 47 31.46 6.11 0.51
CA ALA I 47 32.19 6.59 -0.65
C ALA I 47 32.97 5.47 -1.33
N LYS I 48 33.40 4.47 -0.57
CA LYS I 48 34.12 3.35 -1.16
C LYS I 48 33.19 2.47 -1.99
N THR I 49 31.94 2.33 -1.56
CA THR I 49 30.98 1.53 -2.30
C THR I 49 30.57 2.23 -3.59
N LEU I 50 30.38 3.55 -3.53
CA LEU I 50 29.94 4.31 -4.69
C LEU I 50 31.05 4.59 -5.68
N GLY I 51 32.31 4.35 -5.33
CA GLY I 51 33.40 4.64 -6.23
C GLY I 51 33.99 6.02 -6.09
N PHE I 52 33.73 6.71 -4.98
CA PHE I 52 34.27 8.03 -4.71
C PHE I 52 35.54 7.92 -3.90
N GLU I 53 36.39 8.90 -4.05
CA GLU I 53 37.41 9.08 -3.03
C GLU I 53 36.77 9.72 -1.80
N PRO I 54 37.14 9.31 -0.59
CA PRO I 54 36.42 9.77 0.60
C PRO I 54 36.57 11.25 0.90
N GLU I 55 37.61 11.90 0.38
CA GLU I 55 37.73 13.34 0.55
C GLU I 55 36.97 14.12 -0.50
N LEU I 56 36.78 13.54 -1.69
CA LEU I 56 35.98 14.20 -2.71
C LEU I 56 34.50 14.02 -2.45
N PHE I 57 34.09 12.91 -1.85
CA PHE I 57 32.67 12.66 -1.59
C PHE I 57 32.16 13.55 -0.48
N ASP I 58 33.03 13.96 0.43
CA ASP I 58 32.62 14.74 1.59
C ASP I 58 32.22 16.16 1.21
N MET I 59 32.76 16.69 0.11
CA MET I 59 32.53 18.12 -0.23
C MET I 59 31.35 18.32 -1.19
N HIS I 60 30.47 17.34 -1.33
CA HIS I 60 29.29 17.51 -2.16
C HIS I 60 28.00 17.68 -1.37
N GLY I 61 28.07 17.68 -0.06
CA GLY I 61 26.86 17.86 0.72
C GLY I 61 27.10 17.51 2.17
N ARG I 62 26.05 17.67 2.96
CA ARG I 62 26.13 17.38 4.37
C ARG I 62 25.93 15.88 4.62
N PHE I 63 26.00 15.49 5.89
CA PHE I 63 25.92 14.08 6.27
C PHE I 63 24.58 13.46 5.90
N GLU I 64 23.49 14.23 6.06
CA GLU I 64 22.17 13.72 5.72
C GLU I 64 22.03 13.55 4.21
N GLN I 65 22.68 14.41 3.44
CA GLN I 65 22.50 14.46 2.00
C GLN I 65 23.37 13.44 1.29
N LEU I 66 24.51 13.09 1.86
CA LEU I 66 25.34 12.06 1.25
C LEU I 66 24.77 10.68 1.46
N ALA I 67 24.06 10.46 2.57
CA ALA I 67 23.40 9.19 2.80
C ALA I 67 22.12 9.08 1.99
N GLU I 68 21.47 10.21 1.69
CA GLU I 68 20.34 10.21 0.77
C GLU I 68 20.79 9.85 -0.64
N PHE I 69 21.96 10.33 -1.04
CA PHE I 69 22.51 9.98 -2.35
C PHE I 69 22.91 8.52 -2.42
N PHE I 70 23.36 7.95 -1.30
CA PHE I 70 23.74 6.54 -1.28
C PHE I 70 22.51 5.64 -1.43
N ALA I 71 21.43 5.98 -0.74
CA ALA I 71 20.28 5.10 -0.66
C ALA I 71 19.50 5.02 -1.97
N ILE I 72 19.68 5.99 -2.87
CA ILE I 72 18.97 6.00 -4.14
C ILE I 72 19.89 5.70 -5.31
N SER I 73 21.10 5.22 -5.04
CA SER I 73 22.03 4.88 -6.11
C SER I 73 21.60 3.60 -6.82
N ALA I 74 21.01 2.68 -6.08
CA ALA I 74 20.60 1.38 -6.60
C ALA I 74 19.47 0.89 -5.72
N PRO I 75 18.65 -0.03 -6.22
CA PRO I 75 17.64 -0.64 -5.34
C PRO I 75 18.30 -1.49 -4.27
N ASN I 76 17.64 -1.52 -3.10
CA ASN I 76 18.05 -2.31 -1.93
C ASN I 76 19.43 -1.91 -1.43
N ARG I 77 19.82 -0.66 -1.66
CA ARG I 77 21.15 -0.21 -1.25
C ARG I 77 21.16 0.19 0.22
N LEU I 78 20.03 0.64 0.75
CA LEU I 78 19.95 0.96 2.17
C LEU I 78 19.83 -0.28 3.03
N GLN I 79 19.13 -1.30 2.53
CA GLN I 79 18.96 -2.57 3.29
C GLN I 79 20.35 -3.19 3.52
N ARG I 80 21.21 -3.17 2.50
CA ARG I 80 22.56 -3.76 2.62
C ARG I 80 23.35 -3.02 3.70
N LEU I 81 23.24 -1.68 3.74
CA LEU I 81 24.01 -0.88 4.72
C LEU I 81 23.63 -1.33 6.14
N VAL I 82 22.34 -1.49 6.42
CA VAL I 82 21.88 -1.91 7.76
C VAL I 82 22.49 -3.29 8.08
N TYR I 83 22.48 -4.19 7.10
CA TYR I 83 23.04 -5.55 7.29
C TYR I 83 24.53 -5.43 7.63
N GLU I 84 25.27 -4.60 6.89
CA GLU I 84 26.72 -4.43 7.12
C GLU I 84 26.96 -3.80 8.48
N MET I 85 26.18 -2.75 8.82
CA MET I 85 26.33 -2.06 10.13
C MET I 85 26.07 -3.08 11.25
N SER I 86 25.04 -3.91 11.09
CA SER I 86 24.75 -4.95 12.10
C SER I 86 25.98 -5.82 12.33
N LEU I 87 26.67 -6.21 11.25
CA LEU I 87 27.84 -7.06 11.38
C LEU I 87 29.00 -6.37 12.07
N SER I 88 29.13 -5.06 11.90
CA SER I 88 30.27 -4.34 12.44
C SER I 88 29.99 -3.59 13.72
N PHE I 89 28.76 -3.17 13.96
CA PHE I 89 28.49 -2.44 15.20
C PHE I 89 28.24 -3.39 16.35
N ASP I 90 27.47 -4.44 16.12
CA ASP I 90 27.08 -5.37 17.17
C ASP I 90 27.86 -6.68 17.10
N SER I 91 29.12 -6.62 16.67
CA SER I 91 29.94 -7.82 16.55
C SER I 91 30.36 -8.31 17.93
N ALA I 92 30.93 -9.51 17.95
CA ALA I 92 31.32 -10.12 19.22
C ALA I 92 32.55 -9.44 19.82
N GLU I 93 33.43 -8.89 18.99
CA GLU I 93 34.57 -8.17 19.54
C GLU I 93 34.20 -6.77 20.02
N ALA I 94 33.07 -6.22 19.56
CA ALA I 94 32.56 -5.00 20.17
C ALA I 94 31.83 -5.29 21.46
N GLU I 95 31.30 -6.50 21.62
CA GLU I 95 30.74 -6.93 22.89
C GLU I 95 31.83 -7.07 23.94
N ALA I 96 32.99 -7.61 23.55
CA ALA I 96 34.06 -7.88 24.49
C ALA I 96 34.75 -6.60 24.95
N LEU I 97 34.79 -5.58 24.10
CA LEU I 97 35.29 -4.28 24.52
C LEU I 97 34.31 -3.53 25.40
N ARG I 98 33.08 -4.02 25.52
CA ARG I 98 32.01 -3.28 26.18
C ARG I 98 31.90 -3.64 27.64
N GLU I 99 32.32 -4.85 28.04
CA GLU I 99 32.32 -5.15 29.47
C GLU I 99 33.47 -4.46 30.18
N LYS I 100 34.61 -4.33 29.53
CA LYS I 100 35.78 -3.70 30.14
C LYS I 100 35.85 -2.21 29.86
N SER I 101 34.80 -1.62 29.32
CA SER I 101 34.77 -0.18 29.11
C SER I 101 34.36 0.52 30.39
N PRO I 102 35.16 1.48 30.87
CA PRO I 102 34.79 2.16 32.12
C PRO I 102 33.59 3.08 32.01
N MET I 103 33.26 3.58 30.82
CA MET I 103 32.07 4.43 30.69
C MET I 103 30.80 3.61 30.79
N HIS I 104 30.78 2.45 30.14
CA HIS I 104 29.58 1.62 30.14
C HIS I 104 29.38 0.95 31.49
N ARG I 105 30.45 0.73 32.25
CA ARG I 105 30.28 0.24 33.61
C ARG I 105 29.74 1.34 34.52
N ALA I 106 30.23 2.56 34.34
CA ALA I 106 29.78 3.66 35.19
C ALA I 106 28.38 4.11 34.84
N LEU I 107 27.96 3.90 33.60
CA LEU I 107 26.59 4.22 33.22
C LEU I 107 25.62 3.24 33.84
N ALA I 108 25.93 1.95 33.80
CA ALA I 108 25.03 0.93 34.30
C ALA I 108 25.04 0.81 35.82
N ALA I 109 26.02 1.42 36.50
CA ALA I 109 26.05 1.38 37.95
C ALA I 109 24.97 2.24 38.57
N LEU I 110 24.50 3.25 37.86
CA LEU I 110 23.42 4.11 38.33
C LEU I 110 22.07 3.50 37.99
N ASP I 111 21.07 3.85 38.79
CA ASP I 111 19.74 3.27 38.65
C ASP I 111 18.88 4.25 37.88
N TRP I 112 19.07 4.26 36.56
CA TRP I 112 18.30 5.15 35.71
C TRP I 112 16.89 4.60 35.50
N ARG I 113 16.02 5.45 34.97
CA ARG I 113 14.70 5.01 34.55
C ARG I 113 14.44 5.20 33.07
N THR I 114 15.11 6.16 32.42
CA THR I 114 14.94 6.39 31.00
C THR I 114 16.30 6.80 30.44
N ILE I 115 16.69 6.20 29.32
CA ILE I 115 17.92 6.56 28.62
C ILE I 115 17.58 6.75 27.15
N TYR I 116 17.98 7.89 26.59
CA TYR I 116 17.82 8.16 25.18
C TYR I 116 19.15 8.02 24.46
N THR I 117 19.15 7.38 23.30
CA THR I 117 20.34 7.27 22.46
C THR I 117 19.98 7.57 21.02
N THR I 118 20.96 8.10 20.27
CA THR I 118 20.81 8.30 18.84
C THR I 118 21.75 7.44 18.02
N ASN I 119 22.22 6.34 18.56
CA ASN I 119 23.12 5.47 17.81
C ASN I 119 22.51 4.09 17.64
N TYR I 120 22.82 3.46 16.50
CA TYR I 120 22.20 2.14 16.18
C TYR I 120 23.11 1.01 16.61
N ASP I 121 23.11 0.69 17.91
CA ASP I 121 23.89 -0.41 18.46
C ASP I 121 23.30 -0.81 19.79
N LYS I 122 23.48 -2.09 20.13
CA LYS I 122 22.93 -2.59 21.39
C LYS I 122 23.95 -2.51 22.53
N HIS I 123 24.63 -1.37 22.64
CA HIS I 123 25.69 -1.26 23.62
C HIS I 123 25.33 -0.35 24.77
N VAL I 124 24.13 0.23 24.77
CA VAL I 124 23.64 0.97 25.91
C VAL I 124 22.70 0.12 26.74
N GLU I 125 21.77 -0.58 26.09
CA GLU I 125 21.03 -1.59 26.84
C GLU I 125 21.89 -2.81 27.10
N GLY I 126 22.89 -3.08 26.26
CA GLY I 126 23.80 -4.18 26.53
C GLY I 126 24.70 -3.93 27.72
N ALA I 127 24.99 -2.67 28.00
CA ALA I 127 25.73 -2.34 29.22
C ALA I 127 24.90 -2.59 30.46
N LEU I 128 23.58 -2.42 30.37
CA LEU I 128 22.72 -2.68 31.50
C LEU I 128 22.55 -4.18 31.75
N ARG I 129 22.56 -4.99 30.69
CA ARG I 129 22.53 -6.44 30.86
C ARG I 129 23.83 -6.96 31.44
N ASP I 130 24.94 -6.26 31.21
CA ASP I 130 26.22 -6.71 31.75
C ASP I 130 26.28 -6.51 33.26
N ALA I 131 25.60 -5.51 33.78
CA ALA I 131 25.59 -5.23 35.20
C ALA I 131 24.50 -5.98 35.95
N GLY I 132 23.88 -6.97 35.33
CA GLY I 132 22.81 -7.71 35.95
C GLY I 132 21.45 -7.07 35.87
N LYS I 133 21.38 -5.80 35.46
CA LYS I 133 20.11 -5.12 35.31
C LYS I 133 19.45 -5.54 34.01
N GLN I 134 18.19 -5.16 33.86
CA GLN I 134 17.43 -5.47 32.66
C GLN I 134 16.87 -4.20 32.08
N ALA I 135 16.83 -4.14 30.76
CA ALA I 135 16.44 -2.95 30.02
C ALA I 135 15.31 -3.28 29.07
N ALA I 136 14.71 -2.22 28.51
CA ALA I 136 13.58 -2.37 27.61
C ALA I 136 13.78 -1.41 26.46
N VAL I 137 14.08 -1.94 25.29
CA VAL I 137 14.34 -1.12 24.12
C VAL I 137 13.03 -0.70 23.51
N LEU I 138 12.86 0.62 23.32
CA LEU I 138 11.65 1.17 22.73
C LEU I 138 12.06 1.98 21.51
N ALA I 139 11.69 1.50 20.34
CA ALA I 139 12.07 2.18 19.12
C ALA I 139 10.90 2.50 18.22
N SER I 140 9.91 1.61 18.12
CA SER I 140 8.81 1.77 17.20
C SER I 140 7.50 1.84 17.98
N PHE I 141 6.39 1.96 17.24
CA PHE I 141 5.07 2.03 17.87
C PHE I 141 4.70 0.72 18.54
N ALA I 142 5.14 -0.41 17.98
CA ALA I 142 4.81 -1.70 18.58
C ALA I 142 5.57 -1.96 19.86
N ASP I 143 6.72 -1.30 20.05
CA ASP I 143 7.47 -1.46 21.28
C ASP I 143 6.82 -0.71 22.43
N PHE I 144 6.29 0.48 22.16
CA PHE I 144 5.64 1.26 23.20
C PHE I 144 4.37 0.59 23.70
N GLN I 145 3.63 -0.06 22.81
CA GLN I 145 2.43 -0.77 23.24
C GLN I 145 2.67 -2.21 23.62
N GLY I 146 3.89 -2.70 23.50
CA GLY I 146 4.21 -4.04 23.91
C GLY I 146 4.30 -4.16 25.41
N PRO I 147 4.40 -5.40 25.88
CA PRO I 147 4.51 -5.63 27.33
C PRO I 147 5.93 -5.41 27.82
N ARG I 148 6.05 -4.71 28.95
CA ARG I 148 7.29 -4.60 29.70
C ARG I 148 7.08 -5.13 31.10
N ALA I 149 8.15 -5.05 31.89
CA ALA I 149 8.06 -5.34 33.31
C ALA I 149 7.73 -4.04 34.03
N ARG I 150 7.70 -4.09 35.37
CA ARG I 150 7.12 -3.00 36.14
C ARG I 150 8.09 -1.82 36.25
N ASP I 151 9.25 -2.04 36.85
CA ASP I 151 10.24 -0.98 37.05
C ASP I 151 11.53 -1.41 36.35
N VAL I 152 11.61 -1.08 35.07
CA VAL I 152 12.74 -1.44 34.21
C VAL I 152 13.13 -0.20 33.44
N CYS I 153 14.44 0.06 33.36
CA CYS I 153 14.96 1.19 32.59
C CYS I 153 14.60 1.06 31.12
N GLU I 154 13.88 2.07 30.63
CA GLU I 154 13.43 2.10 29.24
C GLU I 154 14.48 2.81 28.42
N VAL I 155 15.10 2.09 27.48
CA VAL I 155 16.09 2.68 26.59
C VAL I 155 15.37 3.09 25.31
N ILE I 156 15.29 4.38 25.07
CA ILE I 156 14.58 4.92 23.91
C ILE I 156 15.59 5.08 22.78
N LYS I 157 15.54 4.19 21.80
CA LYS I 157 16.35 4.34 20.60
C LYS I 157 15.73 5.44 19.75
N PHE I 158 16.28 6.65 19.86
CA PHE I 158 15.63 7.82 19.28
C PHE I 158 15.75 7.83 17.76
N HIS I 159 16.83 7.32 17.22
CA HIS I 159 17.00 7.28 15.78
C HIS I 159 16.81 5.90 15.16
N GLY I 160 16.51 4.89 15.97
CA GLY I 160 16.19 3.58 15.43
C GLY I 160 17.18 2.53 15.91
N THR I 161 16.84 1.29 15.59
CA THR I 161 17.63 0.14 16.02
C THR I 161 17.94 -0.70 14.79
N LEU I 162 19.02 -1.46 14.85
CA LEU I 162 19.41 -2.27 13.70
C LEU I 162 18.54 -3.50 13.52
N ASP I 163 17.85 -3.96 14.56
CA ASP I 163 16.98 -5.11 14.40
C ASP I 163 15.59 -4.73 13.89
N GLN I 164 15.32 -3.44 13.76
CA GLN I 164 14.09 -2.95 13.14
C GLN I 164 14.54 -1.92 12.10
N PRO I 165 14.86 -2.35 10.88
CA PRO I 165 15.48 -1.43 9.91
C PRO I 165 14.56 -0.35 9.38
N ASP I 166 13.26 -0.43 9.61
CA ASP I 166 12.37 0.65 9.20
C ASP I 166 12.45 1.86 10.10
N THR I 167 13.03 1.72 11.29
CA THR I 167 13.08 2.81 12.25
C THR I 167 14.34 3.66 12.14
N ILE I 168 15.30 3.24 11.32
CA ILE I 168 16.57 3.94 11.24
C ILE I 168 16.40 5.21 10.43
N VAL I 169 16.75 6.35 11.01
CA VAL I 169 16.76 7.61 10.29
C VAL I 169 18.22 7.97 10.01
N LEU I 170 18.59 7.86 8.77
CA LEU I 170 19.94 8.16 8.32
C LEU I 170 19.97 9.10 7.14
N THR I 171 19.05 8.95 6.20
CA THR I 171 19.02 9.75 4.99
C THR I 171 18.32 11.07 5.26
N GLU I 172 18.39 11.97 4.28
CA GLU I 172 17.82 13.30 4.45
C GLU I 172 16.30 13.25 4.48
N SER I 173 15.71 12.36 3.69
CA SER I 173 14.26 12.21 3.67
C SER I 173 13.72 11.66 4.97
N SER I 174 14.53 10.90 5.71
CA SER I 174 14.09 10.41 7.01
C SER I 174 14.22 11.46 8.09
N TYR I 175 15.15 12.41 7.95
CA TYR I 175 15.19 13.53 8.88
C TYR I 175 14.05 14.50 8.64
N PHE I 176 13.66 14.69 7.38
CA PHE I 176 12.52 15.55 7.08
C PHE I 176 11.21 14.93 7.53
N GLN I 177 11.13 13.60 7.56
CA GLN I 177 9.94 12.94 8.04
C GLN I 177 9.80 13.08 9.56
N ARG I 178 10.90 13.32 10.26
CA ARG I 178 10.89 13.52 11.69
C ARG I 178 10.74 14.97 12.08
N MET I 179 10.66 15.89 11.12
CA MET I 179 10.42 17.29 11.44
C MET I 179 8.99 17.56 11.88
N ALA I 180 8.07 16.64 11.61
CA ALA I 180 6.70 16.81 12.08
C ALA I 180 6.56 16.53 13.56
N LEU I 181 7.58 15.91 14.17
CA LEU I 181 7.63 15.58 15.59
C LEU I 181 6.47 14.67 15.98
N ASP I 182 6.16 13.73 15.10
CA ASP I 182 4.99 12.89 15.23
C ASP I 182 5.35 11.42 15.49
N ALA I 183 6.62 11.05 15.35
CA ALA I 183 7.04 9.69 15.62
C ALA I 183 6.95 9.40 17.11
N PRO I 184 6.81 8.12 17.49
CA PRO I 184 6.73 7.78 18.92
C PRO I 184 7.98 8.12 19.72
N PRO I 185 9.22 8.08 19.18
CA PRO I 185 10.31 8.65 19.98
C PRO I 185 10.26 10.16 20.06
N ASP I 186 9.63 10.84 19.10
CA ASP I 186 9.54 12.30 19.17
C ASP I 186 8.54 12.72 20.23
N GLN I 187 7.41 12.03 20.32
CA GLN I 187 6.37 12.39 21.28
C GLN I 187 6.79 12.06 22.70
N ARG I 188 7.59 11.02 22.89
CA ARG I 188 8.06 10.66 24.21
C ARG I 188 9.16 11.61 24.68
N LEU I 189 9.97 12.12 23.75
CA LEU I 189 11.03 13.04 24.12
C LEU I 189 10.47 14.39 24.54
N ARG I 190 9.44 14.89 23.84
CA ARG I 190 8.93 16.22 24.13
C ARG I 190 8.16 16.24 25.44
N ALA I 191 7.64 15.09 25.88
CA ALA I 191 6.96 15.04 27.16
C ALA I 191 7.95 14.85 28.30
N ASP I 192 9.07 14.17 28.06
CA ASP I 192 10.08 14.07 29.09
C ASP I 192 10.85 15.36 29.25
N LEU I 193 10.94 16.15 28.19
CA LEU I 193 11.63 17.43 28.27
C LEU I 193 10.82 18.46 29.04
N LEU I 194 9.52 18.26 29.18
CA LEU I 194 8.70 19.15 29.98
C LEU I 194 9.00 19.07 31.46
N ALA I 195 9.61 17.99 31.94
CA ALA I 195 9.71 17.78 33.37
C ALA I 195 11.09 17.34 33.86
N ASN I 196 12.09 17.18 33.00
CA ASN I 196 13.32 16.53 33.39
C ASN I 196 14.52 17.28 32.86
N SER I 197 15.64 17.19 33.58
CA SER I 197 16.93 17.63 33.10
C SER I 197 17.57 16.54 32.28
N PHE I 198 18.28 16.92 31.22
CA PHE I 198 18.98 15.94 30.41
C PHE I 198 20.49 16.11 30.55
N LEU I 199 21.21 15.03 30.32
CA LEU I 199 22.67 15.01 30.35
C LEU I 199 23.16 14.47 29.03
N PHE I 200 23.70 15.34 28.19
CA PHE I 200 24.19 14.96 26.87
C PHE I 200 25.63 14.51 26.99
N ILE I 201 25.88 13.24 26.68
CA ILE I 201 27.21 12.64 26.79
C ILE I 201 27.58 12.08 25.44
N GLY I 202 28.70 12.53 24.90
CA GLY I 202 29.18 12.02 23.64
C GLY I 202 28.37 12.44 22.44
N TYR I 203 27.53 13.46 22.58
CA TYR I 203 26.66 13.92 21.52
C TYR I 203 26.98 15.36 21.20
N SER I 204 27.00 15.70 19.93
CA SER I 204 27.19 17.07 19.46
C SER I 204 25.94 17.49 18.71
N PHE I 205 25.43 18.68 18.99
CA PHE I 205 24.16 19.10 18.41
C PHE I 205 24.36 19.44 16.95
N SER I 206 24.31 18.41 16.12
CA SER I 206 24.37 18.59 14.69
C SER I 206 23.09 18.16 13.99
N ASP I 207 22.18 17.52 14.69
CA ASP I 207 20.92 17.08 14.12
C ASP I 207 19.92 18.22 14.23
N THR I 208 19.36 18.64 13.10
CA THR I 208 18.45 19.77 13.10
C THR I 208 17.06 19.42 13.62
N ASN I 209 16.79 18.16 13.92
CA ASN I 209 15.55 17.82 14.59
C ASN I 209 15.69 17.78 16.10
N ILE I 210 16.89 17.54 16.61
CA ILE I 210 17.12 17.69 18.05
C ILE I 210 17.11 19.15 18.43
N ARG I 211 17.77 19.99 17.62
CA ARG I 211 17.83 21.42 17.91
C ARG I 211 16.47 22.08 17.78
N TYR I 212 15.60 21.54 16.92
CA TYR I 212 14.27 22.06 16.75
C TYR I 212 13.34 21.69 17.91
N ILE I 213 13.63 20.62 18.62
CA ILE I 213 12.82 20.28 19.79
C ILE I 213 13.13 21.21 20.95
N TRP I 214 14.42 21.46 21.20
CA TRP I 214 14.81 22.43 22.22
C TRP I 214 14.46 23.86 21.83
N TYR I 215 14.32 24.14 20.54
CA TYR I 215 13.80 25.45 20.12
C TYR I 215 12.36 25.62 20.59
N ARG I 216 11.51 24.63 20.32
CA ARG I 216 10.09 24.78 20.61
C ARG I 216 9.73 24.54 22.05
N MET I 217 10.69 24.16 22.89
CA MET I 217 10.43 24.15 24.32
C MET I 217 10.57 25.55 24.91
N ASN I 218 11.39 26.39 24.28
CA ASN I 218 11.50 27.79 24.67
C ASN I 218 10.34 28.62 24.20
N GLN I 219 9.70 28.22 23.12
CA GLN I 219 8.48 28.89 22.71
C GLN I 219 7.37 28.63 23.70
N LEU I 220 7.40 27.49 24.39
CA LEU I 220 6.52 27.33 25.54
C LEU I 220 7.03 28.08 26.75
N ARG I 221 8.35 28.18 26.89
CA ARG I 221 8.93 28.82 28.06
C ARG I 221 8.76 30.33 28.00
N GLU I 222 8.93 30.92 26.82
CA GLU I 222 8.81 32.37 26.72
C GLU I 222 7.36 32.84 26.69
N GLN I 223 6.46 32.06 26.14
CA GLN I 223 5.05 32.44 26.12
C GLN I 223 4.40 32.30 27.49
N SER I 224 4.98 31.51 28.38
CA SER I 224 4.43 31.37 29.70
C SER I 224 4.76 32.54 30.62
N GLN I 225 5.63 33.44 30.19
CA GLN I 225 5.90 34.73 30.82
C GLN I 225 6.41 34.58 32.25
N LEU I 226 7.25 33.59 32.47
CA LEU I 226 7.91 33.45 33.75
C LEU I 226 8.97 34.55 33.92
N GLY I 227 9.45 34.70 35.14
CA GLY I 227 10.42 35.73 35.44
C GLY I 227 11.79 35.40 34.89
N VAL I 228 12.75 36.27 35.22
CA VAL I 228 14.14 35.98 34.90
C VAL I 228 14.65 34.86 35.79
N LYS I 229 14.20 34.81 37.04
CA LYS I 229 14.68 33.80 37.97
C LYS I 229 14.08 32.43 37.68
N HIS I 230 12.79 32.36 37.39
CA HIS I 230 12.10 31.09 37.32
C HIS I 230 12.19 30.43 35.96
N SER I 231 12.40 31.19 34.89
CA SER I 231 12.60 30.57 33.59
C SER I 231 13.97 29.98 33.42
N GLN I 232 14.92 30.28 34.31
CA GLN I 232 16.28 29.79 34.22
C GLN I 232 16.58 28.72 35.25
N ALA I 233 15.54 28.13 35.84
CA ALA I 233 15.75 27.23 36.98
C ALA I 233 16.06 25.81 36.55
N ARG I 234 15.35 25.29 35.56
CA ARG I 234 15.51 23.91 35.11
C ARG I 234 16.47 23.90 33.94
N ARG I 235 17.67 23.37 34.17
CA ARG I 235 18.76 23.41 33.21
C ARG I 235 18.96 22.02 32.60
N CYS I 236 19.63 21.98 31.45
CA CYS I 236 20.12 20.75 30.86
C CYS I 236 21.64 20.86 30.75
N PHE I 237 22.29 19.72 30.66
CA PHE I 237 23.75 19.67 30.78
C PHE I 237 24.35 18.98 29.57
N PHE I 238 25.47 19.52 29.11
CA PHE I 238 26.07 19.16 27.82
C PHE I 238 27.56 18.92 28.03
N ALA I 239 27.91 17.66 28.31
CA ALA I 239 29.29 17.29 28.57
C ALA I 239 30.02 17.11 27.25
N THR I 240 31.07 17.90 27.04
CA THR I 240 31.77 17.90 25.76
C THR I 240 33.23 18.28 25.97
N HIS I 241 34.13 17.51 25.37
CA HIS I 241 35.54 17.83 25.45
C HIS I 241 35.90 19.05 24.61
N GLY I 242 35.30 19.18 23.44
CA GLY I 242 35.77 20.11 22.44
C GLY I 242 34.73 21.03 21.84
N ALA I 243 33.84 21.58 22.65
CA ALA I 243 32.88 22.56 22.15
C ALA I 243 33.60 23.82 21.73
N GLY I 244 33.12 24.46 20.67
CA GLY I 244 33.81 25.60 20.10
C GLY I 244 33.58 26.89 20.86
N LEU I 245 33.48 27.99 20.11
CA LEU I 245 33.23 29.29 20.71
C LEU I 245 31.84 29.81 20.44
N VAL I 246 31.16 29.30 19.42
CA VAL I 246 29.83 29.75 19.04
C VAL I 246 28.75 28.90 19.68
N GLN I 247 28.90 27.58 19.61
CA GLN I 247 27.85 26.67 20.06
C GLN I 247 27.50 26.72 21.55
N PRO I 248 28.40 26.94 22.52
CA PRO I 248 27.91 27.10 23.90
C PRO I 248 27.04 28.31 24.14
N ASP I 249 27.19 29.38 23.37
CA ASP I 249 26.33 30.54 23.56
C ASP I 249 24.99 30.40 22.86
N ILE I 250 24.90 29.56 21.84
CA ILE I 250 23.61 29.30 21.21
C ILE I 250 22.73 28.50 22.17
N LEU I 251 23.33 27.56 22.89
CA LEU I 251 22.59 26.66 23.75
C LEU I 251 22.24 27.27 25.10
N GLN I 252 22.83 28.40 25.47
CA GLN I 252 22.40 29.11 26.67
C GLN I 252 20.99 29.64 26.54
N GLN I 253 20.57 29.92 25.30
CA GLN I 253 19.19 30.30 25.03
C GLN I 253 18.22 29.20 25.43
N TRP I 254 18.65 27.95 25.34
CA TRP I 254 17.75 26.81 25.47
C TRP I 254 17.93 26.12 26.81
N ASN I 255 18.49 26.83 27.79
CA ASN I 255 18.79 26.34 29.14
C ASN I 255 19.66 25.08 29.10
N ILE I 256 20.75 25.14 28.34
CA ILE I 256 21.69 24.05 28.23
C ILE I 256 23.04 24.55 28.68
N ASP I 257 23.57 23.99 29.76
CA ASP I 257 24.86 24.35 30.29
C ASP I 257 25.91 23.37 29.80
N VAL I 258 27.13 23.87 29.58
CA VAL I 258 28.21 23.07 29.02
C VAL I 258 29.13 22.64 30.16
N ILE I 259 29.42 21.36 30.22
CA ILE I 259 30.37 20.80 31.18
C ILE I 259 31.65 20.49 30.42
N GLN I 260 32.71 21.22 30.71
CA GLN I 260 33.98 21.03 30.02
C GLN I 260 34.71 19.84 30.62
N LEU I 261 34.93 18.81 29.81
CA LEU I 261 35.68 17.64 30.23
C LEU I 261 37.11 17.73 29.74
N ASP I 262 37.98 16.95 30.36
CA ASP I 262 39.40 17.01 30.06
C ASP I 262 39.68 16.30 28.73
N PRO I 263 40.18 17.00 27.71
CA PRO I 263 40.31 16.39 26.38
C PRO I 263 41.52 15.50 26.20
N THR I 264 42.36 15.32 27.21
CA THR I 264 43.55 14.49 27.04
C THR I 264 43.17 13.01 26.99
N ASP I 265 42.27 12.58 27.86
CA ASP I 265 41.74 11.23 27.84
C ASP I 265 40.22 11.34 27.84
N LYS I 266 39.61 11.05 26.69
CA LYS I 266 38.17 11.25 26.55
C LYS I 266 37.37 10.23 27.33
N SER I 267 37.85 8.99 27.43
CA SER I 267 37.07 7.95 28.07
C SER I 267 37.09 8.08 29.59
N ALA I 268 38.22 8.49 30.16
CA ALA I 268 38.32 8.61 31.60
C ALA I 268 37.62 9.86 32.13
N SER I 269 37.49 10.88 31.30
CA SER I 269 36.81 12.09 31.73
C SER I 269 35.32 11.88 31.83
N VAL I 270 34.76 11.08 30.93
CA VAL I 270 33.34 10.76 30.98
C VAL I 270 33.05 9.85 32.16
N ALA I 271 33.93 8.88 32.41
CA ALA I 271 33.72 7.92 33.49
C ALA I 271 33.77 8.58 34.86
N ARG I 272 34.62 9.60 35.03
CA ARG I 272 34.63 10.33 36.29
C ARG I 272 33.39 11.18 36.46
N LEU I 273 32.74 11.58 35.37
CA LEU I 273 31.49 12.33 35.48
C LEU I 273 30.36 11.42 35.94
N LEU I 274 30.28 10.21 35.37
CA LEU I 274 29.22 9.28 35.74
C LEU I 274 29.42 8.70 37.12
N GLU I 275 30.65 8.64 37.61
CA GLU I 275 30.89 8.19 38.97
C GLU I 275 30.64 9.28 40.00
N SER I 276 30.69 10.54 39.59
CA SER I 276 30.40 11.63 40.50
C SER I 276 28.92 11.82 40.75
N ILE I 277 28.07 11.24 39.90
CA ILE I 277 26.62 11.33 40.11
C ILE I 277 26.22 10.40 41.25
N ALA I 278 26.87 9.24 41.35
CA ALA I 278 26.60 8.29 42.42
C ALA I 278 27.00 8.83 43.79
N THR J 2 21.90 13.52 -18.34
CA THR J 2 21.43 13.59 -16.96
C THR J 2 21.20 15.04 -16.54
N THR J 3 21.51 15.96 -17.44
CA THR J 3 21.43 17.39 -17.14
C THR J 3 21.11 18.14 -18.42
N LEU J 4 20.09 18.99 -18.37
CA LEU J 4 19.70 19.76 -19.54
C LEU J 4 20.73 20.82 -19.87
N THR J 5 20.89 21.10 -21.15
CA THR J 5 21.70 22.22 -21.60
C THR J 5 20.79 23.42 -21.79
N LEU J 6 21.35 24.51 -22.33
CA LEU J 6 20.56 25.71 -22.51
C LEU J 6 19.60 25.59 -23.68
N SER J 7 20.04 24.98 -24.79
CA SER J 7 19.18 24.83 -25.94
C SER J 7 18.12 23.74 -25.75
N GLU J 8 18.39 22.75 -24.89
CA GLU J 8 17.39 21.73 -24.62
C GLU J 8 16.28 22.25 -23.73
N ALA J 9 16.63 23.07 -22.74
CA ALA J 9 15.66 23.57 -21.77
C ALA J 9 14.87 24.76 -22.28
N ALA J 10 15.32 25.41 -23.34
CA ALA J 10 14.63 26.58 -23.88
C ALA J 10 13.22 26.32 -24.44
N PRO J 11 12.93 25.23 -25.19
CA PRO J 11 11.52 25.01 -25.54
C PRO J 11 10.66 24.54 -24.39
N LEU J 12 11.26 23.97 -23.34
CA LEU J 12 10.49 23.58 -22.17
C LEU J 12 10.08 24.79 -21.35
N LEU J 13 10.90 25.84 -21.36
CA LEU J 13 10.57 27.05 -20.62
C LEU J 13 9.62 27.95 -21.39
N LYS J 14 9.64 27.89 -22.72
CA LYS J 14 8.69 28.67 -23.50
C LYS J 14 7.27 28.17 -23.31
N LYS J 15 7.10 26.85 -23.19
CA LYS J 15 5.77 26.27 -23.07
C LYS J 15 5.13 26.63 -21.74
N GLU J 16 5.90 26.59 -20.66
CA GLU J 16 5.37 26.95 -19.37
C GLU J 16 5.17 28.45 -19.22
N PHE J 17 5.93 29.25 -19.96
CA PHE J 17 5.77 30.69 -19.83
C PHE J 17 4.55 31.20 -20.61
N ARG J 18 4.29 30.65 -21.80
CA ARG J 18 3.14 31.12 -22.56
C ARG J 18 1.84 30.62 -21.98
N GLU J 19 1.87 29.60 -21.13
CA GLU J 19 0.70 29.21 -20.36
C GLU J 19 0.56 29.97 -19.06
N GLY J 20 1.55 30.79 -18.70
CA GLY J 20 1.48 31.55 -17.47
C GLY J 20 1.74 30.75 -16.23
N ARG J 21 2.52 29.68 -16.32
CA ARG J 21 2.72 28.76 -15.22
C ARG J 21 4.19 28.59 -14.88
N LEU J 22 5.00 29.61 -15.16
CA LEU J 22 6.42 29.62 -14.83
C LEU J 22 6.69 30.80 -13.92
N ILE J 23 7.36 30.53 -12.79
CA ILE J 23 7.63 31.53 -11.77
C ILE J 23 9.11 31.53 -11.44
N PRO J 24 9.81 32.65 -11.55
CA PRO J 24 11.24 32.68 -11.20
C PRO J 24 11.45 32.66 -9.70
N PHE J 25 12.53 32.01 -9.29
CA PHE J 25 12.95 31.99 -7.89
C PHE J 25 14.39 32.45 -7.87
N LEU J 26 14.65 33.63 -7.31
CA LEU J 26 15.95 34.27 -7.44
C LEU J 26 16.70 34.25 -6.13
N GLY J 27 17.99 33.93 -6.19
CA GLY J 27 18.81 33.77 -5.02
C GLY J 27 19.84 34.86 -4.86
N ALA J 28 20.84 34.58 -4.02
CA ALA J 28 21.87 35.57 -3.73
C ALA J 28 22.86 35.72 -4.87
N GLY J 29 22.99 34.71 -5.73
CA GLY J 29 23.86 34.84 -6.88
C GLY J 29 23.30 35.71 -7.98
N PHE J 30 22.04 36.08 -7.89
CA PHE J 30 21.45 36.97 -8.89
C PHE J 30 21.85 38.42 -8.64
N SER J 31 22.29 38.75 -7.43
CA SER J 31 22.75 40.10 -7.11
C SER J 31 24.26 40.18 -7.00
N LYS J 32 24.96 39.14 -7.42
CA LYS J 32 26.42 39.10 -7.46
C LYS J 32 27.04 40.09 -8.47
N PRO J 33 26.49 40.34 -9.67
CA PRO J 33 27.08 41.40 -10.51
C PRO J 33 26.85 42.80 -10.01
N LEU J 34 26.04 43.00 -8.97
CA LEU J 34 25.87 44.30 -8.35
C LEU J 34 26.90 44.56 -7.28
N LYS J 35 27.93 43.70 -7.19
CA LYS J 35 29.02 43.78 -6.19
C LYS J 35 28.47 43.72 -4.78
N LEU J 36 27.55 42.85 -4.55
CA LEU J 36 27.02 42.68 -3.22
C LEU J 36 27.58 41.43 -2.58
N PRO J 37 27.63 41.38 -1.25
CA PRO J 37 28.03 40.15 -0.56
C PRO J 37 27.07 39.00 -0.81
N ASP J 38 27.62 37.80 -0.91
CA ASP J 38 26.84 36.58 -0.82
C ASP J 38 26.82 36.12 0.63
N GLY J 39 26.42 34.88 0.88
CA GLY J 39 26.36 34.34 2.23
C GLY J 39 27.72 34.16 2.90
N SER J 40 28.81 34.26 2.16
CA SER J 40 30.14 34.15 2.74
C SER J 40 30.76 35.50 3.08
N GLN J 41 30.51 36.54 2.31
CA GLN J 41 31.06 37.84 2.66
C GLN J 41 30.28 38.55 3.76
N LEU J 42 29.05 38.11 4.07
CA LEU J 42 28.42 38.61 5.29
C LEU J 42 29.12 38.10 6.53
N ILE J 43 29.45 36.81 6.56
CA ILE J 43 30.12 36.19 7.70
C ILE J 43 31.52 36.76 7.88
N ALA J 44 32.17 37.16 6.79
CA ALA J 44 33.44 37.85 6.90
C ALA J 44 33.27 39.24 7.51
N SER J 45 32.10 39.84 7.34
CA SER J 45 31.84 41.14 7.95
C SER J 45 31.34 41.02 9.38
N LEU J 46 30.65 39.93 9.71
CA LEU J 46 30.23 39.72 11.08
C LEU J 46 31.42 39.34 11.96
N ALA J 47 32.41 38.65 11.39
CA ALA J 47 33.58 38.26 12.14
C ALA J 47 34.47 39.46 12.46
N LYS J 48 34.46 40.47 11.61
CA LYS J 48 35.26 41.66 11.87
C LYS J 48 34.69 42.46 13.03
N THR J 49 33.35 42.48 13.15
CA THR J 49 32.72 43.21 14.24
C THR J 49 32.94 42.50 15.58
N LEU J 50 32.86 41.17 15.57
CA LEU J 50 33.00 40.40 16.80
C LEU J 50 34.44 40.23 17.24
N GLY J 51 35.42 40.59 16.40
CA GLY J 51 36.81 40.40 16.76
C GLY J 51 37.40 39.07 16.37
N PHE J 52 36.77 38.35 15.45
CA PHE J 52 37.26 37.09 14.96
C PHE J 52 38.08 37.28 13.69
N GLU J 53 38.99 36.38 13.46
CA GLU J 53 39.51 36.28 12.11
C GLU J 53 38.47 35.56 11.25
N PRO J 54 38.29 35.98 9.99
CA PRO J 54 37.19 35.44 9.19
C PRO J 54 37.33 33.97 8.83
N GLU J 55 38.54 33.42 8.86
CA GLU J 55 38.70 31.99 8.62
C GLU J 55 38.51 31.17 9.88
N LEU J 56 38.78 31.75 11.05
CA LEU J 56 38.53 31.05 12.30
C LEU J 56 37.06 31.08 12.69
N PHE J 57 36.35 32.15 12.32
CA PHE J 57 34.95 32.27 12.67
C PHE J 57 34.09 31.32 11.85
N ASP J 58 34.54 30.97 10.66
CA ASP J 58 33.77 30.13 9.76
C ASP J 58 33.68 28.68 10.24
N MET J 59 34.66 28.23 11.02
CA MET J 59 34.72 26.78 11.38
C MET J 59 34.07 26.50 12.74
N HIS J 60 33.24 27.40 13.26
CA HIS J 60 32.53 27.15 14.50
C HIS J 60 31.05 26.86 14.31
N GLY J 61 30.57 26.83 13.08
CA GLY J 61 29.17 26.54 12.86
C GLY J 61 28.76 26.88 11.44
N ARG J 62 27.49 26.62 11.16
CA ARG J 62 26.96 26.89 9.85
C ARG J 62 26.55 28.35 9.73
N PHE J 63 26.05 28.73 8.56
CA PHE J 63 25.70 30.12 8.27
C PHE J 63 24.58 30.62 9.17
N GLU J 64 23.60 29.77 9.46
CA GLU J 64 22.49 30.15 10.33
C GLU J 64 22.96 30.34 11.76
N GLN J 65 23.95 29.56 12.17
CA GLN J 65 24.39 29.52 13.55
C GLN J 65 25.38 30.63 13.87
N LEU J 66 26.15 31.06 12.89
CA LEU J 66 27.07 32.17 13.12
C LEU J 66 26.33 33.49 13.19
N ALA J 67 25.22 33.62 12.47
CA ALA J 67 24.41 34.82 12.56
C ALA J 67 23.58 34.84 13.83
N GLU J 68 23.20 33.67 14.35
CA GLU J 68 22.56 33.59 15.65
C GLU J 68 23.51 34.01 16.76
N PHE J 69 24.79 33.64 16.64
CA PHE J 69 25.80 34.06 17.61
C PHE J 69 26.06 35.55 17.54
N PHE J 70 25.96 36.14 16.34
CA PHE J 70 26.17 37.57 16.19
C PHE J 70 25.04 38.36 16.85
N ALA J 71 23.80 37.92 16.67
CA ALA J 71 22.65 38.70 17.09
C ALA J 71 22.48 38.73 18.61
N ILE J 72 23.09 37.80 19.33
CA ILE J 72 22.97 37.74 20.78
C ILE J 72 24.26 38.15 21.47
N SER J 73 25.20 38.73 20.73
CA SER J 73 26.45 39.16 21.34
C SER J 73 26.25 40.41 22.18
N ALA J 74 25.33 41.27 21.78
CA ALA J 74 25.06 42.53 22.44
C ALA J 74 23.64 42.91 22.12
N PRO J 75 23.01 43.77 22.92
CA PRO J 75 21.69 44.26 22.54
C PRO J 75 21.76 45.15 21.31
N ASN J 76 20.69 45.10 20.52
CA ASN J 76 20.51 45.90 19.32
C ASN J 76 21.58 45.61 18.27
N ARG J 77 22.14 44.41 18.30
CA ARG J 77 23.21 44.07 17.37
C ARG J 77 22.66 43.65 16.01
N LEU J 78 21.46 43.08 15.99
CA LEU J 78 20.83 42.73 14.72
C LEU J 78 20.25 43.94 14.01
N GLN J 79 19.73 44.91 14.78
CA GLN J 79 19.17 46.14 14.18
C GLN J 79 20.27 46.86 13.41
N ARG J 80 21.47 46.94 13.99
CA ARG J 80 22.60 47.65 13.34
C ARG J 80 22.94 46.95 12.02
N LEU J 81 22.93 45.62 12.00
CA LEU J 81 23.29 44.87 10.77
C LEU J 81 22.32 45.26 9.65
N VAL J 82 21.02 45.30 9.94
CA VAL J 82 20.00 45.65 8.90
C VAL J 82 20.31 47.05 8.38
N TYR J 83 20.62 47.99 9.27
CA TYR J 83 20.94 49.38 8.88
C TYR J 83 22.16 49.37 7.95
N GLU J 84 23.21 48.65 8.35
CA GLU J 84 24.46 48.60 7.54
C GLU J 84 24.16 47.95 6.19
N MET J 85 23.41 46.85 6.19
CA MET J 85 23.09 46.13 4.93
C MET J 85 22.30 47.07 4.01
N SER J 86 21.34 47.81 4.56
CA SER J 86 20.53 48.73 3.74
C SER J 86 21.43 49.75 3.04
N LEU J 87 22.38 50.33 3.78
CA LEU J 87 23.28 51.36 3.20
C LEU J 87 24.17 50.75 2.12
N SER J 88 24.48 49.45 2.23
CA SER J 88 25.43 48.82 1.28
C SER J 88 24.68 48.13 0.13
N PHE J 89 23.59 47.41 0.44
CA PHE J 89 22.91 46.64 -0.59
C PHE J 89 22.12 47.54 -1.53
N ASP J 90 21.42 48.53 -0.98
CA ASP J 90 20.57 49.41 -1.75
C ASP J 90 21.18 50.78 -1.99
N SER J 91 22.50 50.84 -2.11
CA SER J 91 23.19 52.10 -2.32
C SER J 91 22.97 52.60 -3.74
N ALA J 92 23.38 53.85 -3.97
CA ALA J 92 23.15 54.46 -5.28
C ALA J 92 24.07 53.89 -6.33
N GLU J 93 25.26 53.43 -5.95
CA GLU J 93 26.13 52.80 -6.94
C GLU J 93 25.72 51.38 -7.25
N ALA J 94 24.93 50.74 -6.39
CA ALA J 94 24.33 49.47 -6.75
C ALA J 94 23.10 49.65 -7.62
N GLU J 95 22.45 50.82 -7.51
CA GLU J 95 21.39 51.17 -8.44
C GLU J 95 21.94 51.38 -9.84
N ALA J 96 23.10 52.03 -9.95
CA ALA J 96 23.66 52.38 -11.24
C ALA J 96 24.21 51.16 -11.97
N LEU J 97 24.68 50.16 -11.23
CA LEU J 97 25.08 48.90 -11.84
C LEU J 97 23.89 48.05 -12.25
N ARG J 98 22.68 48.43 -11.85
CA ARG J 98 21.51 47.59 -12.02
C ARG J 98 20.77 47.92 -13.31
N GLU J 99 20.88 49.14 -13.83
CA GLU J 99 20.26 49.43 -15.12
C GLU J 99 21.07 48.82 -16.26
N LYS J 100 22.39 48.80 -16.13
CA LYS J 100 23.25 48.27 -17.18
C LYS J 100 23.56 46.80 -16.99
N SER J 101 22.89 46.13 -16.08
CA SER J 101 23.08 44.70 -15.90
C SER J 101 22.24 43.94 -16.92
N PRO J 102 22.83 43.04 -17.70
CA PRO J 102 22.05 42.31 -18.70
C PRO J 102 21.09 41.29 -18.12
N MET J 103 21.32 40.78 -16.91
CA MET J 103 20.37 39.84 -16.32
C MET J 103 19.11 40.54 -15.87
N HIS J 104 19.26 41.71 -15.25
CA HIS J 104 18.10 42.43 -14.75
C HIS J 104 17.29 43.05 -15.86
N ARG J 105 17.93 43.35 -16.99
CA ARG J 105 17.19 43.80 -18.16
C ARG J 105 16.41 42.64 -18.79
N ALA J 106 17.04 41.46 -18.85
CA ALA J 106 16.37 40.32 -19.47
C ALA J 106 15.29 39.75 -18.58
N LEU J 107 15.40 39.95 -17.26
CA LEU J 107 14.35 39.52 -16.36
C LEU J 107 13.11 40.39 -16.50
N ALA J 108 13.31 41.71 -16.58
CA ALA J 108 12.20 42.64 -16.65
C ALA J 108 11.58 42.73 -18.03
N ALA J 109 12.23 42.19 -19.05
CA ALA J 109 11.65 42.22 -20.39
C ALA J 109 10.49 41.25 -20.53
N LEU J 110 10.44 40.23 -19.70
CA LEU J 110 9.35 39.26 -19.71
C LEU J 110 8.22 39.74 -18.83
N ASP J 111 7.00 39.30 -19.16
CA ASP J 111 5.81 39.77 -18.48
C ASP J 111 5.43 38.73 -17.43
N TRP J 112 6.14 38.76 -16.31
CA TRP J 112 5.88 37.82 -15.24
C TRP J 112 4.64 38.25 -14.46
N ARG J 113 4.13 37.34 -13.63
CA ARG J 113 3.08 37.66 -12.69
C ARG J 113 3.47 37.47 -11.24
N THR J 114 4.42 36.59 -10.95
CA THR J 114 4.89 36.37 -9.58
C THR J 114 6.38 36.10 -9.64
N ILE J 115 7.14 36.74 -8.77
CA ILE J 115 8.58 36.50 -8.65
C ILE J 115 8.89 36.31 -7.17
N TYR J 116 9.58 35.23 -6.85
CA TYR J 116 10.04 34.96 -5.50
C TYR J 116 11.54 35.23 -5.40
N THR J 117 11.96 35.89 -4.32
CA THR J 117 13.37 36.12 -4.04
C THR J 117 13.67 35.81 -2.58
N THR J 118 14.91 35.40 -2.32
CA THR J 118 15.37 35.20 -0.95
C THR J 118 16.49 36.15 -0.58
N ASN J 119 16.61 37.29 -1.25
CA ASN J 119 17.65 38.24 -0.92
C ASN J 119 17.05 39.57 -0.49
N TYR J 120 17.79 40.30 0.35
CA TYR J 120 17.29 41.50 0.99
C TYR J 120 17.80 42.73 0.24
N ASP J 121 17.18 42.99 -0.91
CA ASP J 121 17.57 44.15 -1.70
C ASP J 121 16.46 44.48 -2.67
N LYS J 122 16.36 45.76 -3.03
CA LYS J 122 15.31 46.19 -3.94
C LYS J 122 15.76 46.17 -5.39
N HIS J 123 16.42 45.11 -5.80
CA HIS J 123 17.00 45.07 -7.15
C HIS J 123 16.27 44.10 -8.06
N VAL J 124 15.24 43.43 -7.57
CA VAL J 124 14.39 42.62 -8.42
C VAL J 124 13.12 43.37 -8.78
N GLU J 125 12.49 44.00 -7.79
CA GLU J 125 11.42 44.94 -8.14
C GLU J 125 11.99 46.21 -8.72
N GLY J 126 13.21 46.58 -8.35
CA GLY J 126 13.83 47.76 -8.95
C GLY J 126 14.18 47.57 -10.41
N ALA J 127 14.44 46.33 -10.81
CA ALA J 127 14.65 46.05 -12.23
C ALA J 127 13.36 46.19 -13.02
N LEU J 128 12.21 45.92 -12.39
CA LEU J 128 10.93 46.09 -13.06
C LEU J 128 10.56 47.56 -13.19
N ARG J 129 10.92 48.38 -12.21
CA ARG J 129 10.69 49.82 -12.32
C ARG J 129 11.59 50.44 -13.38
N ASP J 130 12.76 49.85 -13.64
CA ASP J 130 13.65 50.39 -14.65
C ASP J 130 13.11 50.17 -16.06
N ALA J 131 12.36 49.11 -16.27
CA ALA J 131 11.79 48.80 -17.57
C ALA J 131 10.43 49.44 -17.79
N GLY J 132 10.03 50.39 -16.94
CA GLY J 132 8.75 51.02 -17.06
C GLY J 132 7.61 50.26 -16.43
N LYS J 133 7.81 49.00 -16.05
CA LYS J 133 6.79 48.21 -15.41
C LYS J 133 6.68 48.60 -13.94
N GLN J 134 5.63 48.11 -13.30
CA GLN J 134 5.42 48.38 -11.89
C GLN J 134 5.26 47.07 -11.15
N ALA J 135 5.77 47.03 -9.93
CA ALA J 135 5.83 45.82 -9.13
C ALA J 135 5.16 46.06 -7.79
N ALA J 136 4.94 44.97 -7.06
CA ALA J 136 4.27 45.03 -5.76
C ALA J 136 5.02 44.12 -4.81
N VAL J 137 5.73 44.69 -3.86
CA VAL J 137 6.51 43.92 -2.92
C VAL J 137 5.61 43.38 -1.83
N LEU J 138 5.65 42.08 -1.61
CA LEU J 138 4.84 41.42 -0.60
C LEU J 138 5.79 40.69 0.34
N ALA J 139 5.89 41.14 1.56
CA ALA J 139 6.80 40.52 2.51
C ALA J 139 6.14 40.12 3.81
N SER J 140 5.21 40.92 4.32
CA SER J 140 4.59 40.69 5.60
C SER J 140 3.10 40.49 5.43
N PHE J 141 2.41 40.28 6.55
CA PHE J 141 0.96 40.08 6.52
C PHE J 141 0.22 41.34 6.09
N ALA J 142 0.75 42.51 6.44
CA ALA J 142 0.10 43.76 6.06
C ALA J 142 0.25 44.06 4.58
N ASP J 143 1.26 43.50 3.93
CA ASP J 143 1.43 43.70 2.50
C ASP J 143 0.42 42.88 1.71
N PHE J 144 0.15 41.65 2.15
CA PHE J 144 -0.79 40.81 1.45
C PHE J 144 -2.22 41.35 1.54
N GLN J 145 -2.58 41.95 2.65
CA GLN J 145 -3.90 42.54 2.77
C GLN J 145 -3.95 43.99 2.35
N GLY J 146 -2.84 44.59 1.98
CA GLY J 146 -2.84 45.94 1.51
C GLY J 146 -3.40 46.05 0.10
N PRO J 147 -3.61 47.29 -0.35
CA PRO J 147 -4.12 47.49 -1.70
C PRO J 147 -3.02 47.40 -2.75
N ARG J 148 -3.31 46.69 -3.83
CA ARG J 148 -2.48 46.67 -5.03
C ARG J 148 -3.29 47.15 -6.21
N ALA J 149 -2.65 47.16 -7.37
CA ALA J 149 -3.34 47.41 -8.62
C ALA J 149 -3.83 46.07 -9.17
N ARG J 150 -4.40 46.10 -10.37
CA ARG J 150 -5.15 44.94 -10.85
C ARG J 150 -4.22 43.85 -11.38
N ASP J 151 -3.42 44.17 -12.40
CA ASP J 151 -2.52 43.19 -13.02
C ASP J 151 -1.10 43.73 -12.90
N VAL J 152 -0.47 43.45 -11.78
CA VAL J 152 0.87 43.91 -11.45
C VAL J 152 1.66 42.73 -10.93
N CYS J 153 2.90 42.59 -11.40
CA CYS J 153 3.79 41.53 -10.94
C CYS J 153 4.05 41.64 -9.45
N GLU J 154 3.69 40.60 -8.72
CA GLU J 154 3.86 40.55 -7.28
C GLU J 154 5.21 39.94 -6.97
N VAL J 155 6.09 40.73 -6.36
CA VAL J 155 7.41 40.25 -5.96
C VAL J 155 7.32 39.80 -4.51
N ILE J 156 7.46 38.50 -4.29
CA ILE J 156 7.35 37.94 -2.95
C ILE J 156 8.73 37.88 -2.34
N LYS J 157 9.02 38.79 -1.41
CA LYS J 157 10.27 38.73 -0.65
C LYS J 157 10.16 37.59 0.35
N PHE J 158 10.70 36.43 0.00
CA PHE J 158 10.45 35.22 0.77
C PHE J 158 11.19 35.24 2.11
N HIS J 159 12.36 35.86 2.18
CA HIS J 159 13.10 35.94 3.42
C HIS J 159 13.05 37.30 4.08
N GLY J 160 12.37 38.27 3.50
CA GLY J 160 12.18 39.55 4.14
C GLY J 160 12.79 40.68 3.32
N THR J 161 12.51 41.90 3.77
CA THR J 161 12.94 43.10 3.08
C THR J 161 13.65 43.98 4.09
N LEU J 162 14.55 44.83 3.60
CA LEU J 162 15.30 45.69 4.51
C LEU J 162 14.48 46.85 5.05
N ASP J 163 13.39 47.23 4.40
CA ASP J 163 12.56 48.30 4.93
C ASP J 163 11.54 47.82 5.95
N GLN J 164 11.46 46.51 6.17
CA GLN J 164 10.65 45.91 7.23
C GLN J 164 11.57 44.95 7.96
N PRO J 165 12.32 45.43 8.96
CA PRO J 165 13.37 44.60 9.56
C PRO J 165 12.85 43.44 10.40
N ASP J 166 11.57 43.40 10.73
CA ASP J 166 11.03 42.26 11.45
C ASP J 166 10.83 41.04 10.57
N THR J 167 10.86 41.20 9.25
CA THR J 167 10.60 40.11 8.34
C THR J 167 11.86 39.39 7.90
N ILE J 168 13.04 39.88 8.26
CA ILE J 168 14.29 39.31 7.80
C ILE J 168 14.58 38.04 8.58
N VAL J 169 14.75 36.93 7.87
CA VAL J 169 15.17 35.68 8.50
C VAL J 169 16.64 35.47 8.15
N LEU J 170 17.48 35.62 9.15
CA LEU J 170 18.91 35.45 8.98
C LEU J 170 19.51 34.54 10.02
N THR J 171 19.04 34.63 11.26
CA THR J 171 19.59 33.85 12.36
C THR J 171 18.95 32.47 12.38
N GLU J 172 19.51 31.59 13.22
CA GLU J 172 19.03 30.21 13.27
C GLU J 172 17.63 30.13 13.88
N SER J 173 17.35 30.98 14.86
CA SER J 173 16.03 31.01 15.47
C SER J 173 14.95 31.49 14.52
N SER J 174 15.32 32.30 13.53
CA SER J 174 14.34 32.73 12.54
C SER J 174 14.10 31.67 11.48
N TYR J 175 15.09 30.80 11.21
CA TYR J 175 14.84 29.67 10.32
C TYR J 175 14.00 28.62 11.00
N PHE J 176 14.17 28.42 12.30
CA PHE J 176 13.34 27.47 13.02
C PHE J 176 11.91 27.96 13.17
N GLN J 177 11.72 29.28 13.19
CA GLN J 177 10.37 29.82 13.26
C GLN J 177 9.64 29.65 11.93
N ARG J 178 10.37 29.49 10.83
CA ARG J 178 9.78 29.27 9.52
C ARG J 178 9.61 27.79 9.20
N MET J 179 10.01 26.89 10.11
CA MET J 179 9.79 25.47 9.88
C MET J 179 8.34 25.06 10.06
N ALA J 180 7.53 25.90 10.70
CA ALA J 180 6.11 25.61 10.84
C ALA J 180 5.35 25.85 9.55
N LEU J 181 5.97 26.53 8.59
CA LEU J 181 5.40 26.86 7.28
C LEU J 181 4.10 27.65 7.42
N ASP J 182 4.10 28.58 8.37
CA ASP J 182 2.92 29.32 8.75
C ASP J 182 3.01 30.79 8.39
N ALA J 183 4.18 31.28 8.01
CA ALA J 183 4.35 32.67 7.61
C ALA J 183 3.61 32.92 6.30
N PRO J 184 3.21 34.17 6.04
CA PRO J 184 2.53 34.48 4.78
C PRO J 184 3.36 34.24 3.52
N PRO J 185 4.71 34.41 3.50
CA PRO J 185 5.42 33.91 2.31
C PRO J 185 5.47 32.40 2.23
N ASP J 186 5.36 31.68 3.35
CA ASP J 186 5.37 30.23 3.30
C ASP J 186 4.07 29.69 2.73
N GLN J 187 2.94 30.28 3.14
CA GLN J 187 1.64 29.82 2.68
C GLN J 187 1.40 30.16 1.22
N ARG J 188 1.95 31.27 0.74
CA ARG J 188 1.81 31.64 -0.65
C ARG J 188 2.69 30.77 -1.55
N LEU J 189 3.86 30.36 -1.04
CA LEU J 189 4.75 29.52 -1.83
C LEU J 189 4.18 28.13 -2.03
N ARG J 190 3.59 27.56 -0.97
CA ARG J 190 3.11 26.18 -1.04
C ARG J 190 1.88 26.07 -1.92
N ALA J 191 1.13 27.16 -2.08
CA ALA J 191 -0.01 27.13 -2.97
C ALA J 191 0.38 27.38 -4.41
N ASP J 192 1.44 28.16 -4.64
CA ASP J 192 1.93 28.33 -6.00
C ASP J 192 2.68 27.11 -6.49
N LEU J 193 3.26 26.35 -5.57
CA LEU J 193 3.97 25.13 -5.95
C LEU J 193 3.01 24.02 -6.35
N LEU J 194 1.75 24.11 -5.93
CA LEU J 194 0.75 23.13 -6.34
C LEU J 194 0.41 23.21 -7.82
N ALA J 195 0.68 24.33 -8.48
CA ALA J 195 0.16 24.53 -9.82
C ALA J 195 1.16 25.08 -10.82
N ASN J 196 2.41 25.33 -10.44
CA ASN J 196 3.30 26.09 -11.30
C ASN J 196 4.68 25.45 -11.33
N SER J 197 5.38 25.64 -12.44
CA SER J 197 6.80 25.31 -12.54
C SER J 197 7.63 26.47 -12.04
N PHE J 198 8.74 26.17 -11.37
CA PHE J 198 9.62 27.23 -10.90
C PHE J 198 10.95 27.18 -11.65
N LEU J 199 11.61 28.33 -11.72
CA LEU J 199 12.91 28.47 -12.35
C LEU J 199 13.86 29.08 -11.33
N PHE J 200 14.77 28.28 -10.81
CA PHE J 200 15.72 28.72 -9.80
C PHE J 200 16.94 29.30 -10.50
N ILE J 201 17.18 30.59 -10.29
CA ILE J 201 18.28 31.29 -10.93
C ILE J 201 19.13 31.92 -9.84
N GLY J 202 20.41 31.57 -9.82
CA GLY J 202 21.32 32.14 -8.85
C GLY J 202 21.11 31.68 -7.44
N TYR J 203 20.39 30.59 -7.24
CA TYR J 203 20.07 30.07 -5.92
C TYR J 203 20.62 28.66 -5.80
N SER J 204 21.20 28.36 -4.65
CA SER J 204 21.68 27.03 -4.33
C SER J 204 20.89 26.52 -3.14
N PHE J 205 20.41 25.27 -3.21
CA PHE J 205 19.53 24.75 -2.16
C PHE J 205 20.36 24.45 -0.92
N SER J 206 20.56 25.49 -0.12
CA SER J 206 21.22 25.34 1.16
C SER J 206 20.31 25.67 2.32
N ASP J 207 19.14 26.21 2.06
CA ASP J 207 18.19 26.54 3.11
C ASP J 207 17.35 25.32 3.40
N THR J 208 17.33 24.88 4.66
CA THR J 208 16.60 23.68 5.01
C THR J 208 15.11 23.89 5.13
N ASN J 209 14.62 25.12 4.99
CA ASN J 209 13.19 25.34 4.88
C ASN J 209 12.69 25.36 3.45
N ILE J 210 13.55 25.70 2.49
CA ILE J 210 13.17 25.54 1.09
C ILE J 210 13.14 24.08 0.72
N ARG J 211 14.14 23.31 1.16
CA ARG J 211 14.21 21.89 0.85
C ARG J 211 13.08 21.12 1.52
N TYR J 212 12.60 21.59 2.67
CA TYR J 212 11.50 20.96 3.37
C TYR J 212 10.17 21.22 2.70
N ILE J 213 10.03 22.31 1.94
CA ILE J 213 8.79 22.56 1.22
C ILE J 213 8.68 21.64 0.02
N TRP J 214 9.76 21.49 -0.75
CA TRP J 214 9.78 20.54 -1.85
C TRP J 214 9.75 19.10 -1.39
N TYR J 215 10.18 18.83 -0.15
CA TYR J 215 9.99 17.50 0.41
C TYR J 215 8.51 17.18 0.58
N ARG J 216 7.76 18.09 1.19
CA ARG J 216 6.37 17.82 1.52
C ARG J 216 5.43 18.00 0.34
N MET J 217 5.91 18.45 -0.80
CA MET J 217 5.09 18.41 -2.00
C MET J 217 5.10 17.02 -2.61
N ASN J 218 6.18 16.26 -2.39
CA ASN J 218 6.24 14.87 -2.83
C ASN J 218 5.45 13.95 -1.94
N GLN J 219 5.28 14.31 -0.68
CA GLN J 219 4.40 13.54 0.17
C GLN J 219 2.96 13.69 -0.26
N LEU J 220 2.60 14.81 -0.88
CA LEU J 220 1.32 14.88 -1.55
C LEU J 220 1.36 14.15 -2.89
N ARG J 221 2.50 14.17 -3.56
CA ARG J 221 2.59 13.55 -4.88
C ARG J 221 2.60 12.03 -4.78
N GLU J 222 3.29 11.49 -3.79
CA GLU J 222 3.35 10.03 -3.67
C GLU J 222 2.09 9.43 -3.07
N GLN J 223 1.43 10.15 -2.17
CA GLN J 223 0.19 9.64 -1.59
C GLN J 223 -0.96 9.71 -2.55
N SER J 224 -0.88 10.53 -3.60
CA SER J 224 -1.94 10.60 -4.57
C SER J 224 -1.92 9.44 -5.57
N GLN J 225 -0.86 8.63 -5.55
CA GLN J 225 -0.77 7.34 -6.26
C GLN J 225 -0.91 7.51 -7.77
N LEU J 226 -0.33 8.58 -8.30
CA LEU J 226 -0.26 8.75 -9.74
C LEU J 226 0.72 7.76 -10.34
N GLY J 227 0.66 7.62 -11.66
CA GLY J 227 1.51 6.68 -12.35
C GLY J 227 2.96 7.14 -12.42
N VAL J 228 3.76 6.34 -13.13
CA VAL J 228 5.13 6.76 -13.40
C VAL J 228 5.13 7.91 -14.39
N LYS J 229 4.20 7.89 -15.35
CA LYS J 229 4.17 8.92 -16.37
C LYS J 229 3.63 10.24 -15.85
N HIS J 230 2.56 10.20 -15.03
CA HIS J 230 1.86 11.41 -14.66
C HIS J 230 2.44 12.10 -13.45
N SER J 231 3.14 11.38 -12.58
CA SER J 231 3.79 12.03 -11.46
C SER J 231 5.07 12.75 -11.86
N GLN J 232 5.58 12.51 -13.06
CA GLN J 232 6.82 13.13 -13.53
C GLN J 232 6.55 14.20 -14.57
N ALA J 233 5.33 14.69 -14.68
CA ALA J 233 4.97 15.58 -15.78
C ALA J 233 5.31 17.03 -15.49
N ARG J 234 5.02 17.50 -14.29
CA ARG J 234 5.23 18.89 -13.91
C ARG J 234 6.59 19.02 -13.24
N ARG J 235 7.54 19.64 -13.93
CA ARG J 235 8.93 19.72 -13.50
C ARG J 235 9.23 21.13 -13.01
N CYS J 236 10.30 21.24 -12.24
CA CYS J 236 10.89 22.52 -11.88
C CYS J 236 12.32 22.55 -12.40
N PHE J 237 12.86 23.76 -12.57
CA PHE J 237 14.11 23.93 -13.28
C PHE J 237 15.11 24.69 -12.41
N PHE J 238 16.36 24.25 -12.46
CA PHE J 238 17.40 24.68 -11.53
C PHE J 238 18.64 25.06 -12.33
N ALA J 239 18.73 26.33 -12.70
CA ALA J 239 19.84 26.82 -13.50
C ALA J 239 21.04 27.09 -12.59
N THR J 240 22.15 26.41 -12.85
CA THR J 240 23.31 26.49 -11.97
C THR J 240 24.58 26.23 -12.77
N HIS J 241 25.58 27.08 -12.58
CA HIS J 241 26.86 26.89 -13.24
C HIS J 241 27.63 25.72 -12.65
N GLY J 242 27.57 25.56 -11.33
CA GLY J 242 28.49 24.69 -10.64
C GLY J 242 27.88 23.69 -9.68
N ALA J 243 26.78 23.05 -10.06
CA ALA J 243 26.22 22.00 -9.23
C ALA J 243 27.15 20.81 -9.18
N GLY J 244 27.21 20.16 -8.02
CA GLY J 244 28.16 19.09 -7.81
C GLY J 244 27.76 17.77 -8.43
N LEU J 245 28.07 16.68 -7.73
CA LEU J 245 27.70 15.36 -8.20
C LEU J 245 26.60 14.72 -7.38
N VAL J 246 26.36 15.20 -6.18
CA VAL J 246 25.35 14.63 -5.29
C VAL J 246 24.03 15.37 -5.41
N GLN J 247 24.09 16.70 -5.39
CA GLN J 247 22.87 17.50 -5.35
C GLN J 247 21.94 17.40 -6.56
N PRO J 248 22.37 17.23 -7.82
CA PRO J 248 21.39 17.01 -8.88
C PRO J 248 20.60 15.72 -8.76
N ASP J 249 21.14 14.68 -8.14
CA ASP J 249 20.39 13.45 -7.98
C ASP J 249 19.45 13.49 -6.79
N ILE J 250 19.72 14.33 -5.80
CA ILE J 250 18.77 14.49 -4.70
C ILE J 250 17.51 15.19 -5.19
N LEU J 251 17.68 16.17 -6.08
CA LEU J 251 16.57 16.98 -6.53
C LEU J 251 15.75 16.33 -7.63
N GLN J 252 16.24 15.24 -8.24
CA GLN J 252 15.42 14.48 -9.17
C GLN J 252 14.24 13.82 -8.48
N GLN J 253 14.39 13.53 -7.18
CA GLN J 253 13.28 13.04 -6.38
C GLN J 253 12.15 14.04 -6.31
N TRP J 254 12.46 15.33 -6.37
CA TRP J 254 11.50 16.38 -6.12
C TRP J 254 11.04 17.06 -7.40
N ASN J 255 11.21 16.38 -8.54
CA ASN J 255 10.89 16.87 -9.88
C ASN J 255 11.58 18.21 -10.18
N ILE J 256 12.88 18.26 -9.93
CA ILE J 256 13.68 19.43 -10.20
C ILE J 256 14.78 19.03 -11.18
N ASP J 257 14.74 19.63 -12.36
CA ASP J 257 15.74 19.38 -13.38
C ASP J 257 16.81 20.45 -13.34
N VAL J 258 18.03 20.06 -13.66
CA VAL J 258 19.18 20.96 -13.59
C VAL J 258 19.51 21.44 -14.98
N ILE J 259 19.65 22.76 -15.14
CA ILE J 259 20.06 23.37 -16.39
C ILE J 259 21.51 23.81 -16.22
N GLN J 260 22.42 23.16 -16.95
CA GLN J 260 23.83 23.48 -16.82
C GLN J 260 24.15 24.72 -17.65
N LEU J 261 24.59 25.77 -16.99
CA LEU J 261 24.99 27.01 -17.64
C LEU J 261 26.50 27.04 -17.80
N ASP J 262 26.96 27.88 -18.71
CA ASP J 262 28.39 27.97 -19.01
C ASP J 262 29.12 28.72 -17.90
N PRO J 263 30.05 28.08 -17.19
CA PRO J 263 30.66 28.72 -16.02
C PRO J 263 31.76 29.71 -16.33
N THR J 264 32.09 29.95 -17.61
CA THR J 264 33.16 30.89 -17.92
C THR J 264 32.71 32.33 -17.69
N ASP J 265 31.50 32.66 -18.11
CA ASP J 265 30.91 33.96 -17.84
C ASP J 265 29.55 33.72 -17.22
N LYS J 266 29.44 33.98 -15.91
CA LYS J 266 28.21 33.66 -15.20
C LYS J 266 27.07 34.58 -15.56
N SER J 267 27.36 35.85 -15.83
CA SER J 267 26.29 36.82 -16.08
C SER J 267 25.69 36.66 -17.46
N ALA J 268 26.53 36.34 -18.45
CA ALA J 268 26.03 36.21 -19.81
C ALA J 268 25.29 34.90 -20.02
N SER J 269 25.61 33.87 -19.23
CA SER J 269 24.92 32.59 -19.38
C SER J 269 23.49 32.69 -18.85
N VAL J 270 23.29 33.44 -17.77
CA VAL J 270 21.95 33.64 -17.23
C VAL J 270 21.13 34.50 -18.17
N ALA J 271 21.74 35.53 -18.74
CA ALA J 271 21.03 36.45 -19.62
C ALA J 271 20.57 35.78 -20.90
N ARG J 272 21.36 34.84 -21.43
CA ARG J 272 20.90 34.08 -22.59
C ARG J 272 19.79 33.12 -22.25
N LEU J 273 19.68 32.69 -21.00
CA LEU J 273 18.56 31.84 -20.61
C LEU J 273 17.27 32.64 -20.53
N LEU J 274 17.33 33.84 -19.97
CA LEU J 274 16.13 34.66 -19.84
C LEU J 274 15.69 35.24 -21.18
N GLU J 275 16.61 35.39 -22.13
CA GLU J 275 16.22 35.83 -23.46
C GLU J 275 15.67 34.71 -24.32
N SER J 276 15.99 33.46 -23.98
CA SER J 276 15.45 32.33 -24.72
C SER J 276 14.02 32.02 -24.32
N ILE J 277 13.54 32.53 -23.19
CA ILE J 277 12.16 32.32 -22.80
C ILE J 277 11.24 33.19 -23.65
N ALA J 278 11.69 34.39 -23.99
CA ALA J 278 10.92 35.31 -24.84
C ALA J 278 10.77 34.77 -26.25
N ALA K 2 14.44 11.82 -41.81
CA ALA K 2 13.27 11.06 -42.20
C ALA K 2 12.03 11.94 -42.25
N PRO K 3 11.16 11.72 -43.23
CA PRO K 3 9.93 12.52 -43.34
C PRO K 3 8.97 12.24 -42.20
N THR K 4 8.07 13.19 -41.97
CA THR K 4 6.99 13.03 -41.03
C THR K 4 5.62 13.04 -41.67
N TRP K 5 5.48 13.56 -42.88
CA TRP K 5 4.25 13.54 -43.63
C TRP K 5 4.49 12.85 -44.96
N PHE K 6 3.48 12.17 -45.46
CA PHE K 6 3.60 11.35 -46.66
C PHE K 6 2.46 11.68 -47.61
N TYR K 7 2.79 12.09 -48.82
CA TYR K 7 1.79 12.41 -49.83
C TYR K 7 1.53 11.17 -50.67
N ASN K 8 0.32 10.65 -50.59
CA ASN K 8 -0.06 9.40 -51.22
C ASN K 8 -0.80 9.68 -52.52
N THR K 9 -0.23 9.21 -53.63
CA THR K 9 -0.93 9.25 -54.90
C THR K 9 -0.41 8.12 -55.78
N THR K 10 -1.30 7.58 -56.60
CA THR K 10 -0.90 6.65 -57.65
C THR K 10 -0.72 7.34 -58.98
N ASN K 11 -1.06 8.62 -59.07
CA ASN K 11 -0.99 9.38 -60.31
C ASN K 11 0.38 10.04 -60.36
N SER K 12 1.22 9.59 -61.28
CA SER K 12 2.59 10.09 -61.37
C SER K 12 2.69 11.48 -61.96
N GLU K 13 1.59 12.02 -62.49
CA GLU K 13 1.58 13.40 -62.96
C GLU K 13 1.25 14.38 -61.85
N LYS K 14 0.46 13.95 -60.86
CA LYS K 14 0.27 14.75 -59.66
C LYS K 14 1.54 14.78 -58.82
N LEU K 15 2.36 13.73 -58.92
CA LEU K 15 3.57 13.64 -58.12
C LEU K 15 4.60 14.66 -58.55
N ARG K 16 4.78 14.87 -59.85
CA ARG K 16 5.76 15.84 -60.31
C ARG K 16 5.27 17.28 -60.17
N GLU K 17 3.97 17.49 -59.97
CA GLU K 17 3.50 18.83 -59.69
C GLU K 17 3.78 19.23 -58.26
N LEU K 18 3.47 18.34 -57.31
CA LEU K 18 3.68 18.66 -55.91
C LEU K 18 5.15 18.61 -55.52
N GLN K 19 5.97 17.89 -56.28
CA GLN K 19 7.41 17.96 -56.07
C GLN K 19 8.03 19.17 -56.76
N HIS K 20 7.28 19.90 -57.58
CA HIS K 20 7.83 21.09 -58.19
C HIS K 20 7.88 22.26 -57.22
N VAL K 21 7.01 22.26 -56.22
CA VAL K 21 6.91 23.35 -55.25
C VAL K 21 7.24 22.88 -53.84
N LEU K 22 6.61 21.80 -53.39
CA LEU K 22 6.90 21.21 -52.10
C LEU K 22 7.96 20.13 -52.16
N GLY K 23 8.83 20.16 -53.17
CA GLY K 23 9.82 19.12 -53.34
C GLY K 23 11.02 19.26 -52.44
N GLY K 24 11.47 20.49 -52.22
CA GLY K 24 12.63 20.74 -51.38
C GLY K 24 12.39 20.59 -49.90
N SER K 25 11.15 20.38 -49.48
CA SER K 25 10.84 20.15 -48.08
C SER K 25 11.30 18.76 -47.67
N ALA K 26 12.22 18.69 -46.71
CA ALA K 26 12.75 17.42 -46.24
C ALA K 26 11.81 16.70 -45.27
N LYS K 27 10.68 17.31 -44.91
CA LYS K 27 9.74 16.71 -43.99
C LYS K 27 8.60 16.01 -44.70
N LEU K 28 8.66 15.89 -46.02
CA LEU K 28 7.57 15.31 -46.80
C LEU K 28 8.08 14.10 -47.56
N GLY K 29 7.44 12.95 -47.34
CA GLY K 29 7.72 11.74 -48.08
C GLY K 29 6.62 11.45 -49.09
N TYR K 30 6.80 10.36 -49.82
CA TYR K 30 5.89 10.03 -50.92
C TYR K 30 5.57 8.56 -50.91
N LEU K 31 4.28 8.23 -51.01
CA LEU K 31 3.80 6.86 -51.07
C LEU K 31 2.86 6.71 -52.26
N THR K 32 2.57 5.47 -52.64
CA THR K 32 1.81 5.18 -53.86
C THR K 32 0.71 4.16 -53.62
N ALA K 33 0.03 4.23 -52.48
CA ALA K 33 -1.02 3.28 -52.19
C ALA K 33 -2.30 3.63 -52.96
N LYS K 34 -3.01 2.59 -53.40
CA LYS K 34 -4.20 2.74 -54.23
C LYS K 34 -5.43 2.60 -53.35
N VAL K 35 -6.30 3.61 -53.35
CA VAL K 35 -7.51 3.60 -52.56
C VAL K 35 -8.70 3.67 -53.50
N THR K 36 -9.88 3.40 -52.94
CA THR K 36 -11.13 3.38 -53.68
C THR K 36 -12.03 4.47 -53.12
N GLU K 37 -12.52 5.34 -53.99
CA GLU K 37 -13.34 6.45 -53.55
C GLU K 37 -14.80 6.02 -53.44
N ILE K 38 -15.55 6.76 -52.63
CA ILE K 38 -16.97 6.51 -52.47
C ILE K 38 -17.72 7.25 -53.57
N LEU K 39 -18.98 6.88 -53.75
CA LEU K 39 -19.80 7.42 -54.84
C LEU K 39 -20.58 8.62 -54.32
N ASP K 40 -20.05 9.82 -54.56
CA ASP K 40 -20.73 11.05 -54.17
C ASP K 40 -20.16 12.19 -55.00
N VAL K 41 -21.01 13.12 -55.39
CA VAL K 41 -20.55 14.26 -56.19
C VAL K 41 -19.91 15.35 -55.35
N ASP K 42 -20.13 15.35 -54.04
CA ASP K 42 -19.57 16.40 -53.19
C ASP K 42 -18.09 16.14 -52.96
N LEU K 43 -17.26 17.15 -53.23
CA LEU K 43 -15.82 17.01 -53.09
C LEU K 43 -15.41 16.84 -51.64
N GLU K 44 -16.03 17.60 -50.73
CA GLU K 44 -15.75 17.52 -49.30
C GLU K 44 -16.03 16.13 -48.73
N THR K 45 -17.05 15.45 -49.24
CA THR K 45 -17.38 14.12 -48.73
C THR K 45 -16.39 13.08 -49.23
N VAL K 46 -15.94 13.19 -50.47
CA VAL K 46 -15.08 12.16 -51.06
C VAL K 46 -13.65 12.26 -50.53
N ILE K 47 -13.12 13.47 -50.43
CA ILE K 47 -11.74 13.67 -49.96
C ILE K 47 -11.62 13.32 -48.48
N ARG K 48 -12.71 13.46 -47.73
CA ARG K 48 -12.68 13.12 -46.32
C ARG K 48 -12.76 11.61 -46.10
N ALA K 49 -13.47 10.90 -46.97
CA ALA K 49 -13.49 9.44 -46.93
C ALA K 49 -12.31 8.82 -47.65
N LYS K 50 -11.52 9.61 -48.36
CA LYS K 50 -10.32 9.10 -49.02
C LYS K 50 -9.13 9.07 -48.09
N ALA K 51 -9.08 10.01 -47.14
CA ALA K 51 -7.98 10.05 -46.17
C ALA K 51 -8.12 8.98 -45.11
N ILE K 52 -9.35 8.64 -44.71
CA ILE K 52 -9.53 7.56 -43.75
C ILE K 52 -9.24 6.21 -44.40
N ALA K 53 -9.40 6.12 -45.71
CA ALA K 53 -9.10 4.88 -46.42
C ALA K 53 -7.63 4.77 -46.80
N ALA K 54 -6.90 5.88 -46.83
CA ALA K 54 -5.48 5.83 -47.11
C ALA K 54 -4.64 5.76 -45.85
N TYR K 55 -5.13 6.29 -44.72
CA TYR K 55 -4.45 6.06 -43.46
C TYR K 55 -4.52 4.60 -43.05
N ARG K 56 -5.63 3.93 -43.37
CA ARG K 56 -5.78 2.52 -43.08
C ARG K 56 -4.80 1.68 -43.89
N ALA K 57 -4.37 2.17 -45.04
CA ALA K 57 -3.42 1.42 -45.86
C ALA K 57 -1.99 1.61 -45.38
N VAL K 58 -1.55 2.85 -45.18
CA VAL K 58 -0.13 3.11 -44.97
C VAL K 58 0.25 3.37 -43.51
N ARG K 59 -0.71 3.70 -42.64
CA ARG K 59 -0.54 3.77 -41.19
C ARG K 59 0.48 4.80 -40.73
N VAL K 60 0.69 5.83 -41.55
CA VAL K 60 1.52 6.98 -41.20
C VAL K 60 0.70 8.23 -41.46
N PRO K 61 1.10 9.40 -40.89
CA PRO K 61 0.43 10.66 -41.28
C PRO K 61 0.44 10.95 -42.77
N VAL K 62 -0.74 10.94 -43.37
CA VAL K 62 -0.87 10.86 -44.82
C VAL K 62 -1.59 12.10 -45.33
N ILE K 63 -1.28 12.49 -46.57
CA ILE K 63 -1.91 13.61 -47.26
C ILE K 63 -2.45 13.08 -48.58
N VAL K 64 -3.75 13.22 -48.81
CA VAL K 64 -4.37 12.76 -50.05
C VAL K 64 -4.94 13.95 -50.79
N GLU K 65 -5.28 13.72 -52.06
CA GLU K 65 -5.69 14.79 -52.96
C GLU K 65 -6.81 14.27 -53.87
N HIS K 66 -7.88 15.05 -54.02
CA HIS K 66 -8.96 14.71 -54.92
C HIS K 66 -9.54 16.01 -55.46
N GLY K 67 -10.03 15.96 -56.68
CA GLY K 67 -10.47 17.15 -57.39
C GLY K 67 -11.94 17.09 -57.80
N ALA K 68 -12.37 18.15 -58.45
CA ALA K 68 -13.72 18.25 -58.95
C ALA K 68 -13.75 19.17 -60.17
N LEU K 69 -14.68 18.91 -61.08
CA LEU K 69 -14.84 19.68 -62.31
C LEU K 69 -16.34 19.96 -62.51
N CYS K 70 -16.95 20.58 -61.50
CA CYS K 70 -18.36 20.98 -61.55
C CYS K 70 -18.65 21.88 -62.74
N ILE K 71 -19.69 21.55 -63.50
CA ILE K 71 -20.04 22.25 -64.73
C ILE K 71 -21.46 22.79 -64.59
N ASP K 72 -21.67 24.04 -65.02
CA ASP K 72 -22.99 24.67 -64.91
C ASP K 72 -24.01 24.03 -65.84
N ALA K 73 -23.56 23.59 -67.02
CA ALA K 73 -24.50 23.03 -67.99
C ALA K 73 -24.98 21.65 -67.57
N LEU K 74 -24.21 20.97 -66.74
CA LEU K 74 -24.57 19.64 -66.24
C LEU K 74 -25.01 19.69 -64.78
N ASN K 75 -25.39 20.88 -64.30
CA ASN K 75 -25.84 21.16 -62.94
C ASN K 75 -24.86 20.69 -61.87
N GLY K 76 -23.56 20.85 -62.12
CA GLY K 76 -22.56 20.42 -61.18
C GLY K 76 -21.93 19.08 -61.49
N LEU K 77 -22.42 18.37 -62.47
CA LEU K 77 -21.79 17.12 -62.86
C LEU K 77 -20.54 17.40 -63.69
N PRO K 78 -19.49 16.59 -63.54
CA PRO K 78 -19.31 15.42 -62.66
C PRO K 78 -19.12 15.70 -61.17
N GLY K 79 -18.56 16.84 -60.81
CA GLY K 79 -18.20 17.04 -59.41
C GLY K 79 -16.98 16.19 -59.10
N ALA K 80 -17.04 15.46 -57.99
CA ALA K 80 -15.96 14.54 -57.64
C ALA K 80 -15.98 13.24 -58.43
N LEU K 81 -16.89 13.13 -59.41
CA LEU K 81 -16.99 12.02 -60.34
C LEU K 81 -16.22 12.27 -61.62
N VAL K 82 -15.14 13.06 -61.56
CA VAL K 82 -14.45 13.49 -62.76
C VAL K 82 -13.53 12.39 -63.31
N LYS K 83 -13.10 11.45 -62.47
CA LYS K 83 -12.23 10.35 -62.88
C LYS K 83 -12.89 9.42 -63.91
N PRO K 84 -14.15 8.98 -63.80
CA PRO K 84 -14.70 8.19 -64.90
C PRO K 84 -15.28 8.98 -66.06
N PHE K 85 -15.35 10.32 -66.00
CA PHE K 85 -15.80 11.04 -67.19
C PHE K 85 -14.70 11.11 -68.24
N TRP K 86 -13.50 11.53 -67.83
CA TRP K 86 -12.39 11.64 -68.76
C TRP K 86 -11.96 10.27 -69.28
N GLU K 87 -12.24 9.20 -68.54
CA GLU K 87 -12.10 7.86 -69.09
C GLU K 87 -13.13 7.59 -70.18
N SER K 88 -14.39 7.96 -69.94
CA SER K 88 -15.43 7.67 -70.92
C SER K 88 -15.45 8.70 -72.04
N LEU K 89 -15.75 9.96 -71.69
CA LEU K 89 -15.81 11.05 -72.67
C LEU K 89 -14.44 11.72 -72.67
N ASP K 90 -13.64 11.47 -73.70
CA ASP K 90 -12.30 12.07 -73.68
C ASP K 90 -12.36 13.52 -74.15
N THR K 91 -12.60 13.75 -75.43
CA THR K 91 -12.77 15.10 -75.92
C THR K 91 -14.17 15.33 -76.45
N ARG K 92 -15.05 14.32 -76.35
CA ARG K 92 -16.46 14.48 -76.60
C ARG K 92 -17.13 15.27 -75.47
N LEU K 93 -16.45 15.41 -74.33
CA LEU K 93 -16.92 16.24 -73.23
C LEU K 93 -17.01 17.71 -73.63
N CYS K 94 -16.20 18.14 -74.59
CA CYS K 94 -16.39 19.46 -75.18
C CYS K 94 -17.63 19.54 -76.06
N GLU K 95 -18.15 18.39 -76.51
CA GLU K 95 -19.26 18.38 -77.46
C GLU K 95 -20.61 18.13 -76.78
N VAL K 96 -20.63 17.47 -75.62
CA VAL K 96 -21.90 17.22 -74.94
C VAL K 96 -22.43 18.44 -74.21
N ILE K 97 -21.64 19.50 -74.11
CA ILE K 97 -22.01 20.70 -73.39
C ILE K 97 -22.41 21.76 -74.41
N PRO K 98 -23.53 22.46 -74.23
CA PRO K 98 -24.00 23.41 -75.24
C PRO K 98 -23.10 24.64 -75.31
N ALA K 99 -22.91 25.13 -76.54
CA ALA K 99 -22.13 26.34 -76.74
C ALA K 99 -22.94 27.55 -76.30
N GLY K 100 -22.36 28.36 -75.43
CA GLY K 100 -23.03 29.52 -74.85
C GLY K 100 -23.15 29.49 -73.34
N GLN K 101 -23.06 28.31 -72.73
CA GLN K 101 -23.11 28.15 -71.27
C GLN K 101 -21.99 27.23 -70.81
N ARG K 102 -20.78 27.51 -71.29
CA ARG K 102 -19.62 26.65 -71.06
C ARG K 102 -18.98 26.82 -69.69
N THR K 103 -19.56 27.60 -68.77
CA THR K 103 -18.89 27.92 -67.52
C THR K 103 -18.86 26.74 -66.57
N ALA K 104 -17.76 26.65 -65.82
CA ALA K 104 -17.49 25.52 -64.94
C ALA K 104 -16.54 25.96 -63.85
N ARG K 105 -16.43 25.14 -62.81
CA ARG K 105 -15.50 25.38 -61.71
C ARG K 105 -14.55 24.20 -61.59
N ALA K 106 -13.26 24.47 -61.51
CA ALA K 106 -12.25 23.45 -61.25
C ALA K 106 -11.90 23.53 -59.77
N ARG K 107 -12.42 22.59 -59.00
CA ARG K 107 -12.17 22.54 -57.57
C ARG K 107 -11.13 21.47 -57.27
N GLY K 108 -10.45 21.63 -56.14
CA GLY K 108 -9.43 20.70 -55.73
C GLY K 108 -9.26 20.75 -54.24
N ALA K 109 -8.97 19.60 -53.65
CA ALA K 109 -8.94 19.51 -52.19
C ALA K 109 -7.80 18.64 -51.73
N LEU K 110 -7.10 19.12 -50.70
CA LEU K 110 -6.15 18.33 -49.93
C LEU K 110 -6.78 17.99 -48.60
N CYS K 111 -6.51 16.78 -48.11
CA CYS K 111 -6.92 16.38 -46.77
C CYS K 111 -5.78 15.60 -46.14
N TYR K 112 -5.27 16.12 -45.03
CA TYR K 112 -4.21 15.43 -44.30
C TYR K 112 -4.78 14.80 -43.03
N CYS K 113 -4.38 13.56 -42.77
CA CYS K 113 -4.83 12.80 -41.62
C CYS K 113 -3.61 12.32 -40.86
N ASP K 114 -3.50 12.73 -39.60
CA ASP K 114 -2.40 12.29 -38.76
C ASP K 114 -2.72 11.05 -37.95
N GLY K 115 -3.91 10.49 -38.10
CA GLY K 115 -4.35 9.35 -37.34
C GLY K 115 -5.42 9.63 -36.33
N ARG K 116 -5.71 10.92 -36.12
CA ARG K 116 -6.71 11.32 -35.07
C ARG K 116 -7.66 12.36 -35.64
N GLU K 117 -7.20 13.16 -36.60
CA GLU K 117 -8.03 14.26 -37.15
C GLU K 117 -7.87 14.38 -38.66
N ARG K 118 -8.91 14.80 -39.35
CA ARG K 118 -8.90 14.98 -40.80
C ARG K 118 -9.21 16.44 -41.09
N HIS K 119 -8.25 17.15 -41.68
CA HIS K 119 -8.40 18.56 -42.00
C HIS K 119 -8.37 18.75 -43.50
N VAL K 120 -9.40 19.38 -44.05
CA VAL K 120 -9.60 19.52 -45.49
C VAL K 120 -9.29 20.95 -45.90
N LEU K 121 -8.43 21.10 -46.90
CA LEU K 121 -8.12 22.40 -47.51
C LEU K 121 -8.67 22.39 -48.93
N ILE K 122 -9.51 23.37 -49.27
CA ILE K 122 -10.19 23.42 -50.56
C ILE K 122 -9.87 24.74 -51.24
N GLU K 123 -9.35 24.68 -52.47
CA GLU K 123 -9.29 25.83 -53.35
C GLU K 123 -10.09 25.54 -54.60
N GLU K 124 -10.20 26.54 -55.46
CA GLU K 124 -11.24 26.57 -56.48
C GLU K 124 -10.90 27.61 -57.54
N THR K 125 -11.12 27.27 -58.80
CA THR K 125 -10.82 28.16 -59.92
C THR K 125 -11.99 28.23 -60.87
N GLU K 126 -12.55 29.43 -61.03
CA GLU K 126 -13.57 29.67 -62.04
C GLU K 126 -12.98 29.53 -63.44
N GLY K 127 -13.79 29.07 -64.37
CA GLY K 127 -13.34 28.95 -65.73
C GLY K 127 -14.47 28.62 -66.68
N GLU K 128 -14.11 28.07 -67.82
CA GLU K 128 -15.08 27.66 -68.83
C GLU K 128 -14.46 26.59 -69.70
N ILE K 129 -15.29 25.63 -70.13
CA ILE K 129 -14.82 24.52 -70.96
C ILE K 129 -14.52 25.04 -72.35
N ALA K 130 -13.40 24.60 -72.93
CA ALA K 130 -13.00 25.04 -74.25
C ALA K 130 -13.96 24.51 -75.31
N PRO K 131 -14.08 25.19 -76.45
CA PRO K 131 -14.89 24.64 -77.56
C PRO K 131 -14.29 23.37 -78.16
N SER K 132 -12.98 23.19 -78.08
CA SER K 132 -12.33 21.96 -78.49
C SER K 132 -11.04 21.85 -77.72
N ALA K 133 -10.55 20.62 -77.58
CA ALA K 133 -9.33 20.38 -76.81
C ALA K 133 -8.12 20.91 -77.55
N ARG K 134 -7.32 21.72 -76.85
CA ARG K 134 -6.09 22.27 -77.41
C ARG K 134 -5.01 22.26 -76.34
N GLY K 135 -3.78 22.04 -76.79
CA GLY K 135 -2.65 21.98 -75.89
C GLY K 135 -2.15 20.57 -75.68
N THR K 136 -0.86 20.45 -75.39
CA THR K 136 -0.20 19.16 -75.25
C THR K 136 0.31 18.88 -73.85
N GLY K 137 0.69 19.89 -73.08
CA GLY K 137 1.26 19.68 -71.76
C GLY K 137 0.22 19.27 -70.74
N GLY K 138 0.69 19.03 -69.53
CA GLY K 138 -0.22 18.66 -68.48
C GLY K 138 -0.71 17.23 -68.62
N PHE K 139 -1.90 16.98 -68.09
CA PHE K 139 -2.50 15.65 -68.08
C PHE K 139 -4.01 15.79 -68.11
N HIS K 140 -4.75 14.78 -67.61
CA HIS K 140 -6.21 14.62 -67.70
C HIS K 140 -7.00 15.92 -67.55
N TRP K 141 -7.87 16.18 -68.53
CA TRP K 141 -8.75 17.33 -68.70
C TRP K 141 -8.06 18.70 -68.73
N ASP K 142 -6.73 18.75 -68.75
CA ASP K 142 -6.09 20.04 -68.98
C ASP K 142 -6.26 20.63 -70.39
N PRO K 143 -6.41 19.87 -71.49
CA PRO K 143 -6.72 20.55 -72.76
C PRO K 143 -8.13 21.11 -72.89
N ILE K 144 -9.02 20.95 -71.93
CA ILE K 144 -10.40 21.40 -72.11
C ILE K 144 -10.79 22.55 -71.20
N PHE K 145 -9.97 22.92 -70.23
CA PHE K 145 -10.33 23.91 -69.22
C PHE K 145 -9.56 25.20 -69.44
N ILE K 146 -10.28 26.31 -69.58
CA ILE K 146 -9.70 27.63 -69.75
C ILE K 146 -10.09 28.47 -68.53
N PRO K 147 -9.13 28.98 -67.75
CA PRO K 147 -9.48 29.78 -66.57
C PRO K 147 -10.05 31.13 -66.94
N LYS K 148 -10.68 31.76 -65.96
CA LYS K 148 -11.34 33.04 -66.21
C LYS K 148 -10.30 34.14 -66.38
N GLY K 149 -10.48 34.94 -67.42
CA GLY K 149 -9.53 35.98 -67.79
C GLY K 149 -8.50 35.52 -68.79
N GLN K 150 -7.98 34.31 -68.61
CA GLN K 150 -7.01 33.74 -69.52
C GLN K 150 -7.71 33.26 -70.79
N THR K 151 -6.99 33.25 -71.90
CA THR K 151 -7.48 32.66 -73.13
C THR K 151 -7.01 31.23 -73.34
N ARG K 152 -5.93 30.83 -72.69
CA ARG K 152 -5.30 29.53 -72.92
C ARG K 152 -5.79 28.50 -71.91
N THR K 153 -5.48 27.24 -72.21
CA THR K 153 -5.85 26.12 -71.35
C THR K 153 -4.75 25.85 -70.34
N PHE K 154 -5.00 24.89 -69.44
CA PHE K 154 -3.93 24.40 -68.59
C PHE K 154 -2.89 23.61 -69.37
N ALA K 155 -3.30 23.01 -70.49
CA ALA K 155 -2.37 22.23 -71.29
C ALA K 155 -1.43 23.13 -72.08
N GLU K 156 -1.89 24.31 -72.47
CA GLU K 156 -1.07 25.24 -73.24
C GLU K 156 -0.05 25.97 -72.39
N MET K 157 -0.19 25.94 -71.07
CA MET K 157 0.70 26.68 -70.19
C MET K 157 1.71 25.73 -69.56
N SER K 158 2.86 26.29 -69.19
CA SER K 158 3.90 25.51 -68.53
C SER K 158 3.53 25.23 -67.08
N LEU K 159 4.39 24.49 -66.38
CA LEU K 159 4.06 24.07 -65.02
C LEU K 159 4.14 25.23 -64.04
N ASP K 160 5.00 26.21 -64.29
CA ASP K 160 4.99 27.42 -63.48
C ASP K 160 3.76 28.26 -63.77
N GLU K 161 3.33 28.29 -65.02
CA GLU K 161 2.18 29.11 -65.38
C GLU K 161 0.87 28.43 -65.05
N LYS K 162 0.84 27.10 -65.04
CA LYS K 162 -0.40 26.38 -64.69
C LYS K 162 -0.69 26.52 -63.20
N LEU K 163 0.36 26.45 -62.37
CA LEU K 163 0.19 26.57 -60.93
C LEU K 163 -0.04 27.99 -60.47
N SER K 164 0.05 28.98 -61.35
CA SER K 164 -0.41 30.32 -61.00
C SER K 164 -1.90 30.51 -61.25
N PHE K 165 -2.59 29.48 -61.73
CA PHE K 165 -4.03 29.53 -61.95
C PHE K 165 -4.74 28.36 -61.28
N SER K 166 -4.08 27.20 -61.22
CA SER K 166 -4.72 25.98 -60.76
C SER K 166 -4.94 26.03 -59.24
N PRO K 167 -5.87 25.21 -58.72
CA PRO K 167 -6.09 25.19 -57.27
C PRO K 167 -4.90 24.72 -56.45
N LEU K 168 -3.98 23.95 -57.03
CA LEU K 168 -2.85 23.46 -56.26
C LEU K 168 -1.85 24.56 -55.93
N GLY K 169 -1.80 25.63 -56.74
CA GLY K 169 -0.87 26.71 -56.49
C GLY K 169 -1.20 27.56 -55.28
N ARG K 170 -2.45 27.53 -54.84
CA ARG K 170 -2.85 28.13 -53.58
C ARG K 170 -2.86 27.14 -52.43
N LEU K 171 -2.87 25.85 -52.73
CA LEU K 171 -2.83 24.80 -51.74
C LEU K 171 -1.42 24.42 -51.30
N HIS K 172 -0.38 24.82 -52.05
CA HIS K 172 0.99 24.62 -51.55
C HIS K 172 1.23 25.43 -50.29
N THR K 173 0.88 26.71 -50.33
CA THR K 173 1.20 27.61 -49.23
C THR K 173 0.36 27.31 -48.00
N ARG K 174 -0.88 26.87 -48.20
CA ARG K 174 -1.73 26.51 -47.08
C ARG K 174 -1.30 25.19 -46.45
N LEU K 175 -0.77 24.27 -47.25
CA LEU K 175 -0.28 23.00 -46.70
C LEU K 175 1.07 23.19 -46.02
N ARG K 176 1.91 24.07 -46.56
CA ARG K 176 3.21 24.32 -45.96
C ARG K 176 3.07 25.04 -44.62
N THR K 177 2.14 25.99 -44.53
CA THR K 177 2.00 26.77 -43.32
C THR K 177 1.37 25.95 -42.19
N GLU K 178 0.34 25.17 -42.50
CA GLU K 178 -0.35 24.41 -41.47
C GLU K 178 0.42 23.19 -41.00
N LEU K 179 1.37 22.71 -41.80
CA LEU K 179 2.15 21.55 -41.40
C LEU K 179 3.60 21.88 -41.07
N GLY K 180 4.06 23.09 -41.39
CA GLY K 180 5.43 23.44 -41.11
C GLY K 180 6.43 22.79 -42.03
N LEU K 181 6.05 22.52 -43.27
CA LEU K 181 6.91 21.85 -44.21
C LEU K 181 8.02 22.78 -44.69
N ALA L 2 -39.61 -18.34 -40.08
CA ALA L 2 -38.61 -17.27 -40.15
C ALA L 2 -37.91 -17.30 -41.50
N PRO L 3 -37.61 -16.11 -42.05
CA PRO L 3 -36.92 -16.04 -43.33
C PRO L 3 -35.49 -16.54 -43.24
N THR L 4 -34.94 -16.91 -44.39
CA THR L 4 -33.54 -17.27 -44.50
C THR L 4 -32.74 -16.32 -45.39
N TRP L 5 -33.40 -15.56 -46.25
CA TRP L 5 -32.76 -14.55 -47.06
C TRP L 5 -33.41 -13.20 -46.80
N PHE L 6 -32.61 -12.15 -46.89
CA PHE L 6 -33.06 -10.80 -46.53
C PHE L 6 -32.70 -9.84 -47.65
N TYR L 7 -33.70 -9.16 -48.19
CA TYR L 7 -33.49 -8.19 -49.25
C TYR L 7 -33.31 -6.81 -48.63
N ASN L 8 -32.13 -6.25 -48.79
CA ASN L 8 -31.74 -5.01 -48.14
C ASN L 8 -31.88 -3.86 -49.13
N THR L 9 -32.74 -2.90 -48.81
CA THR L 9 -32.82 -1.67 -49.58
C THR L 9 -33.32 -0.56 -48.67
N THR L 10 -32.84 0.66 -48.92
CA THR L 10 -33.40 1.83 -48.29
C THR L 10 -34.41 2.53 -49.16
N ASN L 11 -34.57 2.08 -50.40
CA ASN L 11 -35.49 2.68 -51.36
C ASN L 11 -36.82 1.97 -51.24
N SER L 12 -37.83 2.68 -50.74
CA SER L 12 -39.14 2.10 -50.49
C SER L 12 -39.94 1.85 -51.76
N GLU L 13 -39.48 2.35 -52.90
CA GLU L 13 -40.12 2.06 -54.17
C GLU L 13 -39.60 0.78 -54.79
N LYS L 14 -38.34 0.43 -54.53
CA LYS L 14 -37.84 -0.88 -54.91
C LYS L 14 -38.47 -1.98 -54.06
N LEU L 15 -38.86 -1.64 -52.83
CA LEU L 15 -39.41 -2.61 -51.91
C LEU L 15 -40.79 -3.08 -52.35
N ARG L 16 -41.63 -2.17 -52.83
CA ARG L 16 -42.95 -2.59 -53.28
C ARG L 16 -42.94 -3.25 -54.64
N GLU L 17 -41.84 -3.11 -55.40
CA GLU L 17 -41.74 -3.86 -56.65
C GLU L 17 -41.38 -5.32 -56.39
N LEU L 18 -40.39 -5.55 -55.54
CA LEU L 18 -39.96 -6.92 -55.26
C LEU L 18 -40.95 -7.65 -54.38
N GLN L 19 -41.76 -6.94 -53.60
CA GLN L 19 -42.86 -7.58 -52.89
C GLN L 19 -44.07 -7.82 -53.78
N HIS L 20 -44.09 -7.27 -54.99
CA HIS L 20 -45.21 -7.54 -55.88
C HIS L 20 -45.12 -8.91 -56.51
N VAL L 21 -43.92 -9.47 -56.63
CA VAL L 21 -43.70 -10.75 -57.28
C VAL L 21 -43.13 -11.77 -56.30
N LEU L 22 -42.05 -11.41 -55.60
CA LEU L 22 -41.47 -12.27 -54.58
C LEU L 22 -42.04 -12.00 -53.19
N GLY L 23 -43.25 -11.47 -53.10
CA GLY L 23 -43.82 -11.12 -51.81
C GLY L 23 -44.40 -12.30 -51.05
N GLY L 24 -45.03 -13.23 -51.77
CA GLY L 24 -45.63 -14.38 -51.14
C GLY L 24 -44.66 -15.45 -50.69
N SER L 25 -43.37 -15.30 -51.00
CA SER L 25 -42.36 -16.23 -50.54
C SER L 25 -42.09 -16.02 -49.05
N ALA L 26 -42.34 -17.05 -48.25
CA ALA L 26 -42.15 -16.97 -46.81
C ALA L 26 -40.69 -17.12 -46.40
N LYS L 27 -39.78 -17.36 -47.33
CA LYS L 27 -38.37 -17.52 -47.04
C LYS L 27 -37.58 -16.24 -47.25
N LEU L 28 -38.24 -15.13 -47.52
CA LEU L 28 -37.57 -13.88 -47.83
C LEU L 28 -37.99 -12.82 -46.82
N GLY L 29 -37.01 -12.24 -46.14
CA GLY L 29 -37.23 -11.11 -45.25
C GLY L 29 -36.74 -9.83 -45.86
N TYR L 30 -36.91 -8.74 -45.11
CA TYR L 30 -36.63 -7.41 -45.63
C TYR L 30 -35.90 -6.57 -44.59
N LEU L 31 -34.81 -5.94 -44.98
CA LEU L 31 -34.02 -5.07 -44.12
C LEU L 31 -33.81 -3.74 -44.83
N THR L 32 -33.38 -2.73 -44.08
CA THR L 32 -33.28 -1.37 -44.59
C THR L 32 -31.95 -0.71 -44.23
N ALA L 33 -30.85 -1.46 -44.28
CA ALA L 33 -29.55 -0.90 -43.94
C ALA L 33 -29.01 -0.05 -45.08
N LYS L 34 -28.34 1.04 -44.74
CA LYS L 34 -27.83 1.99 -45.70
C LYS L 34 -26.35 1.73 -45.92
N VAL L 35 -25.96 1.51 -47.17
CA VAL L 35 -24.57 1.25 -47.53
C VAL L 35 -24.08 2.34 -48.46
N THR L 36 -22.77 2.38 -48.65
CA THR L 36 -22.11 3.39 -49.48
C THR L 36 -21.44 2.68 -50.63
N GLU L 37 -21.75 3.10 -51.86
CA GLU L 37 -21.20 2.44 -53.03
C GLU L 37 -19.84 3.01 -53.37
N ILE L 38 -19.05 2.23 -54.10
CA ILE L 38 -17.74 2.66 -54.55
C ILE L 38 -17.90 3.41 -55.86
N LEU L 39 -16.86 4.14 -56.24
CA LEU L 39 -16.90 5.01 -57.42
C LEU L 39 -16.38 4.23 -58.61
N ASP L 40 -17.30 3.67 -59.40
CA ASP L 40 -16.93 2.96 -60.62
C ASP L 40 -18.15 2.90 -61.52
N VAL L 41 -17.94 3.02 -62.83
CA VAL L 41 -19.07 2.97 -63.76
C VAL L 41 -19.50 1.55 -64.07
N ASP L 42 -18.68 0.55 -63.79
CA ASP L 42 -19.03 -0.82 -64.10
C ASP L 42 -20.04 -1.34 -63.09
N LEU L 43 -21.15 -1.88 -63.58
CA LEU L 43 -22.22 -2.36 -62.71
C LEU L 43 -21.77 -3.59 -61.92
N GLU L 44 -21.05 -4.51 -62.56
CA GLU L 44 -20.55 -5.73 -61.93
C GLU L 44 -19.62 -5.41 -60.76
N THR L 45 -18.83 -4.35 -60.87
CA THR L 45 -17.90 -4.01 -59.80
C THR L 45 -18.63 -3.39 -58.61
N VAL L 46 -19.65 -2.58 -58.86
CA VAL L 46 -20.31 -1.85 -57.78
C VAL L 46 -21.24 -2.78 -56.99
N ILE L 47 -22.01 -3.62 -57.69
CA ILE L 47 -22.95 -4.52 -57.00
C ILE L 47 -22.21 -5.60 -56.23
N ARG L 48 -20.98 -5.93 -56.64
CA ARG L 48 -20.20 -6.93 -55.93
C ARG L 48 -19.58 -6.34 -54.67
N ALA L 49 -19.21 -5.06 -54.71
CA ALA L 49 -18.73 -4.36 -53.53
C ALA L 49 -19.84 -3.84 -52.64
N LYS L 50 -21.09 -3.90 -53.11
CA LYS L 50 -22.23 -3.47 -52.30
C LYS L 50 -22.73 -4.59 -51.42
N ALA L 51 -22.59 -5.85 -51.86
CA ALA L 51 -23.00 -6.98 -51.06
C ALA L 51 -22.04 -7.27 -49.92
N ILE L 52 -20.74 -7.06 -50.14
CA ILE L 52 -19.79 -7.26 -49.06
C ILE L 52 -19.93 -6.15 -48.01
N ALA L 53 -20.43 -4.98 -48.41
CA ALA L 53 -20.63 -3.89 -47.48
C ALA L 53 -21.97 -3.98 -46.78
N ALA L 54 -22.92 -4.72 -47.33
CA ALA L 54 -24.21 -4.91 -46.66
C ALA L 54 -24.25 -6.17 -45.81
N TYR L 55 -23.45 -7.19 -46.14
CA TYR L 55 -23.31 -8.32 -45.23
C TYR L 55 -22.60 -7.91 -43.95
N ARG L 56 -21.65 -6.97 -44.07
CA ARG L 56 -20.95 -6.47 -42.89
C ARG L 56 -21.88 -5.69 -41.97
N ALA L 57 -22.96 -5.13 -42.51
CA ALA L 57 -23.90 -4.40 -41.69
C ALA L 57 -24.89 -5.32 -40.97
N VAL L 58 -25.52 -6.23 -41.71
CA VAL L 58 -26.65 -6.98 -41.16
C VAL L 58 -26.32 -8.40 -40.73
N ARG L 59 -25.22 -8.97 -41.21
CA ARG L 59 -24.64 -10.24 -40.74
C ARG L 59 -25.57 -11.44 -40.94
N VAL L 60 -26.46 -11.35 -41.92
CA VAL L 60 -27.32 -12.46 -42.34
C VAL L 60 -27.17 -12.60 -43.85
N PRO L 61 -27.57 -13.76 -44.43
CA PRO L 61 -27.61 -13.88 -45.90
C PRO L 61 -28.44 -12.80 -46.58
N VAL L 62 -27.78 -11.94 -47.35
CA VAL L 62 -28.37 -10.68 -47.79
C VAL L 62 -28.42 -10.65 -49.30
N ILE L 63 -29.41 -9.94 -49.85
CA ILE L 63 -29.58 -9.73 -51.28
C ILE L 63 -29.64 -8.23 -51.52
N VAL L 64 -28.73 -7.71 -52.34
CA VAL L 64 -28.70 -6.28 -52.65
C VAL L 64 -28.97 -6.09 -54.14
N GLU L 65 -29.24 -4.84 -54.50
CA GLU L 65 -29.69 -4.50 -55.86
C GLU L 65 -29.08 -3.17 -56.25
N HIS L 66 -28.53 -3.11 -57.47
CA HIS L 66 -27.99 -1.87 -58.01
C HIS L 66 -28.18 -1.89 -59.51
N GLY L 67 -28.38 -0.71 -60.10
CA GLY L 67 -28.73 -0.59 -61.49
C GLY L 67 -27.73 0.22 -62.28
N ALA L 68 -28.03 0.37 -63.57
CA ALA L 68 -27.21 1.14 -64.47
C ALA L 68 -28.07 1.68 -65.60
N LEU L 69 -27.69 2.85 -66.12
CA LEU L 69 -28.40 3.50 -67.22
C LEU L 69 -27.37 3.99 -68.25
N CYS L 70 -26.56 3.07 -68.74
CA CYS L 70 -25.57 3.35 -69.77
C CYS L 70 -26.20 3.95 -71.01
N ILE L 71 -25.63 5.05 -71.49
CA ILE L 71 -26.17 5.82 -72.62
C ILE L 71 -25.11 5.88 -73.71
N ASP L 72 -25.54 5.68 -74.96
CA ASP L 72 -24.61 5.69 -76.09
C ASP L 72 -24.06 7.08 -76.36
N ALA L 73 -24.86 8.11 -76.14
CA ALA L 73 -24.40 9.47 -76.45
C ALA L 73 -23.38 9.95 -75.43
N LEU L 74 -23.38 9.37 -74.24
CA LEU L 74 -22.43 9.73 -73.19
C LEU L 74 -21.37 8.66 -73.01
N ASN L 75 -21.19 7.81 -74.01
CA ASN L 75 -20.24 6.69 -74.05
C ASN L 75 -20.36 5.76 -72.85
N GLY L 76 -21.59 5.47 -72.42
CA GLY L 76 -21.81 4.62 -71.28
C GLY L 76 -22.06 5.33 -69.97
N LEU L 77 -21.92 6.64 -69.95
CA LEU L 77 -22.24 7.38 -68.73
C LEU L 77 -23.75 7.52 -68.59
N PRO L 78 -24.28 7.47 -67.37
CA PRO L 78 -23.64 7.28 -66.06
C PRO L 78 -23.14 5.87 -65.74
N GLY L 79 -23.76 4.84 -66.28
CA GLY L 79 -23.43 3.49 -65.85
C GLY L 79 -24.00 3.28 -64.45
N ALA L 80 -23.18 2.76 -63.54
CA ALA L 80 -23.60 2.59 -62.15
C ALA L 80 -23.56 3.89 -61.35
N LEU L 81 -23.27 5.02 -62.00
CA LEU L 81 -23.32 6.35 -61.44
C LEU L 81 -24.67 7.04 -61.66
N VAL L 82 -25.75 6.26 -61.75
CA VAL L 82 -27.04 6.81 -62.11
C VAL L 82 -27.71 7.51 -60.93
N LYS L 83 -27.35 7.16 -59.70
CA LYS L 83 -27.92 7.77 -58.50
C LYS L 83 -27.62 9.26 -58.38
N PRO L 84 -26.40 9.79 -58.62
CA PRO L 84 -26.26 11.24 -58.58
C PRO L 84 -26.60 11.97 -59.87
N PHE L 85 -26.93 11.29 -60.97
CA PHE L 85 -27.38 12.05 -62.14
C PHE L 85 -28.81 12.52 -61.98
N TRP L 86 -29.71 11.61 -61.60
CA TRP L 86 -31.10 11.97 -61.42
C TRP L 86 -31.30 12.93 -60.25
N GLU L 87 -30.37 12.95 -59.29
CA GLU L 87 -30.35 14.01 -58.30
C GLU L 87 -29.96 15.35 -58.92
N SER L 88 -28.94 15.36 -59.77
CA SER L 88 -28.49 16.62 -60.36
C SER L 88 -29.34 17.03 -61.55
N LEU L 89 -29.32 16.22 -62.61
CA LEU L 89 -30.09 16.49 -63.82
C LEU L 89 -31.41 15.74 -63.70
N ASP L 90 -32.49 16.45 -63.41
CA ASP L 90 -33.75 15.73 -63.23
C ASP L 90 -34.39 15.40 -64.58
N THR L 91 -34.90 16.41 -65.26
CA THR L 91 -35.41 16.21 -66.62
C THR L 91 -34.61 16.95 -67.65
N ARG L 92 -33.55 17.64 -67.23
CA ARG L 92 -32.56 18.19 -68.15
C ARG L 92 -31.70 17.10 -68.76
N LEU L 93 -31.73 15.89 -68.19
CA LEU L 93 -31.05 14.73 -68.77
C LEU L 93 -31.63 14.36 -70.13
N CYS L 94 -32.90 14.68 -70.37
CA CYS L 94 -33.45 14.57 -71.73
C CYS L 94 -32.90 15.63 -72.67
N GLU L 95 -32.35 16.73 -72.14
CA GLU L 95 -31.91 17.84 -72.95
C GLU L 95 -30.41 17.83 -73.23
N VAL L 96 -29.61 17.22 -72.34
CA VAL L 96 -28.17 17.18 -72.56
C VAL L 96 -27.75 16.15 -73.59
N ILE L 97 -28.67 15.30 -74.02
CA ILE L 97 -28.39 14.23 -74.97
C ILE L 97 -28.89 14.67 -76.34
N PRO L 98 -28.10 14.52 -77.41
CA PRO L 98 -28.52 15.02 -78.72
C PRO L 98 -29.67 14.21 -79.29
N ALA L 99 -30.57 14.90 -79.97
CA ALA L 99 -31.68 14.22 -80.64
C ALA L 99 -31.18 13.52 -81.89
N GLY L 100 -31.47 12.23 -82.00
CA GLY L 100 -30.99 11.39 -83.09
C GLY L 100 -30.14 10.22 -82.67
N GLN L 101 -29.54 10.27 -81.48
CA GLN L 101 -28.75 9.18 -80.93
C GLN L 101 -29.13 8.92 -79.49
N ARG L 102 -30.44 8.80 -79.25
CA ARG L 102 -31.01 8.67 -77.92
C ARG L 102 -30.89 7.28 -77.32
N THR L 103 -30.21 6.33 -77.96
CA THR L 103 -30.24 4.94 -77.52
C THR L 103 -29.43 4.74 -76.24
N ALA L 104 -29.92 3.84 -75.40
CA ALA L 104 -29.34 3.60 -74.08
C ALA L 104 -29.72 2.19 -73.64
N ARG L 105 -29.05 1.72 -72.59
CA ARG L 105 -29.33 0.42 -71.99
C ARG L 105 -29.67 0.62 -70.53
N ALA L 106 -30.78 0.02 -70.09
CA ALA L 106 -31.15 -0.01 -68.68
C ALA L 106 -30.72 -1.36 -68.11
N ARG L 107 -29.62 -1.36 -67.37
CA ARG L 107 -29.10 -2.58 -66.76
C ARG L 107 -29.47 -2.62 -65.29
N GLY L 108 -29.50 -3.82 -64.74
CA GLY L 108 -29.85 -4.01 -63.35
C GLY L 108 -29.27 -5.31 -62.86
N ALA L 109 -28.85 -5.32 -61.60
CA ALA L 109 -28.12 -6.45 -61.07
C ALA L 109 -28.56 -6.75 -59.65
N LEU L 110 -28.77 -8.04 -59.39
CA LEU L 110 -28.92 -8.58 -58.04
C LEU L 110 -27.63 -9.30 -57.66
N CYS L 111 -27.24 -9.19 -56.40
CA CYS L 111 -26.12 -9.94 -55.86
C CYS L 111 -26.50 -10.43 -54.48
N TYR L 112 -26.52 -11.74 -54.29
CA TYR L 112 -26.80 -12.33 -53.00
C TYR L 112 -25.52 -12.87 -52.38
N CYS L 113 -25.34 -12.60 -51.09
CA CYS L 113 -24.16 -13.02 -50.35
C CYS L 113 -24.63 -13.78 -49.12
N ASP L 114 -24.22 -15.03 -49.01
CA ASP L 114 -24.57 -15.85 -47.86
C ASP L 114 -23.52 -15.80 -46.75
N GLY L 115 -22.45 -15.03 -46.94
CA GLY L 115 -21.37 -14.93 -45.99
C GLY L 115 -20.08 -15.57 -46.45
N ARG L 116 -20.14 -16.30 -47.57
CA ARG L 116 -18.95 -17.04 -48.07
C ARG L 116 -18.76 -16.80 -49.57
N GLU L 117 -19.87 -16.54 -50.27
CA GLU L 117 -19.80 -16.39 -51.76
C GLU L 117 -20.72 -15.27 -52.23
N ARG L 118 -20.34 -14.58 -53.30
CA ARG L 118 -21.13 -13.50 -53.89
C ARG L 118 -21.47 -13.88 -55.31
N HIS L 119 -22.75 -14.06 -55.60
CA HIS L 119 -23.22 -14.45 -56.92
C HIS L 119 -24.06 -13.33 -57.52
N VAL L 120 -23.68 -12.88 -58.71
CA VAL L 120 -24.28 -11.70 -59.35
C VAL L 120 -25.17 -12.18 -60.49
N LEU L 121 -26.42 -11.69 -60.50
CA LEU L 121 -27.36 -11.94 -61.58
C LEU L 121 -27.62 -10.61 -62.28
N ILE L 122 -27.41 -10.56 -63.59
CA ILE L 122 -27.51 -9.33 -64.36
C ILE L 122 -28.52 -9.52 -65.49
N GLU L 123 -29.52 -8.66 -65.55
CA GLU L 123 -30.37 -8.52 -66.73
C GLU L 123 -30.25 -7.11 -67.27
N GLU L 124 -30.89 -6.87 -68.41
CA GLU L 124 -30.56 -5.74 -69.25
C GLU L 124 -31.69 -5.49 -70.26
N THR L 125 -32.02 -4.23 -70.48
CA THR L 125 -33.10 -3.86 -71.39
C THR L 125 -32.64 -2.75 -72.32
N GLU L 126 -32.63 -3.04 -73.62
CA GLU L 126 -32.38 -2.02 -74.62
C GLU L 126 -33.52 -1.00 -74.65
N GLY L 127 -33.17 0.24 -74.96
CA GLY L 127 -34.17 1.27 -75.05
C GLY L 127 -33.62 2.54 -75.63
N GLU L 128 -34.31 3.64 -75.35
CA GLU L 128 -33.90 4.95 -75.80
C GLU L 128 -34.51 6.01 -74.90
N ILE L 129 -33.75 7.08 -74.66
CA ILE L 129 -34.19 8.15 -73.79
C ILE L 129 -35.30 8.94 -74.48
N ALA L 130 -36.35 9.28 -73.74
CA ALA L 130 -37.46 10.02 -74.30
C ALA L 130 -37.03 11.44 -74.67
N PRO L 131 -37.73 12.06 -75.63
CA PRO L 131 -37.44 13.48 -75.92
C PRO L 131 -37.84 14.42 -74.79
N SER L 132 -38.80 14.03 -73.96
CA SER L 132 -39.15 14.77 -72.76
C SER L 132 -39.80 13.80 -71.79
N ALA L 133 -39.75 14.15 -70.51
CA ALA L 133 -40.27 13.26 -69.48
C ALA L 133 -41.79 13.22 -69.53
N ARG L 134 -42.34 12.02 -69.57
CA ARG L 134 -43.78 11.81 -69.60
C ARG L 134 -44.13 10.62 -68.72
N GLY L 135 -45.27 10.71 -68.07
CA GLY L 135 -45.74 9.65 -67.19
C GLY L 135 -45.60 10.02 -65.73
N THR L 136 -46.48 9.46 -64.91
CA THR L 136 -46.54 9.76 -63.49
C THR L 136 -46.18 8.61 -62.57
N GLY L 137 -46.42 7.37 -62.99
CA GLY L 137 -46.17 6.22 -62.13
C GLY L 137 -44.69 5.92 -62.00
N GLY L 138 -44.40 4.91 -61.19
CA GLY L 138 -43.01 4.52 -61.02
C GLY L 138 -42.25 5.50 -60.15
N PHE L 139 -40.94 5.54 -60.37
CA PHE L 139 -40.05 6.39 -59.58
C PHE L 139 -38.87 6.81 -60.45
N HIS L 140 -37.71 7.11 -59.85
CA HIS L 140 -36.52 7.73 -60.47
C HIS L 140 -36.21 7.21 -61.87
N TRP L 141 -36.06 8.14 -62.81
CA TRP L 141 -35.79 7.98 -64.24
C TRP L 141 -36.79 7.13 -65.01
N ASP L 142 -37.89 6.70 -64.40
CA ASP L 142 -38.92 6.07 -65.21
C ASP L 142 -39.67 6.97 -66.21
N PRO L 143 -39.85 8.27 -66.00
CA PRO L 143 -40.44 9.08 -67.08
C PRO L 143 -39.53 9.34 -68.28
N ILE L 144 -38.28 8.92 -68.29
CA ILE L 144 -37.40 9.27 -69.40
C ILE L 144 -36.98 8.09 -70.25
N PHE L 145 -37.28 6.84 -69.85
CA PHE L 145 -36.80 5.66 -70.53
C PHE L 145 -37.94 4.96 -71.26
N ILE L 146 -37.76 4.75 -72.56
CA ILE L 146 -38.71 4.05 -73.41
C ILE L 146 -38.06 2.77 -73.91
N PRO L 147 -38.59 1.60 -73.61
CA PRO L 147 -37.97 0.35 -74.07
C PRO L 147 -38.11 0.16 -75.57
N LYS L 148 -37.32 -0.76 -76.10
CA LYS L 148 -37.29 -0.99 -77.53
C LYS L 148 -38.57 -1.71 -77.97
N GLY L 149 -39.18 -1.21 -79.03
CA GLY L 149 -40.46 -1.71 -79.51
C GLY L 149 -41.65 -0.99 -78.93
N GLN L 150 -41.60 -0.70 -77.64
CA GLN L 150 -42.67 0.03 -76.98
C GLN L 150 -42.57 1.51 -77.32
N THR L 151 -43.72 2.21 -77.29
CA THR L 151 -43.73 3.64 -77.43
C THR L 151 -43.79 4.37 -76.10
N ARG L 152 -44.22 3.71 -75.03
CA ARG L 152 -44.44 4.35 -73.75
C ARG L 152 -43.22 4.19 -72.84
N THR L 153 -43.23 4.95 -71.74
CA THR L 153 -42.16 4.91 -70.77
C THR L 153 -42.47 3.88 -69.69
N PHE L 154 -41.54 3.69 -68.75
CA PHE L 154 -41.83 2.92 -67.56
C PHE L 154 -42.82 3.63 -66.65
N ALA L 155 -42.85 4.96 -66.70
CA ALA L 155 -43.78 5.70 -65.86
C ALA L 155 -45.20 5.62 -66.36
N GLU L 156 -45.37 5.49 -67.68
CA GLU L 156 -46.70 5.41 -68.26
C GLU L 156 -47.35 4.04 -68.08
N MET L 157 -46.58 3.03 -67.73
CA MET L 157 -47.09 1.67 -67.62
C MET L 157 -47.30 1.31 -66.15
N SER L 158 -48.22 0.37 -65.91
CA SER L 158 -48.51 -0.09 -64.57
C SER L 158 -47.39 -1.01 -64.09
N LEU L 159 -47.51 -1.49 -62.85
CA LEU L 159 -46.45 -2.29 -62.26
C LEU L 159 -46.38 -3.68 -62.87
N ASP L 160 -47.51 -4.22 -63.31
CA ASP L 160 -47.47 -5.48 -64.05
C ASP L 160 -46.88 -5.28 -65.43
N GLU L 161 -47.16 -4.14 -66.06
CA GLU L 161 -46.66 -3.89 -67.40
C GLU L 161 -45.20 -3.43 -67.39
N LYS L 162 -44.77 -2.76 -66.32
CA LYS L 162 -43.38 -2.32 -66.24
C LYS L 162 -42.45 -3.50 -66.03
N LEU L 163 -42.86 -4.47 -65.22
CA LEU L 163 -42.04 -5.65 -64.96
C LEU L 163 -42.06 -6.66 -66.09
N SER L 164 -42.89 -6.46 -67.12
CA SER L 164 -42.75 -7.26 -68.33
C SER L 164 -41.73 -6.69 -69.29
N PHE L 165 -41.08 -5.57 -68.94
CA PHE L 165 -40.04 -4.97 -69.75
C PHE L 165 -38.77 -4.72 -68.96
N SER L 166 -38.92 -4.40 -67.67
CA SER L 166 -37.79 -3.98 -66.85
C SER L 166 -36.88 -5.17 -66.54
N PRO L 167 -35.61 -4.90 -66.18
CA PRO L 167 -34.71 -6.02 -65.82
C PRO L 167 -35.13 -6.81 -64.60
N LEU L 168 -35.92 -6.24 -63.70
CA LEU L 168 -36.32 -6.98 -62.50
C LEU L 168 -37.30 -8.10 -62.81
N GLY L 169 -38.07 -7.97 -63.89
CA GLY L 169 -39.04 -9.01 -64.23
C GLY L 169 -38.43 -10.30 -64.72
N ARG L 170 -37.18 -10.25 -65.19
CA ARG L 170 -36.42 -11.46 -65.48
C ARG L 170 -35.54 -11.90 -64.34
N LEU L 171 -35.29 -11.02 -63.38
CA LEU L 171 -34.50 -11.32 -62.20
C LEU L 171 -35.31 -11.92 -61.06
N HIS L 172 -36.65 -11.84 -61.10
CA HIS L 172 -37.45 -12.56 -60.12
C HIS L 172 -37.28 -14.06 -60.27
N THR L 173 -37.40 -14.56 -61.50
CA THR L 173 -37.39 -16.00 -61.73
C THR L 173 -36.02 -16.58 -61.53
N ARG L 174 -34.97 -15.82 -61.84
CA ARG L 174 -33.61 -16.30 -61.63
C ARG L 174 -33.25 -16.29 -60.15
N LEU L 175 -33.79 -15.35 -59.38
CA LEU L 175 -33.52 -15.32 -57.94
C LEU L 175 -34.34 -16.38 -57.22
N ARG L 176 -35.55 -16.64 -57.69
CA ARG L 176 -36.40 -17.66 -57.06
C ARG L 176 -35.85 -19.05 -57.31
N THR L 177 -35.34 -19.31 -58.52
CA THR L 177 -34.85 -20.64 -58.86
C THR L 177 -33.53 -20.94 -58.15
N GLU L 178 -32.61 -19.99 -58.13
CA GLU L 178 -31.30 -20.25 -57.53
C GLU L 178 -31.33 -20.26 -56.02
N LEU L 179 -32.34 -19.67 -55.39
CA LEU L 179 -32.43 -19.67 -53.94
C LEU L 179 -33.54 -20.54 -53.39
N GLY L 180 -34.43 -21.02 -54.25
CA GLY L 180 -35.53 -21.86 -53.77
C GLY L 180 -36.59 -21.09 -53.03
N LEU L 181 -36.80 -19.83 -53.38
CA LEU L 181 -37.78 -19.00 -52.68
C LEU L 181 -39.20 -19.41 -53.04
N THR M 2 -9.21 -18.04 24.23
CA THR M 2 -8.53 -18.20 22.95
C THR M 2 -9.13 -19.36 22.15
N THR M 3 -10.10 -20.04 22.74
CA THR M 3 -10.68 -21.23 22.14
C THR M 3 -12.12 -21.35 22.60
N LEU M 4 -13.04 -21.51 21.65
CA LEU M 4 -14.45 -21.63 21.99
C LEU M 4 -14.74 -22.96 22.66
N THR M 5 -15.71 -22.95 23.56
CA THR M 5 -16.20 -24.18 24.16
C THR M 5 -17.43 -24.62 23.37
N LEU M 6 -18.11 -25.65 23.85
CA LEU M 6 -19.27 -26.17 23.13
C LEU M 6 -20.47 -25.26 23.29
N SER M 7 -20.70 -24.73 24.50
CA SER M 7 -21.84 -23.86 24.72
C SER M 7 -21.64 -22.47 24.12
N GLU M 8 -20.39 -22.03 23.97
CA GLU M 8 -20.14 -20.74 23.35
C GLU M 8 -20.34 -20.79 21.84
N ALA M 9 -19.93 -21.88 21.21
CA ALA M 9 -20.00 -22.01 19.77
C ALA M 9 -21.36 -22.44 19.26
N ALA M 10 -22.23 -22.93 20.14
CA ALA M 10 -23.56 -23.38 19.74
C ALA M 10 -24.49 -22.28 19.21
N PRO M 11 -24.57 -21.06 19.78
CA PRO M 11 -25.39 -20.04 19.10
C PRO M 11 -24.76 -19.50 17.84
N LEU M 12 -23.44 -19.62 17.68
CA LEU M 12 -22.80 -19.18 16.45
C LEU M 12 -23.08 -20.14 15.31
N LEU M 13 -23.24 -21.43 15.64
CA LEU M 13 -23.53 -22.41 14.60
C LEU M 13 -25.01 -22.46 14.25
N LYS M 14 -25.89 -22.08 15.17
CA LYS M 14 -27.31 -22.01 14.85
C LYS M 14 -27.61 -20.90 13.87
N LYS M 15 -26.90 -19.77 13.99
CA LYS M 15 -27.16 -18.63 13.13
C LYS M 15 -26.75 -18.91 11.69
N GLU M 16 -25.60 -19.56 11.51
CA GLU M 16 -25.16 -19.89 10.17
C GLU M 16 -25.95 -21.03 9.57
N PHE M 17 -26.52 -21.90 10.39
CA PHE M 17 -27.28 -23.01 9.85
C PHE M 17 -28.67 -22.59 9.41
N ARG M 18 -29.33 -21.70 10.18
CA ARG M 18 -30.67 -21.27 9.78
C ARG M 18 -30.64 -20.33 8.59
N GLU M 19 -29.49 -19.75 8.29
CA GLU M 19 -29.33 -18.99 7.07
C GLU M 19 -28.89 -19.86 5.90
N GLY M 20 -28.61 -21.13 6.13
CA GLY M 20 -28.20 -22.02 5.06
C GLY M 20 -26.78 -21.81 4.60
N ARG M 21 -25.90 -21.34 5.47
CA ARG M 21 -24.54 -20.98 5.08
C ARG M 21 -23.50 -21.70 5.92
N LEU M 22 -23.85 -22.89 6.40
CA LEU M 22 -22.94 -23.74 7.17
C LEU M 22 -22.79 -25.06 6.44
N ILE M 23 -21.54 -25.47 6.21
CA ILE M 23 -21.24 -26.68 5.46
C ILE M 23 -20.29 -27.56 6.27
N PRO M 24 -20.62 -28.81 6.54
CA PRO M 24 -19.71 -29.68 7.29
C PRO M 24 -18.56 -30.15 6.43
N PHE M 25 -17.39 -30.30 7.05
CA PHE M 25 -16.21 -30.85 6.40
C PHE M 25 -15.73 -31.99 7.26
N LEU M 26 -15.85 -33.22 6.78
CA LEU M 26 -15.66 -34.41 7.61
C LEU M 26 -14.36 -35.11 7.24
N GLY M 27 -13.61 -35.52 8.27
CA GLY M 27 -12.31 -36.12 8.08
C GLY M 27 -12.28 -37.59 8.43
N ALA M 28 -11.06 -38.10 8.60
CA ALA M 28 -10.89 -39.53 8.88
C ALA M 28 -11.28 -39.89 10.30
N GLY M 29 -11.26 -38.93 11.22
CA GLY M 29 -11.70 -39.20 12.57
C GLY M 29 -13.20 -39.34 12.73
N PHE M 30 -13.96 -38.99 11.69
CA PHE M 30 -15.40 -39.16 11.74
C PHE M 30 -15.82 -40.60 11.49
N SER M 31 -14.94 -41.41 10.89
CA SER M 31 -15.21 -42.81 10.66
C SER M 31 -14.44 -43.71 11.62
N LYS M 32 -13.83 -43.14 12.64
CA LYS M 32 -13.13 -43.88 13.69
C LYS M 32 -14.05 -44.75 14.55
N PRO M 33 -15.28 -44.36 14.94
CA PRO M 33 -16.14 -45.32 15.65
C PRO M 33 -16.66 -46.47 14.80
N LEU M 34 -16.43 -46.45 13.49
CA LEU M 34 -16.79 -47.57 12.64
C LEU M 34 -15.67 -48.60 12.56
N LYS M 35 -14.65 -48.48 13.42
CA LYS M 35 -13.49 -49.35 13.48
C LYS M 35 -12.73 -49.38 12.16
N LEU M 36 -12.56 -48.24 11.59
CA LEU M 36 -11.81 -48.15 10.35
C LEU M 36 -10.42 -47.59 10.61
N PRO M 37 -9.46 -47.91 9.75
CA PRO M 37 -8.13 -47.31 9.87
C PRO M 37 -8.17 -45.79 9.66
N ASP M 38 -7.32 -45.10 10.41
CA ASP M 38 -7.00 -43.72 10.10
C ASP M 38 -5.75 -43.69 9.21
N GLY M 39 -5.12 -42.53 9.07
CA GLY M 39 -3.92 -42.41 8.25
C GLY M 39 -2.70 -43.15 8.77
N SER M 40 -2.73 -43.62 10.02
CA SER M 40 -1.63 -44.39 10.56
C SER M 40 -1.79 -45.89 10.43
N GLN M 41 -3.02 -46.41 10.54
CA GLN M 41 -3.20 -47.85 10.35
C GLN M 41 -3.18 -48.28 8.89
N LEU M 42 -3.34 -47.35 7.94
CA LEU M 42 -3.08 -47.71 6.54
C LEU M 42 -1.61 -47.99 6.32
N ILE M 43 -0.73 -47.12 6.85
CA ILE M 43 0.70 -47.26 6.69
C ILE M 43 1.21 -48.51 7.39
N ALA M 44 0.56 -48.91 8.48
CA ALA M 44 0.89 -50.17 9.12
C ALA M 44 0.49 -51.35 8.25
N SER M 45 -0.52 -51.19 7.41
CA SER M 45 -0.92 -52.24 6.49
C SER M 45 -0.12 -52.23 5.21
N LEU M 46 0.36 -51.07 4.77
CA LEU M 46 1.22 -51.03 3.61
C LEU M 46 2.61 -51.56 3.93
N ALA M 47 3.07 -51.39 5.16
CA ALA M 47 4.37 -51.88 5.57
C ALA M 47 4.38 -53.40 5.67
N LYS M 48 3.25 -54.01 5.99
CA LYS M 48 3.18 -55.46 6.07
C LYS M 48 3.28 -56.09 4.69
N THR M 49 2.70 -55.43 3.69
CA THR M 49 2.76 -55.96 2.32
C THR M 49 4.17 -55.83 1.75
N LEU M 50 4.84 -54.72 2.02
CA LEU M 50 6.16 -54.47 1.48
C LEU M 50 7.26 -55.21 2.22
N GLY M 51 6.97 -55.80 3.37
CA GLY M 51 7.99 -56.48 4.14
C GLY M 51 8.72 -55.62 5.13
N PHE M 52 8.16 -54.48 5.50
CA PHE M 52 8.73 -53.59 6.50
C PHE M 52 8.15 -53.86 7.87
N GLU M 53 8.91 -53.56 8.88
CA GLU M 53 8.29 -53.42 10.17
C GLU M 53 7.57 -52.08 10.23
N PRO M 54 6.39 -52.00 10.84
CA PRO M 54 5.59 -50.77 10.76
C PRO M 54 6.20 -49.57 11.46
N GLU M 55 7.09 -49.78 12.41
CA GLU M 55 7.78 -48.66 13.04
C GLU M 55 8.99 -48.19 12.25
N LEU M 56 9.63 -49.10 11.50
CA LEU M 56 10.73 -48.71 10.65
C LEU M 56 10.26 -48.06 9.36
N PHE M 57 9.10 -48.46 8.86
CA PHE M 57 8.59 -47.88 7.62
C PHE M 57 8.11 -46.45 7.82
N ASP M 58 7.69 -46.11 9.03
CA ASP M 58 7.14 -44.80 9.31
C ASP M 58 8.20 -43.70 9.28
N MET M 59 9.47 -44.05 9.55
CA MET M 59 10.51 -43.01 9.69
C MET M 59 11.28 -42.76 8.38
N HIS M 60 10.75 -43.19 7.23
CA HIS M 60 11.40 -42.92 5.97
C HIS M 60 10.71 -41.84 5.15
N GLY M 61 9.63 -41.26 5.65
CA GLY M 61 8.95 -40.22 4.90
C GLY M 61 7.60 -39.93 5.49
N ARG M 62 6.92 -38.97 4.87
CA ARG M 62 5.60 -38.58 5.32
C ARG M 62 4.55 -39.53 4.76
N PHE M 63 3.29 -39.27 5.12
CA PHE M 63 2.18 -40.14 4.72
C PHE M 63 1.99 -40.17 3.22
N GLU M 64 2.17 -39.04 2.55
CA GLU M 64 2.03 -38.97 1.10
C GLU M 64 3.15 -39.73 0.42
N GLN M 65 4.33 -39.72 1.01
CA GLN M 65 5.51 -40.28 0.39
C GLN M 65 5.63 -41.77 0.59
N LEU M 66 5.10 -42.29 1.68
CA LEU M 66 5.11 -43.73 1.89
C LEU M 66 4.09 -44.44 1.01
N ALA M 67 2.98 -43.77 0.68
CA ALA M 67 2.01 -44.33 -0.23
C ALA M 67 2.47 -44.22 -1.68
N GLU M 68 3.27 -43.21 -1.99
CA GLU M 68 3.90 -43.12 -3.30
C GLU M 68 4.91 -44.24 -3.50
N PHE M 69 5.64 -44.59 -2.44
CA PHE M 69 6.59 -45.71 -2.50
C PHE M 69 5.87 -47.03 -2.64
N PHE M 70 4.68 -47.16 -2.04
CA PHE M 70 3.92 -48.39 -2.16
C PHE M 70 3.40 -48.60 -3.57
N ALA M 71 2.90 -47.53 -4.20
CA ALA M 71 2.22 -47.66 -5.48
C ALA M 71 3.16 -47.98 -6.62
N ILE M 72 4.46 -47.73 -6.46
CA ILE M 72 5.43 -47.98 -7.52
C ILE M 72 6.33 -49.16 -7.18
N SER M 73 5.97 -49.95 -6.17
CA SER M 73 6.77 -51.13 -5.83
C SER M 73 6.58 -52.24 -6.84
N ALA M 74 5.40 -52.34 -7.42
CA ALA M 74 5.06 -53.38 -8.37
C ALA M 74 3.93 -52.85 -9.23
N PRO M 75 3.73 -53.41 -10.43
CA PRO M 75 2.55 -53.02 -11.21
C PRO M 75 1.28 -53.47 -10.54
N ASN M 76 0.23 -52.66 -10.73
CA ASN M 76 -1.12 -52.90 -10.23
C ASN M 76 -1.17 -52.98 -8.71
N ARG M 77 -0.24 -52.32 -8.03
CA ARG M 77 -0.18 -52.38 -6.59
C ARG M 77 -1.15 -51.41 -5.95
N LEU M 78 -1.44 -50.29 -6.62
CA LEU M 78 -2.40 -49.29 -6.08
C LEU M 78 -3.82 -49.81 -6.24
N GLN M 79 -4.12 -50.46 -7.37
CA GLN M 79 -5.48 -50.98 -7.63
C GLN M 79 -5.84 -52.02 -6.57
N ARG M 80 -4.88 -52.88 -6.22
CA ARG M 80 -5.12 -53.91 -5.17
C ARG M 80 -5.50 -53.23 -3.86
N LEU M 81 -4.80 -52.15 -3.51
CA LEU M 81 -5.09 -51.42 -2.24
C LEU M 81 -6.53 -50.93 -2.26
N VAL M 82 -6.96 -50.34 -3.37
CA VAL M 82 -8.35 -49.80 -3.47
C VAL M 82 -9.33 -50.96 -3.27
N TYR M 83 -9.07 -52.11 -3.91
CA TYR M 83 -9.95 -53.30 -3.77
C TYR M 83 -10.00 -53.72 -2.30
N GLU M 84 -8.84 -53.80 -1.65
CA GLU M 84 -8.78 -54.23 -0.23
C GLU M 84 -9.53 -53.21 0.64
N MET M 85 -9.27 -51.93 0.42
CA MET M 85 -9.93 -50.86 1.23
C MET M 85 -11.45 -50.98 1.07
N SER M 86 -11.92 -51.20 -0.15
CA SER M 86 -13.38 -51.30 -0.40
C SER M 86 -13.97 -52.43 0.43
N LEU M 87 -13.29 -53.58 0.50
CA LEU M 87 -13.81 -54.75 1.25
C LEU M 87 -13.80 -54.46 2.75
N SER M 88 -12.87 -53.63 3.22
CA SER M 88 -12.72 -53.38 4.68
C SER M 88 -13.51 -52.14 5.11
N PHE M 89 -13.47 -51.07 4.33
CA PHE M 89 -14.11 -49.82 4.76
C PHE M 89 -15.62 -49.90 4.61
N ASP M 90 -16.10 -50.47 3.52
CA ASP M 90 -17.53 -50.53 3.23
C ASP M 90 -18.12 -51.91 3.49
N SER M 91 -17.59 -52.62 4.47
CA SER M 91 -18.08 -53.96 4.77
C SER M 91 -19.43 -53.90 5.46
N ALA M 92 -20.06 -55.07 5.59
CA ALA M 92 -21.40 -55.12 6.17
C ALA M 92 -21.38 -54.88 7.67
N GLU M 93 -20.29 -55.23 8.35
CA GLU M 93 -20.21 -54.94 9.77
C GLU M 93 -19.87 -53.49 10.05
N ALA M 94 -19.31 -52.77 9.07
CA ALA M 94 -19.17 -51.33 9.22
C ALA M 94 -20.48 -50.62 8.91
N GLU M 95 -21.34 -51.24 8.11
CA GLU M 95 -22.70 -50.73 7.91
C GLU M 95 -23.51 -50.84 9.18
N ALA M 96 -23.36 -51.96 9.90
CA ALA M 96 -24.17 -52.21 11.09
C ALA M 96 -23.75 -51.34 12.25
N LEU M 97 -22.48 -50.96 12.32
CA LEU M 97 -22.04 -50.01 13.32
C LEU M 97 -22.45 -48.59 12.99
N ARG M 98 -22.96 -48.35 11.79
CA ARG M 98 -23.21 -47.00 11.30
C ARG M 98 -24.63 -46.55 11.58
N GLU M 99 -25.59 -47.47 11.70
CA GLU M 99 -26.93 -47.05 12.09
C GLU M 99 -27.00 -46.71 13.56
N LYS M 100 -26.26 -47.42 14.40
CA LYS M 100 -26.28 -47.20 15.83
C LYS M 100 -25.21 -46.21 16.29
N SER M 101 -24.55 -45.54 15.36
CA SER M 101 -23.58 -44.53 15.73
C SER M 101 -24.28 -43.21 16.02
N PRO M 102 -24.04 -42.60 17.19
CA PRO M 102 -24.74 -41.34 17.50
C PRO M 102 -24.26 -40.16 16.69
N MET M 103 -23.04 -40.17 16.16
CA MET M 103 -22.59 -39.05 15.33
C MET M 103 -23.27 -39.06 13.98
N HIS M 104 -23.39 -40.23 13.38
CA HIS M 104 -23.99 -40.33 12.05
C HIS M 104 -25.49 -40.13 12.10
N ARG M 105 -26.13 -40.43 13.23
CA ARG M 105 -27.53 -40.10 13.39
C ARG M 105 -27.73 -38.60 13.58
N ALA M 106 -26.85 -37.97 14.34
CA ALA M 106 -26.98 -36.54 14.58
C ALA M 106 -26.60 -35.72 13.36
N LEU M 107 -25.74 -36.26 12.50
CA LEU M 107 -25.40 -35.58 11.26
C LEU M 107 -26.56 -35.60 10.29
N ALA M 108 -27.22 -36.75 10.15
CA ALA M 108 -28.31 -36.89 9.20
C ALA M 108 -29.61 -36.29 9.69
N ALA M 109 -29.71 -35.95 10.97
CA ALA M 109 -30.94 -35.33 11.46
C ALA M 109 -31.09 -33.89 11.00
N LEU M 110 -29.99 -33.24 10.65
CA LEU M 110 -30.02 -31.88 10.15
C LEU M 110 -30.22 -31.89 8.64
N ASP M 111 -30.80 -30.81 8.13
CA ASP M 111 -31.16 -30.73 6.72
C ASP M 111 -30.06 -29.94 6.00
N TRP M 112 -28.96 -30.61 5.73
CA TRP M 112 -27.85 -29.99 5.05
C TRP M 112 -28.14 -29.87 3.55
N ARG M 113 -27.32 -29.07 2.88
CA ARG M 113 -27.37 -29.00 1.43
C ARG M 113 -26.07 -29.43 0.77
N THR M 114 -24.94 -29.29 1.44
CA THR M 114 -23.65 -29.70 0.89
C THR M 114 -22.82 -30.24 2.03
N ILE M 115 -22.19 -31.40 1.81
CA ILE M 115 -21.28 -32.00 2.78
C ILE M 115 -20.00 -32.37 2.04
N TYR M 116 -18.86 -31.95 2.57
CA TYR M 116 -17.56 -32.31 2.03
C TYR M 116 -16.90 -33.35 2.94
N THR M 117 -16.30 -34.37 2.34
CA THR M 117 -15.54 -35.38 3.07
C THR M 117 -14.23 -35.65 2.37
N THR M 118 -13.22 -36.04 3.14
CA THR M 118 -11.94 -36.46 2.59
C THR M 118 -11.64 -37.92 2.88
N ASN M 119 -12.65 -38.74 3.12
CA ASN M 119 -12.43 -40.15 3.39
C ASN M 119 -13.14 -41.01 2.36
N TYR M 120 -12.58 -42.21 2.13
CA TYR M 120 -13.01 -43.08 1.05
C TYR M 120 -13.95 -44.14 1.61
N ASP M 121 -15.18 -43.75 1.90
CA ASP M 121 -16.15 -44.69 2.42
C ASP M 121 -17.55 -44.13 2.21
N LYS M 122 -18.52 -45.02 2.09
CA LYS M 122 -19.90 -44.58 1.86
C LYS M 122 -20.67 -44.46 3.17
N HIS M 123 -20.06 -43.85 4.17
CA HIS M 123 -20.68 -43.78 5.48
C HIS M 123 -21.16 -42.39 5.84
N VAL M 124 -20.96 -41.41 4.97
CA VAL M 124 -21.55 -40.09 5.15
C VAL M 124 -22.81 -39.94 4.33
N GLU M 125 -22.76 -40.36 3.06
CA GLU M 125 -24.02 -40.46 2.33
C GLU M 125 -24.83 -41.66 2.80
N GLY M 126 -24.17 -42.69 3.31
CA GLY M 126 -24.92 -43.83 3.85
C GLY M 126 -25.65 -43.50 5.13
N ALA M 127 -25.15 -42.53 5.90
CA ALA M 127 -25.88 -42.06 7.06
C ALA M 127 -27.13 -41.29 6.67
N LEU M 128 -27.10 -40.62 5.51
CA LEU M 128 -28.29 -39.90 5.06
C LEU M 128 -29.33 -40.86 4.52
N ARG M 129 -28.92 -41.97 3.89
CA ARG M 129 -29.88 -42.98 3.47
C ARG M 129 -30.50 -43.71 4.65
N ASP M 130 -29.79 -43.78 5.78
CA ASP M 130 -30.35 -44.44 6.95
C ASP M 130 -31.46 -43.63 7.58
N ALA M 131 -31.42 -42.31 7.46
CA ALA M 131 -32.43 -41.44 8.03
C ALA M 131 -33.58 -41.18 7.08
N GLY M 132 -33.69 -41.95 6.01
CA GLY M 132 -34.74 -41.74 5.03
C GLY M 132 -34.46 -40.67 4.01
N LYS M 133 -33.43 -39.86 4.20
CA LYS M 133 -33.06 -38.85 3.25
C LYS M 133 -32.31 -39.46 2.08
N GLN M 134 -32.11 -38.68 1.04
CA GLN M 134 -31.38 -39.13 -0.13
C GLN M 134 -30.25 -38.17 -0.42
N ALA M 135 -29.12 -38.71 -0.88
CA ALA M 135 -27.91 -37.96 -1.09
C ALA M 135 -27.44 -38.14 -2.52
N ALA M 136 -26.47 -37.32 -2.90
CA ALA M 136 -25.92 -37.33 -4.26
C ALA M 136 -24.41 -37.23 -4.16
N VAL M 137 -23.72 -38.31 -4.46
CA VAL M 137 -22.27 -38.34 -4.35
C VAL M 137 -21.67 -37.70 -5.60
N LEU M 138 -20.81 -36.71 -5.39
CA LEU M 138 -20.15 -36.00 -6.48
C LEU M 138 -18.65 -36.14 -6.27
N ALA M 139 -18.00 -36.87 -7.15
CA ALA M 139 -16.56 -37.09 -7.00
C ALA M 139 -15.78 -36.74 -8.25
N SER M 140 -16.30 -37.01 -9.43
CA SER M 140 -15.59 -36.82 -10.68
C SER M 140 -16.34 -35.82 -11.55
N PHE M 141 -15.79 -35.56 -12.74
CA PHE M 141 -16.40 -34.63 -13.67
C PHE M 141 -17.73 -35.15 -14.19
N ALA M 142 -17.86 -36.46 -14.35
CA ALA M 142 -19.10 -37.03 -14.85
C ALA M 142 -20.21 -36.99 -13.82
N ASP M 143 -19.88 -36.91 -12.54
CA ASP M 143 -20.90 -36.81 -11.51
C ASP M 143 -21.49 -35.41 -11.46
N PHE M 144 -20.66 -34.38 -11.65
CA PHE M 144 -21.16 -33.01 -11.62
C PHE M 144 -22.07 -32.73 -12.79
N GLN M 145 -21.80 -33.30 -13.95
CA GLN M 145 -22.68 -33.10 -15.09
C GLN M 145 -23.77 -34.15 -15.21
N GLY M 146 -23.81 -35.13 -14.32
CA GLY M 146 -24.86 -36.10 -14.33
C GLY M 146 -26.15 -35.55 -13.80
N PRO M 147 -27.22 -36.32 -13.93
CA PRO M 147 -28.52 -35.88 -13.43
C PRO M 147 -28.65 -36.13 -11.93
N ARG M 148 -29.16 -35.13 -11.22
CA ARG M 148 -29.58 -35.25 -9.84
C ARG M 148 -31.05 -34.92 -9.71
N ALA M 149 -31.54 -34.98 -8.49
CA ALA M 149 -32.87 -34.50 -8.17
C ALA M 149 -32.79 -33.02 -7.81
N ARG M 150 -33.91 -32.43 -7.40
CA ARG M 150 -34.00 -30.99 -7.30
C ARG M 150 -33.32 -30.46 -6.04
N ASP M 151 -33.81 -30.89 -4.87
CA ASP M 151 -33.28 -30.42 -3.59
C ASP M 151 -32.79 -31.65 -2.82
N VAL M 152 -31.55 -32.04 -3.07
CA VAL M 152 -30.92 -33.21 -2.48
C VAL M 152 -29.54 -32.79 -2.00
N CYS M 153 -29.19 -33.23 -0.78
CA CYS M 153 -27.88 -32.95 -0.22
C CYS M 153 -26.78 -33.54 -1.07
N GLU M 154 -25.89 -32.69 -1.56
CA GLU M 154 -24.78 -33.10 -2.41
C GLU M 154 -23.58 -33.41 -1.53
N VAL M 155 -23.15 -34.67 -1.53
CA VAL M 155 -21.98 -35.07 -0.77
C VAL M 155 -20.79 -35.03 -1.71
N ILE M 156 -19.86 -34.11 -1.44
CA ILE M 156 -18.70 -33.92 -2.30
C ILE M 156 -17.57 -34.77 -1.73
N LYS M 157 -17.27 -35.88 -2.39
CA LYS M 157 -16.10 -36.68 -2.01
C LYS M 157 -14.87 -35.95 -2.50
N PHE M 158 -14.22 -35.22 -1.59
CA PHE M 158 -13.15 -34.30 -2.00
C PHE M 158 -11.89 -35.04 -2.40
N HIS M 159 -11.60 -36.18 -1.78
CA HIS M 159 -10.42 -36.94 -2.14
C HIS M 159 -10.71 -38.19 -2.95
N GLY M 160 -11.96 -38.46 -3.27
CA GLY M 160 -12.30 -39.57 -4.14
C GLY M 160 -13.18 -40.60 -3.45
N THR M 161 -13.63 -41.55 -4.25
CA THR M 161 -14.55 -42.58 -3.78
C THR M 161 -13.97 -43.92 -4.19
N LEU M 162 -14.33 -44.97 -3.45
CA LEU M 162 -13.80 -46.28 -3.74
C LEU M 162 -14.43 -46.92 -4.98
N ASP M 163 -15.62 -46.50 -5.37
CA ASP M 163 -16.23 -47.05 -6.57
C ASP M 163 -15.76 -46.37 -7.85
N GLN M 164 -14.95 -45.32 -7.72
CA GLN M 164 -14.30 -44.67 -8.86
C GLN M 164 -12.83 -44.56 -8.49
N PRO M 165 -12.03 -45.60 -8.76
CA PRO M 165 -10.66 -45.62 -8.24
C PRO M 165 -9.71 -44.63 -8.89
N ASP M 166 -10.09 -44.00 -9.99
CA ASP M 166 -9.25 -42.97 -10.57
C ASP M 166 -9.30 -41.65 -9.81
N THR M 167 -10.29 -41.48 -8.94
CA THR M 167 -10.46 -40.22 -8.23
C THR M 167 -9.76 -40.20 -6.88
N ILE M 168 -9.21 -41.32 -6.43
CA ILE M 168 -8.61 -41.39 -5.11
C ILE M 168 -7.25 -40.72 -5.13
N VAL M 169 -7.06 -39.74 -4.26
CA VAL M 169 -5.76 -39.11 -4.09
C VAL M 169 -5.17 -39.62 -2.78
N LEU M 170 -4.16 -40.44 -2.91
CA LEU M 170 -3.48 -41.02 -1.76
C LEU M 170 -1.98 -40.87 -1.84
N THR M 171 -1.40 -41.00 -3.02
CA THR M 171 0.04 -40.93 -3.19
C THR M 171 0.49 -39.49 -3.30
N GLU M 172 1.80 -39.27 -3.28
CA GLU M 172 2.34 -37.92 -3.31
C GLU M 172 2.12 -37.27 -4.66
N SER M 173 2.20 -38.04 -5.74
CA SER M 173 1.97 -37.52 -7.07
C SER M 173 0.53 -37.10 -7.28
N SER M 174 -0.41 -37.70 -6.57
CA SER M 174 -1.80 -37.28 -6.67
C SER M 174 -2.08 -36.03 -5.85
N TYR M 175 -1.33 -35.79 -4.78
CA TYR M 175 -1.46 -34.53 -4.07
C TYR M 175 -0.85 -33.38 -4.85
N PHE M 176 0.25 -33.64 -5.56
CA PHE M 176 0.85 -32.60 -6.40
C PHE M 176 -0.01 -32.28 -7.61
N GLN M 177 -0.79 -33.25 -8.08
CA GLN M 177 -1.70 -33.00 -9.20
C GLN M 177 -2.87 -32.13 -8.76
N ARG M 178 -3.19 -32.13 -7.48
CA ARG M 178 -4.27 -31.30 -6.93
C ARG M 178 -3.78 -29.94 -6.48
N MET M 179 -2.49 -29.64 -6.58
CA MET M 179 -2.00 -28.32 -6.24
C MET M 179 -2.36 -27.27 -7.27
N ALA M 180 -2.75 -27.68 -8.46
CA ALA M 180 -3.19 -26.72 -9.47
C ALA M 180 -4.58 -26.20 -9.18
N LEU M 181 -5.32 -26.84 -8.27
CA LEU M 181 -6.67 -26.47 -7.85
C LEU M 181 -7.62 -26.46 -9.05
N ASP M 182 -7.46 -27.44 -9.92
CA ASP M 182 -8.18 -27.51 -11.17
C ASP M 182 -9.16 -28.66 -11.23
N ALA M 183 -9.11 -29.59 -10.28
CA ALA M 183 -10.05 -30.69 -10.24
C ALA M 183 -11.45 -30.19 -9.92
N PRO M 184 -12.49 -30.91 -10.32
CA PRO M 184 -13.87 -30.49 -10.02
C PRO M 184 -14.20 -30.42 -8.53
N PRO M 185 -13.64 -31.27 -7.64
CA PRO M 185 -13.85 -30.95 -6.21
C PRO M 185 -13.08 -29.73 -5.74
N ASP M 186 -11.98 -29.37 -6.40
CA ASP M 186 -11.24 -28.19 -6.00
C ASP M 186 -11.97 -26.92 -6.39
N GLN M 187 -12.56 -26.90 -7.59
CA GLN M 187 -13.26 -25.72 -8.07
C GLN M 187 -14.57 -25.50 -7.33
N ARG M 188 -15.22 -26.58 -6.90
CA ARG M 188 -16.46 -26.45 -6.13
C ARG M 188 -16.18 -26.00 -4.71
N LEU M 189 -15.05 -26.41 -4.14
CA LEU M 189 -14.71 -26.00 -2.78
C LEU M 189 -14.37 -24.53 -2.71
N ARG M 190 -13.63 -24.02 -3.69
CA ARG M 190 -13.18 -22.63 -3.63
C ARG M 190 -14.33 -21.67 -3.86
N ALA M 191 -15.39 -22.11 -4.54
CA ALA M 191 -16.54 -21.25 -4.73
C ALA M 191 -17.48 -21.31 -3.52
N ASP M 192 -17.54 -22.44 -2.83
CA ASP M 192 -18.33 -22.51 -1.62
C ASP M 192 -17.64 -21.79 -0.47
N LEU M 193 -16.32 -21.72 -0.49
CA LEU M 193 -15.60 -21.01 0.56
C LEU M 193 -15.75 -19.50 0.43
N LEU M 194 -16.12 -19.01 -0.75
CA LEU M 194 -16.37 -17.58 -0.93
C LEU M 194 -17.59 -17.10 -0.17
N ALA M 195 -18.53 -17.99 0.18
CA ALA M 195 -19.80 -17.53 0.69
C ALA M 195 -20.31 -18.26 1.92
N ASN M 196 -19.57 -19.23 2.47
CA ASN M 196 -20.13 -20.10 3.48
C ASN M 196 -19.14 -20.32 4.61
N SER M 197 -19.66 -20.56 5.81
CA SER M 197 -18.86 -21.02 6.94
C SER M 197 -18.73 -22.53 6.89
N PHE M 198 -17.57 -23.04 7.27
CA PHE M 198 -17.38 -24.48 7.31
C PHE M 198 -17.22 -24.95 8.74
N LEU M 199 -17.56 -26.22 8.96
CA LEU M 199 -17.44 -26.87 10.27
C LEU M 199 -16.59 -28.12 10.08
N PHE M 200 -15.36 -28.08 10.55
CA PHE M 200 -14.44 -29.19 10.42
C PHE M 200 -14.63 -30.15 11.59
N ILE M 201 -15.06 -31.37 11.31
CA ILE M 201 -15.34 -32.37 12.32
C ILE M 201 -14.50 -33.60 12.02
N GLY M 202 -13.68 -34.00 12.98
CA GLY M 202 -12.87 -35.19 12.81
C GLY M 202 -11.75 -35.05 11.83
N TYR M 203 -11.38 -33.83 11.45
CA TYR M 203 -10.36 -33.58 10.47
C TYR M 203 -9.25 -32.76 11.11
N SER M 204 -8.00 -33.10 10.80
CA SER M 204 -6.84 -32.35 11.25
C SER M 204 -6.13 -31.82 10.02
N PHE M 205 -5.75 -30.54 10.05
CA PHE M 205 -5.18 -29.92 8.86
C PHE M 205 -3.76 -30.42 8.66
N SER M 206 -3.66 -31.57 8.00
CA SER M 206 -2.38 -32.11 7.63
C SER M 206 -2.19 -32.20 6.13
N ASP M 207 -3.23 -31.94 5.35
CA ASP M 207 -3.14 -31.98 3.90
C ASP M 207 -2.70 -30.60 3.43
N THR M 208 -1.61 -30.55 2.68
CA THR M 208 -1.08 -29.28 2.22
C THR M 208 -1.85 -28.69 1.06
N ASN M 209 -2.83 -29.39 0.51
CA ASN M 209 -3.71 -28.77 -0.47
C ASN M 209 -4.96 -28.18 0.16
N ILE M 210 -5.38 -28.67 1.33
CA ILE M 210 -6.45 -27.99 2.05
C ILE M 210 -5.94 -26.69 2.63
N ARG M 211 -4.74 -26.72 3.21
CA ARG M 211 -4.16 -25.52 3.82
C ARG M 211 -3.84 -24.46 2.78
N TYR M 212 -3.54 -24.88 1.55
CA TYR M 212 -3.26 -23.96 0.47
C TYR M 212 -4.51 -23.29 -0.07
N ILE M 213 -5.68 -23.92 0.09
CA ILE M 213 -6.92 -23.27 -0.34
C ILE M 213 -7.31 -22.16 0.62
N TRP M 214 -7.23 -22.44 1.93
CA TRP M 214 -7.47 -21.40 2.92
C TRP M 214 -6.39 -20.34 2.94
N TYR M 215 -5.19 -20.65 2.47
CA TYR M 215 -4.19 -19.61 2.28
C TYR M 215 -4.63 -18.61 1.22
N ARG M 216 -5.05 -19.11 0.06
CA ARG M 216 -5.37 -18.23 -1.06
C ARG M 216 -6.73 -17.58 -0.95
N MET M 217 -7.53 -17.92 0.04
CA MET M 217 -8.73 -17.15 0.30
C MET M 217 -8.41 -15.88 1.07
N ASN M 218 -7.33 -15.89 1.85
CA ASN M 218 -6.87 -14.68 2.53
C ASN M 218 -6.14 -13.74 1.61
N GLN M 219 -5.55 -14.27 0.54
CA GLN M 219 -4.97 -13.38 -0.45
C GLN M 219 -6.06 -12.63 -1.20
N LEU M 220 -7.26 -13.19 -1.29
CA LEU M 220 -8.39 -12.40 -1.74
C LEU M 220 -8.90 -11.50 -0.64
N ARG M 221 -8.82 -11.95 0.61
CA ARG M 221 -9.36 -11.17 1.72
C ARG M 221 -8.47 -9.97 2.03
N GLU M 222 -7.16 -10.13 1.97
CA GLU M 222 -6.27 -9.03 2.30
C GLU M 222 -6.15 -8.02 1.16
N GLN M 223 -6.24 -8.48 -0.09
CA GLN M 223 -6.17 -7.56 -1.22
C GLN M 223 -7.44 -6.74 -1.38
N SER M 224 -8.55 -7.20 -0.81
CA SER M 224 -9.78 -6.44 -0.91
C SER M 224 -9.85 -5.28 0.07
N GLN M 225 -8.88 -5.18 0.99
CA GLN M 225 -8.64 -4.01 1.85
C GLN M 225 -9.85 -3.70 2.73
N LEU M 226 -10.49 -4.74 3.24
CA LEU M 226 -11.55 -4.57 4.22
C LEU M 226 -10.96 -4.12 5.55
N GLY M 227 -11.82 -3.66 6.44
CA GLY M 227 -11.39 -3.18 7.73
C GLY M 227 -10.96 -4.30 8.66
N VAL M 228 -10.64 -3.90 9.89
CA VAL M 228 -10.39 -4.89 10.92
C VAL M 228 -11.69 -5.58 11.32
N LYS M 229 -12.79 -4.84 11.32
CA LYS M 229 -14.06 -5.40 11.73
C LYS M 229 -14.67 -6.31 10.68
N HIS M 230 -14.60 -5.91 9.41
CA HIS M 230 -15.34 -6.61 8.37
C HIS M 230 -14.58 -7.78 7.77
N SER M 231 -13.26 -7.79 7.85
CA SER M 231 -12.50 -8.94 7.38
C SER M 231 -12.55 -10.11 8.36
N GLN M 232 -13.00 -9.88 9.60
CA GLN M 232 -13.05 -10.91 10.62
C GLN M 232 -14.47 -11.38 10.88
N ALA M 233 -15.40 -11.09 9.97
CA ALA M 233 -16.81 -11.36 10.26
C ALA M 233 -17.23 -12.79 9.94
N ARG M 234 -16.78 -13.31 8.80
CA ARG M 234 -17.16 -14.65 8.35
C ARG M 234 -16.10 -15.64 8.81
N ARG M 235 -16.45 -16.48 9.79
CA ARG M 235 -15.51 -17.38 10.44
C ARG M 235 -15.77 -18.81 9.97
N CYS M 236 -14.78 -19.67 10.16
CA CYS M 236 -14.93 -21.09 10.01
C CYS M 236 -14.61 -21.75 11.34
N PHE M 237 -15.10 -22.97 11.53
CA PHE M 237 -15.07 -23.60 12.84
C PHE M 237 -14.39 -24.96 12.75
N PHE M 238 -13.57 -25.27 13.76
CA PHE M 238 -12.66 -26.39 13.75
C PHE M 238 -12.81 -27.17 15.05
N ALA M 239 -13.70 -28.15 15.06
CA ALA M 239 -13.97 -28.93 16.25
C ALA M 239 -12.91 -30.01 16.40
N THR M 240 -12.17 -29.98 17.51
CA THR M 240 -11.04 -30.88 17.70
C THR M 240 -10.84 -31.15 19.18
N HIS M 241 -10.67 -32.42 19.53
CA HIS M 241 -10.40 -32.77 20.92
C HIS M 241 -8.99 -32.39 21.33
N GLY M 242 -8.03 -32.56 20.44
CA GLY M 242 -6.64 -32.51 20.82
C GLY M 242 -5.74 -31.62 20.00
N ALA M 243 -6.20 -30.42 19.65
CA ALA M 243 -5.34 -29.48 18.94
C ALA M 243 -4.21 -29.02 19.86
N GLY M 244 -3.04 -28.82 19.27
CA GLY M 244 -1.86 -28.51 20.06
C GLY M 244 -1.78 -27.07 20.51
N LEU M 245 -0.57 -26.52 20.54
CA LEU M 245 -0.36 -25.14 20.92
C LEU M 245 0.01 -24.24 19.76
N VAL M 246 0.47 -24.80 18.65
CA VAL M 246 0.89 -24.04 17.50
C VAL M 246 -0.23 -23.90 16.47
N GLN M 247 -0.90 -25.01 16.17
CA GLN M 247 -1.89 -25.02 15.10
C GLN M 247 -3.13 -24.14 15.30
N PRO M 248 -3.70 -23.93 16.51
CA PRO M 248 -4.80 -22.96 16.59
C PRO M 248 -4.41 -21.53 16.28
N ASP M 249 -3.16 -21.13 16.50
CA ASP M 249 -2.77 -19.76 16.16
C ASP M 249 -2.42 -19.59 14.70
N ILE M 250 -2.05 -20.66 14.00
CA ILE M 250 -1.84 -20.58 12.56
C ILE M 250 -3.16 -20.35 11.86
N LEU M 251 -4.21 -21.01 12.33
CA LEU M 251 -5.51 -20.97 11.67
C LEU M 251 -6.32 -19.72 12.01
N GLN M 252 -5.93 -18.95 13.03
CA GLN M 252 -6.56 -17.67 13.29
C GLN M 252 -6.30 -16.68 12.16
N GLN M 253 -5.19 -16.85 11.45
CA GLN M 253 -4.91 -16.07 10.26
C GLN M 253 -5.95 -16.29 9.18
N TRP M 254 -6.52 -17.48 9.13
CA TRP M 254 -7.37 -17.88 8.02
C TRP M 254 -8.84 -17.88 8.41
N ASN M 255 -9.18 -17.12 9.47
CA ASN M 255 -10.53 -17.02 10.04
C ASN M 255 -11.12 -18.39 10.39
N ILE M 256 -10.34 -19.18 11.10
CA ILE M 256 -10.75 -20.50 11.55
C ILE M 256 -10.69 -20.51 13.07
N ASP M 257 -11.83 -20.68 13.71
CA ASP M 257 -11.92 -20.75 15.15
C ASP M 257 -11.95 -22.20 15.61
N VAL M 258 -11.36 -22.46 16.76
CA VAL M 258 -11.22 -23.81 17.29
C VAL M 258 -12.29 -24.04 18.35
N ILE M 259 -13.03 -25.12 18.22
CA ILE M 259 -14.03 -25.53 19.21
C ILE M 259 -13.44 -26.69 19.99
N GLN M 260 -13.14 -26.47 21.27
CA GLN M 260 -12.54 -27.52 22.08
C GLN M 260 -13.62 -28.48 22.57
N LEU M 261 -13.51 -29.74 22.15
CA LEU M 261 -14.42 -30.78 22.58
C LEU M 261 -13.81 -31.58 23.71
N ASP M 262 -14.66 -32.27 24.45
CA ASP M 262 -14.22 -33.03 25.62
C ASP M 262 -13.50 -34.29 25.20
N PRO M 263 -12.22 -34.46 25.52
CA PRO M 263 -11.45 -35.58 24.99
C PRO M 263 -11.66 -36.91 25.72
N THR M 264 -12.50 -36.95 26.75
CA THR M 264 -12.70 -38.20 27.47
C THR M 264 -13.52 -39.18 26.65
N ASP M 265 -14.58 -38.71 26.01
CA ASP M 265 -15.38 -39.51 25.10
C ASP M 265 -15.48 -38.75 23.79
N LYS M 266 -14.77 -39.23 22.77
CA LYS M 266 -14.70 -38.49 21.51
C LYS M 266 -16.01 -38.53 20.75
N SER M 267 -16.72 -39.65 20.81
CA SER M 267 -17.93 -39.81 20.00
C SER M 267 -19.09 -39.03 20.57
N ALA M 268 -19.21 -38.95 21.90
CA ALA M 268 -20.32 -38.24 22.51
C ALA M 268 -20.12 -36.74 22.46
N SER M 269 -18.88 -36.27 22.40
CA SER M 269 -18.64 -34.84 22.33
C SER M 269 -19.01 -34.29 20.97
N VAL M 270 -18.77 -35.06 19.91
CA VAL M 270 -19.14 -34.64 18.57
C VAL M 270 -20.66 -34.66 18.42
N ALA M 271 -21.31 -35.69 18.97
CA ALA M 271 -22.75 -35.84 18.85
C ALA M 271 -23.50 -34.73 19.57
N ARG M 272 -22.98 -34.25 20.71
CA ARG M 272 -23.60 -33.11 21.36
C ARG M 272 -23.41 -31.82 20.60
N LEU M 273 -22.36 -31.73 19.78
CA LEU M 273 -22.18 -30.54 18.95
C LEU M 273 -23.18 -30.51 17.81
N LEU M 274 -23.41 -31.67 17.17
CA LEU M 274 -24.34 -31.72 16.06
C LEU M 274 -25.79 -31.63 16.51
N GLU M 275 -26.08 -32.00 17.75
CA GLU M 275 -27.42 -31.83 18.28
C GLU M 275 -27.68 -30.41 18.76
N SER M 276 -26.64 -29.65 19.05
CA SER M 276 -26.81 -28.27 19.45
C SER M 276 -27.06 -27.34 18.28
N ILE M 277 -26.79 -27.79 17.05
CA ILE M 277 -27.08 -26.99 15.88
C ILE M 277 -28.58 -26.99 15.61
N ALA M 278 -29.24 -28.11 15.86
CA ALA M 278 -30.68 -28.24 15.67
C ALA M 278 -31.44 -27.37 16.66
N THR N 2 21.69 -50.02 -7.40
CA THR N 2 20.55 -49.11 -7.32
C THR N 2 20.98 -47.71 -6.92
N THR N 3 22.28 -47.54 -6.67
CA THR N 3 22.81 -46.29 -6.18
C THR N 3 24.24 -46.16 -6.66
N LEU N 4 24.57 -45.02 -7.27
CA LEU N 4 25.91 -44.79 -7.78
C LEU N 4 26.89 -44.59 -6.64
N THR N 5 28.12 -45.04 -6.85
CA THR N 5 29.21 -44.75 -5.93
C THR N 5 29.94 -43.50 -6.41
N LEU N 6 31.04 -43.17 -5.77
CA LEU N 6 31.78 -41.97 -6.15
C LEU N 6 32.56 -42.17 -7.45
N SER N 7 33.17 -43.34 -7.62
CA SER N 7 33.94 -43.60 -8.83
C SER N 7 33.06 -43.87 -10.03
N GLU N 8 31.82 -44.35 -9.81
CA GLU N 8 30.91 -44.57 -10.93
C GLU N 8 30.35 -43.25 -11.44
N ALA N 9 30.03 -42.33 -10.53
CA ALA N 9 29.41 -41.07 -10.91
C ALA N 9 30.39 -40.03 -11.40
N ALA N 10 31.68 -40.23 -11.17
CA ALA N 10 32.70 -39.26 -11.58
C ALA N 10 32.85 -39.08 -13.10
N PRO N 11 32.82 -40.12 -13.97
CA PRO N 11 32.82 -39.82 -15.40
C PRO N 11 31.52 -39.27 -15.91
N LEU N 12 30.40 -39.50 -15.21
CA LEU N 12 29.15 -38.91 -15.62
C LEU N 12 29.10 -37.43 -15.32
N LEU N 13 29.78 -36.99 -14.26
CA LEU N 13 29.81 -35.58 -13.92
C LEU N 13 30.84 -34.81 -14.73
N LYS N 14 31.90 -35.48 -15.20
CA LYS N 14 32.87 -34.81 -16.05
C LYS N 14 32.26 -34.47 -17.40
N LYS N 15 31.41 -35.35 -17.93
CA LYS N 15 30.84 -35.13 -19.24
C LYS N 15 29.88 -33.96 -19.24
N GLU N 16 29.05 -33.85 -18.21
CA GLU N 16 28.13 -32.74 -18.13
C GLU N 16 28.81 -31.43 -17.77
N PHE N 17 29.97 -31.49 -17.10
CA PHE N 17 30.65 -30.27 -16.74
C PHE N 17 31.43 -29.68 -17.92
N ARG N 18 32.07 -30.54 -18.73
CA ARG N 18 32.82 -30.01 -19.86
C ARG N 18 31.91 -29.53 -20.97
N GLU N 19 30.65 -29.93 -20.97
CA GLU N 19 29.67 -29.36 -21.87
C GLU N 19 29.00 -28.12 -21.31
N GLY N 20 29.29 -27.76 -20.06
CA GLY N 20 28.69 -26.59 -19.46
C GLY N 20 27.24 -26.75 -19.06
N ARG N 21 26.82 -27.96 -18.74
CA ARG N 21 25.42 -28.26 -18.48
C ARG N 21 25.23 -28.90 -17.11
N LEU N 22 26.11 -28.60 -16.17
CA LEU N 22 26.02 -29.09 -14.81
C LEU N 22 25.95 -27.89 -13.87
N ILE N 23 24.96 -27.88 -12.98
CA ILE N 23 24.71 -26.77 -12.08
C ILE N 23 24.62 -27.28 -10.65
N PRO N 24 25.41 -26.78 -9.72
CA PRO N 24 25.31 -27.25 -8.33
C PRO N 24 24.09 -26.67 -7.64
N PHE N 25 23.52 -27.47 -6.74
CA PHE N 25 22.40 -27.03 -5.90
C PHE N 25 22.80 -27.32 -4.47
N LEU N 26 23.04 -26.28 -3.68
CA LEU N 26 23.66 -26.43 -2.38
C LEU N 26 22.65 -26.19 -1.27
N GLY N 27 22.67 -27.05 -0.25
CA GLY N 27 21.73 -27.01 0.82
C GLY N 27 22.32 -26.57 2.14
N ALA N 28 21.59 -26.84 3.23
CA ALA N 28 22.03 -26.41 4.55
C ALA N 28 23.16 -27.26 5.08
N GLY N 29 23.31 -28.49 4.58
CA GLY N 29 24.43 -29.32 5.00
C GLY N 29 25.75 -28.91 4.41
N PHE N 30 25.75 -28.01 3.44
CA PHE N 30 26.99 -27.52 2.87
C PHE N 30 27.64 -26.47 3.75
N SER N 31 26.89 -25.85 4.66
CA SER N 31 27.42 -24.90 5.61
C SER N 31 27.56 -25.46 7.00
N LYS N 32 27.41 -26.77 7.16
CA LYS N 32 27.59 -27.46 8.42
C LYS N 32 29.04 -27.45 8.94
N PRO N 33 30.10 -27.57 8.12
CA PRO N 33 31.45 -27.40 8.69
C PRO N 33 31.79 -25.99 9.10
N LEU N 34 30.96 -25.01 8.80
CA LEU N 34 31.16 -23.65 9.28
C LEU N 34 30.54 -23.42 10.65
N LYS N 35 30.11 -24.50 11.31
CA LYS N 35 29.47 -24.48 12.63
C LYS N 35 28.21 -23.63 12.62
N LEU N 36 27.42 -23.78 11.60
CA LEU N 36 26.18 -23.05 11.52
C LEU N 36 25.01 -23.98 11.86
N PRO N 37 23.90 -23.42 12.34
CA PRO N 37 22.69 -24.23 12.53
C PRO N 37 22.15 -24.80 11.24
N ASP N 38 21.62 -26.01 11.31
CA ASP N 38 20.78 -26.55 10.25
C ASP N 38 19.33 -26.22 10.59
N GLY N 39 18.39 -26.88 9.92
CA GLY N 39 16.97 -26.65 10.17
C GLY N 39 16.47 -27.09 11.53
N SER N 40 17.26 -27.85 12.29
CA SER N 40 16.87 -28.27 13.62
C SER N 40 17.41 -27.36 14.72
N GLN N 41 18.61 -26.80 14.56
CA GLN N 41 19.11 -25.89 15.59
C GLN N 41 18.51 -24.49 15.50
N LEU N 42 17.87 -24.13 14.37
CA LEU N 42 17.08 -22.91 14.38
C LEU N 42 15.86 -23.05 15.27
N ILE N 43 15.15 -24.18 15.16
CA ILE N 43 13.95 -24.41 15.94
C ILE N 43 14.27 -24.53 17.41
N ALA N 44 15.47 -25.03 17.75
CA ALA N 44 15.92 -25.01 19.14
C ALA N 44 16.17 -23.60 19.63
N SER N 45 16.51 -22.69 18.72
CA SER N 45 16.71 -21.30 19.11
C SER N 45 15.42 -20.51 19.12
N LEU N 46 14.45 -20.88 18.28
CA LEU N 46 13.15 -20.22 18.31
C LEU N 46 12.36 -20.65 19.54
N ALA N 47 12.56 -21.88 20.01
CA ALA N 47 11.86 -22.37 21.18
C ALA N 47 12.36 -21.71 22.45
N LYS N 48 13.63 -21.31 22.47
CA LYS N 48 14.18 -20.64 23.65
C LYS N 48 13.60 -19.23 23.79
N THR N 49 13.36 -18.56 22.66
CA THR N 49 12.80 -17.22 22.70
C THR N 49 11.34 -17.25 23.12
N LEU N 50 10.58 -18.24 22.64
CA LEU N 50 9.17 -18.33 22.93
C LEU N 50 8.87 -18.91 24.31
N GLY N 51 9.87 -19.46 24.99
CA GLY N 51 9.64 -20.06 26.29
C GLY N 51 9.28 -21.52 26.25
N PHE N 52 9.56 -22.22 25.16
CA PHE N 52 9.32 -23.64 25.02
C PHE N 52 10.57 -24.43 25.37
N GLU N 53 10.35 -25.64 25.82
CA GLU N 53 11.46 -26.58 25.78
C GLU N 53 11.65 -27.06 24.35
N PRO N 54 12.89 -27.21 23.88
CA PRO N 54 13.12 -27.50 22.45
C PRO N 54 12.61 -28.86 22.01
N GLU N 55 12.41 -29.81 22.91
CA GLU N 55 11.83 -31.08 22.52
C GLU N 55 10.31 -31.05 22.52
N LEU N 56 9.71 -30.19 23.34
CA LEU N 56 8.26 -30.05 23.32
C LEU N 56 7.80 -29.18 22.16
N PHE N 57 8.61 -28.20 21.75
CA PHE N 57 8.22 -27.33 20.66
C PHE N 57 8.27 -28.04 19.32
N ASP N 58 9.11 -29.07 19.20
CA ASP N 58 9.28 -29.77 17.94
C ASP N 58 8.07 -30.62 17.57
N MET N 59 7.30 -31.06 18.57
CA MET N 59 6.19 -32.02 18.28
C MET N 59 4.84 -31.32 18.07
N HIS N 60 4.84 -30.01 17.81
CA HIS N 60 3.59 -29.32 17.53
C HIS N 60 3.41 -28.97 16.06
N GLY N 61 4.35 -29.33 15.20
CA GLY N 61 4.20 -29.02 13.79
C GLY N 61 5.50 -29.22 13.06
N ARG N 62 5.44 -28.98 11.76
CA ARG N 62 6.62 -29.14 10.92
C ARG N 62 7.48 -27.88 11.00
N PHE N 63 8.60 -27.91 10.26
CA PHE N 63 9.56 -26.82 10.30
C PHE N 63 8.98 -25.51 9.77
N GLU N 64 8.15 -25.60 8.73
CA GLU N 64 7.52 -24.40 8.18
C GLU N 64 6.51 -23.82 9.13
N GLN N 65 5.84 -24.68 9.90
CA GLN N 65 4.74 -24.26 10.75
C GLN N 65 5.21 -23.73 12.08
N LEU N 66 6.35 -24.18 12.58
CA LEU N 66 6.89 -23.64 13.81
C LEU N 66 7.49 -22.27 13.61
N ALA N 67 8.02 -22.00 12.42
CA ALA N 67 8.52 -20.67 12.12
C ALA N 67 7.39 -19.69 11.81
N GLU N 68 6.27 -20.19 11.30
CA GLU N 68 5.08 -19.36 11.14
C GLU N 68 4.52 -18.96 12.49
N PHE N 69 4.56 -19.88 13.47
CA PHE N 69 4.12 -19.57 14.82
C PHE N 69 5.04 -18.57 15.50
N PHE N 70 6.33 -18.63 15.19
CA PHE N 70 7.28 -17.69 15.78
C PHE N 70 7.05 -16.28 15.25
N ALA N 71 6.82 -16.15 13.95
CA ALA N 71 6.77 -14.83 13.33
C ALA N 71 5.52 -14.04 13.70
N ILE N 72 4.48 -14.69 14.21
CA ILE N 72 3.24 -14.03 14.57
C ILE N 72 3.06 -13.98 16.07
N SER N 73 4.09 -14.30 16.84
CA SER N 73 3.99 -14.25 18.30
C SER N 73 3.97 -12.81 18.79
N ALA N 74 4.67 -11.93 18.12
CA ALA N 74 4.80 -10.53 18.50
C ALA N 74 5.11 -9.74 17.25
N PRO N 75 4.85 -8.44 17.24
CA PRO N 75 5.28 -7.63 16.10
C PRO N 75 6.80 -7.56 16.03
N ASN N 76 7.29 -7.47 14.80
CA ASN N 76 8.72 -7.34 14.47
C ASN N 76 9.54 -8.51 14.98
N ARG N 77 8.91 -9.68 15.10
CA ARG N 77 9.61 -10.84 15.63
C ARG N 77 10.43 -11.54 14.54
N LEU N 78 9.99 -11.44 13.29
CA LEU N 78 10.75 -12.01 12.19
C LEU N 78 11.95 -11.14 11.82
N GLN N 79 11.79 -9.82 11.90
CA GLN N 79 12.90 -8.89 11.57
C GLN N 79 14.07 -9.16 12.52
N ARG N 80 13.79 -9.37 13.81
CA ARG N 80 14.85 -9.64 14.81
C ARG N 80 15.59 -10.93 14.42
N LEU N 81 14.84 -11.96 14.00
CA LEU N 81 15.47 -13.26 13.65
C LEU N 81 16.49 -13.04 12.54
N VAL N 82 16.13 -12.30 11.49
CA VAL N 82 17.04 -12.06 10.34
C VAL N 82 18.29 -11.34 10.87
N TYR N 83 18.11 -10.36 11.75
CA TYR N 83 19.26 -9.60 12.32
C TYR N 83 20.16 -10.57 13.09
N GLU N 84 19.57 -11.42 13.94
CA GLU N 84 20.36 -12.38 14.75
C GLU N 84 21.06 -13.38 13.82
N MET N 85 20.34 -13.87 12.81
CA MET N 85 20.93 -14.87 11.87
C MET N 85 22.11 -14.22 11.14
N SER N 86 21.96 -12.95 10.75
CA SER N 86 23.05 -12.24 10.02
C SER N 86 24.30 -12.18 10.88
N LEU N 87 24.16 -11.94 12.19
CA LEU N 87 25.33 -11.79 13.09
C LEU N 87 25.94 -13.17 13.39
N SER N 88 25.16 -14.24 13.25
CA SER N 88 25.66 -15.59 13.61
C SER N 88 26.13 -16.35 12.37
N PHE N 89 25.42 -16.21 11.25
CA PHE N 89 25.76 -16.97 10.04
C PHE N 89 26.93 -16.34 9.31
N ASP N 90 26.95 -15.02 9.20
CA ASP N 90 27.99 -14.32 8.45
C ASP N 90 29.02 -13.66 9.35
N SER N 91 29.30 -14.26 10.50
CA SER N 91 30.25 -13.70 11.44
C SER N 91 31.67 -13.87 10.92
N ALA N 92 32.61 -13.20 11.59
CA ALA N 92 34.00 -13.22 11.15
C ALA N 92 34.66 -14.57 11.41
N GLU N 93 34.23 -15.29 12.45
CA GLU N 93 34.78 -16.61 12.69
C GLU N 93 34.20 -17.66 11.77
N ALA N 94 33.03 -17.39 11.16
CA ALA N 94 32.55 -18.26 10.10
C ALA N 94 33.23 -17.96 8.78
N GLU N 95 33.72 -16.73 8.61
CA GLU N 95 34.55 -16.40 7.46
C GLU N 95 35.89 -17.13 7.54
N ALA N 96 36.47 -17.20 8.74
CA ALA N 96 37.80 -17.79 8.90
C ALA N 96 37.78 -19.30 8.75
N LEU N 97 36.66 -19.94 9.10
CA LEU N 97 36.51 -21.36 8.85
C LEU N 97 36.23 -21.67 7.39
N ARG N 98 35.97 -20.65 6.58
CA ARG N 98 35.51 -20.85 5.22
C ARG N 98 36.66 -20.85 4.22
N GLU N 99 37.78 -20.19 4.52
CA GLU N 99 38.93 -20.30 3.63
C GLU N 99 39.62 -21.65 3.77
N LYS N 100 39.66 -22.20 4.97
CA LYS N 100 40.32 -23.46 5.21
C LYS N 100 39.39 -24.65 5.08
N SER N 101 38.18 -24.43 4.59
CA SER N 101 37.25 -25.54 4.36
C SER N 101 37.57 -26.21 3.03
N PRO N 102 37.77 -27.53 3.01
CA PRO N 102 38.09 -28.19 1.73
C PRO N 102 36.93 -28.28 0.76
N MET N 103 35.69 -28.21 1.22
CA MET N 103 34.57 -28.24 0.28
C MET N 103 34.45 -26.92 -0.45
N HIS N 104 34.61 -25.81 0.25
CA HIS N 104 34.46 -24.50 -0.37
C HIS N 104 35.64 -24.18 -1.27
N ARG N 105 36.80 -24.76 -1.00
CA ARG N 105 37.92 -24.61 -1.91
C ARG N 105 37.71 -25.43 -3.17
N ALA N 106 37.17 -26.64 -3.02
CA ALA N 106 36.96 -27.50 -4.17
C ALA N 106 35.79 -27.04 -5.01
N LEU N 107 34.83 -26.34 -4.40
CA LEU N 107 33.72 -25.78 -5.17
C LEU N 107 34.19 -24.62 -6.02
N ALA N 108 35.00 -23.73 -5.47
CA ALA N 108 35.45 -22.55 -6.17
C ALA N 108 36.56 -22.83 -7.17
N ALA N 109 37.19 -24.01 -7.12
CA ALA N 109 38.24 -24.34 -8.07
C ALA N 109 37.67 -24.62 -9.45
N LEU N 110 36.41 -25.01 -9.54
CA LEU N 110 35.76 -25.26 -10.81
C LEU N 110 35.18 -23.97 -11.36
N ASP N 111 35.05 -23.91 -12.69
CA ASP N 111 34.61 -22.71 -13.36
C ASP N 111 33.13 -22.85 -13.67
N TRP N 112 32.31 -22.63 -12.65
CA TRP N 112 30.87 -22.74 -12.82
C TRP N 112 30.32 -21.50 -13.52
N ARG N 113 29.08 -21.60 -13.96
CA ARG N 113 28.36 -20.45 -14.48
C ARG N 113 27.12 -20.10 -13.69
N THR N 114 26.50 -21.07 -13.03
CA THR N 114 25.31 -20.82 -12.22
C THR N 114 25.37 -21.73 -11.02
N ILE N 115 25.11 -21.18 -9.84
CA ILE N 115 25.05 -21.95 -8.59
C ILE N 115 23.76 -21.57 -7.88
N TYR N 116 22.97 -22.56 -7.50
CA TYR N 116 21.76 -22.35 -6.71
C TYR N 116 22.01 -22.78 -5.27
N THR N 117 21.53 -21.98 -4.33
CA THR N 117 21.60 -22.30 -2.91
C THR N 117 20.27 -22.01 -2.24
N THR N 118 19.96 -22.76 -1.19
CA THR N 118 18.78 -22.50 -0.38
C THR N 118 19.14 -22.09 1.04
N ASN N 119 20.33 -21.59 1.28
CA ASN N 119 20.72 -21.18 2.62
C ASN N 119 21.05 -19.70 2.65
N TYR N 120 20.85 -19.09 3.82
CA TYR N 120 20.93 -17.64 3.99
C TYR N 120 22.29 -17.28 4.56
N ASP N 121 23.31 -17.32 3.72
CA ASP N 121 24.66 -16.97 4.16
C ASP N 121 25.51 -16.66 2.94
N LYS N 122 26.50 -15.81 3.14
CA LYS N 122 27.37 -15.42 2.02
C LYS N 122 28.61 -16.30 1.94
N HIS N 123 28.43 -17.61 2.05
CA HIS N 123 29.56 -18.50 2.08
C HIS N 123 29.69 -19.33 0.83
N VAL N 124 28.81 -19.17 -0.13
CA VAL N 124 28.95 -19.78 -1.43
C VAL N 124 29.51 -18.80 -2.44
N GLU N 125 28.99 -17.59 -2.47
CA GLU N 125 29.66 -16.55 -3.23
C GLU N 125 30.93 -16.08 -2.53
N GLY N 126 30.98 -16.19 -1.19
CA GLY N 126 32.19 -15.83 -0.49
C GLY N 126 33.31 -16.82 -0.74
N ALA N 127 32.99 -18.07 -1.03
CA ALA N 127 34.02 -19.02 -1.42
C ALA N 127 34.59 -18.69 -2.79
N LEU N 128 33.80 -18.09 -3.67
CA LEU N 128 34.30 -17.70 -4.98
C LEU N 128 35.18 -16.47 -4.89
N ARG N 129 34.87 -15.55 -3.97
CA ARG N 129 35.75 -14.40 -3.75
C ARG N 129 37.06 -14.81 -3.12
N ASP N 130 37.08 -15.91 -2.36
CA ASP N 130 38.32 -16.35 -1.75
C ASP N 130 39.29 -16.92 -2.77
N ALA N 131 38.78 -17.49 -3.86
CA ALA N 131 39.62 -18.07 -4.89
C ALA N 131 39.99 -17.07 -5.98
N GLY N 132 39.78 -15.78 -5.74
CA GLY N 132 40.08 -14.77 -6.72
C GLY N 132 39.01 -14.55 -7.76
N LYS N 133 38.02 -15.44 -7.84
CA LYS N 133 36.93 -15.28 -8.77
C LYS N 133 35.93 -14.26 -8.24
N GLN N 134 35.01 -13.87 -9.10
CA GLN N 134 33.97 -12.92 -8.73
C GLN N 134 32.62 -13.52 -9.04
N ALA N 135 31.65 -13.22 -8.17
CA ALA N 135 30.32 -13.80 -8.24
C ALA N 135 29.28 -12.69 -8.30
N ALA N 136 28.05 -13.10 -8.59
CA ALA N 136 26.94 -12.16 -8.73
C ALA N 136 25.73 -12.76 -8.03
N VAL N 137 25.36 -12.20 -6.90
CA VAL N 137 24.25 -12.72 -6.11
C VAL N 137 22.95 -12.22 -6.72
N LEU N 138 22.05 -13.14 -7.02
CA LEU N 138 20.74 -12.81 -7.60
C LEU N 138 19.68 -13.37 -6.67
N ALA N 139 18.95 -12.51 -6.02
CA ALA N 139 17.92 -12.97 -5.09
C ALA N 139 16.55 -12.38 -5.36
N SER N 140 16.48 -11.12 -5.76
CA SER N 140 15.21 -10.42 -5.94
C SER N 140 15.07 -9.97 -7.39
N PHE N 141 13.95 -9.31 -7.67
CA PHE N 141 13.70 -8.83 -9.03
C PHE N 141 14.68 -7.73 -9.42
N ALA N 142 15.11 -6.91 -8.47
CA ALA N 142 16.03 -5.84 -8.78
C ALA N 142 17.44 -6.35 -9.05
N ASP N 143 17.77 -7.53 -8.56
CA ASP N 143 19.09 -8.10 -8.84
C ASP N 143 19.16 -8.64 -10.26
N PHE N 144 18.09 -9.27 -10.73
CA PHE N 144 18.07 -9.81 -12.09
C PHE N 144 18.14 -8.71 -13.13
N GLN N 145 17.51 -7.57 -12.88
CA GLN N 145 17.59 -6.47 -13.83
C GLN N 145 18.74 -5.53 -13.56
N GLY N 146 19.51 -5.75 -12.52
CA GLY N 146 20.66 -4.92 -12.25
C GLY N 146 21.81 -5.23 -13.18
N PRO N 147 22.84 -4.40 -13.13
CA PRO N 147 24.01 -4.63 -13.98
C PRO N 147 24.94 -5.68 -13.39
N ARG N 148 25.40 -6.58 -14.24
CA ARG N 148 26.47 -7.52 -13.92
C ARG N 148 27.62 -7.33 -14.90
N ALA N 149 28.65 -8.14 -14.71
CA ALA N 149 29.73 -8.22 -15.68
C ALA N 149 29.37 -9.27 -16.73
N ARG N 150 30.31 -9.55 -17.63
CA ARG N 150 29.99 -10.31 -18.83
C ARG N 150 29.91 -11.81 -18.52
N ASP N 151 31.01 -12.39 -18.08
CA ASP N 151 31.08 -13.83 -17.79
C ASP N 151 31.45 -14.00 -16.32
N VAL N 152 30.44 -13.99 -15.46
CA VAL N 152 30.59 -14.08 -14.02
C VAL N 152 29.59 -15.12 -13.52
N CYS N 153 30.05 -15.99 -12.63
CA CYS N 153 29.18 -17.00 -12.03
C CYS N 153 28.05 -16.35 -11.26
N GLU N 154 26.82 -16.65 -11.65
CA GLU N 154 25.62 -16.10 -11.03
C GLU N 154 25.19 -17.04 -9.92
N VAL N 155 25.23 -16.55 -8.68
CA VAL N 155 24.80 -17.33 -7.53
C VAL N 155 23.34 -16.96 -7.26
N ILE N 156 22.45 -17.92 -7.46
CA ILE N 156 21.01 -17.69 -7.29
C ILE N 156 20.65 -18.08 -5.87
N LYS N 157 20.42 -17.10 -5.02
CA LYS N 157 19.91 -17.36 -3.68
C LYS N 157 18.45 -17.71 -3.80
N PHE N 158 18.15 -19.01 -3.79
CA PHE N 158 16.81 -19.47 -4.12
C PHE N 158 15.81 -19.17 -3.02
N HIS N 159 16.24 -19.20 -1.77
CA HIS N 159 15.34 -18.90 -0.66
C HIS N 159 15.55 -17.54 -0.05
N GLY N 160 16.49 -16.74 -0.54
CA GLY N 160 16.67 -15.39 -0.08
C GLY N 160 18.04 -15.17 0.53
N THR N 161 18.32 -13.91 0.83
CA THR N 161 19.61 -13.50 1.36
C THR N 161 19.36 -12.68 2.61
N LEU N 162 20.33 -12.65 3.51
CA LEU N 162 20.16 -11.92 4.76
C LEU N 162 20.25 -10.41 4.58
N ASP N 163 20.89 -9.93 3.52
CA ASP N 163 20.95 -8.49 3.30
C ASP N 163 19.73 -7.95 2.59
N GLN N 164 18.81 -8.81 2.19
CA GLN N 164 17.51 -8.41 1.63
C GLN N 164 16.48 -9.23 2.38
N PRO N 165 16.01 -8.75 3.54
CA PRO N 165 15.17 -9.58 4.41
C PRO N 165 13.77 -9.84 3.89
N ASP N 166 13.33 -9.15 2.84
CA ASP N 166 12.04 -9.44 2.26
C ASP N 166 12.06 -10.69 1.39
N THR N 167 13.24 -11.19 1.02
CA THR N 167 13.35 -12.32 0.13
C THR N 167 13.45 -13.65 0.86
N ILE N 168 13.56 -13.63 2.19
CA ILE N 168 13.77 -14.86 2.95
C ILE N 168 12.45 -15.59 3.08
N VAL N 169 12.43 -16.84 2.64
CA VAL N 169 11.27 -17.70 2.83
C VAL N 169 11.60 -18.70 3.94
N LEU N 170 10.98 -18.50 5.06
CA LEU N 170 11.18 -19.35 6.23
C LEU N 170 9.88 -19.83 6.82
N THR N 171 8.85 -18.99 6.86
CA THR N 171 7.59 -19.34 7.47
C THR N 171 6.72 -20.09 6.48
N GLU N 172 5.60 -20.63 6.98
CA GLU N 172 4.74 -21.44 6.13
C GLU N 172 4.03 -20.60 5.08
N SER N 173 3.67 -19.37 5.43
CA SER N 173 3.02 -18.47 4.48
C SER N 173 3.96 -18.06 3.36
N SER N 174 5.26 -18.06 3.60
CA SER N 174 6.20 -17.75 2.53
C SER N 174 6.45 -18.93 1.63
N TYR N 175 6.31 -20.16 2.13
CA TYR N 175 6.38 -21.32 1.25
C TYR N 175 5.13 -21.45 0.39
N PHE N 176 3.97 -21.08 0.93
CA PHE N 176 2.76 -21.10 0.14
C PHE N 176 2.74 -20.01 -0.92
N GLN N 177 3.43 -18.91 -0.67
CA GLN N 177 3.53 -17.85 -1.66
C GLN N 177 4.43 -18.26 -2.81
N ARG N 178 5.33 -19.21 -2.59
CA ARG N 178 6.21 -19.72 -3.63
C ARG N 178 5.64 -20.92 -4.36
N MET N 179 4.44 -21.38 -3.99
CA MET N 179 3.81 -22.47 -4.71
C MET N 179 3.26 -22.04 -6.06
N ALA N 180 3.11 -20.74 -6.29
CA ALA N 180 2.66 -20.27 -7.58
C ALA N 180 3.76 -20.33 -8.63
N LEU N 181 5.02 -20.52 -8.18
CA LEU N 181 6.21 -20.62 -9.03
C LEU N 181 6.38 -19.36 -9.88
N ASP N 182 6.11 -18.21 -9.26
CA ASP N 182 6.09 -16.94 -9.96
C ASP N 182 7.21 -16.02 -9.52
N ALA N 183 7.93 -16.34 -8.47
CA ALA N 183 9.05 -15.54 -8.01
C ALA N 183 10.20 -15.61 -9.03
N PRO N 184 11.06 -14.59 -9.08
CA PRO N 184 12.19 -14.62 -10.01
C PRO N 184 13.18 -15.77 -9.78
N PRO N 185 13.44 -16.25 -8.55
CA PRO N 185 14.22 -17.49 -8.48
C PRO N 185 13.46 -18.72 -8.94
N ASP N 186 12.13 -18.70 -8.88
CA ASP N 186 11.36 -19.84 -9.35
C ASP N 186 11.37 -19.92 -10.87
N GLN N 187 11.24 -18.78 -11.54
CA GLN N 187 11.20 -18.76 -12.99
C GLN N 187 12.56 -19.06 -13.60
N ARG N 188 13.63 -18.68 -12.92
CA ARG N 188 14.97 -18.97 -13.41
C ARG N 188 15.32 -20.43 -13.21
N LEU N 189 14.81 -21.05 -12.14
CA LEU N 189 15.10 -22.45 -11.87
C LEU N 189 14.41 -23.36 -12.89
N ARG N 190 13.15 -23.04 -13.23
CA ARG N 190 12.39 -23.92 -14.12
C ARG N 190 12.91 -23.85 -15.55
N ALA N 191 13.56 -22.74 -15.91
CA ALA N 191 14.14 -22.67 -17.24
C ALA N 191 15.51 -23.31 -17.30
N ASP N 192 16.26 -23.30 -16.20
CA ASP N 192 17.53 -24.00 -16.17
C ASP N 192 17.33 -25.50 -16.07
N LEU N 193 16.21 -25.93 -15.48
CA LEU N 193 15.93 -27.35 -15.37
C LEU N 193 15.53 -27.95 -16.70
N LEU N 194 15.09 -27.12 -17.65
CA LEU N 194 14.76 -27.61 -18.98
C LEU N 194 15.99 -28.08 -19.76
N ALA N 195 17.18 -27.64 -19.39
CA ALA N 195 18.32 -27.86 -20.25
C ALA N 195 19.57 -28.35 -19.53
N ASN N 196 19.55 -28.55 -18.22
CA ASN N 196 20.79 -28.77 -17.48
C ASN N 196 20.61 -29.89 -16.46
N SER N 197 21.71 -30.58 -16.16
CA SER N 197 21.77 -31.51 -15.04
C SER N 197 22.10 -30.76 -13.77
N PHE N 198 21.52 -31.18 -12.66
CA PHE N 198 21.83 -30.57 -11.39
C PHE N 198 22.57 -31.54 -10.48
N LEU N 199 23.34 -30.98 -9.56
CA LEU N 199 24.10 -31.76 -8.57
C LEU N 199 23.70 -31.25 -7.19
N PHE N 200 22.92 -32.04 -6.47
CA PHE N 200 22.46 -31.67 -5.14
C PHE N 200 23.49 -32.09 -4.11
N ILE N 201 24.08 -31.12 -3.42
CA ILE N 201 25.12 -31.37 -2.44
C ILE N 201 24.68 -30.78 -1.12
N GLY N 202 24.62 -31.61 -0.08
CA GLY N 202 24.25 -31.13 1.23
C GLY N 202 22.79 -30.75 1.38
N TYR N 203 21.94 -31.17 0.45
CA TYR N 203 20.54 -30.81 0.47
C TYR N 203 19.72 -32.08 0.54
N SER N 204 18.66 -32.05 1.35
CA SER N 204 17.71 -33.15 1.46
C SER N 204 16.36 -32.64 1.00
N PHE N 205 15.67 -33.41 0.17
CA PHE N 205 14.42 -32.93 -0.42
C PHE N 205 13.33 -32.96 0.65
N SER N 206 13.27 -31.90 1.42
CA SER N 206 12.22 -31.71 2.39
C SER N 206 11.34 -30.51 2.09
N ASP N 207 11.71 -29.69 1.14
CA ASP N 207 10.93 -28.53 0.76
C ASP N 207 9.91 -28.96 -0.29
N THR N 208 8.63 -28.72 0.00
CA THR N 208 7.59 -29.14 -0.91
C THR N 208 7.44 -28.26 -2.12
N ASN N 209 8.18 -27.16 -2.21
CA ASN N 209 8.22 -26.38 -3.45
C ASN N 209 9.36 -26.80 -4.36
N ILE N 210 10.43 -27.37 -3.83
CA ILE N 210 11.45 -27.96 -4.68
C ILE N 210 10.93 -29.24 -5.31
N ARG N 211 10.25 -30.08 -4.51
CA ARG N 211 9.72 -31.34 -5.01
C ARG N 211 8.61 -31.11 -6.02
N TYR N 212 7.89 -30.01 -5.90
CA TYR N 212 6.83 -29.68 -6.84
C TYR N 212 7.37 -29.18 -8.17
N ILE N 213 8.58 -28.63 -8.20
CA ILE N 213 9.17 -28.22 -9.47
C ILE N 213 9.62 -29.43 -10.27
N TRP N 214 10.30 -30.37 -9.62
CA TRP N 214 10.67 -31.62 -10.28
C TRP N 214 9.48 -32.49 -10.60
N TYR N 215 8.37 -32.33 -9.89
CA TYR N 215 7.13 -33.01 -10.29
C TYR N 215 6.65 -32.51 -11.64
N ARG N 216 6.57 -31.18 -11.80
CA ARG N 216 5.99 -30.62 -13.01
C ARG N 216 6.95 -30.59 -14.19
N MET N 217 8.20 -30.99 -14.01
CA MET N 217 9.06 -31.19 -15.16
C MET N 217 8.79 -32.55 -15.79
N ASN N 218 8.31 -33.51 -15.01
CA ASN N 218 7.91 -34.81 -15.55
C ASN N 218 6.56 -34.74 -16.23
N GLN N 219 5.71 -33.82 -15.83
CA GLN N 219 4.47 -33.63 -16.56
C GLN N 219 4.75 -33.05 -17.95
N LEU N 220 5.84 -32.32 -18.12
CA LEU N 220 6.28 -32.01 -19.46
C LEU N 220 6.98 -33.18 -20.11
N ARG N 221 7.68 -34.00 -19.32
CA ARG N 221 8.42 -35.11 -19.89
C ARG N 221 7.50 -36.24 -20.33
N GLU N 222 6.45 -36.52 -19.56
CA GLU N 222 5.55 -37.60 -19.92
C GLU N 222 4.57 -37.21 -21.02
N GLN N 223 4.16 -35.95 -21.07
CA GLN N 223 3.26 -35.51 -22.13
C GLN N 223 3.94 -35.39 -23.47
N SER N 224 5.27 -35.28 -23.48
CA SER N 224 6.00 -35.19 -24.74
C SER N 224 6.17 -36.54 -25.42
N GLN N 225 5.81 -37.63 -24.73
CA GLN N 225 5.70 -38.98 -25.31
C GLN N 225 7.01 -39.48 -25.89
N LEU N 226 8.11 -39.17 -25.21
CA LEU N 226 9.40 -39.73 -25.59
C LEU N 226 9.45 -41.21 -25.25
N GLY N 227 10.45 -41.89 -25.79
CA GLY N 227 10.58 -43.32 -25.57
C GLY N 227 11.06 -43.64 -24.17
N VAL N 228 11.29 -44.94 -23.95
CA VAL N 228 11.90 -45.36 -22.71
C VAL N 228 13.37 -44.94 -22.68
N LYS N 229 14.03 -44.96 -23.83
CA LYS N 229 15.45 -44.63 -23.88
C LYS N 229 15.69 -43.13 -23.76
N HIS N 230 14.88 -42.32 -24.44
CA HIS N 230 15.17 -40.90 -24.56
C HIS N 230 14.62 -40.08 -23.40
N SER N 231 13.59 -40.55 -22.71
CA SER N 231 13.10 -39.84 -21.55
C SER N 231 13.99 -40.04 -20.33
N GLN N 232 14.90 -41.00 -20.37
CA GLN N 232 15.77 -41.31 -19.24
C GLN N 232 17.21 -40.84 -19.48
N ALA N 233 17.41 -39.97 -20.46
CA ALA N 233 18.77 -39.63 -20.86
C ALA N 233 19.39 -38.53 -20.01
N ARG N 234 18.63 -37.49 -19.70
CA ARG N 234 19.12 -36.35 -18.94
C ARG N 234 18.80 -36.55 -17.47
N ARG N 235 19.83 -36.83 -16.67
CA ARG N 235 19.68 -37.19 -15.27
C ARG N 235 20.10 -36.03 -14.38
N CYS N 236 19.66 -36.07 -13.13
CA CYS N 236 20.15 -35.19 -12.09
C CYS N 236 20.76 -36.05 -10.99
N PHE N 237 21.63 -35.45 -10.19
CA PHE N 237 22.45 -36.20 -9.26
C PHE N 237 22.28 -35.67 -7.85
N PHE N 238 22.23 -36.60 -6.89
CA PHE N 238 21.81 -36.31 -5.52
C PHE N 238 22.82 -36.94 -4.58
N ALA N 239 23.86 -36.19 -4.23
CA ALA N 239 24.92 -36.68 -3.35
C ALA N 239 24.46 -36.60 -1.91
N THR N 240 24.41 -37.74 -1.23
CA THR N 240 23.88 -37.80 0.13
C THR N 240 24.54 -38.93 0.88
N HIS N 241 24.97 -38.64 2.11
CA HIS N 241 25.55 -39.67 2.96
C HIS N 241 24.50 -40.64 3.48
N GLY N 242 23.33 -40.14 3.82
CA GLY N 242 22.38 -40.90 4.60
C GLY N 242 20.97 -40.95 4.07
N ALA N 243 20.79 -41.12 2.76
CA ALA N 243 19.45 -41.28 2.21
C ALA N 243 18.85 -42.60 2.67
N GLY N 244 17.54 -42.59 2.92
CA GLY N 244 16.89 -43.75 3.50
C GLY N 244 16.60 -44.85 2.51
N LEU N 245 15.47 -45.52 2.67
CA LEU N 245 15.07 -46.58 1.77
C LEU N 245 13.91 -46.20 0.87
N VAL N 246 13.16 -45.17 1.22
CA VAL N 246 12.00 -44.74 0.46
C VAL N 246 12.36 -43.63 -0.52
N GLN N 247 13.08 -42.62 -0.04
CA GLN N 247 13.36 -41.44 -0.85
C GLN N 247 14.19 -41.65 -2.12
N PRO N 248 15.18 -42.55 -2.22
CA PRO N 248 15.81 -42.77 -3.52
C PRO N 248 14.90 -43.35 -4.59
N ASP N 249 13.88 -44.11 -4.23
CA ASP N 249 12.98 -44.64 -5.24
C ASP N 249 11.91 -43.64 -5.65
N ILE N 250 11.59 -42.66 -4.80
CA ILE N 250 10.66 -41.61 -5.21
C ILE N 250 11.32 -40.73 -6.27
N LEU N 251 12.61 -40.46 -6.12
CA LEU N 251 13.32 -39.54 -6.99
C LEU N 251 13.75 -40.18 -8.30
N GLN N 252 13.71 -41.51 -8.42
CA GLN N 252 13.95 -42.15 -9.71
C GLN N 252 12.87 -41.80 -10.72
N GLN N 253 11.67 -41.50 -10.24
CA GLN N 253 10.61 -41.01 -11.10
C GLN N 253 10.97 -39.70 -11.76
N TRP N 254 11.79 -38.89 -11.10
CA TRP N 254 12.04 -37.53 -11.53
C TRP N 254 13.42 -37.39 -12.16
N ASN N 255 13.99 -38.50 -12.61
CA ASN N 255 15.34 -38.60 -13.19
C ASN N 255 16.41 -38.03 -12.27
N ILE N 256 16.39 -38.46 -11.02
CA ILE N 256 17.36 -38.04 -10.02
C ILE N 256 18.07 -39.29 -9.52
N ASP N 257 19.36 -39.37 -9.76
CA ASP N 257 20.18 -40.48 -9.31
C ASP N 257 20.87 -40.12 -8.01
N VAL N 258 21.06 -41.11 -7.15
CA VAL N 258 21.63 -40.92 -5.82
C VAL N 258 23.09 -41.33 -5.86
N ILE N 259 23.97 -40.45 -5.38
CA ILE N 259 25.38 -40.74 -5.24
C ILE N 259 25.66 -40.99 -3.77
N GLN N 260 25.99 -42.21 -3.42
CA GLN N 260 26.24 -42.56 -2.02
C GLN N 260 27.65 -42.13 -1.62
N LEU N 261 27.74 -41.22 -0.68
CA LEU N 261 29.02 -40.76 -0.16
C LEU N 261 29.34 -41.47 1.14
N ASP N 262 30.62 -41.46 1.51
CA ASP N 262 31.07 -42.18 2.70
C ASP N 262 30.66 -41.43 3.95
N PRO N 263 29.84 -42.00 4.83
CA PRO N 263 29.30 -41.26 5.96
C PRO N 263 30.25 -41.13 7.15
N THR N 264 31.46 -41.68 7.08
CA THR N 264 32.36 -41.59 8.21
C THR N 264 32.93 -40.19 8.35
N ASP N 265 33.31 -39.58 7.24
CA ASP N 265 33.77 -38.18 7.22
C ASP N 265 32.95 -37.47 6.16
N LYS N 266 32.01 -36.62 6.58
CA LYS N 266 31.10 -35.99 5.64
C LYS N 266 31.78 -34.94 4.80
N SER N 267 32.74 -34.21 5.36
CA SER N 267 33.36 -33.10 4.65
C SER N 267 34.35 -33.59 3.60
N ALA N 268 35.08 -34.66 3.90
CA ALA N 268 36.06 -35.17 2.94
C ALA N 268 35.42 -35.93 1.80
N SER N 269 34.23 -36.51 2.03
CA SER N 269 33.56 -37.23 0.96
C SER N 269 33.01 -36.28 -0.08
N VAL N 270 32.53 -35.12 0.34
CA VAL N 270 32.04 -34.12 -0.59
C VAL N 270 33.19 -33.52 -1.37
N ALA N 271 34.31 -33.25 -0.70
CA ALA N 271 35.46 -32.63 -1.34
C ALA N 271 36.08 -33.53 -2.39
N ARG N 272 36.08 -34.84 -2.18
CA ARG N 272 36.56 -35.75 -3.21
C ARG N 272 35.61 -35.83 -4.40
N LEU N 273 34.33 -35.54 -4.20
CA LEU N 273 33.41 -35.51 -5.32
C LEU N 273 33.64 -34.29 -6.18
N LEU N 274 33.85 -33.12 -5.56
CA LEU N 274 34.07 -31.90 -6.32
C LEU N 274 35.44 -31.87 -6.98
N GLU N 275 36.42 -32.60 -6.44
CA GLU N 275 37.71 -32.70 -7.09
C GLU N 275 37.72 -33.70 -8.23
N SER N 276 36.78 -34.65 -8.24
CA SER N 276 36.70 -35.61 -9.32
C SER N 276 36.03 -35.03 -10.56
N ILE N 277 35.33 -33.90 -10.42
CA ILE N 277 34.73 -33.26 -11.58
C ILE N 277 35.80 -32.56 -12.41
N ALA N 278 36.82 -32.00 -11.75
CA ALA N 278 37.93 -31.34 -12.42
C ALA N 278 38.77 -32.33 -13.22
N THR O 2 8.73 11.47 -28.16
CA THR O 2 7.95 10.37 -27.62
C THR O 2 8.33 9.05 -28.27
N THR O 3 9.25 9.11 -29.23
CA THR O 3 9.64 7.95 -30.01
C THR O 3 11.09 8.12 -30.44
N LEU O 4 11.91 7.11 -30.19
CA LEU O 4 13.31 7.17 -30.56
C LEU O 4 13.49 7.09 -32.06
N THR O 5 14.51 7.76 -32.56
CA THR O 5 14.90 7.64 -33.95
C THR O 5 15.99 6.58 -34.04
N LEU O 6 16.57 6.42 -35.23
CA LEU O 6 17.60 5.41 -35.41
C LEU O 6 18.93 5.83 -34.78
N SER O 7 19.30 7.10 -34.92
CA SER O 7 20.55 7.57 -34.34
C SER O 7 20.48 7.74 -32.84
N GLU O 8 19.29 7.97 -32.29
CA GLU O 8 19.15 8.07 -30.84
C GLU O 8 19.24 6.70 -30.17
N ALA O 9 18.64 5.69 -30.80
CA ALA O 9 18.59 4.36 -30.20
C ALA O 9 19.85 3.55 -30.43
N ALA O 10 20.72 3.97 -31.34
CA ALA O 10 21.94 3.25 -31.64
C ALA O 10 22.96 3.19 -30.49
N PRO O 11 23.23 4.26 -29.71
CA PRO O 11 24.11 4.05 -28.55
C PRO O 11 23.47 3.28 -27.42
N LEU O 12 22.13 3.26 -27.35
CA LEU O 12 21.47 2.47 -26.32
C LEU O 12 21.53 0.98 -26.64
N LEU O 13 21.56 0.62 -27.92
CA LEU O 13 21.65 -0.77 -28.31
C LEU O 13 23.09 -1.28 -28.28
N LYS O 14 24.07 -0.41 -28.46
CA LYS O 14 25.46 -0.82 -28.34
C LYS O 14 25.81 -1.19 -26.91
N LYS O 15 25.26 -0.47 -25.95
CA LYS O 15 25.60 -0.71 -24.54
C LYS O 15 25.04 -2.04 -24.07
N GLU O 16 23.82 -2.36 -24.46
CA GLU O 16 23.24 -3.63 -24.07
C GLU O 16 23.83 -4.80 -24.83
N PHE O 17 24.36 -4.56 -26.03
CA PHE O 17 24.94 -5.66 -26.79
C PHE O 17 26.33 -6.01 -26.30
N ARG O 18 27.15 -5.01 -25.96
CA ARG O 18 28.50 -5.32 -25.48
C ARG O 18 28.50 -5.89 -24.08
N GLU O 19 27.40 -5.74 -23.34
CA GLU O 19 27.24 -6.43 -22.07
C GLU O 19 26.62 -7.81 -22.24
N GLY O 20 26.20 -8.17 -23.44
CA GLY O 20 25.60 -9.47 -23.66
C GLY O 20 24.20 -9.60 -23.16
N ARG O 21 23.44 -8.51 -23.10
CA ARG O 21 22.11 -8.51 -22.50
C ARG O 21 21.06 -7.99 -23.47
N LEU O 22 21.29 -8.17 -24.77
CA LEU O 22 20.35 -7.80 -25.81
C LEU O 22 19.99 -9.05 -26.60
N ILE O 23 18.68 -9.29 -26.77
CA ILE O 23 18.19 -10.48 -27.43
C ILE O 23 17.19 -10.07 -28.52
N PRO O 24 17.39 -10.46 -29.77
CA PRO O 24 16.44 -10.11 -30.81
C PRO O 24 15.17 -10.94 -30.73
N PHE O 25 14.05 -10.33 -31.09
CA PHE O 25 12.76 -11.01 -31.16
C PHE O 25 12.21 -10.74 -32.55
N LEU O 26 12.15 -11.76 -33.40
CA LEU O 26 11.87 -11.58 -34.81
C LEU O 26 10.48 -12.06 -35.15
N GLY O 27 9.76 -11.28 -35.96
CA GLY O 27 8.39 -11.56 -36.30
C GLY O 27 8.20 -11.96 -37.75
N ALA O 28 6.95 -11.89 -38.20
CA ALA O 28 6.63 -12.31 -39.55
C ALA O 28 7.07 -11.29 -40.59
N GLY O 29 7.24 -10.03 -40.20
CA GLY O 29 7.74 -9.04 -41.12
C GLY O 29 9.21 -9.15 -41.41
N PHE O 30 9.93 -9.99 -40.67
CA PHE O 30 11.34 -10.20 -40.94
C PHE O 30 11.56 -11.15 -42.11
N SER O 31 10.55 -11.94 -42.45
CA SER O 31 10.63 -12.85 -43.59
C SER O 31 9.84 -12.34 -44.79
N LYS O 32 9.38 -11.11 -44.74
CA LYS O 32 8.68 -10.46 -45.83
C LYS O 32 9.54 -10.24 -47.08
N PRO O 33 10.84 -9.86 -47.01
CA PRO O 33 11.62 -9.81 -48.25
C PRO O 33 11.92 -11.15 -48.88
N LEU O 34 11.61 -12.26 -48.22
CA LEU O 34 11.76 -13.57 -48.81
C LEU O 34 10.52 -13.99 -49.59
N LYS O 35 9.61 -13.06 -49.82
CA LYS O 35 8.34 -13.28 -50.54
C LYS O 35 7.49 -14.35 -49.87
N LEU O 36 7.42 -14.29 -48.57
CA LEU O 36 6.61 -15.23 -47.85
C LEU O 36 5.31 -14.56 -47.39
N PRO O 37 4.25 -15.35 -47.19
CA PRO O 37 3.02 -14.79 -46.62
C PRO O 37 3.22 -14.26 -45.21
N ASP O 38 2.53 -13.17 -44.90
CA ASP O 38 2.36 -12.74 -43.52
C ASP O 38 1.06 -13.36 -42.98
N GLY O 39 0.57 -12.85 -41.85
CA GLY O 39 -0.66 -13.35 -41.26
C GLY O 39 -1.92 -13.09 -42.08
N SER O 40 -1.86 -12.24 -43.10
CA SER O 40 -3.01 -12.00 -43.95
C SER O 40 -3.03 -12.84 -45.21
N GLN O 41 -1.88 -13.15 -45.80
CA GLN O 41 -1.89 -14.01 -46.98
C GLN O 41 -2.07 -15.49 -46.64
N LEU O 42 -1.87 -15.90 -45.39
CA LEU O 42 -2.28 -17.25 -45.01
C LEU O 42 -3.79 -17.40 -45.03
N ILE O 43 -4.51 -16.42 -44.47
CA ILE O 43 -5.96 -16.45 -44.42
C ILE O 43 -6.56 -16.36 -45.80
N ALA O 44 -5.88 -15.67 -46.72
CA ALA O 44 -6.32 -15.69 -48.11
C ALA O 44 -6.12 -17.05 -48.75
N SER O 45 -5.16 -17.84 -48.27
CA SER O 45 -4.97 -19.18 -48.78
C SER O 45 -5.86 -20.20 -48.08
N LEU O 46 -6.22 -19.97 -46.83
CA LEU O 46 -7.16 -20.85 -46.16
C LEU O 46 -8.57 -20.66 -46.69
N ALA O 47 -8.91 -19.44 -47.10
CA ALA O 47 -10.24 -19.16 -47.64
C ALA O 47 -10.43 -19.79 -49.01
N LYS O 48 -9.35 -19.94 -49.78
CA LYS O 48 -9.45 -20.57 -51.09
C LYS O 48 -9.73 -22.05 -50.96
N THR O 49 -9.16 -22.69 -49.94
CA THR O 49 -9.37 -24.12 -49.74
C THR O 49 -10.79 -24.39 -49.24
N LEU O 50 -11.30 -23.54 -48.36
CA LEU O 50 -12.62 -23.73 -47.78
C LEU O 50 -13.75 -23.30 -48.71
N GLY O 51 -13.45 -22.60 -49.80
CA GLY O 51 -14.48 -22.14 -50.71
C GLY O 51 -15.02 -20.77 -50.38
N PHE O 52 -14.30 -19.97 -49.60
CA PHE O 52 -14.69 -18.61 -49.26
C PHE O 52 -14.05 -17.62 -50.22
N GLU O 53 -14.69 -16.50 -50.39
CA GLU O 53 -13.94 -15.38 -50.93
C GLU O 53 -13.08 -14.79 -49.84
N PRO O 54 -11.85 -14.37 -50.16
CA PRO O 54 -10.91 -13.96 -49.11
C PRO O 54 -11.31 -12.71 -48.36
N GLU O 55 -12.17 -11.86 -48.92
CA GLU O 55 -12.64 -10.70 -48.20
C GLU O 55 -13.85 -11.02 -47.34
N LEU O 56 -14.65 -12.02 -47.72
CA LEU O 56 -15.77 -12.43 -46.89
C LEU O 56 -15.32 -13.30 -45.73
N PHE O 57 -14.24 -14.08 -45.91
CA PHE O 57 -13.77 -14.95 -44.85
C PHE O 57 -13.11 -14.17 -43.74
N ASP O 58 -12.56 -12.99 -44.06
CA ASP O 58 -11.83 -12.20 -43.08
C ASP O 58 -12.75 -11.57 -42.04
N MET O 59 -14.02 -11.35 -42.38
CA MET O 59 -14.93 -10.60 -41.46
C MET O 59 -15.75 -11.53 -40.56
N HIS O 60 -15.36 -12.79 -40.42
CA HIS O 60 -16.07 -13.68 -39.51
C HIS O 60 -15.31 -13.98 -38.24
N GLY O 61 -14.13 -13.40 -38.04
CA GLY O 61 -13.40 -13.64 -36.83
C GLY O 61 -11.98 -13.16 -36.96
N ARG O 62 -11.23 -13.32 -35.87
CA ARG O 62 -9.85 -12.90 -35.83
C ARG O 62 -8.96 -13.98 -36.47
N PHE O 63 -7.66 -13.70 -36.50
CA PHE O 63 -6.69 -14.59 -37.14
C PHE O 63 -6.62 -15.95 -36.46
N GLU O 64 -6.70 -15.97 -35.13
CA GLU O 64 -6.66 -17.22 -34.39
C GLU O 64 -7.92 -18.03 -34.64
N GLN O 65 -9.05 -17.37 -34.84
CA GLN O 65 -10.34 -18.03 -34.92
C GLN O 65 -10.62 -18.55 -36.33
N LEU O 66 -10.07 -17.91 -37.35
CA LEU O 66 -10.24 -18.41 -38.69
C LEU O 66 -9.38 -19.64 -38.95
N ALA O 67 -8.24 -19.74 -38.30
CA ALA O 67 -7.41 -20.92 -38.42
C ALA O 67 -7.96 -22.07 -37.58
N GLU O 68 -8.65 -21.76 -36.48
CA GLU O 68 -9.36 -22.79 -35.73
C GLU O 68 -10.51 -23.37 -36.55
N PHE O 69 -11.20 -22.52 -37.32
CA PHE O 69 -12.27 -22.99 -38.18
C PHE O 69 -11.74 -23.83 -39.34
N PHE O 70 -10.54 -23.52 -39.81
CA PHE O 70 -9.93 -24.29 -40.89
C PHE O 70 -9.56 -25.69 -40.41
N ALA O 71 -8.97 -25.79 -39.22
CA ALA O 71 -8.41 -27.04 -38.76
C ALA O 71 -9.47 -28.08 -38.41
N ILE O 72 -10.71 -27.66 -38.18
CA ILE O 72 -11.78 -28.58 -37.82
C ILE O 72 -12.78 -28.74 -38.95
N SER O 73 -12.46 -28.28 -40.15
CA SER O 73 -13.35 -28.44 -41.29
C SER O 73 -13.39 -29.87 -41.77
N ALA O 74 -12.28 -30.57 -41.67
CA ALA O 74 -12.13 -31.93 -42.14
C ALA O 74 -11.01 -32.57 -41.33
N PRO O 75 -10.98 -33.90 -41.26
CA PRO O 75 -9.83 -34.54 -40.63
C PRO O 75 -8.56 -34.33 -41.44
N ASN O 76 -7.44 -34.25 -40.71
CA ASN O 76 -6.09 -34.10 -41.26
C ASN O 76 -5.94 -32.81 -42.08
N ARG O 77 -6.74 -31.80 -41.75
CA ARG O 77 -6.70 -30.55 -42.50
C ARG O 77 -5.56 -29.66 -42.04
N LEU O 78 -5.18 -29.76 -40.76
CA LEU O 78 -4.04 -28.99 -40.26
C LEU O 78 -2.72 -29.60 -40.70
N GLN O 79 -2.65 -30.93 -40.77
CA GLN O 79 -1.40 -31.61 -41.20
C GLN O 79 -1.07 -31.16 -42.63
N ARG O 80 -2.09 -31.10 -43.50
CA ARG O 80 -1.87 -30.69 -44.91
C ARG O 80 -1.32 -29.26 -44.94
N LEU O 81 -1.84 -28.38 -44.09
CA LEU O 81 -1.39 -26.96 -44.09
C LEU O 81 0.11 -26.91 -43.78
N VAL O 82 0.56 -27.66 -42.77
CA VAL O 82 2.00 -27.65 -42.38
C VAL O 82 2.82 -28.14 -43.57
N TYR O 83 2.36 -29.20 -44.23
CA TYR O 83 3.07 -29.73 -45.42
C TYR O 83 3.14 -28.65 -46.51
N GLU O 84 2.02 -27.99 -46.77
CA GLU O 84 1.98 -26.93 -47.82
C GLU O 84 2.91 -25.79 -47.42
N MET O 85 2.87 -25.37 -46.15
CA MET O 85 3.72 -24.25 -45.68
C MET O 85 5.19 -24.64 -45.85
N SER O 86 5.54 -25.88 -45.49
CA SER O 86 6.93 -26.35 -45.65
C SER O 86 7.40 -26.15 -47.10
N LEU O 87 6.55 -26.53 -48.06
CA LEU O 87 6.93 -26.41 -49.46
C LEU O 87 7.12 -24.97 -49.90
N SER O 88 6.39 -24.03 -49.32
CA SER O 88 6.43 -22.65 -49.75
C SER O 88 7.28 -21.75 -48.88
N PHE O 89 7.43 -22.06 -47.60
CA PHE O 89 8.26 -21.19 -46.76
C PHE O 89 9.72 -21.53 -46.87
N ASP O 90 10.06 -22.82 -46.87
CA ASP O 90 11.43 -23.27 -46.88
C ASP O 90 11.87 -23.78 -48.24
N SER O 91 11.34 -23.20 -49.31
CA SER O 91 11.67 -23.63 -50.65
C SER O 91 13.08 -23.17 -51.04
N ALA O 92 13.57 -23.69 -52.16
CA ALA O 92 14.93 -23.37 -52.58
C ALA O 92 15.05 -21.95 -53.09
N GLU O 93 13.97 -21.39 -53.66
CA GLU O 93 14.04 -20.00 -54.09
C GLU O 93 13.90 -19.02 -52.93
N ALA O 94 13.36 -19.47 -51.80
CA ALA O 94 13.42 -18.65 -50.60
C ALA O 94 14.77 -18.73 -49.92
N GLU O 95 15.48 -19.84 -50.13
CA GLU O 95 16.87 -19.93 -49.69
C GLU O 95 17.76 -18.98 -50.46
N ALA O 96 17.53 -18.87 -51.78
CA ALA O 96 18.39 -18.05 -52.63
C ALA O 96 18.17 -16.57 -52.40
N LEU O 97 16.96 -16.17 -52.02
CA LEU O 97 16.71 -14.79 -51.63
C LEU O 97 17.27 -14.45 -50.26
N ARG O 98 17.71 -15.45 -49.50
CA ARG O 98 18.08 -15.27 -48.12
C ARG O 98 19.57 -14.99 -47.95
N GLU O 99 20.41 -15.44 -48.88
CA GLU O 99 21.82 -15.06 -48.80
C GLU O 99 22.05 -13.63 -49.23
N LYS O 100 21.28 -13.15 -50.21
CA LYS O 100 21.44 -11.79 -50.70
C LYS O 100 20.54 -10.80 -49.98
N SER O 101 19.89 -11.21 -48.91
CA SER O 101 19.08 -10.29 -48.13
C SER O 101 19.96 -9.49 -47.17
N PRO O 102 19.89 -8.16 -47.19
CA PRO O 102 20.75 -7.37 -46.30
C PRO O 102 20.37 -7.45 -44.84
N MET O 103 19.12 -7.78 -44.50
CA MET O 103 18.75 -7.90 -43.10
C MET O 103 19.32 -9.18 -42.50
N HIS O 104 19.26 -10.28 -43.24
CA HIS O 104 19.74 -11.55 -42.73
C HIS O 104 21.25 -11.60 -42.68
N ARG O 105 21.92 -10.83 -43.53
CA ARG O 105 23.36 -10.71 -43.42
C ARG O 105 23.75 -9.86 -42.22
N ALA O 106 23.01 -8.79 -41.96
CA ALA O 106 23.34 -7.91 -40.85
C ALA O 106 22.97 -8.54 -39.52
N LEU O 107 21.98 -9.44 -39.51
CA LEU O 107 21.64 -10.16 -38.29
C LEU O 107 22.71 -11.17 -37.92
N ALA O 108 23.22 -11.91 -38.91
CA ALA O 108 24.21 -12.94 -38.64
C ALA O 108 25.61 -12.39 -38.45
N ALA O 109 25.85 -11.13 -38.78
CA ALA O 109 27.18 -10.55 -38.57
C ALA O 109 27.46 -10.30 -37.10
N LEU O 110 26.43 -10.14 -36.29
CA LEU O 110 26.58 -9.95 -34.86
C LEU O 110 26.67 -11.29 -34.15
N ASP O 111 27.34 -11.29 -33.00
CA ASP O 111 27.60 -12.52 -32.26
C ASP O 111 26.56 -12.64 -31.15
N TRP O 112 25.36 -13.06 -31.54
CA TRP O 112 24.29 -13.22 -30.58
C TRP O 112 24.48 -14.50 -29.78
N ARG O 113 23.72 -14.62 -28.69
CA ARG O 113 23.66 -15.85 -27.93
C ARG O 113 22.27 -16.47 -27.89
N THR O 114 21.22 -15.67 -28.02
CA THR O 114 19.86 -16.19 -28.02
C THR O 114 19.05 -15.35 -28.98
N ILE O 115 18.27 -16.01 -29.84
CA ILE O 115 17.37 -15.34 -30.77
C ILE O 115 16.01 -16.00 -30.65
N TYR O 116 14.97 -15.20 -30.45
CA TYR O 116 13.59 -15.67 -30.42
C TYR O 116 12.89 -15.30 -31.71
N THR O 117 12.13 -16.24 -32.27
CA THR O 117 11.31 -15.98 -33.45
C THR O 117 9.92 -16.56 -33.26
N THR O 118 8.93 -15.94 -33.90
CA THR O 118 7.57 -16.46 -33.91
C THR O 118 7.12 -16.87 -35.30
N ASN O 119 8.04 -17.17 -36.20
CA ASN O 119 7.66 -17.57 -37.55
C ASN O 119 8.18 -18.97 -37.85
N TYR O 120 7.47 -19.67 -38.73
CA TYR O 120 7.71 -21.07 -39.01
C TYR O 120 8.54 -21.21 -40.28
N ASP O 121 9.83 -20.93 -40.16
CA ASP O 121 10.73 -21.04 -41.30
C ASP O 121 12.16 -21.12 -40.80
N LYS O 122 13.01 -21.78 -41.59
CA LYS O 122 14.40 -21.93 -41.20
C LYS O 122 15.28 -20.83 -41.77
N HIS O 123 14.83 -19.59 -41.68
CA HIS O 123 15.55 -18.49 -42.31
C HIS O 123 16.21 -17.58 -41.31
N VAL O 124 16.07 -17.86 -40.01
CA VAL O 124 16.82 -17.15 -38.99
C VAL O 124 18.03 -17.94 -38.55
N GLU O 125 17.85 -19.24 -38.30
CA GLU O 125 19.02 -20.09 -38.12
C GLU O 125 19.71 -20.34 -39.46
N GLY O 126 18.98 -20.30 -40.56
CA GLY O 126 19.61 -20.46 -41.86
C GLY O 126 20.47 -19.29 -42.23
N ALA O 127 20.15 -18.10 -41.73
CA ALA O 127 21.01 -16.94 -41.94
C ALA O 127 22.32 -17.09 -41.16
N LEU O 128 22.29 -17.76 -40.02
CA LEU O 128 23.51 -17.97 -39.27
C LEU O 128 24.39 -19.03 -39.91
N ARG O 129 23.81 -20.04 -40.54
CA ARG O 129 24.59 -21.01 -41.29
C ARG O 129 25.21 -20.41 -42.54
N ASP O 130 24.59 -19.37 -43.10
CA ASP O 130 25.14 -18.74 -44.28
C ASP O 130 26.40 -17.94 -43.96
N ALA O 131 26.49 -17.40 -42.75
CA ALA O 131 27.65 -16.63 -42.34
C ALA O 131 28.75 -17.47 -41.73
N GLY O 132 28.69 -18.79 -41.89
CA GLY O 132 29.68 -19.68 -41.30
C GLY O 132 29.45 -20.02 -39.86
N LYS O 133 28.54 -19.34 -39.18
CA LYS O 133 28.23 -19.64 -37.80
C LYS O 133 27.32 -20.86 -37.72
N GLN O 134 27.15 -21.37 -36.52
CA GLN O 134 26.28 -22.51 -36.29
C GLN O 134 25.26 -22.16 -35.23
N ALA O 135 24.05 -22.69 -35.40
CA ALA O 135 22.92 -22.36 -34.56
C ALA O 135 22.32 -23.63 -33.99
N ALA O 136 21.43 -23.46 -33.02
CA ALA O 136 20.79 -24.58 -32.33
C ALA O 136 19.32 -24.26 -32.18
N VAL O 137 18.48 -24.94 -32.94
CA VAL O 137 17.05 -24.68 -32.91
C VAL O 137 16.45 -25.38 -31.71
N LEU O 138 15.72 -24.63 -30.89
CA LEU O 138 15.07 -25.17 -29.69
C LEU O 138 13.58 -24.86 -29.80
N ALA O 139 12.79 -25.90 -29.98
CA ALA O 139 11.35 -25.69 -30.13
C ALA O 139 10.52 -26.52 -29.17
N SER O 140 10.93 -27.74 -28.87
CA SER O 140 10.15 -28.65 -28.05
C SER O 140 10.94 -29.03 -26.80
N PHE O 141 10.34 -29.87 -25.96
CA PHE O 141 11.00 -30.31 -24.75
C PHE O 141 12.21 -31.18 -25.04
N ALA O 142 12.17 -31.96 -26.12
CA ALA O 142 13.28 -32.82 -26.46
C ALA O 142 14.48 -32.04 -27.00
N ASP O 143 14.24 -30.85 -27.53
CA ASP O 143 15.33 -30.02 -28.01
C ASP O 143 16.11 -29.39 -26.86
N PHE O 144 15.39 -28.96 -25.81
CA PHE O 144 16.05 -28.35 -24.67
C PHE O 144 16.91 -29.35 -23.91
N GLN O 145 16.48 -30.60 -23.83
CA GLN O 145 17.29 -31.61 -23.17
C GLN O 145 18.24 -32.34 -24.10
N GLY O 146 18.21 -32.04 -25.38
CA GLY O 146 19.14 -32.65 -26.30
C GLY O 146 20.53 -32.07 -26.16
N PRO O 147 21.48 -32.69 -26.86
CA PRO O 147 22.86 -32.20 -26.81
C PRO O 147 23.07 -31.03 -27.76
N ARG O 148 23.75 -30.00 -27.27
CA ARG O 148 24.25 -28.90 -28.08
C ARG O 148 25.75 -28.82 -27.95
N ALA O 149 26.32 -27.84 -28.63
CA ALA O 149 27.73 -27.52 -28.46
C ALA O 149 27.84 -26.48 -27.35
N ARG O 150 29.05 -25.99 -27.11
CA ARG O 150 29.33 -25.23 -25.90
C ARG O 150 28.82 -23.79 -26.01
N ASP O 151 29.34 -23.03 -26.98
CA ASP O 151 28.96 -21.63 -27.16
C ASP O 151 28.39 -21.48 -28.58
N VAL O 152 27.10 -21.72 -28.69
CA VAL O 152 26.37 -21.70 -29.95
C VAL O 152 25.10 -20.89 -29.74
N CYS O 153 24.79 -20.01 -30.68
CA CYS O 153 23.56 -19.22 -30.62
C CYS O 153 22.34 -20.12 -30.64
N GLU O 154 21.53 -20.02 -29.59
CA GLU O 154 20.32 -20.82 -29.46
C GLU O 154 19.16 -20.05 -30.07
N VAL O 155 18.58 -20.59 -31.13
CA VAL O 155 17.43 -19.98 -31.78
C VAL O 155 16.18 -20.63 -31.20
N ILE O 156 15.39 -19.85 -30.46
CA ILE O 156 14.20 -20.35 -29.80
C ILE O 156 13.03 -20.12 -30.73
N LYS O 157 12.55 -21.19 -31.36
CA LYS O 157 11.32 -21.10 -32.15
C LYS O 157 10.14 -21.02 -31.21
N PHE O 158 9.67 -19.80 -30.96
CA PHE O 158 8.69 -19.59 -29.89
C PHE O 158 7.33 -20.13 -30.25
N HIS O 159 6.95 -20.10 -31.52
CA HIS O 159 5.66 -20.62 -31.93
C HIS O 159 5.73 -21.95 -32.64
N GLY O 160 6.92 -22.52 -32.81
CA GLY O 160 7.04 -23.85 -33.38
C GLY O 160 7.84 -23.84 -34.67
N THR O 161 8.12 -25.05 -35.14
CA THR O 161 8.93 -25.24 -36.34
C THR O 161 8.16 -26.16 -37.27
N LEU O 162 8.45 -26.06 -38.57
CA LEU O 162 7.74 -26.87 -39.53
C LEU O 162 8.19 -28.33 -39.54
N ASP O 163 9.40 -28.62 -39.05
CA ASP O 163 9.84 -30.00 -39.01
C ASP O 163 9.37 -30.73 -37.75
N GLN O 164 8.70 -30.03 -36.85
CA GLN O 164 8.05 -30.63 -35.68
C GLN O 164 6.64 -30.07 -35.66
N PRO O 165 5.70 -30.69 -36.38
CA PRO O 165 4.37 -30.09 -36.56
C PRO O 165 3.51 -30.06 -35.31
N ASP O 166 3.88 -30.77 -34.24
CA ASP O 166 3.14 -30.68 -33.00
C ASP O 166 3.40 -29.41 -32.24
N THR O 167 4.46 -28.68 -32.58
CA THR O 167 4.84 -27.49 -31.84
C THR O 167 4.25 -26.21 -32.42
N ILE O 168 3.60 -26.29 -33.58
CA ILE O 168 3.09 -25.10 -34.24
C ILE O 168 1.84 -24.63 -33.54
N VAL O 169 1.83 -23.38 -33.09
CA VAL O 169 0.64 -22.77 -32.54
C VAL O 169 0.08 -21.80 -33.58
N LEU O 170 -1.02 -22.17 -34.17
CA LEU O 170 -1.68 -21.38 -35.18
C LEU O 170 -3.16 -21.18 -34.90
N THR O 171 -3.83 -22.19 -34.39
CA THR O 171 -5.26 -22.13 -34.15
C THR O 171 -5.54 -21.49 -32.80
N GLU O 172 -6.81 -21.21 -32.54
CA GLU O 172 -7.18 -20.52 -31.31
C GLU O 172 -6.98 -21.42 -30.10
N SER O 173 -7.24 -22.72 -30.25
CA SER O 173 -7.05 -23.66 -29.16
C SER O 173 -5.59 -23.82 -28.79
N SER O 174 -4.68 -23.60 -29.73
CA SER O 174 -3.26 -23.66 -29.41
C SER O 174 -2.76 -22.40 -28.74
N TYR O 175 -3.40 -21.25 -29.00
CA TYR O 175 -3.06 -20.04 -28.25
C TYR O 175 -3.59 -20.11 -26.83
N PHE O 176 -4.76 -20.72 -26.63
CA PHE O 176 -5.28 -20.88 -25.29
C PHE O 176 -4.49 -21.89 -24.48
N GLN O 177 -3.87 -22.86 -25.15
CA GLN O 177 -3.03 -23.81 -24.44
C GLN O 177 -1.73 -23.18 -23.99
N ARG O 178 -1.31 -22.09 -24.64
CA ARG O 178 -0.11 -21.36 -24.25
C ARG O 178 -0.38 -20.25 -23.25
N MET O 179 -1.64 -20.05 -22.85
CA MET O 179 -1.94 -19.06 -21.82
C MET O 179 -1.52 -19.50 -20.44
N ALA O 180 -1.28 -20.80 -20.24
CA ALA O 180 -0.81 -21.26 -18.95
C ALA O 180 0.66 -20.93 -18.72
N LEU O 181 1.38 -20.54 -19.78
CA LEU O 181 2.79 -20.17 -19.76
C LEU O 181 3.65 -21.32 -19.24
N ASP O 182 3.31 -22.53 -19.66
CA ASP O 182 3.91 -23.74 -19.16
C ASP O 182 4.74 -24.46 -20.21
N ALA O 183 4.65 -24.06 -21.47
CA ALA O 183 5.44 -24.67 -22.53
C ALA O 183 6.92 -24.32 -22.34
N PRO O 184 7.83 -25.15 -22.86
CA PRO O 184 9.26 -24.85 -22.73
C PRO O 184 9.71 -23.56 -23.41
N PRO O 185 9.13 -23.11 -24.55
CA PRO O 185 9.47 -21.76 -24.97
C PRO O 185 8.89 -20.68 -24.08
N ASP O 186 7.80 -20.95 -23.38
CA ASP O 186 7.24 -19.94 -22.48
C ASP O 186 8.09 -19.77 -21.24
N GLN O 187 8.59 -20.88 -20.68
CA GLN O 187 9.40 -20.83 -19.47
C GLN O 187 10.77 -20.23 -19.73
N ARG O 188 11.31 -20.44 -20.93
CA ARG O 188 12.60 -19.88 -21.27
C ARG O 188 12.50 -18.38 -21.55
N LEU O 189 11.37 -17.94 -22.10
CA LEU O 189 11.18 -16.52 -22.39
C LEU O 189 11.04 -15.72 -21.11
N ARG O 190 10.29 -16.23 -20.14
CA ARG O 190 10.02 -15.47 -18.92
C ARG O 190 11.26 -15.36 -18.05
N ALA O 191 12.20 -16.29 -18.18
CA ALA O 191 13.44 -16.18 -17.43
C ALA O 191 14.44 -15.28 -18.12
N ASP O 192 14.41 -15.23 -19.45
CA ASP O 192 15.29 -14.30 -20.16
C ASP O 192 14.78 -12.87 -20.04
N LEU O 193 13.48 -12.69 -19.87
CA LEU O 193 12.92 -11.37 -19.71
C LEU O 193 13.25 -10.77 -18.35
N LEU O 194 13.58 -11.61 -17.37
CA LEU O 194 13.99 -11.12 -16.06
C LEU O 194 15.32 -10.39 -16.09
N ALA O 195 16.15 -10.61 -17.10
CA ALA O 195 17.51 -10.12 -17.04
C ALA O 195 18.02 -9.45 -18.31
N ASN O 196 17.21 -9.34 -19.36
CA ASN O 196 17.74 -8.93 -20.66
C ASN O 196 16.81 -7.93 -21.33
N SER O 197 17.39 -7.07 -22.16
CA SER O 197 16.63 -6.20 -23.04
C SER O 197 16.31 -6.94 -24.32
N PHE O 198 15.12 -6.71 -24.87
CA PHE O 198 14.77 -7.34 -26.13
C PHE O 198 14.66 -6.30 -27.23
N LEU O 199 14.86 -6.75 -28.47
CA LEU O 199 14.76 -5.91 -29.66
C LEU O 199 13.75 -6.56 -30.60
N PHE O 200 12.57 -5.97 -30.70
CA PHE O 200 11.51 -6.50 -31.54
C PHE O 200 11.68 -5.96 -32.96
N ILE O 201 11.93 -6.84 -33.91
CA ILE O 201 12.16 -6.45 -35.30
C ILE O 201 11.16 -7.20 -36.16
N GLY O 202 10.37 -6.45 -36.92
CA GLY O 202 9.41 -7.07 -37.82
C GLY O 202 8.24 -7.72 -37.14
N TYR O 203 8.01 -7.42 -35.87
CA TYR O 203 6.94 -8.03 -35.10
C TYR O 203 6.00 -6.94 -34.62
N SER O 204 4.70 -7.22 -34.68
CA SER O 204 3.67 -6.33 -34.16
C SER O 204 2.94 -7.06 -33.05
N PHE O 205 2.73 -6.39 -31.92
CA PHE O 205 2.15 -7.06 -30.76
C PHE O 205 0.67 -7.30 -31.01
N SER O 206 0.37 -8.39 -31.67
CA SER O 206 -0.99 -8.82 -31.89
C SER O 206 -1.30 -10.14 -31.21
N ASP O 207 -0.29 -10.83 -30.69
CA ASP O 207 -0.49 -12.10 -30.00
C ASP O 207 -0.79 -11.81 -28.55
N THR O 208 -1.93 -12.30 -28.07
CA THR O 208 -2.33 -12.03 -26.70
C THR O 208 -1.58 -12.86 -25.67
N ASN O 209 -0.73 -13.79 -26.09
CA ASN O 209 0.14 -14.46 -25.14
C ASN O 209 1.50 -13.78 -25.01
N ILE O 210 1.94 -13.05 -26.04
CA ILE O 210 3.13 -12.24 -25.88
C ILE O 210 2.83 -11.04 -24.99
N ARG O 211 1.68 -10.40 -25.21
CA ARG O 211 1.30 -9.23 -24.41
C ARG O 211 1.03 -9.60 -22.97
N TYR O 212 0.59 -10.83 -22.72
CA TYR O 212 0.35 -11.29 -21.37
C TYR O 212 1.63 -11.60 -20.62
N ILE O 213 2.72 -11.91 -21.32
CA ILE O 213 3.98 -12.13 -20.63
C ILE O 213 4.58 -10.82 -20.16
N TRP O 214 4.57 -9.80 -21.02
CA TRP O 214 5.01 -8.47 -20.63
C TRP O 214 4.07 -7.82 -19.63
N TYR O 215 2.81 -8.23 -19.58
CA TYR O 215 1.93 -7.77 -18.52
C TYR O 215 2.40 -8.27 -17.16
N ARG O 216 2.68 -9.57 -17.06
CA ARG O 216 3.01 -10.17 -15.78
C ARG O 216 4.44 -9.94 -15.36
N MET O 217 5.27 -9.33 -16.19
CA MET O 217 6.58 -8.90 -15.73
C MET O 217 6.48 -7.59 -14.98
N ASN O 218 5.46 -6.77 -15.29
CA ASN O 218 5.20 -5.56 -14.53
C ASN O 218 4.52 -5.82 -13.21
N GLN O 219 3.80 -6.92 -13.11
CA GLN O 219 3.26 -7.30 -11.82
C GLN O 219 4.37 -7.72 -10.87
N LEU O 220 5.48 -8.22 -11.40
CA LEU O 220 6.66 -8.38 -10.58
C LEU O 220 7.36 -7.05 -10.36
N ARG O 221 7.32 -6.17 -11.35
CA ARG O 221 8.03 -4.90 -11.25
C ARG O 221 7.33 -3.95 -10.30
N GLU O 222 6.00 -3.93 -10.31
CA GLU O 222 5.29 -3.00 -9.45
C GLU O 222 5.20 -3.50 -8.01
N GLN O 223 5.13 -4.81 -7.81
CA GLN O 223 5.09 -5.35 -6.45
C GLN O 223 6.43 -5.26 -5.75
N SER O 224 7.52 -5.12 -6.50
CA SER O 224 8.84 -5.00 -5.89
C SER O 224 9.11 -3.60 -5.35
N GLN O 225 8.23 -2.64 -5.64
CA GLN O 225 8.21 -1.31 -5.03
C GLN O 225 9.50 -0.54 -5.27
N LEU O 226 10.05 -0.67 -6.46
CA LEU O 226 11.19 0.14 -6.86
C LEU O 226 10.76 1.58 -7.08
N GLY O 227 11.74 2.47 -7.16
CA GLY O 227 11.46 3.88 -7.33
C GLY O 227 10.98 4.21 -8.74
N VAL O 228 10.80 5.51 -8.97
CA VAL O 228 10.50 5.97 -10.31
C VAL O 228 11.74 5.83 -11.19
N LYS O 229 12.92 6.04 -10.62
CA LYS O 229 14.14 5.99 -11.41
C LYS O 229 14.54 4.55 -11.74
N HIS O 230 14.44 3.65 -10.76
CA HIS O 230 15.00 2.31 -10.93
C HIS O 230 14.07 1.34 -11.61
N SER O 231 12.75 1.57 -11.56
CA SER O 231 11.84 0.71 -12.28
C SER O 231 11.81 1.00 -13.77
N GLN O 232 12.39 2.13 -14.20
CA GLN O 232 12.39 2.51 -15.61
C GLN O 232 13.75 2.35 -16.24
N ALA O 233 14.64 1.58 -15.63
CA ALA O 233 16.02 1.53 -16.09
C ALA O 233 16.23 0.52 -17.20
N ARG O 234 15.64 -0.67 -17.08
CA ARG O 234 15.83 -1.74 -18.06
C ARG O 234 14.69 -1.67 -19.07
N ARG O 235 15.00 -1.27 -20.29
CA ARG O 235 14.02 -1.02 -21.33
C ARG O 235 14.07 -2.13 -22.37
N CYS O 236 13.00 -2.25 -23.13
CA CYS O 236 12.96 -3.08 -24.33
C CYS O 236 12.66 -2.19 -25.51
N PHE O 237 13.02 -2.65 -26.70
CA PHE O 237 13.00 -1.82 -27.89
C PHE O 237 12.16 -2.46 -28.98
N PHE O 238 11.39 -1.62 -29.67
CA PHE O 238 10.33 -2.05 -30.59
C PHE O 238 10.49 -1.29 -31.90
N ALA O 239 11.25 -1.86 -32.83
CA ALA O 239 11.52 -1.23 -34.11
C ALA O 239 10.34 -1.49 -35.05
N THR O 240 9.70 -0.42 -35.50
CA THR O 240 8.49 -0.54 -36.30
C THR O 240 8.37 0.66 -37.23
N HIS O 241 8.07 0.38 -38.50
CA HIS O 241 7.87 1.45 -39.47
C HIS O 241 6.56 2.17 -39.23
N GLY O 242 5.51 1.44 -38.88
CA GLY O 242 4.16 1.96 -38.93
C GLY O 242 3.32 1.77 -37.68
N ALA O 243 3.89 1.98 -36.51
CA ALA O 243 3.11 1.92 -35.29
C ALA O 243 2.11 3.07 -35.24
N GLY O 244 0.93 2.81 -34.70
CA GLY O 244 -0.13 3.79 -34.73
C GLY O 244 -0.01 4.88 -33.69
N LEU O 245 -1.13 5.31 -33.13
CA LEU O 245 -1.14 6.32 -32.10
C LEU O 245 -1.48 5.78 -30.73
N VAL O 246 -2.09 4.60 -30.65
CA VAL O 246 -2.50 4.01 -29.39
C VAL O 246 -1.45 3.06 -28.86
N GLN O 247 -0.95 2.18 -29.72
CA GLN O 247 -0.05 1.11 -29.29
C GLN O 247 1.30 1.56 -28.71
N PRO O 248 1.97 2.63 -29.15
CA PRO O 248 3.19 3.03 -28.42
C PRO O 248 2.96 3.50 -26.99
N ASP O 249 1.78 4.03 -26.66
CA ASP O 249 1.55 4.43 -25.28
C ASP O 249 1.11 3.28 -24.39
N ILE O 250 0.56 2.20 -24.97
CA ILE O 250 0.25 1.03 -24.18
C ILE O 250 1.54 0.35 -23.72
N LEU O 251 2.54 0.33 -24.60
CA LEU O 251 3.77 -0.39 -24.35
C LEU O 251 4.74 0.39 -23.49
N GLN O 252 4.52 1.69 -23.29
CA GLN O 252 5.34 2.44 -22.33
C GLN O 252 5.11 1.97 -20.91
N GLN O 253 3.94 1.41 -20.63
CA GLN O 253 3.67 0.77 -19.35
C GLN O 253 4.59 -0.40 -19.10
N TRP O 254 5.01 -1.08 -20.15
CA TRP O 254 5.71 -2.34 -20.02
C TRP O 254 7.21 -2.19 -20.31
N ASN O 255 7.71 -0.96 -20.19
CA ASN O 255 9.10 -0.58 -20.48
C ASN O 255 9.54 -0.99 -21.87
N ILE O 256 8.72 -0.64 -22.86
CA ILE O 256 9.01 -0.93 -24.26
C ILE O 256 9.05 0.39 -25.00
N ASP O 257 10.22 0.73 -25.53
CA ASP O 257 10.41 1.95 -26.30
C ASP O 257 10.29 1.65 -27.78
N VAL O 258 9.76 2.61 -28.53
CA VAL O 258 9.49 2.44 -29.96
C VAL O 258 10.61 3.13 -30.74
N ILE O 259 11.20 2.40 -31.68
CA ILE O 259 12.21 2.95 -32.58
C ILE O 259 11.54 3.15 -33.93
N GLN O 260 11.38 4.41 -34.34
CA GLN O 260 10.71 4.70 -35.61
C GLN O 260 11.69 4.52 -36.75
N LEU O 261 11.40 3.59 -37.65
CA LEU O 261 12.21 3.35 -38.81
C LEU O 261 11.59 4.04 -40.03
N ASP O 262 12.40 4.24 -41.05
CA ASP O 262 11.97 4.96 -42.24
C ASP O 262 11.06 4.07 -43.08
N PRO O 263 9.80 4.44 -43.29
CA PRO O 263 8.86 3.53 -43.97
C PRO O 263 8.96 3.52 -45.48
N THR O 264 9.86 4.29 -46.08
CA THR O 264 9.96 4.31 -47.54
C THR O 264 10.60 3.02 -48.05
N ASP O 265 11.66 2.56 -47.40
CA ASP O 265 12.29 1.28 -47.73
C ASP O 265 12.38 0.49 -46.43
N LYS O 266 11.54 -0.54 -46.30
CA LYS O 266 11.46 -1.27 -45.04
C LYS O 266 12.70 -2.13 -44.80
N SER O 267 13.28 -2.69 -45.87
CA SER O 267 14.38 -3.62 -45.69
C SER O 267 15.68 -2.89 -45.36
N ALA O 268 15.89 -1.72 -45.96
CA ALA O 268 17.13 -0.99 -45.71
C ALA O 268 17.12 -0.29 -44.37
N SER O 269 15.93 0.03 -43.84
CA SER O 269 15.86 0.68 -42.54
C SER O 269 16.20 -0.29 -41.42
N VAL O 270 15.79 -1.55 -41.57
CA VAL O 270 16.12 -2.57 -40.58
C VAL O 270 17.60 -2.90 -40.63
N ALA O 271 18.16 -2.98 -41.84
CA ALA O 271 19.56 -3.34 -42.00
C ALA O 271 20.49 -2.28 -41.44
N ARG O 272 20.12 -1.00 -41.55
CA ARG O 272 20.93 0.04 -40.91
C ARG O 272 20.83 0.01 -39.40
N LEU O 273 19.74 -0.53 -38.85
CA LEU O 273 19.65 -0.67 -37.40
C LEU O 273 20.56 -1.78 -36.90
N LEU O 274 20.59 -2.91 -37.60
CA LEU O 274 21.42 -4.02 -37.18
C LEU O 274 22.90 -3.75 -37.42
N GLU O 275 23.23 -2.88 -38.37
CA GLU O 275 24.64 -2.51 -38.57
C GLU O 275 25.09 -1.46 -37.59
N SER O 276 24.17 -0.71 -36.99
CA SER O 276 24.55 0.29 -35.99
C SER O 276 24.82 -0.34 -34.63
N ILE O 277 24.40 -1.59 -34.42
CA ILE O 277 24.70 -2.26 -33.17
C ILE O 277 26.16 -2.69 -33.14
N ALA O 278 26.70 -3.09 -34.29
CA ALA O 278 28.09 -3.48 -34.41
C ALA O 278 29.04 -2.31 -34.18
N THR P 2 -28.04 -27.50 -38.49
CA THR P 2 -26.80 -27.15 -37.82
C THR P 2 -27.02 -26.08 -36.76
N THR P 3 -28.27 -25.63 -36.65
CA THR P 3 -28.61 -24.54 -35.74
C THR P 3 -30.06 -24.72 -35.30
N LEU P 4 -30.28 -24.68 -33.99
CA LEU P 4 -31.62 -24.84 -33.45
C LEU P 4 -32.48 -23.64 -33.76
N THR P 5 -33.77 -23.88 -33.95
CA THR P 5 -34.74 -22.81 -34.08
C THR P 5 -35.35 -22.55 -32.71
N LEU P 6 -36.36 -21.69 -32.65
CA LEU P 6 -36.97 -21.36 -31.37
C LEU P 6 -37.86 -22.49 -30.87
N SER P 7 -38.62 -23.12 -31.76
CA SER P 7 -39.50 -24.20 -31.35
C SER P 7 -38.74 -25.50 -31.06
N GLU P 8 -37.58 -25.68 -31.68
CA GLU P 8 -36.78 -26.86 -31.38
C GLU P 8 -36.10 -26.77 -30.03
N ALA P 9 -35.61 -25.58 -29.69
CA ALA P 9 -34.86 -25.38 -28.45
C ALA P 9 -35.75 -25.20 -27.24
N ALA P 10 -37.03 -24.92 -27.42
CA ALA P 10 -37.96 -24.71 -26.32
C ALA P 10 -38.19 -25.93 -25.43
N PRO P 11 -38.36 -27.18 -25.91
CA PRO P 11 -38.43 -28.29 -24.95
C PRO P 11 -37.11 -28.64 -24.31
N LEU P 12 -35.99 -28.26 -24.93
CA LEU P 12 -34.70 -28.50 -24.31
C LEU P 12 -34.45 -27.53 -23.16
N LEU P 13 -34.99 -26.33 -23.25
CA LEU P 13 -34.82 -25.36 -22.18
C LEU P 13 -35.82 -25.57 -21.05
N LYS P 14 -36.98 -26.16 -21.33
CA LYS P 14 -37.92 -26.47 -20.25
C LYS P 14 -37.38 -27.57 -19.35
N LYS P 15 -36.68 -28.54 -19.93
CA LYS P 15 -36.19 -29.67 -19.13
C LYS P 15 -35.09 -29.23 -18.18
N GLU P 16 -34.19 -28.38 -18.64
CA GLU P 16 -33.13 -27.90 -17.78
C GLU P 16 -33.63 -26.88 -16.76
N PHE P 17 -34.73 -26.18 -17.06
CA PHE P 17 -35.23 -25.20 -16.11
C PHE P 17 -36.01 -25.86 -14.98
N ARG P 18 -36.81 -26.88 -15.29
CA ARG P 18 -37.58 -27.54 -14.23
C ARG P 18 -36.70 -28.39 -13.33
N GLU P 19 -35.50 -28.73 -13.78
CA GLU P 19 -34.53 -29.38 -12.91
C GLU P 19 -33.68 -28.37 -12.15
N GLY P 20 -33.83 -27.08 -12.42
CA GLY P 20 -33.06 -26.08 -11.73
C GLY P 20 -31.61 -25.98 -12.16
N ARG P 21 -31.31 -26.33 -13.41
CA ARG P 21 -29.94 -26.42 -13.89
C ARG P 21 -29.72 -25.55 -15.12
N LEU P 22 -30.49 -24.48 -15.26
CA LEU P 22 -30.37 -23.53 -16.35
C LEU P 22 -30.07 -22.16 -15.75
N ILE P 23 -29.02 -21.50 -16.24
CA ILE P 23 -28.58 -20.21 -15.72
C ILE P 23 -28.44 -19.23 -16.88
N PRO P 24 -29.10 -18.07 -16.84
CA PRO P 24 -28.95 -17.10 -17.92
C PRO P 24 -27.62 -16.37 -17.84
N PHE P 25 -27.09 -16.04 -19.01
CA PHE P 25 -25.86 -15.24 -19.10
C PHE P 25 -26.19 -14.08 -20.03
N LEU P 26 -26.24 -12.87 -19.48
CA LEU P 26 -26.77 -11.72 -20.20
C LEU P 26 -25.67 -10.76 -20.60
N GLY P 27 -25.72 -10.27 -21.83
CA GLY P 27 -24.69 -9.44 -22.39
C GLY P 27 -25.13 -8.01 -22.59
N ALA P 28 -24.35 -7.29 -23.40
CA ALA P 28 -24.64 -5.88 -23.64
C ALA P 28 -25.82 -5.68 -24.56
N GLY P 29 -26.16 -6.66 -25.39
CA GLY P 29 -27.33 -6.56 -26.22
C GLY P 29 -28.64 -6.71 -25.50
N PHE P 30 -28.60 -7.13 -24.24
CA PHE P 30 -29.81 -7.25 -23.45
C PHE P 30 -30.27 -5.90 -22.92
N SER P 31 -29.38 -4.91 -22.87
CA SER P 31 -29.73 -3.57 -22.44
C SER P 31 -29.83 -2.60 -23.61
N LYS P 32 -29.81 -3.10 -24.83
CA LYS P 32 -29.98 -2.30 -26.04
C LYS P 32 -31.37 -1.67 -26.18
N PRO P 33 -32.50 -2.31 -25.81
CA PRO P 33 -33.78 -1.57 -25.85
C PRO P 33 -33.92 -0.49 -24.79
N LEU P 34 -33.00 -0.39 -23.85
CA LEU P 34 -33.01 0.69 -22.88
C LEU P 34 -32.25 1.91 -23.39
N LYS P 35 -31.91 1.93 -24.67
CA LYS P 35 -31.17 3.01 -25.34
C LYS P 35 -29.82 3.25 -24.68
N LEU P 36 -29.14 2.19 -24.38
CA LEU P 36 -27.83 2.32 -23.79
C LEU P 36 -26.76 2.02 -24.83
N PRO P 37 -25.55 2.56 -24.66
CA PRO P 37 -24.44 2.21 -25.55
C PRO P 37 -24.07 0.74 -25.45
N ASP P 38 -23.69 0.17 -26.58
CA ASP P 38 -23.00 -1.11 -26.60
C ASP P 38 -21.49 -0.85 -26.59
N GLY P 39 -20.69 -1.86 -26.90
CA GLY P 39 -19.24 -1.71 -26.92
C GLY P 39 -18.70 -0.79 -28.00
N SER P 40 -19.53 -0.39 -28.97
CA SER P 40 -19.09 0.53 -30.00
C SER P 40 -19.43 1.98 -29.70
N GLN P 41 -20.56 2.25 -29.07
CA GLN P 41 -20.87 3.64 -28.72
C GLN P 41 -20.12 4.15 -27.51
N LEU P 42 -19.52 3.27 -26.69
CA LEU P 42 -18.58 3.75 -25.68
C LEU P 42 -17.33 4.31 -26.32
N ILE P 43 -16.77 3.59 -27.30
CA ILE P 43 -15.55 4.01 -27.97
C ILE P 43 -15.79 5.29 -28.76
N ALA P 44 -17.00 5.49 -29.27
CA ALA P 44 -17.33 6.76 -29.90
C ALA P 44 -17.38 7.89 -28.88
N SER P 45 -17.67 7.58 -27.63
CA SER P 45 -17.68 8.59 -26.58
C SER P 45 -16.29 8.82 -25.99
N LEU P 46 -15.45 7.79 -25.98
CA LEU P 46 -14.08 7.97 -25.52
C LEU P 46 -13.26 8.74 -26.53
N ALA P 47 -13.57 8.58 -27.83
CA ALA P 47 -12.85 9.30 -28.86
C ALA P 47 -13.17 10.77 -28.87
N LYS P 48 -14.38 11.15 -28.44
CA LYS P 48 -14.75 12.55 -28.38
C LYS P 48 -14.00 13.26 -27.26
N THR P 49 -13.77 12.57 -26.15
CA THR P 49 -13.04 13.17 -25.04
C THR P 49 -11.57 13.35 -25.37
N LEU P 50 -10.98 12.36 -26.05
CA LEU P 50 -9.56 12.40 -26.37
C LEU P 50 -9.24 13.29 -27.56
N GLY P 51 -10.24 13.75 -28.30
CA GLY P 51 -9.99 14.57 -29.48
C GLY P 51 -9.82 13.80 -30.76
N PHE P 52 -10.25 12.56 -30.80
CA PHE P 52 -10.20 11.73 -32.00
C PHE P 52 -11.50 11.82 -32.79
N GLU P 53 -11.40 11.60 -34.07
CA GLU P 53 -12.62 11.27 -34.78
C GLU P 53 -12.97 9.81 -34.49
N PRO P 54 -14.25 9.48 -34.33
CA PRO P 54 -14.62 8.14 -33.87
C PRO P 54 -14.31 7.04 -34.87
N GLU P 55 -14.17 7.35 -36.15
CA GLU P 55 -13.78 6.34 -37.12
C GLU P 55 -12.27 6.16 -37.19
N LEU P 56 -11.50 7.21 -36.89
CA LEU P 56 -10.06 7.09 -36.85
C LEU P 56 -9.58 6.43 -35.57
N PHE P 57 -10.30 6.63 -34.46
CA PHE P 57 -9.89 6.05 -33.19
C PHE P 57 -10.12 4.55 -33.16
N ASP P 58 -11.08 4.07 -33.94
CA ASP P 58 -11.43 2.66 -33.93
C ASP P 58 -10.37 1.79 -34.58
N MET P 59 -9.58 2.35 -35.50
CA MET P 59 -8.61 1.51 -36.28
C MET P 59 -7.21 1.49 -35.66
N HIS P 60 -7.07 1.87 -34.39
CA HIS P 60 -5.77 1.80 -33.74
C HIS P 60 -5.67 0.66 -32.74
N GLY P 61 -6.70 -0.14 -32.57
CA GLY P 61 -6.62 -1.24 -31.64
C GLY P 61 -7.99 -1.82 -31.37
N ARG P 62 -8.00 -2.84 -30.53
CA ARG P 62 -9.25 -3.51 -30.18
C ARG P 62 -9.94 -2.74 -29.06
N PHE P 63 -11.10 -3.25 -28.65
CA PHE P 63 -11.93 -2.59 -27.65
C PHE P 63 -11.23 -2.50 -26.29
N GLU P 64 -10.50 -3.54 -25.92
CA GLU P 64 -9.77 -3.55 -24.65
C GLU P 64 -8.62 -2.56 -24.69
N GLN P 65 -8.01 -2.38 -25.84
CA GLN P 65 -6.81 -1.58 -25.97
C GLN P 65 -7.11 -0.09 -26.11
N LEU P 66 -8.26 0.25 -26.67
CA LEU P 66 -8.63 1.65 -26.77
C LEU P 66 -9.07 2.20 -25.42
N ALA P 67 -9.66 1.36 -24.57
CA ALA P 67 -10.02 1.78 -23.22
C ALA P 67 -8.81 1.84 -22.31
N GLU P 68 -7.79 1.01 -22.58
CA GLU P 68 -6.53 1.12 -21.85
C GLU P 68 -5.82 2.43 -22.21
N PHE P 69 -5.90 2.85 -23.48
CA PHE P 69 -5.32 4.11 -23.89
C PHE P 69 -6.06 5.30 -23.29
N PHE P 70 -7.37 5.16 -23.09
CA PHE P 70 -8.16 6.22 -22.49
C PHE P 70 -7.80 6.41 -21.02
N ALA P 71 -7.65 5.31 -20.29
CA ALA P 71 -7.48 5.38 -18.84
C ALA P 71 -6.13 5.93 -18.43
N ILE P 72 -5.14 5.93 -19.30
CA ILE P 72 -3.81 6.41 -18.99
C ILE P 72 -3.50 7.72 -19.69
N SER P 73 -4.51 8.37 -20.27
CA SER P 73 -4.29 9.65 -20.93
C SER P 73 -4.06 10.76 -19.92
N ALA P 74 -4.70 10.68 -18.78
CA ALA P 74 -4.64 11.69 -17.73
C ALA P 74 -4.94 11.01 -16.41
N PRO P 75 -4.53 11.59 -15.29
CA PRO P 75 -4.94 11.03 -14.01
C PRO P 75 -6.44 11.19 -13.81
N ASN P 76 -7.02 10.21 -13.09
CA ASN P 76 -8.43 10.17 -12.73
C ASN P 76 -9.35 10.16 -13.94
N ARG P 77 -8.86 9.63 -15.06
CA ARG P 77 -9.65 9.63 -16.28
C ARG P 77 -10.62 8.45 -16.30
N LEU P 78 -10.27 7.36 -15.65
CA LEU P 78 -11.18 6.22 -15.55
C LEU P 78 -12.28 6.45 -14.53
N GLN P 79 -11.97 7.14 -13.44
CA GLN P 79 -12.98 7.44 -12.40
C GLN P 79 -14.10 8.28 -13.01
N ARG P 80 -13.74 9.27 -13.82
CA ARG P 80 -14.75 10.16 -14.46
C ARG P 80 -15.66 9.32 -15.35
N LEU P 81 -15.09 8.37 -16.09
CA LEU P 81 -15.89 7.53 -17.03
C LEU P 81 -16.98 6.79 -16.24
N VAL P 82 -16.60 6.19 -15.10
CA VAL P 82 -17.58 5.42 -14.27
C VAL P 82 -18.68 6.39 -13.82
N TYR P 83 -18.31 7.60 -13.40
CA TYR P 83 -19.30 8.60 -12.95
C TYR P 83 -20.24 8.94 -14.10
N GLU P 84 -19.68 9.20 -15.29
CA GLU P 84 -20.51 9.55 -16.48
C GLU P 84 -21.37 8.34 -16.84
N MET P 85 -20.78 7.15 -16.84
CA MET P 85 -21.54 5.92 -17.19
C MET P 85 -22.71 5.76 -16.21
N SER P 86 -22.49 6.07 -14.93
CA SER P 86 -23.57 5.89 -13.97
C SER P 86 -24.71 6.87 -14.20
N LEU P 87 -24.40 8.07 -14.68
CA LEU P 87 -25.44 9.03 -15.02
C LEU P 87 -26.26 8.62 -16.24
N SER P 88 -25.66 7.91 -17.18
CA SER P 88 -26.34 7.57 -18.41
C SER P 88 -26.87 6.16 -18.46
N PHE P 89 -26.28 5.21 -17.74
CA PHE P 89 -26.79 3.85 -17.79
C PHE P 89 -27.93 3.65 -16.83
N ASP P 90 -27.80 4.18 -15.61
CA ASP P 90 -28.79 3.99 -14.56
C ASP P 90 -29.66 5.22 -14.35
N SER P 91 -29.93 5.96 -15.41
CA SER P 91 -30.74 7.17 -15.30
C SER P 91 -32.21 6.81 -15.10
N ALA P 92 -33.00 7.83 -14.78
CA ALA P 92 -34.41 7.60 -14.48
C ALA P 92 -35.21 7.28 -15.74
N GLU P 93 -34.79 7.79 -16.89
CA GLU P 93 -35.48 7.45 -18.12
C GLU P 93 -35.10 6.06 -18.64
N ALA P 94 -33.96 5.52 -18.20
CA ALA P 94 -33.67 4.13 -18.48
C ALA P 94 -34.40 3.20 -17.54
N GLU P 95 -34.75 3.70 -16.34
CA GLU P 95 -35.62 2.95 -15.45
C GLU P 95 -37.03 2.84 -16.01
N ALA P 96 -37.53 3.92 -16.62
CA ALA P 96 -38.89 3.95 -17.11
C ALA P 96 -39.06 3.11 -18.36
N LEU P 97 -38.01 2.97 -19.17
CA LEU P 97 -38.05 2.05 -20.30
C LEU P 97 -37.92 0.60 -19.88
N ARG P 98 -37.60 0.34 -18.62
CA ARG P 98 -37.26 -0.99 -18.16
C ARG P 98 -38.48 -1.72 -17.61
N GLU P 99 -39.49 -1.00 -17.11
CA GLU P 99 -40.71 -1.69 -16.68
C GLU P 99 -41.54 -2.13 -17.87
N LYS P 100 -41.56 -1.33 -18.94
CA LYS P 100 -42.35 -1.64 -20.11
C LYS P 100 -41.57 -2.43 -21.15
N SER P 101 -40.39 -2.92 -20.81
CA SER P 101 -39.62 -3.74 -21.73
C SER P 101 -40.11 -5.19 -21.65
N PRO P 102 -40.48 -5.81 -22.77
CA PRO P 102 -40.98 -7.18 -22.71
C PRO P 102 -39.91 -8.22 -22.39
N MET P 103 -38.63 -7.94 -22.65
CA MET P 103 -37.59 -8.91 -22.30
C MET P 103 -37.37 -8.95 -20.80
N HIS P 104 -37.34 -7.79 -20.16
CA HIS P 104 -37.08 -7.73 -18.74
C HIS P 104 -38.27 -8.21 -17.93
N ARG P 105 -39.48 -8.10 -18.48
CA ARG P 105 -40.64 -8.69 -17.83
C ARG P 105 -40.62 -10.21 -17.97
N ALA P 106 -40.23 -10.72 -19.14
CA ALA P 106 -40.20 -12.16 -19.34
C ALA P 106 -39.05 -12.82 -18.61
N LEU P 107 -37.98 -12.07 -18.36
CA LEU P 107 -36.87 -12.60 -17.58
C LEU P 107 -37.25 -12.75 -16.12
N ALA P 108 -37.91 -11.74 -15.56
CA ALA P 108 -38.27 -11.74 -14.15
C ALA P 108 -39.48 -12.61 -13.84
N ALA P 109 -40.23 -13.04 -14.86
CA ALA P 109 -41.37 -13.90 -14.60
C ALA P 109 -40.96 -15.31 -14.23
N LEU P 110 -39.77 -15.72 -14.61
CA LEU P 110 -39.24 -17.03 -14.26
C LEU P 110 -38.55 -16.98 -12.91
N ASP P 111 -38.52 -18.11 -12.23
CA ASP P 111 -37.99 -18.19 -10.87
C ASP P 111 -36.55 -18.72 -10.96
N TRP P 112 -35.65 -17.82 -11.32
CA TRP P 112 -34.25 -18.20 -11.43
C TRP P 112 -33.61 -18.29 -10.05
N ARG P 113 -32.42 -18.87 -10.00
CA ARG P 113 -31.62 -18.86 -8.80
C ARG P 113 -30.29 -18.17 -8.96
N THR P 114 -29.74 -18.13 -10.17
CA THR P 114 -28.47 -17.45 -10.43
C THR P 114 -28.55 -16.82 -11.80
N ILE P 115 -28.14 -15.56 -11.92
CA ILE P 115 -28.07 -14.86 -13.19
C ILE P 115 -26.70 -14.21 -13.29
N TYR P 116 -26.00 -14.44 -14.39
CA TYR P 116 -24.72 -13.81 -14.68
C TYR P 116 -24.91 -12.72 -15.72
N THR P 117 -24.28 -11.57 -15.51
CA THR P 117 -24.28 -10.49 -16.48
C THR P 117 -22.88 -9.92 -16.64
N THR P 118 -22.58 -9.41 -17.82
CA THR P 118 -21.32 -8.72 -18.07
C THR P 118 -21.52 -7.24 -18.39
N ASN P 119 -22.63 -6.65 -17.97
CA ASN P 119 -22.86 -5.24 -18.23
C ASN P 119 -23.00 -4.46 -16.93
N TYR P 120 -22.64 -3.19 -16.99
CA TYR P 120 -22.54 -2.34 -15.80
C TYR P 120 -23.81 -1.51 -15.66
N ASP P 121 -24.88 -2.14 -15.21
CA ASP P 121 -26.14 -1.43 -15.03
C ASP P 121 -27.03 -2.23 -14.12
N LYS P 122 -27.91 -1.54 -13.39
CA LYS P 122 -28.79 -2.21 -12.45
C LYS P 122 -30.14 -2.56 -13.10
N HIS P 123 -30.11 -3.10 -14.30
CA HIS P 123 -31.33 -3.35 -15.02
C HIS P 123 -31.66 -4.83 -15.13
N VAL P 124 -30.83 -5.70 -14.58
CA VAL P 124 -31.14 -7.10 -14.48
C VAL P 124 -31.66 -7.44 -13.11
N GLU P 125 -30.99 -6.96 -12.06
CA GLU P 125 -31.59 -7.06 -10.74
C GLU P 125 -32.73 -6.06 -10.59
N GLY P 126 -32.70 -4.94 -11.32
CA GLY P 126 -33.80 -4.01 -11.28
C GLY P 126 -35.05 -4.54 -11.92
N ALA P 127 -34.91 -5.43 -12.90
CA ALA P 127 -36.08 -6.11 -13.47
C ALA P 127 -36.70 -7.07 -12.48
N LEU P 128 -35.90 -7.65 -11.59
CA LEU P 128 -36.45 -8.54 -10.58
C LEU P 128 -37.17 -7.78 -9.48
N ARG P 129 -36.69 -6.58 -9.14
CA ARG P 129 -37.40 -5.74 -8.18
C ARG P 129 -38.70 -5.22 -8.76
N ASP P 130 -38.79 -5.08 -10.08
CA ASP P 130 -40.03 -4.60 -10.68
C ASP P 130 -41.13 -5.63 -10.61
N ALA P 131 -40.77 -6.91 -10.62
CA ALA P 131 -41.75 -8.00 -10.57
C ALA P 131 -42.08 -8.42 -9.15
N GLY P 132 -41.70 -7.62 -8.15
CA GLY P 132 -41.95 -7.96 -6.77
C GLY P 132 -40.94 -8.90 -6.15
N LYS P 133 -40.07 -9.50 -6.96
CA LYS P 133 -39.05 -10.39 -6.44
C LYS P 133 -37.89 -9.57 -5.89
N GLN P 134 -37.00 -10.25 -5.19
CA GLN P 134 -35.83 -9.60 -4.61
C GLN P 134 -34.58 -10.32 -5.08
N ALA P 135 -33.52 -9.54 -5.30
CA ALA P 135 -32.28 -10.03 -5.87
C ALA P 135 -31.12 -9.69 -4.95
N ALA P 136 -29.98 -10.29 -5.25
CA ALA P 136 -28.77 -10.10 -4.45
C ALA P 136 -27.60 -9.93 -5.40
N VAL P 137 -27.08 -8.72 -5.48
CA VAL P 137 -25.98 -8.42 -6.38
C VAL P 137 -24.69 -8.87 -5.75
N LEU P 138 -23.92 -9.69 -6.47
CA LEU P 138 -22.64 -10.19 -6.00
C LEU P 138 -21.58 -9.79 -7.01
N ALA P 139 -20.70 -8.89 -6.62
CA ALA P 139 -19.67 -8.42 -7.54
C ALA P 139 -18.27 -8.55 -6.99
N SER P 140 -18.08 -8.31 -5.70
CA SER P 140 -16.75 -8.29 -5.10
C SER P 140 -16.66 -9.36 -4.03
N PHE P 141 -15.49 -9.45 -3.38
CA PHE P 141 -15.29 -10.42 -2.32
C PHE P 141 -16.15 -10.13 -1.10
N ALA P 142 -16.41 -8.85 -0.81
CA ALA P 142 -17.22 -8.50 0.34
C ALA P 142 -18.69 -8.81 0.12
N ASP P 143 -19.13 -8.90 -1.12
CA ASP P 143 -20.52 -9.25 -1.40
C ASP P 143 -20.77 -10.73 -1.18
N PHE P 144 -19.80 -11.58 -1.58
CA PHE P 144 -19.96 -13.02 -1.39
C PHE P 144 -19.98 -13.41 0.08
N GLN P 145 -19.20 -12.73 0.90
CA GLN P 145 -19.22 -13.02 2.33
C GLN P 145 -20.22 -12.19 3.11
N GLY P 146 -20.93 -11.29 2.46
CA GLY P 146 -21.95 -10.52 3.14
C GLY P 146 -23.19 -11.35 3.39
N PRO P 147 -24.11 -10.78 4.16
CA PRO P 147 -25.36 -11.48 4.46
C PRO P 147 -26.36 -11.35 3.32
N ARG P 148 -26.99 -12.47 2.97
CA ARG P 148 -28.14 -12.50 2.08
C ARG P 148 -29.33 -13.12 2.80
N ALA P 149 -30.43 -13.21 2.07
CA ALA P 149 -31.58 -13.96 2.55
C ALA P 149 -31.44 -15.41 2.11
N ARG P 150 -32.46 -16.22 2.37
CA ARG P 150 -32.32 -17.66 2.25
C ARG P 150 -32.41 -18.11 0.81
N ASP P 151 -33.53 -17.86 0.15
CA ASP P 151 -33.75 -18.29 -1.23
C ASP P 151 -34.03 -17.04 -2.06
N VAL P 152 -32.96 -16.42 -2.55
CA VAL P 152 -33.02 -15.18 -3.31
C VAL P 152 -32.11 -15.36 -4.52
N CYS P 153 -32.60 -14.94 -5.69
CA CYS P 153 -31.83 -14.99 -6.92
C CYS P 153 -30.56 -14.15 -6.80
N GLU P 154 -29.42 -14.80 -6.96
CA GLU P 154 -28.13 -14.14 -6.86
C GLU P 154 -27.73 -13.66 -8.25
N VAL P 155 -27.62 -12.35 -8.42
CA VAL P 155 -27.19 -11.77 -9.69
C VAL P 155 -25.68 -11.54 -9.60
N ILE P 156 -24.93 -12.28 -10.40
CA ILE P 156 -23.47 -12.20 -10.38
C ILE P 156 -23.05 -11.18 -11.44
N LYS P 157 -22.64 -10.01 -11.00
CA LYS P 157 -22.07 -9.02 -11.92
C LYS P 157 -20.67 -9.48 -12.27
N PHE P 158 -20.53 -10.12 -13.42
CA PHE P 158 -19.28 -10.79 -13.76
C PHE P 158 -18.18 -9.81 -14.09
N HIS P 159 -18.51 -8.68 -14.70
CA HIS P 159 -17.52 -7.69 -15.04
C HIS P 159 -17.51 -6.47 -14.13
N GLY P 160 -18.38 -6.42 -13.14
CA GLY P 160 -18.36 -5.35 -12.16
C GLY P 160 -19.64 -4.55 -12.17
N THR P 161 -19.73 -3.66 -11.19
CA THR P 161 -20.92 -2.85 -10.99
C THR P 161 -20.48 -1.40 -10.91
N LEU P 162 -21.39 -0.48 -11.25
CA LEU P 162 -21.03 0.93 -11.23
C LEU P 162 -20.96 1.50 -9.81
N ASP P 163 -21.60 0.88 -8.84
CA ASP P 163 -21.50 1.39 -7.48
C ASP P 163 -20.28 0.87 -6.74
N GLN P 164 -19.51 -0.01 -7.37
CA GLN P 164 -18.22 -0.46 -6.85
C GLN P 164 -17.23 -0.31 -7.99
N PRO P 165 -16.63 0.87 -8.16
CA PRO P 165 -15.84 1.13 -9.37
C PRO P 165 -14.53 0.37 -9.45
N ASP P 166 -14.08 -0.27 -8.36
CA ASP P 166 -12.89 -1.08 -8.43
C ASP P 166 -13.12 -2.43 -9.10
N THR P 167 -14.37 -2.83 -9.26
CA THR P 167 -14.68 -4.13 -9.82
C THR P 167 -14.89 -4.11 -11.32
N ILE P 168 -14.90 -2.93 -11.94
CA ILE P 168 -15.19 -2.82 -13.36
C ILE P 168 -13.96 -3.22 -14.16
N VAL P 169 -14.13 -4.20 -15.04
CA VAL P 169 -13.07 -4.59 -15.96
C VAL P 169 -13.44 -4.04 -17.34
N LEU P 170 -12.71 -3.04 -17.76
CA LEU P 170 -12.93 -2.40 -19.04
C LEU P 170 -11.65 -2.27 -19.85
N THR P 171 -10.54 -1.97 -19.20
CA THR P 171 -9.28 -1.76 -19.89
C THR P 171 -8.58 -3.09 -20.12
N GLU P 172 -7.51 -3.04 -20.92
CA GLU P 172 -6.81 -4.27 -21.28
C GLU P 172 -6.09 -4.88 -20.08
N SER P 173 -5.56 -4.03 -19.21
CA SER P 173 -4.88 -4.52 -18.01
C SER P 173 -5.83 -5.19 -17.04
N SER P 174 -7.11 -4.82 -17.07
CA SER P 174 -8.07 -5.48 -16.21
C SER P 174 -8.54 -6.81 -16.79
N TYR P 175 -8.51 -6.96 -18.12
CA TYR P 175 -8.79 -8.27 -18.70
C TYR P 175 -7.63 -9.23 -18.48
N PHE P 176 -6.39 -8.72 -18.50
CA PHE P 176 -5.25 -9.57 -18.23
C PHE P 176 -5.18 -9.98 -16.76
N GLN P 177 -5.72 -9.16 -15.87
CA GLN P 177 -5.76 -9.51 -14.46
C GLN P 177 -6.79 -10.61 -14.20
N ARG P 178 -7.78 -10.75 -15.07
CA ARG P 178 -8.79 -11.79 -14.95
C ARG P 178 -8.41 -13.06 -15.69
N MET P 179 -7.26 -13.11 -16.35
CA MET P 179 -6.82 -14.33 -17.00
C MET P 179 -6.34 -15.38 -16.01
N ALA P 180 -6.04 -14.98 -14.78
CA ALA P 180 -5.63 -15.94 -13.77
C ALA P 180 -6.81 -16.73 -13.25
N LEU P 181 -8.04 -16.29 -13.53
CA LEU P 181 -9.29 -16.94 -13.12
C LEU P 181 -9.38 -17.06 -11.61
N ASP P 182 -8.93 -16.01 -10.93
CA ASP P 182 -8.80 -16.01 -9.48
C ASP P 182 -9.77 -15.05 -8.80
N ALA P 183 -10.44 -14.20 -9.55
CA ALA P 183 -11.43 -13.29 -8.99
C ALA P 183 -12.63 -14.06 -8.48
N PRO P 184 -13.37 -13.52 -7.52
CA PRO P 184 -14.57 -14.21 -7.02
C PRO P 184 -15.67 -14.43 -8.05
N PRO P 185 -15.89 -13.54 -9.04
CA PRO P 185 -16.80 -13.97 -10.11
C PRO P 185 -16.23 -15.05 -11.01
N ASP P 186 -14.91 -15.16 -11.11
CA ASP P 186 -14.32 -16.21 -11.94
C ASP P 186 -14.46 -17.56 -11.27
N GLN P 187 -14.24 -17.62 -9.96
CA GLN P 187 -14.31 -18.88 -9.24
C GLN P 187 -15.73 -19.39 -9.12
N ARG P 188 -16.70 -18.48 -9.05
CA ARG P 188 -18.10 -18.88 -8.96
C ARG P 188 -18.61 -19.36 -10.32
N LEU P 189 -18.10 -18.78 -11.40
CA LEU P 189 -18.52 -19.19 -12.74
C LEU P 189 -18.03 -20.57 -13.08
N ARG P 190 -16.78 -20.88 -12.73
CA ARG P 190 -16.20 -22.16 -13.12
C ARG P 190 -16.80 -23.31 -12.34
N ALA P 191 -17.34 -23.04 -11.14
CA ALA P 191 -18.01 -24.08 -10.39
C ALA P 191 -19.45 -24.27 -10.84
N ASP P 192 -20.09 -23.20 -11.30
CA ASP P 192 -21.45 -23.36 -11.84
C ASP P 192 -21.42 -24.00 -13.21
N LEU P 193 -20.33 -23.83 -13.96
CA LEU P 193 -20.20 -24.44 -15.27
C LEU P 193 -19.98 -25.94 -15.17
N LEU P 194 -19.51 -26.43 -14.02
CA LEU P 194 -19.35 -27.85 -13.82
C LEU P 194 -20.66 -28.60 -13.77
N ALA P 195 -21.77 -27.93 -13.48
CA ALA P 195 -23.00 -28.64 -13.20
C ALA P 195 -24.24 -28.10 -13.87
N ASN P 196 -24.14 -27.04 -14.68
CA ASN P 196 -25.34 -26.36 -15.14
C ASN P 196 -25.23 -26.01 -16.62
N SER P 197 -26.38 -25.94 -17.29
CA SER P 197 -26.47 -25.42 -18.64
C SER P 197 -26.61 -23.90 -18.58
N PHE P 198 -26.00 -23.21 -19.53
CA PHE P 198 -26.14 -21.76 -19.58
C PHE P 198 -26.91 -21.34 -20.81
N LEU P 199 -27.55 -20.18 -20.73
CA LEU P 199 -28.31 -19.59 -21.82
C LEU P 199 -27.76 -18.20 -22.08
N PHE P 200 -27.03 -18.04 -23.17
CA PHE P 200 -26.43 -16.75 -23.52
C PHE P 200 -27.43 -15.94 -24.30
N ILE P 201 -27.84 -14.80 -23.75
CA ILE P 201 -28.83 -13.93 -24.37
C ILE P 201 -28.22 -12.55 -24.53
N GLY P 202 -28.18 -12.06 -25.75
CA GLY P 202 -27.66 -10.73 -26.00
C GLY P 202 -26.16 -10.60 -25.84
N TYR P 203 -25.43 -11.71 -25.82
CA TYR P 203 -24.01 -11.70 -25.62
C TYR P 203 -23.34 -12.33 -26.83
N SER P 204 -22.23 -11.75 -27.25
CA SER P 204 -21.41 -12.29 -28.33
C SER P 204 -20.04 -12.61 -27.77
N PHE P 205 -19.52 -13.79 -28.07
CA PHE P 205 -18.27 -14.23 -27.46
C PHE P 205 -17.11 -13.44 -28.08
N SER P 206 -16.87 -12.28 -27.53
CA SER P 206 -15.74 -11.47 -27.92
C SER P 206 -14.74 -11.28 -26.80
N ASP P 207 -15.09 -11.67 -25.58
CA ASP P 207 -14.20 -11.55 -24.43
C ASP P 207 -13.31 -12.77 -24.37
N THR P 208 -12.01 -12.58 -24.39
CA THR P 208 -11.08 -13.70 -24.40
C THR P 208 -10.93 -14.37 -23.04
N ASN P 209 -11.53 -13.83 -21.99
CA ASN P 209 -11.57 -14.53 -20.72
C ASN P 209 -12.82 -15.40 -20.56
N ILE P 210 -13.91 -15.06 -21.24
CA ILE P 210 -15.04 -15.96 -21.28
C ILE P 210 -14.73 -17.18 -22.13
N ARG P 211 -14.11 -16.96 -23.29
CA ARG P 211 -13.77 -18.06 -24.18
C ARG P 211 -12.71 -18.97 -23.57
N TYR P 212 -11.86 -18.44 -22.72
CA TYR P 212 -10.84 -19.23 -22.04
C TYR P 212 -11.41 -20.09 -20.94
N ILE P 213 -12.55 -19.70 -20.36
CA ILE P 213 -13.17 -20.54 -19.34
C ILE P 213 -13.83 -21.76 -19.97
N TRP P 214 -14.56 -21.55 -21.07
CA TRP P 214 -15.13 -22.67 -21.82
C TRP P 214 -14.08 -23.51 -22.51
N TYR P 215 -12.90 -22.95 -22.79
CA TYR P 215 -11.80 -23.77 -23.27
C TYR P 215 -11.36 -24.77 -22.21
N ARG P 216 -11.14 -24.30 -20.98
CA ARG P 216 -10.58 -25.15 -19.95
C ARG P 216 -11.61 -26.06 -19.29
N MET P 217 -12.88 -25.93 -19.64
CA MET P 217 -13.85 -26.92 -19.20
C MET P 217 -13.79 -28.15 -20.09
N ASN P 218 -13.38 -27.98 -21.35
CA ASN P 218 -13.17 -29.11 -22.24
C ASN P 218 -11.89 -29.85 -21.97
N GLN P 219 -10.90 -29.16 -21.39
CA GLN P 219 -9.71 -29.86 -20.96
C GLN P 219 -10.02 -30.77 -19.78
N LEU P 220 -11.02 -30.43 -18.98
CA LEU P 220 -11.52 -31.40 -18.02
C LEU P 220 -12.40 -32.44 -18.69
N ARG P 221 -13.13 -32.06 -19.73
CA ARG P 221 -14.04 -32.98 -20.38
C ARG P 221 -13.29 -34.01 -21.21
N GLU P 222 -12.24 -33.60 -21.90
CA GLU P 222 -11.50 -34.54 -22.74
C GLU P 222 -10.57 -35.44 -21.94
N GLN P 223 -10.01 -34.94 -20.84
CA GLN P 223 -9.14 -35.76 -20.01
C GLN P 223 -9.92 -36.79 -19.20
N SER P 224 -11.21 -36.58 -19.01
CA SER P 224 -12.00 -37.55 -18.27
C SER P 224 -12.38 -38.76 -19.11
N GLN P 225 -12.13 -38.72 -20.42
CA GLN P 225 -12.22 -39.87 -21.32
C GLN P 225 -13.62 -40.46 -21.38
N LEU P 226 -14.62 -39.59 -21.37
CA LEU P 226 -15.99 -40.03 -21.58
C LEU P 226 -16.19 -40.41 -23.04
N GLY P 227 -17.30 -41.09 -23.30
CA GLY P 227 -17.59 -41.55 -24.64
C GLY P 227 -18.00 -40.43 -25.57
N VAL P 228 -18.38 -40.83 -26.78
CA VAL P 228 -18.94 -39.86 -27.71
C VAL P 228 -20.34 -39.46 -27.26
N LYS P 229 -21.08 -40.40 -26.68
CA LYS P 229 -22.45 -40.10 -26.26
C LYS P 229 -22.49 -39.26 -24.99
N HIS P 230 -21.65 -39.57 -24.02
CA HIS P 230 -21.77 -38.95 -22.70
C HIS P 230 -21.04 -37.63 -22.58
N SER P 231 -20.03 -37.38 -23.39
CA SER P 231 -19.37 -36.09 -23.37
C SER P 231 -20.18 -35.01 -24.08
N GLN P 232 -21.21 -35.38 -24.84
CA GLN P 232 -22.02 -34.44 -25.58
C GLN P 232 -23.40 -34.25 -24.96
N ALA P 233 -23.58 -34.66 -23.71
CA ALA P 233 -24.91 -34.69 -23.13
C ALA P 233 -25.32 -33.35 -22.54
N ARG P 234 -24.42 -32.68 -21.83
CA ARG P 234 -24.72 -31.42 -21.17
C ARG P 234 -24.31 -30.27 -22.08
N ARG P 235 -25.31 -29.57 -22.63
CA ARG P 235 -25.10 -28.55 -23.63
C ARG P 235 -25.31 -27.17 -23.02
N CYS P 236 -24.78 -26.16 -23.69
CA CYS P 236 -25.08 -24.77 -23.39
C CYS P 236 -25.71 -24.15 -24.63
N PHE P 237 -26.44 -23.05 -24.43
CA PHE P 237 -27.27 -22.50 -25.48
C PHE P 237 -26.93 -21.04 -25.72
N PHE P 238 -26.92 -20.65 -26.99
CA PHE P 238 -26.38 -19.37 -27.43
C PHE P 238 -27.38 -18.72 -28.37
N ALA P 239 -28.28 -17.92 -27.81
CA ALA P 239 -29.32 -17.27 -28.58
C ALA P 239 -28.76 -16.01 -29.24
N THR P 240 -28.79 -15.97 -30.57
CA THR P 240 -28.17 -14.88 -31.32
C THR P 240 -28.91 -14.68 -32.62
N HIS P 241 -29.21 -13.41 -32.94
CA HIS P 241 -29.86 -13.09 -34.20
C HIS P 241 -28.89 -13.24 -35.37
N GLY P 242 -27.64 -12.84 -35.18
CA GLY P 242 -26.74 -12.64 -36.29
C GLY P 242 -25.38 -13.30 -36.18
N ALA P 243 -25.32 -14.54 -35.70
CA ALA P 243 -24.07 -15.26 -35.67
C ALA P 243 -23.59 -15.55 -37.09
N GLY P 244 -22.27 -15.50 -37.29
CA GLY P 244 -21.73 -15.62 -38.62
C GLY P 244 -21.65 -17.05 -39.14
N LEU P 245 -20.59 -17.35 -39.87
CA LEU P 245 -20.39 -18.69 -40.39
C LEU P 245 -19.27 -19.45 -39.70
N VAL P 246 -18.37 -18.74 -39.02
CA VAL P 246 -17.24 -19.35 -38.36
C VAL P 246 -17.53 -19.64 -36.89
N GLN P 247 -18.09 -18.65 -36.19
CA GLN P 247 -18.28 -18.76 -34.76
C GLN P 247 -19.22 -19.87 -34.27
N PRO P 248 -20.31 -20.26 -34.94
CA PRO P 248 -21.06 -21.42 -34.45
C PRO P 248 -20.31 -22.74 -34.49
N ASP P 249 -19.36 -22.90 -35.41
CA ASP P 249 -18.61 -24.14 -35.45
C ASP P 249 -17.46 -24.17 -34.46
N ILE P 250 -16.96 -23.01 -34.03
CA ILE P 250 -15.96 -22.97 -32.97
C ILE P 250 -16.57 -23.41 -31.66
N LEU P 251 -17.81 -22.98 -31.41
CA LEU P 251 -18.47 -23.22 -30.13
C LEU P 251 -19.07 -24.61 -30.02
N GLN P 252 -19.19 -25.35 -31.13
CA GLN P 252 -19.60 -26.75 -31.06
C GLN P 252 -18.58 -27.60 -30.34
N GLN P 253 -17.31 -27.19 -30.39
CA GLN P 253 -16.26 -27.84 -29.62
C GLN P 253 -16.52 -27.75 -28.13
N TRP P 254 -17.18 -26.69 -27.69
CA TRP P 254 -17.29 -26.39 -26.27
C TRP P 254 -18.70 -26.69 -25.75
N ASN P 255 -19.43 -27.55 -26.47
CA ASN P 255 -20.82 -27.94 -26.17
C ASN P 255 -21.73 -26.74 -26.05
N ILE P 256 -21.67 -25.84 -27.03
CA ILE P 256 -22.51 -24.66 -27.08
C ILE P 256 -23.33 -24.72 -28.36
N ASP P 257 -24.64 -24.80 -28.21
CA ASP P 257 -25.54 -24.84 -29.35
C ASP P 257 -26.09 -23.45 -29.61
N VAL P 258 -26.33 -23.15 -30.89
CA VAL P 258 -26.77 -21.83 -31.31
C VAL P 258 -28.27 -21.87 -31.56
N ILE P 259 -28.99 -20.93 -30.96
CA ILE P 259 -30.42 -20.78 -31.18
C ILE P 259 -30.61 -19.57 -32.09
N GLN P 260 -31.07 -19.81 -33.31
CA GLN P 260 -31.24 -18.72 -34.26
C GLN P 260 -32.56 -18.00 -33.98
N LEU P 261 -32.47 -16.73 -33.64
CA LEU P 261 -33.64 -15.90 -33.40
C LEU P 261 -33.94 -15.06 -34.63
N ASP P 262 -35.18 -14.58 -34.70
CA ASP P 262 -35.63 -13.84 -35.87
C ASP P 262 -35.05 -12.43 -35.85
N PRO P 263 -34.23 -12.05 -36.84
CA PRO P 263 -33.53 -10.77 -36.77
C PRO P 263 -34.35 -9.56 -37.17
N THR P 264 -35.63 -9.73 -37.53
CA THR P 264 -36.43 -8.59 -37.94
C THR P 264 -36.81 -7.73 -36.74
N ASP P 265 -37.20 -8.36 -35.64
CA ASP P 265 -37.48 -7.66 -34.39
C ASP P 265 -36.67 -8.35 -33.31
N LYS P 266 -35.61 -7.69 -32.84
CA LYS P 266 -34.70 -8.34 -31.90
C LYS P 266 -35.31 -8.49 -30.51
N SER P 267 -36.14 -7.52 -30.10
CA SER P 267 -36.67 -7.55 -28.73
C SER P 267 -37.78 -8.57 -28.59
N ALA P 268 -38.61 -8.74 -29.62
CA ALA P 268 -39.71 -9.69 -29.53
C ALA P 268 -39.25 -11.12 -29.69
N SER P 269 -38.13 -11.34 -30.38
CA SER P 269 -37.63 -12.70 -30.55
C SER P 269 -37.05 -13.23 -29.25
N VAL P 270 -36.39 -12.36 -28.48
CA VAL P 270 -35.86 -12.77 -27.18
C VAL P 270 -36.99 -13.02 -26.20
N ALA P 271 -38.02 -12.17 -26.22
CA ALA P 271 -39.13 -12.29 -25.29
C ALA P 271 -39.93 -13.56 -25.52
N ARG P 272 -40.08 -13.99 -26.77
CA ARG P 272 -40.73 -15.26 -27.03
C ARG P 272 -39.89 -16.45 -26.59
N LEU P 273 -38.58 -16.30 -26.52
CA LEU P 273 -37.74 -17.38 -26.01
C LEU P 273 -37.89 -17.52 -24.51
N LEU P 274 -37.91 -16.41 -23.80
CA LEU P 274 -38.04 -16.46 -22.35
C LEU P 274 -39.44 -16.86 -21.90
N GLU P 275 -40.45 -16.62 -22.73
CA GLU P 275 -41.80 -17.07 -22.41
C GLU P 275 -42.01 -18.54 -22.73
N SER P 276 -41.19 -19.09 -23.62
CA SER P 276 -41.31 -20.52 -23.94
C SER P 276 -40.67 -21.40 -22.88
N ILE P 277 -39.83 -20.82 -22.02
CA ILE P 277 -39.25 -21.62 -20.93
C ILE P 277 -40.28 -21.87 -19.85
N ALA P 278 -41.17 -20.91 -19.61
CA ALA P 278 -42.24 -21.05 -18.64
C ALA P 278 -43.26 -22.11 -19.05
C4 Y43 Q . -60.29 31.11 16.36
C5 Y43 Q . -59.74 32.24 16.90
C6 Y43 Q . -60.50 33.58 16.82
C8 Y43 Q . -58.39 30.62 17.19
N1 Y43 Q . -61.77 33.64 16.21
N3 Y43 Q . -61.63 31.17 15.70
C2 Y43 Q . -62.35 32.43 15.64
CAB Y43 Q . -58.30 27.11 15.41
CAC Y43 Q . -58.76 28.48 15.14
CAD Y43 Q . -59.59 28.77 16.16
CAF Y43 Q . -58.28 27.03 16.99
CAG Y43 Q . -56.92 27.58 17.53
N7 Y43 Q . -58.56 31.90 17.40
N9 Y43 Q . -59.42 30.12 16.56
O6 Y43 Q . -60.02 34.54 17.29
OAA Y43 Q . -59.18 26.21 14.91
OAE Y43 Q . -59.23 27.78 17.37
OAH Y43 Q . -55.90 26.60 17.29
OAJ Y43 Q . -53.40 26.11 16.88
OAK Y43 Q . -54.13 28.44 17.03
OAL Y43 Q . -54.76 27.09 14.92
OAN Y43 Q . -52.76 25.54 14.22
OAO Y43 Q . -54.52 26.08 12.57
OAP Y43 Q . -52.89 27.93 13.23
OAR Y43 Q . -51.38 29.88 13.94
OAS Y43 Q . -51.50 27.88 15.38
OAT Y43 Q . -50.37 27.72 13.19
PAI Y43 Q . -54.49 27.09 16.53
PAM Y43 Q . -53.71 26.61 13.72
PAQ Y43 Q . -51.51 28.37 13.95
ZN ZN R . -51.56 24.90 15.78
C4 Y43 S . -55.34 5.67 34.12
C5 Y43 S . -54.96 4.57 33.38
C6 Y43 S . -55.52 3.18 33.73
C8 Y43 S . -53.99 6.31 32.59
N1 Y43 S . -56.41 3.03 34.82
N3 Y43 S . -56.28 5.51 35.26
C2 Y43 S . -56.81 4.19 35.59
CAB Y43 S . -53.48 9.84 34.24
CAC Y43 S . -53.68 8.44 34.65
CAD Y43 S . -54.82 8.07 34.07
CAF Y43 S . -54.12 9.89 32.79
CAG Y43 S . -53.05 9.45 31.73
N7 Y43 S . -54.13 5.00 32.45
N9 Y43 S . -54.72 6.72 33.60
O6 Y43 S . -55.20 2.26 33.10
OAA Y43 S . -54.16 10.67 35.07
OAE Y43 S . -55.07 9.05 32.82
OAH Y43 S . -52.10 10.51 31.55
OAJ Y43 S . -50.23 8.83 31.04
OAK Y43 S . -49.71 11.22 30.92
OAL Y43 S . -50.07 10.16 33.26
OAN Y43 S . -48.97 11.23 35.31
OAO Y43 S . -48.10 11.90 33.10
OAP Y43 S . -47.60 9.52 34.01
OAR Y43 S . -45.32 9.94 33.01
OAS Y43 S . -47.23 9.64 31.48
OAT Y43 S . -46.36 7.69 32.71
PAI Y43 S . -50.48 10.16 31.67
PAM Y43 S . -48.66 10.75 33.92
PAQ Y43 S . -46.59 9.18 32.78
ZN ZN T . -47.70 12.53 31.19
C4 Y43 U . 64.57 21.70 14.79
C5 Y43 U . 64.20 22.77 15.55
C6 Y43 U . 65.10 23.26 16.70
C8 Y43 U . 62.68 22.42 14.10
N1 Y43 U . 66.33 22.59 16.95
N3 Y43 U . 65.85 20.99 15.07
C2 Y43 U . 66.71 21.45 16.14
CAB Y43 U . 62.03 19.23 11.91
CAC Y43 U . 62.64 19.58 13.20
CAD Y43 U . 63.57 20.50 12.90
CAF Y43 U . 62.11 20.57 11.07
CAG Y43 U . 60.87 21.46 11.39
N7 Y43 U . 63.03 23.20 15.10
N9 Y43 U . 63.60 21.51 13.90
O6 Y43 U . 64.79 24.17 17.35
OAA Y43 U . 62.76 18.25 11.29
OAE Y43 U . 63.17 21.14 11.48
OAH Y43 U . 59.73 20.91 10.73
OAJ Y43 U . 57.16 20.63 10.70
OAK Y43 U . 58.19 21.76 12.60
OAL Y43 U . 58.50 19.21 12.40
OAN Y43 U . 56.27 18.11 11.52
OAO Y43 U . 57.96 16.71 12.66
OAP Y43 U . 56.63 18.36 14.08
OAR Y43 U . 55.43 20.08 15.54
OAS Y43 U . 55.40 20.38 13.10
OAT Y43 U . 54.11 18.54 14.10
PAI Y43 U . 58.34 20.64 11.63
PAM Y43 U . 57.31 18.06 12.63
PAQ Y43 U . 55.36 19.36 14.21
ZN ZN V . 55.22 19.25 10.38
C4 Y43 W . 57.78 25.75 -15.63
C5 Y43 W . 57.22 24.64 -16.19
C6 Y43 W . 57.61 24.21 -17.61
C8 Y43 W . 56.41 24.88 -14.23
N1 Y43 W . 58.57 24.97 -18.34
N3 Y43 W . 58.77 26.56 -16.39
C2 Y43 W . 59.15 26.16 -17.73
CAB Y43 W . 56.46 28.05 -11.91
CAC Y43 W . 56.50 27.73 -13.34
CAD Y43 W . 57.55 26.90 -13.47
CAF Y43 W . 56.99 26.74 -11.21
CAG Y43 W . 55.81 25.73 -11.00
N7 Y43 W . 56.37 24.12 -15.30
N9 Y43 W . 57.26 25.87 -14.41
O6 Y43 W . 57.14 23.26 -18.09
OAA Y43 W . 57.29 29.10 -11.63
OAE Y43 W . 57.83 26.25 -12.02
OAH Y43 W . 54.99 26.20 -9.92
OAJ Y43 W . 52.90 25.18 -11.00
OAK Y43 W . 52.66 26.26 -8.82
OAL Y43 W . 53.05 27.76 -10.89
OAN Y43 W . 52.24 30.19 -10.87
OAO Y43 W . 51.30 28.69 -9.16
OAP Y43 W . 50.59 28.42 -11.63
OAR Y43 W . 48.30 28.02 -10.63
OAS Y43 W . 50.05 26.31 -10.27
OAT Y43 W . 49.04 26.57 -12.51
PAI Y43 W . 53.35 26.32 -10.16
PAM Y43 W . 51.78 28.79 -10.60
PAQ Y43 W . 49.47 27.30 -11.26
ZN ZN X . 51.01 27.33 -7.59
C4 Y43 Y . 3.73 -47.80 44.26
C5 Y43 Y . 3.66 -46.45 44.54
C6 Y43 Y . 3.09 -45.97 45.89
C8 Y43 Y . 4.50 -46.71 42.59
N1 Y43 Y . 2.65 -46.92 46.85
N3 Y43 Y . 3.26 -48.79 45.28
C2 Y43 Y . 2.72 -48.33 46.54
CAB Y43 Y . 4.45 -49.88 40.26
CAC Y43 Y . 3.65 -49.28 41.35
CAD Y43 Y . 4.51 -49.14 42.36
CAF Y43 Y . 5.87 -49.26 40.48
CAG Y43 Y . 5.99 -47.88 39.77
N7 Y43 Y . 4.14 -45.81 43.48
N9 Y43 Y . 4.25 -47.91 43.05
O6 Y43 Y . 3.04 -44.83 46.12
OAA Y43 Y . 4.47 -51.23 40.39
OAE Y43 Y . 5.99 -49.12 41.74
OAH Y43 Y . 6.09 -48.08 38.36
OAJ Y43 Y . 5.68 -47.17 35.99
OAK Y43 Y . 4.87 -45.88 37.89
OAL Y43 Y . 3.63 -48.07 37.29
OAN Y43 Y . 3.49 -48.32 34.67
OAO Y43 Y . 1.95 -49.62 36.10
OAP Y43 Y . 1.58 -47.11 35.93
OAR Y43 Y . 1.19 -44.56 35.91
OAS Y43 Y . 3.37 -45.46 35.15
OAT Y43 Y . 1.37 -45.82 33.76
PAI Y43 Y . 5.05 -47.25 37.36
PAM Y43 Y . 2.67 -48.30 35.95
PAQ Y43 Y . 1.87 -45.70 35.17
ZN ZN Z . 5.03 -47.44 33.61
C4 Y43 AA . 30.23 -55.64 29.29
C5 Y43 AA . 30.01 -56.50 28.26
C6 Y43 AA . 30.99 -57.66 27.99
C8 Y43 AA . 28.44 -55.04 28.28
N1 Y43 AA . 32.12 -57.84 28.83
N3 Y43 AA . 31.41 -55.82 30.18
C2 Y43 AA . 32.34 -56.91 29.93
CAB Y43 AA . 28.32 -51.57 30.11
CAC Y43 AA . 29.32 -52.51 29.57
CAD Y43 AA . 29.08 -53.66 30.19
CAF Y43 AA . 27.07 -52.49 30.40
CAG Y43 AA . 26.20 -52.63 29.11
N7 Y43 AA . 28.89 -56.10 27.64
N9 Y43 AA . 29.23 -54.74 29.28
O6 Y43 AA . 30.79 -58.39 27.11
OAA Y43 AA . 28.77 -51.03 31.28
OAE Y43 AA . 27.55 -53.62 30.72
OAH Y43 AA . 25.47 -51.41 28.90
OAJ Y43 AA . 25.57 -51.74 26.35
OAK Y43 AA . 24.36 -49.82 27.22
OAL Y43 AA . 26.94 -49.80 27.34
OAN Y43 AA . 28.20 -47.55 27.41
OAO Y43 AA . 25.84 -47.50 26.67
OAP Y43 AA . 27.64 -48.52 25.12
OAR Y43 AA . 26.34 -47.34 23.31
OAS Y43 AA . 25.30 -49.27 24.43
OAT Y43 AA . 27.16 -49.64 22.86
PAI Y43 AA . 25.57 -50.68 27.40
PAM Y43 AA . 27.14 -48.29 26.65
PAQ Y43 AA . 26.59 -48.69 23.89
ZN ZN BA . 23.81 -47.62 26.37
C4 Y43 CA . -6.22 16.43 -62.87
C5 Y43 CA . -5.96 17.30 -61.85
C6 Y43 CA . -5.24 18.62 -62.12
C8 Y43 CA . -6.97 15.58 -61.06
N1 Y43 CA . -4.84 18.96 -63.44
N3 Y43 CA . -5.80 16.77 -64.27
C2 Y43 CA . -5.11 18.03 -64.52
CAB Y43 CA . -7.47 12.05 -62.70
CAC Y43 CA . -6.53 13.17 -62.77
CAD Y43 CA . -7.28 14.23 -63.07
CAF Y43 CA . -8.81 12.69 -62.17
CAG Y43 CA . -8.79 12.75 -60.62
N7 Y43 CA . -6.44 16.74 -60.74
N9 Y43 CA . -6.84 15.38 -62.35
O6 Y43 CA . -5.03 19.37 -61.24
OAA Y43 CA . -7.66 11.51 -63.94
OAE Y43 CA . -8.80 13.87 -62.65
OAH Y43 CA . -9.02 11.43 -60.09
OAJ Y43 CA . -8.68 9.75 -58.18
OAK Y43 CA . -7.58 11.92 -58.03
OAL Y43 CA . -6.67 10.21 -59.75
OAN Y43 CA . -6.75 7.79 -58.69
OAO Y43 CA . -5.29 8.23 -60.64
OAP Y43 CA . -4.62 9.22 -58.39
OAR Y43 CA . -3.93 10.36 -56.19
OAS Y43 CA . -6.26 9.56 -56.44
OAT Y43 CA . -4.41 7.91 -56.23
PAI Y43 CA . -7.97 10.83 -58.96
PAM Y43 CA . -5.85 8.82 -59.36
PAQ Y43 CA . -4.80 9.27 -56.77
ZN ZN DA . -8.34 7.50 -57.30
C4 Y43 EA . -34.51 2.95 -60.58
C5 Y43 EA . -34.48 1.61 -60.84
C6 Y43 EA . -35.61 0.95 -61.66
C8 Y43 EA . -32.75 2.11 -59.70
N1 Y43 EA . -36.68 1.73 -62.14
N3 Y43 EA . -35.64 3.78 -61.08
C2 Y43 EA . -36.71 3.16 -61.85
CAB Y43 EA . -32.06 5.35 -57.57
CAC Y43 EA . -33.21 4.56 -58.05
CAD Y43 EA . -33.07 4.53 -59.38
CAF Y43 EA . -30.92 5.01 -58.60
CAG Y43 EA . -30.18 3.71 -58.16
N7 Y43 EA . -33.37 1.12 -60.28
N9 Y43 EA . -33.42 3.24 -59.86
O6 Y43 EA . -35.57 -0.20 -61.87
OAA Y43 EA . -32.35 6.68 -57.62
OAE Y43 EA . -31.52 4.81 -59.71
OAH Y43 EA . -29.33 4.02 -57.04
OAJ Y43 EA . -29.64 1.65 -56.10
OAK Y43 EA . -28.14 3.17 -54.91
OAL Y43 EA . -30.69 3.61 -54.77
OAN Y43 EA . -31.65 4.89 -52.77
OAO Y43 EA . -29.37 3.98 -52.53
OAP Y43 EA . -31.40 2.37 -52.54
OAR Y43 EA . -30.10 1.19 -50.72
OAS Y43 EA . -29.21 1.12 -53.02
OAT Y43 EA . -31.22 -0.19 -52.45
PAI Y43 EA . -29.44 3.06 -55.68
PAM Y43 EA . -30.75 3.74 -53.12
PAQ Y43 EA . -30.47 1.08 -52.17
ZN ZN FA . -27.48 3.38 -52.59
#